data_9KOV
#
_entry.id   9KOV
#
_cell.length_a   84.645
_cell.length_b   205.755
_cell.length_c   105.268
_cell.angle_alpha   90.00
_cell.angle_beta   103.08
_cell.angle_gamma   90.00
#
_symmetry.space_group_name_H-M   'P 1 21 1'
#
loop_
_entity.id
_entity.type
_entity.pdbx_description
1 polymer trum-mut
2 non-polymer 'ZINC ION'
3 water water
#
_entity_poly.entity_id   1
_entity_poly.type   'polypeptide(L)'
_entity_poly.pdbx_seq_one_letter_code
;MENLYFQGAGAGAGAGATTLLHCGHLLDVKKGKWLEGVTVRIEGNTIRGIEKGYVAPKAGEKVIDLRSRYVLPGLMDMHV
HLESETNPHNTLERFILNPADIAYRSVGYARKTLMAGFTTVRDLGGTGVNISLRNAINAGLIDGPRVFTAGKSIATTGGH
ADPTNGYRKDLMGDPGPYEGVANGPDECRKAVRQRYKNGADLIKITATGGVLSLAKSGTAPQFTDEELRAIVETARDYGM
KVAVHAHGAEGMKRALRAGVHSIEHGTYMDDEAIELFKKTGAYYVPTILAGRTVADSAKVPGYYAPIVVPKALAVGPQIQ
KTFAKAYKSGVKIAFGTDSGKSVHGLNAIEFELMVEAGMPPLEAIRSATLNAADLLGVNNLGSIEAGMLADVIAVEDNPL
ENISTLRKVVFVMKDGKVYKQE
;
_entity_poly.pdbx_strand_id   A,B,C,D,E,F,G,H
#
# COMPACT_ATOMS: atom_id res chain seq x y z
N ALA A 17 -38.83 21.85 36.20
CA ALA A 17 -38.73 23.13 35.52
C ALA A 17 -40.02 23.43 34.75
N THR A 18 -40.80 24.39 35.24
CA THR A 18 -42.10 24.71 34.67
C THR A 18 -42.15 26.13 34.11
N THR A 19 -42.65 26.20 32.87
CA THR A 19 -42.81 27.42 32.12
C THR A 19 -44.24 27.51 31.59
N LEU A 20 -44.80 28.71 31.66
CA LEU A 20 -46.13 29.03 31.17
C LEU A 20 -45.96 29.95 29.98
N LEU A 21 -46.58 29.60 28.85
CA LEU A 21 -46.58 30.42 27.66
C LEU A 21 -47.95 31.06 27.52
N HIS A 22 -48.01 32.39 27.56
CA HIS A 22 -49.25 33.14 27.35
C HIS A 22 -49.35 33.47 25.88
N CYS A 23 -50.06 32.64 25.12
CA CYS A 23 -50.10 32.72 23.67
C CYS A 23 -51.39 33.39 23.22
N GLY A 24 -51.26 34.46 22.43
CA GLY A 24 -52.44 35.10 21.86
C GLY A 24 -53.16 34.19 20.89
N HIS A 25 -52.43 33.55 19.98
CA HIS A 25 -52.98 32.57 19.07
C HIS A 25 -52.06 31.37 19.00
N LEU A 26 -52.62 30.18 19.21
CA LEU A 26 -51.90 28.92 19.20
C LEU A 26 -52.53 28.03 18.15
N LEU A 27 -51.70 27.45 17.28
CA LEU A 27 -52.21 26.69 16.15
C LEU A 27 -52.37 25.23 16.54
N ASP A 28 -53.60 24.74 16.53
CA ASP A 28 -53.88 23.31 16.56
C ASP A 28 -53.79 22.84 15.12
N VAL A 29 -52.63 22.27 14.75
CA VAL A 29 -52.38 21.88 13.36
C VAL A 29 -53.30 20.73 12.97
N LYS A 30 -53.66 19.88 13.93
CA LYS A 30 -54.46 18.70 13.62
C LYS A 30 -55.89 19.05 13.24
N LYS A 31 -56.56 19.85 14.05
CA LYS A 31 -57.89 20.31 13.71
C LYS A 31 -57.87 21.55 12.83
N GLY A 32 -56.70 22.11 12.58
CA GLY A 32 -56.61 23.28 11.73
C GLY A 32 -57.22 24.52 12.32
N LYS A 33 -57.11 24.70 13.64
CA LYS A 33 -57.81 25.80 14.30
C LYS A 33 -56.89 26.69 15.10
N TRP A 34 -57.17 28.00 15.05
CA TRP A 34 -56.53 28.95 15.96
C TRP A 34 -57.24 28.89 17.32
N LEU A 35 -56.44 28.87 18.39
CA LEU A 35 -56.95 29.02 19.75
C LEU A 35 -56.44 30.35 20.28
N GLU A 36 -57.34 31.13 20.88
CA GLU A 36 -57.02 32.48 21.29
C GLU A 36 -56.84 32.58 22.80
N GLY A 37 -55.92 33.47 23.21
CA GLY A 37 -55.55 33.70 24.59
C GLY A 37 -55.51 32.46 25.45
N VAL A 38 -54.52 31.60 25.20
CA VAL A 38 -54.39 30.31 25.87
C VAL A 38 -53.08 30.31 26.62
N THR A 39 -52.93 29.37 27.54
CA THR A 39 -51.64 29.15 28.18
C THR A 39 -51.20 27.73 27.92
N VAL A 40 -49.96 27.58 27.47
CA VAL A 40 -49.33 26.28 27.28
C VAL A 40 -48.42 26.04 28.48
N ARG A 41 -48.67 24.94 29.18
CA ARG A 41 -47.93 24.53 30.36
C ARG A 41 -46.88 23.51 29.94
N ILE A 42 -45.60 23.85 30.15
CA ILE A 42 -44.45 23.01 29.81
C ILE A 42 -43.72 22.67 31.09
N GLU A 43 -43.49 21.37 31.31
CA GLU A 43 -42.61 20.91 32.37
C GLU A 43 -41.41 20.23 31.74
N GLY A 44 -40.25 20.77 32.04
CA GLY A 44 -39.04 20.25 31.44
C GLY A 44 -39.08 20.40 29.93
N ASN A 45 -39.06 19.26 29.26
CA ASN A 45 -38.98 19.26 27.80
C ASN A 45 -40.28 18.85 27.15
N THR A 46 -41.32 18.63 27.94
CA THR A 46 -42.59 18.08 27.48
C THR A 46 -43.69 19.07 27.77
N ILE A 47 -44.57 19.25 26.81
CA ILE A 47 -45.76 20.08 27.00
C ILE A 47 -46.75 19.29 27.85
N ARG A 48 -47.10 19.84 29.01
CA ARG A 48 -48.04 19.15 29.89
C ARG A 48 -49.49 19.51 29.59
N GLY A 49 -49.77 20.72 29.13
CA GLY A 49 -51.13 20.92 28.67
C GLY A 49 -51.41 22.30 28.13
N ILE A 50 -52.66 22.48 27.70
CA ILE A 50 -53.16 23.79 27.26
C ILE A 50 -54.44 24.11 28.04
N GLU A 51 -54.47 25.27 28.68
CA GLU A 51 -55.67 25.73 29.37
C GLU A 51 -56.16 27.04 28.77
N LYS A 52 -57.47 27.25 28.90
CA LYS A 52 -58.06 28.48 28.41
C LYS A 52 -57.62 29.63 29.32
N GLY A 53 -57.44 30.79 28.72
CA GLY A 53 -57.01 31.97 29.45
C GLY A 53 -55.52 31.96 29.71
N TYR A 54 -55.06 33.07 30.31
CA TYR A 54 -53.67 33.24 30.72
C TYR A 54 -53.56 32.88 32.20
N VAL A 55 -53.21 31.62 32.48
CA VAL A 55 -53.12 31.18 33.86
C VAL A 55 -51.99 31.94 34.55
N ALA A 56 -52.29 32.48 35.73
CA ALA A 56 -51.29 33.27 36.48
C ALA A 56 -50.21 32.36 37.05
N PRO A 57 -48.94 32.81 37.05
CA PRO A 57 -47.85 32.00 37.58
C PRO A 57 -47.83 31.68 39.05
N LYS A 58 -47.48 30.44 39.39
CA LYS A 58 -47.26 30.04 40.81
C LYS A 58 -45.85 30.55 41.16
N ALA A 59 -45.47 30.52 42.43
CA ALA A 59 -44.17 31.14 42.80
C ALA A 59 -43.02 30.45 42.06
N GLY A 60 -43.06 29.12 41.92
CA GLY A 60 -42.01 28.43 41.17
C GLY A 60 -42.35 28.25 39.69
N GLU A 61 -43.02 29.23 39.07
CA GLU A 61 -43.43 29.10 37.69
C GLU A 61 -42.89 30.28 36.88
N LYS A 62 -42.30 29.98 35.72
CA LYS A 62 -41.75 31.04 34.87
C LYS A 62 -42.74 31.34 33.76
N VAL A 63 -42.78 32.59 33.29
CA VAL A 63 -43.81 33.02 32.33
C VAL A 63 -43.16 33.71 31.13
N ILE A 64 -43.60 33.32 29.93
CA ILE A 64 -43.18 33.94 28.68
C ILE A 64 -44.40 34.51 27.98
N ASP A 65 -44.33 35.80 27.62
CA ASP A 65 -45.41 36.57 27.04
C ASP A 65 -45.34 36.52 25.52
N LEU A 66 -46.22 35.75 24.89
CA LEU A 66 -46.39 35.78 23.45
C LEU A 66 -47.80 36.20 23.09
N ARG A 67 -48.36 37.12 23.89
CA ARG A 67 -49.76 37.52 23.70
C ARG A 67 -49.98 38.20 22.35
N SER A 68 -49.00 38.94 21.85
CA SER A 68 -49.09 39.58 20.55
C SER A 68 -48.64 38.69 19.41
N ARG A 69 -48.37 37.41 19.68
CA ARG A 69 -47.73 36.54 18.71
C ARG A 69 -48.67 35.43 18.26
N TYR A 70 -48.35 34.88 17.09
CA TYR A 70 -48.99 33.65 16.63
C TYR A 70 -48.01 32.51 16.90
N VAL A 71 -48.48 31.47 17.57
CA VAL A 71 -47.61 30.43 18.12
C VAL A 71 -47.88 29.13 17.37
N LEU A 72 -46.80 28.48 16.95
CA LEU A 72 -46.82 27.32 16.08
C LEU A 72 -45.97 26.21 16.70
N PRO A 73 -46.21 24.96 16.31
CA PRO A 73 -45.24 23.91 16.64
C PRO A 73 -43.96 24.17 15.86
N GLY A 74 -42.86 23.66 16.40
CA GLY A 74 -41.59 23.85 15.74
C GLY A 74 -41.60 23.25 14.34
N LEU A 75 -41.20 24.04 13.35
CA LEU A 75 -41.20 23.57 11.98
C LEU A 75 -40.03 22.65 11.75
N MET A 76 -40.21 21.73 10.82
CA MET A 76 -39.18 20.74 10.53
C MET A 76 -38.92 20.66 9.03
N ASP A 77 -37.64 20.54 8.67
CA ASP A 77 -37.19 20.52 7.30
C ASP A 77 -36.57 19.17 7.01
N MET A 78 -37.16 18.43 6.06
CA MET A 78 -36.77 17.04 5.82
C MET A 78 -35.86 16.88 4.61
N HIS A 79 -35.23 17.97 4.15
CA HIS A 79 -34.11 17.87 3.25
C HIS A 79 -33.19 19.06 3.52
N VAL A 80 -32.09 18.81 4.25
CA VAL A 80 -31.06 19.82 4.48
C VAL A 80 -29.69 19.16 4.38
N HIS A 81 -28.69 19.97 4.02
CA HIS A 81 -27.28 19.58 4.00
C HIS A 81 -26.54 20.56 4.91
N LEU A 82 -26.49 20.24 6.20
CA LEU A 82 -25.94 21.16 7.18
C LEU A 82 -24.41 21.22 7.17
N GLU A 83 -23.75 20.31 6.44
CA GLU A 83 -22.29 20.35 6.37
C GLU A 83 -21.78 21.51 5.50
N SER A 84 -22.54 21.91 4.48
CA SER A 84 -22.06 22.84 3.48
C SER A 84 -23.01 24.01 3.31
N GLU A 85 -22.52 25.05 2.62
CA GLU A 85 -23.33 26.14 2.11
C GLU A 85 -22.77 26.55 0.76
N THR A 86 -23.65 26.97 -0.15
CA THR A 86 -23.21 27.21 -1.51
C THR A 86 -22.41 28.51 -1.53
N ASN A 87 -21.36 28.53 -2.35
CA ASN A 87 -20.41 29.62 -2.36
C ASN A 87 -19.62 29.55 -3.66
N PRO A 88 -19.01 30.66 -4.08
CA PRO A 88 -18.35 30.66 -5.41
C PRO A 88 -17.23 29.64 -5.59
N HIS A 89 -16.69 29.05 -4.52
CA HIS A 89 -15.57 28.12 -4.62
C HIS A 89 -15.85 26.77 -3.95
N ASN A 90 -17.09 26.27 -4.05
CA ASN A 90 -17.44 25.04 -3.33
C ASN A 90 -16.67 23.83 -3.88
N THR A 91 -16.44 23.80 -5.19
CA THR A 91 -15.80 22.65 -5.80
C THR A 91 -14.33 22.57 -5.40
N LEU A 92 -13.64 23.72 -5.35
CA LEU A 92 -12.29 23.78 -4.79
C LEU A 92 -12.29 23.36 -3.32
N GLU A 93 -13.31 23.80 -2.58
CA GLU A 93 -13.38 23.48 -1.17
C GLU A 93 -13.55 21.99 -0.96
N ARG A 94 -14.01 21.26 -2.00
CA ARG A 94 -14.02 19.80 -1.88
C ARG A 94 -12.62 19.22 -1.78
N PHE A 95 -11.61 19.92 -2.31
CA PHE A 95 -10.24 19.43 -2.23
C PHE A 95 -9.41 20.06 -1.12
N ILE A 96 -9.82 21.20 -0.56
CA ILE A 96 -8.97 21.87 0.42
C ILE A 96 -9.45 21.76 1.86
N LEU A 97 -10.71 21.39 2.12
CA LEU A 97 -11.27 21.41 3.46
C LEU A 97 -11.17 20.05 4.17
N ASN A 98 -10.77 20.09 5.45
CA ASN A 98 -10.66 18.95 6.35
C ASN A 98 -11.95 18.78 7.15
N PRO A 99 -12.14 17.63 7.80
CA PRO A 99 -13.37 17.44 8.59
C PRO A 99 -13.59 18.52 9.64
N ALA A 100 -12.53 18.98 10.31
CA ALA A 100 -12.69 19.99 11.35
C ALA A 100 -13.18 21.32 10.77
N ASP A 101 -12.67 21.70 9.60
CA ASP A 101 -13.14 22.91 8.93
C ASP A 101 -14.64 22.82 8.66
N ILE A 102 -15.07 21.67 8.14
CA ILE A 102 -16.50 21.45 7.89
C ILE A 102 -17.28 21.56 9.19
N ALA A 103 -16.76 20.98 10.27
CA ALA A 103 -17.45 21.05 11.56
C ALA A 103 -17.61 22.50 12.02
N TYR A 104 -16.57 23.32 11.85
CA TYR A 104 -16.62 24.69 12.32
C TYR A 104 -17.61 25.53 11.50
N ARG A 105 -17.69 25.27 10.19
CA ARG A 105 -18.77 25.92 9.43
C ARG A 105 -20.13 25.37 9.86
N SER A 106 -20.18 24.08 10.13
CA SER A 106 -21.39 23.40 10.57
C SER A 106 -21.98 24.06 11.81
N VAL A 107 -21.14 24.55 12.73
CA VAL A 107 -21.66 25.19 13.94
C VAL A 107 -22.60 26.34 13.58
N GLY A 108 -22.08 27.30 12.81
CA GLY A 108 -22.90 28.44 12.43
C GLY A 108 -24.10 28.05 11.59
N TYR A 109 -23.93 27.07 10.71
CA TYR A 109 -25.07 26.63 9.90
C TYR A 109 -26.20 26.10 10.78
N ALA A 110 -25.86 25.24 11.74
CA ALA A 110 -26.88 24.67 12.61
C ALA A 110 -27.56 25.74 13.43
N ARG A 111 -26.79 26.70 13.95
CA ARG A 111 -27.40 27.76 14.75
C ARG A 111 -28.36 28.61 13.91
N LYS A 112 -27.96 28.96 12.69
CA LYS A 112 -28.85 29.74 11.84
C LYS A 112 -30.11 28.96 11.49
N THR A 113 -29.98 27.65 11.30
CA THR A 113 -31.17 26.83 11.05
C THR A 113 -32.10 26.86 12.25
N LEU A 114 -31.55 26.69 13.45
CA LEU A 114 -32.39 26.64 14.65
C LEU A 114 -33.09 27.97 14.91
N MET A 115 -32.42 29.10 14.70
CA MET A 115 -33.09 30.36 15.00
C MET A 115 -34.04 30.79 13.90
N ALA A 116 -33.94 30.19 12.71
CA ALA A 116 -34.97 30.39 11.70
C ALA A 116 -36.29 29.75 12.09
N GLY A 117 -36.33 28.98 13.17
CA GLY A 117 -37.54 28.35 13.63
C GLY A 117 -37.67 26.88 13.29
N PHE A 118 -36.64 26.28 12.70
CA PHE A 118 -36.68 24.87 12.31
C PHE A 118 -36.00 24.05 13.40
N THR A 119 -36.82 23.55 14.33
CA THR A 119 -36.31 22.83 15.48
C THR A 119 -35.90 21.40 15.15
N THR A 120 -36.33 20.85 14.01
CA THR A 120 -35.96 19.50 13.62
C THR A 120 -35.64 19.48 12.13
N VAL A 121 -34.57 18.78 11.76
CA VAL A 121 -34.21 18.64 10.34
C VAL A 121 -33.72 17.24 10.05
N ARG A 122 -33.82 16.88 8.77
CA ARG A 122 -33.34 15.61 8.25
C ARG A 122 -32.18 15.91 7.29
N ASP A 123 -30.97 15.63 7.76
CA ASP A 123 -29.74 15.82 7.00
C ASP A 123 -29.50 14.64 6.07
N LEU A 124 -29.46 14.89 4.77
CA LEU A 124 -29.45 13.83 3.78
C LEU A 124 -28.06 13.53 3.22
N GLY A 125 -27.23 14.54 3.04
CA GLY A 125 -25.91 14.30 2.47
C GLY A 125 -24.76 14.83 3.30
N GLY A 126 -23.73 14.01 3.49
CA GLY A 126 -22.57 14.47 4.21
C GLY A 126 -21.41 13.53 4.00
N THR A 127 -20.31 13.87 4.66
CA THR A 127 -19.10 13.07 4.66
C THR A 127 -18.97 12.21 5.91
N GLY A 128 -19.92 12.30 6.83
CA GLY A 128 -19.82 11.69 8.14
C GLY A 128 -19.66 12.70 9.26
N VAL A 129 -19.27 13.94 8.95
CA VAL A 129 -19.24 15.00 9.96
C VAL A 129 -20.65 15.30 10.47
N ASN A 130 -21.67 15.12 9.63
CA ASN A 130 -23.05 15.33 10.07
C ASN A 130 -23.42 14.43 11.26
N ILE A 131 -22.93 13.19 11.26
CA ILE A 131 -23.20 12.29 12.39
C ILE A 131 -22.60 12.87 13.68
N SER A 132 -21.36 13.34 13.60
CA SER A 132 -20.73 13.96 14.76
C SER A 132 -21.45 15.24 15.17
N LEU A 133 -21.97 16.00 14.21
CA LEU A 133 -22.70 17.21 14.53
C LEU A 133 -24.00 16.88 15.28
N ARG A 134 -24.72 15.86 14.83
CA ARG A 134 -25.92 15.45 15.55
C ARG A 134 -25.56 15.04 16.97
N ASN A 135 -24.47 14.27 17.12
CA ASN A 135 -24.06 13.85 18.45
C ASN A 135 -23.66 15.04 19.32
N ALA A 136 -23.06 16.06 18.72
CA ALA A 136 -22.65 17.23 19.50
C ALA A 136 -23.85 18.07 19.93
N ILE A 137 -24.84 18.22 19.05
CA ILE A 137 -26.06 18.93 19.43
C ILE A 137 -26.78 18.18 20.54
N ASN A 138 -26.89 16.86 20.41
CA ASN A 138 -27.61 16.08 21.41
C ASN A 138 -26.91 16.09 22.76
N ALA A 139 -25.58 16.18 22.77
CA ALA A 139 -24.83 16.22 24.02
C ALA A 139 -24.92 17.57 24.73
N GLY A 140 -25.57 18.56 24.12
CA GLY A 140 -25.61 19.88 24.70
C GLY A 140 -24.40 20.72 24.43
N LEU A 141 -23.52 20.28 23.52
CA LEU A 141 -22.29 21.01 23.24
C LEU A 141 -22.51 22.16 22.25
N ILE A 142 -23.40 21.97 21.27
CA ILE A 142 -23.59 22.95 20.20
C ILE A 142 -25.08 23.21 20.03
N ASP A 143 -25.44 24.49 19.92
CA ASP A 143 -26.81 24.87 19.61
C ASP A 143 -27.16 24.49 18.19
N GLY A 144 -28.22 23.70 18.02
CA GLY A 144 -28.69 23.31 16.72
C GLY A 144 -30.06 22.66 16.80
N PRO A 145 -30.64 22.31 15.65
CA PRO A 145 -31.89 21.55 15.64
C PRO A 145 -31.64 20.09 15.99
N ARG A 146 -32.73 19.42 16.36
CA ARG A 146 -32.73 17.96 16.39
C ARG A 146 -32.42 17.47 14.98
N VAL A 147 -31.30 16.80 14.80
CA VAL A 147 -30.83 16.38 13.48
C VAL A 147 -30.99 14.88 13.36
N PHE A 148 -31.64 14.43 12.29
CA PHE A 148 -31.64 13.02 11.89
C PHE A 148 -30.88 12.93 10.58
N THR A 149 -29.74 12.25 10.60
CA THR A 149 -28.79 12.35 9.51
C THR A 149 -28.58 11.00 8.81
N ALA A 150 -28.40 11.07 7.49
CA ALA A 150 -28.09 9.91 6.67
C ALA A 150 -26.62 9.55 6.66
N GLY A 151 -25.79 10.36 7.31
CA GLY A 151 -24.36 10.13 7.18
C GLY A 151 -23.96 10.33 5.73
N LYS A 152 -23.24 9.36 5.20
CA LYS A 152 -22.81 9.39 3.80
C LYS A 152 -23.89 8.81 2.89
N SER A 153 -24.22 9.55 1.84
CA SER A 153 -25.16 9.06 0.83
C SER A 153 -24.57 7.87 0.10
N ILE A 154 -25.43 6.97 -0.34
CA ILE A 154 -25.02 5.80 -1.10
C ILE A 154 -25.28 6.08 -2.59
N ALA A 155 -24.29 5.81 -3.42
CA ALA A 155 -24.39 5.94 -4.86
C ALA A 155 -23.65 4.78 -5.49
N THR A 156 -23.87 4.58 -6.78
CA THR A 156 -23.06 3.63 -7.53
C THR A 156 -21.85 4.33 -8.12
N THR A 157 -20.90 3.54 -8.63
CA THR A 157 -19.70 4.10 -9.23
C THR A 157 -20.09 5.11 -10.30
N GLY A 158 -19.51 6.30 -10.22
CA GLY A 158 -19.95 7.40 -11.05
C GLY A 158 -21.30 7.97 -10.70
N GLY A 159 -21.94 7.48 -9.63
CA GLY A 159 -23.22 8.01 -9.21
C GLY A 159 -23.15 9.44 -8.73
N HIS A 160 -24.34 10.01 -8.51
CA HIS A 160 -24.46 11.42 -8.15
C HIS A 160 -23.73 11.72 -6.85
N ALA A 161 -23.72 10.78 -5.92
CA ALA A 161 -23.05 10.93 -4.63
C ALA A 161 -21.67 10.27 -4.58
N ASP A 162 -21.06 9.98 -5.73
CA ASP A 162 -19.71 9.42 -5.74
C ASP A 162 -18.72 10.48 -5.26
N PRO A 163 -17.95 10.21 -4.19
CA PRO A 163 -17.14 11.29 -3.61
C PRO A 163 -16.04 11.80 -4.53
N THR A 164 -15.42 10.93 -5.33
CA THR A 164 -14.30 11.33 -6.17
C THR A 164 -14.72 11.60 -7.61
N ASN A 165 -15.99 11.98 -7.82
CA ASN A 165 -16.45 12.29 -9.17
C ASN A 165 -15.78 13.57 -9.64
N GLY A 166 -15.22 13.53 -10.85
CA GLY A 166 -14.54 14.67 -11.39
C GLY A 166 -13.12 14.85 -10.90
N TYR A 167 -12.63 13.98 -10.03
CA TYR A 167 -11.25 14.10 -9.57
C TYR A 167 -10.30 13.78 -10.73
N ARG A 168 -9.13 14.41 -10.69
CA ARG A 168 -8.03 14.01 -11.54
C ARG A 168 -7.75 12.52 -11.30
N LYS A 169 -7.31 11.81 -12.35
CA LYS A 169 -7.12 10.34 -12.28
C LYS A 169 -6.51 9.86 -10.96
N ASP A 170 -5.35 10.37 -10.58
CA ASP A 170 -4.67 9.82 -9.37
C ASP A 170 -5.53 10.06 -8.12
N LEU A 171 -6.13 11.24 -8.00
CA LEU A 171 -7.02 11.57 -6.84
C LEU A 171 -8.27 10.68 -6.85
N MET A 172 -8.84 10.41 -8.03
CA MET A 172 -10.13 9.67 -8.13
C MET A 172 -10.11 8.35 -7.31
N GLY A 173 -9.19 7.44 -7.58
CA GLY A 173 -9.27 6.19 -6.85
C GLY A 173 -10.49 5.35 -7.19
N ASP A 174 -10.70 4.33 -6.34
CA ASP A 174 -11.79 3.38 -6.51
C ASP A 174 -12.69 3.35 -5.28
N PRO A 175 -13.70 4.22 -5.20
CA PRO A 175 -14.58 4.21 -4.03
C PRO A 175 -15.37 2.91 -3.96
N GLY A 176 -15.58 2.43 -2.74
CA GLY A 176 -16.28 1.18 -2.51
C GLY A 176 -17.35 1.35 -1.46
N PRO A 177 -17.89 0.23 -0.97
CA PRO A 177 -18.98 0.32 0.01
C PRO A 177 -18.63 1.12 1.25
N TYR A 178 -17.39 1.00 1.74
CA TYR A 178 -16.96 1.80 2.88
C TYR A 178 -17.13 3.29 2.63
N GLU A 179 -16.84 3.74 1.41
CA GLU A 179 -16.94 5.14 1.03
C GLU A 179 -18.34 5.54 0.58
N GLY A 180 -19.31 4.62 0.62
CA GLY A 180 -20.66 4.91 0.19
C GLY A 180 -20.98 4.58 -1.25
N VAL A 181 -20.11 3.85 -1.94
CA VAL A 181 -20.30 3.50 -3.34
C VAL A 181 -20.54 2.00 -3.44
N ALA A 182 -21.67 1.61 -4.01
CA ALA A 182 -22.00 0.19 -4.16
C ALA A 182 -22.35 -0.11 -5.60
N ASN A 183 -21.98 -1.31 -6.05
CA ASN A 183 -22.34 -1.80 -7.37
C ASN A 183 -22.74 -3.26 -7.19
N GLY A 184 -24.00 -3.56 -7.46
CA GLY A 184 -24.52 -4.89 -7.24
C GLY A 184 -25.18 -5.00 -5.89
N PRO A 185 -26.02 -6.03 -5.73
CA PRO A 185 -26.82 -6.15 -4.49
C PRO A 185 -26.00 -6.38 -3.23
N ASP A 186 -24.96 -7.23 -3.30
CA ASP A 186 -24.18 -7.53 -2.09
C ASP A 186 -23.46 -6.29 -1.58
N GLU A 187 -22.88 -5.51 -2.49
CA GLU A 187 -22.25 -4.25 -2.11
C GLU A 187 -23.26 -3.28 -1.52
N CYS A 188 -24.48 -3.25 -2.07
CA CYS A 188 -25.52 -2.39 -1.51
C CYS A 188 -25.83 -2.76 -0.07
N ARG A 189 -25.94 -4.07 0.19
CA ARG A 189 -26.15 -4.54 1.56
C ARG A 189 -25.02 -4.05 2.46
N LYS A 190 -23.78 -4.19 1.98
CA LYS A 190 -22.64 -3.76 2.79
C LYS A 190 -22.66 -2.25 3.03
N ALA A 191 -23.05 -1.47 2.02
CA ALA A 191 -23.04 -0.02 2.16
C ALA A 191 -24.06 0.45 3.18
N VAL A 192 -25.27 -0.12 3.13
CA VAL A 192 -26.27 0.21 4.15
C VAL A 192 -25.75 -0.17 5.53
N ARG A 193 -25.16 -1.37 5.65
CA ARG A 193 -24.63 -1.78 6.94
C ARG A 193 -23.50 -0.88 7.42
N GLN A 194 -22.70 -0.35 6.49
CA GLN A 194 -21.64 0.57 6.88
C GLN A 194 -22.22 1.86 7.43
N ARG A 195 -23.28 2.38 6.80
CA ARG A 195 -23.95 3.54 7.37
C ARG A 195 -24.51 3.23 8.76
N TYR A 196 -25.00 2.00 8.95
CA TYR A 196 -25.48 1.59 10.28
C TYR A 196 -24.34 1.61 11.29
N LYS A 197 -23.19 1.07 10.90
CA LYS A 197 -22.00 1.09 11.74
C LYS A 197 -21.60 2.51 12.12
N ASN A 198 -21.74 3.45 11.19
CA ASN A 198 -21.36 4.83 11.45
C ASN A 198 -22.36 5.59 12.32
N GLY A 199 -23.57 5.08 12.51
CA GLY A 199 -24.55 5.75 13.35
C GLY A 199 -25.59 6.59 12.64
N ALA A 200 -25.83 6.37 11.36
CA ALA A 200 -26.86 7.12 10.66
C ALA A 200 -28.24 6.67 11.14
N ASP A 201 -29.19 7.62 11.11
CA ASP A 201 -30.58 7.31 11.41
C ASP A 201 -31.27 6.70 10.21
N LEU A 202 -30.92 7.18 9.01
CA LEU A 202 -31.62 6.85 7.79
C LEU A 202 -30.59 6.51 6.71
N ILE A 203 -31.08 5.97 5.60
CA ILE A 203 -30.26 5.74 4.41
C ILE A 203 -30.75 6.69 3.34
N LYS A 204 -29.83 7.33 2.63
CA LYS A 204 -30.18 8.14 1.48
C LYS A 204 -29.39 7.67 0.27
N ILE A 205 -30.08 7.52 -0.87
CA ILE A 205 -29.42 7.11 -2.10
C ILE A 205 -29.79 8.09 -3.20
N THR A 206 -28.94 8.12 -4.23
CA THR A 206 -29.15 8.92 -5.43
C THR A 206 -29.46 7.96 -6.57
N ALA A 207 -30.73 7.91 -6.97
CA ALA A 207 -31.19 6.96 -7.96
C ALA A 207 -31.03 7.45 -9.40
N THR A 208 -30.89 8.75 -9.61
CA THR A 208 -30.60 9.32 -10.92
C THR A 208 -29.51 10.38 -10.74
N GLY A 209 -29.04 10.93 -11.86
CA GLY A 209 -28.12 12.04 -11.82
C GLY A 209 -28.72 13.28 -11.16
N GLY A 210 -28.10 14.43 -11.36
CA GLY A 210 -28.59 15.65 -10.75
C GLY A 210 -28.28 16.89 -11.55
N VAL A 211 -27.72 17.91 -10.90
CA VAL A 211 -27.26 19.11 -11.59
C VAL A 211 -25.96 19.59 -10.96
N LEU A 212 -25.77 19.34 -9.67
CA LEU A 212 -24.57 19.79 -8.98
C LEU A 212 -23.52 18.71 -8.83
N SER A 213 -23.70 17.56 -9.47
CA SER A 213 -22.67 16.53 -9.51
C SER A 213 -21.67 16.80 -10.63
N LEU A 214 -20.42 16.42 -10.38
CA LEU A 214 -19.38 16.46 -11.41
C LEU A 214 -19.49 15.27 -12.34
N ALA A 215 -20.72 14.85 -12.62
CA ALA A 215 -21.02 13.86 -13.63
C ALA A 215 -21.79 14.51 -14.77
N LYS A 216 -21.73 13.88 -15.95
CA LYS A 216 -22.28 14.51 -17.14
C LYS A 216 -23.80 14.49 -17.17
N SER A 217 -24.42 13.49 -16.57
CA SER A 217 -25.81 13.17 -16.83
C SER A 217 -26.67 13.36 -15.58
N GLY A 218 -27.98 13.50 -15.79
CA GLY A 218 -28.87 13.89 -14.71
C GLY A 218 -30.19 13.17 -14.64
N THR A 219 -30.54 12.41 -15.68
CA THR A 219 -31.81 11.71 -15.75
C THR A 219 -31.68 10.20 -15.63
N ALA A 220 -30.66 9.63 -16.26
CA ALA A 220 -30.54 8.18 -16.38
C ALA A 220 -30.59 7.51 -15.01
N PRO A 221 -31.23 6.34 -14.89
CA PRO A 221 -31.32 5.67 -13.59
C PRO A 221 -29.99 5.00 -13.24
N GLN A 222 -29.50 5.25 -12.03
CA GLN A 222 -28.21 4.72 -11.61
C GLN A 222 -28.30 3.54 -10.66
N PHE A 223 -29.49 2.98 -10.46
CA PHE A 223 -29.66 1.87 -9.53
C PHE A 223 -30.53 0.83 -10.22
N THR A 224 -30.09 -0.42 -10.19
CA THR A 224 -30.93 -1.46 -10.76
C THR A 224 -31.99 -1.90 -9.75
N ASP A 225 -33.02 -2.57 -10.28
CA ASP A 225 -34.08 -3.07 -9.42
C ASP A 225 -33.54 -3.99 -8.34
N GLU A 226 -32.58 -4.85 -8.68
CA GLU A 226 -31.98 -5.74 -7.68
C GLU A 226 -31.20 -4.95 -6.64
N GLU A 227 -30.48 -3.91 -7.07
CA GLU A 227 -29.74 -3.08 -6.11
C GLU A 227 -30.68 -2.35 -5.15
N LEU A 228 -31.75 -1.75 -5.70
CA LEU A 228 -32.74 -1.09 -4.85
C LEU A 228 -33.40 -2.09 -3.92
N ARG A 229 -33.62 -3.29 -4.43
CA ARG A 229 -34.14 -4.40 -3.63
C ARG A 229 -33.25 -4.62 -2.42
N ALA A 230 -31.94 -4.74 -2.65
CA ALA A 230 -31.00 -4.95 -1.55
C ALA A 230 -31.03 -3.79 -0.56
N ILE A 231 -31.03 -2.55 -1.06
CA ILE A 231 -30.93 -1.41 -0.17
C ILE A 231 -32.17 -1.30 0.71
N VAL A 232 -33.36 -1.45 0.12
CA VAL A 232 -34.57 -1.29 0.91
C VAL A 232 -34.68 -2.40 1.95
N GLU A 233 -34.40 -3.65 1.55
CA GLU A 233 -34.55 -4.75 2.50
C GLU A 233 -33.51 -4.67 3.61
N THR A 234 -32.26 -4.36 3.28
CA THR A 234 -31.23 -4.21 4.29
C THR A 234 -31.53 -3.05 5.24
N ALA A 235 -31.90 -1.90 4.69
CA ALA A 235 -32.19 -0.74 5.52
C ALA A 235 -33.32 -1.02 6.50
N ARG A 236 -34.37 -1.70 6.03
CA ARG A 236 -35.48 -2.01 6.91
C ARG A 236 -35.11 -3.07 7.94
N ASP A 237 -34.19 -3.99 7.60
CA ASP A 237 -33.72 -4.96 8.58
C ASP A 237 -33.07 -4.27 9.77
N TYR A 238 -32.34 -3.18 9.52
CA TYR A 238 -31.66 -2.42 10.57
C TYR A 238 -32.47 -1.24 11.06
N GLY A 239 -33.78 -1.23 10.79
CA GLY A 239 -34.66 -0.19 11.30
C GLY A 239 -34.39 1.20 10.75
N MET A 240 -33.92 1.29 9.51
CA MET A 240 -33.63 2.57 8.87
C MET A 240 -34.56 2.79 7.68
N LYS A 241 -35.05 4.01 7.56
CA LYS A 241 -35.85 4.39 6.40
C LYS A 241 -34.93 4.73 5.23
N VAL A 242 -35.51 4.74 4.03
CA VAL A 242 -34.77 5.00 2.79
C VAL A 242 -35.37 6.24 2.14
N ALA A 243 -34.50 7.23 1.87
CA ALA A 243 -34.87 8.42 1.13
C ALA A 243 -34.11 8.41 -0.19
N VAL A 244 -34.77 8.84 -1.26
CA VAL A 244 -34.28 8.65 -2.61
C VAL A 244 -34.28 9.96 -3.36
N HIS A 245 -33.10 10.36 -3.84
CA HIS A 245 -32.92 11.44 -4.79
C HIS A 245 -33.13 10.92 -6.20
N ALA A 246 -34.13 11.44 -6.90
CA ALA A 246 -34.40 11.00 -8.27
C ALA A 246 -34.98 12.15 -9.06
N HIS A 247 -34.35 12.51 -10.17
CA HIS A 247 -34.92 13.48 -11.09
C HIS A 247 -35.59 12.84 -12.28
N GLY A 248 -35.02 11.75 -12.80
CA GLY A 248 -35.62 11.09 -13.94
C GLY A 248 -36.79 10.21 -13.54
N ALA A 249 -37.73 10.04 -14.47
CA ALA A 249 -38.95 9.32 -14.15
C ALA A 249 -38.67 7.85 -13.87
N GLU A 250 -37.80 7.21 -14.67
CA GLU A 250 -37.59 5.77 -14.51
C GLU A 250 -36.92 5.45 -13.18
N GLY A 251 -35.92 6.21 -12.77
CA GLY A 251 -35.30 5.96 -11.47
C GLY A 251 -36.28 6.15 -10.33
N MET A 252 -37.10 7.20 -10.41
CA MET A 252 -38.12 7.44 -9.40
C MET A 252 -39.10 6.28 -9.33
N LYS A 253 -39.51 5.74 -10.48
CA LYS A 253 -40.47 4.65 -10.49
C LYS A 253 -39.85 3.35 -10.00
N ARG A 254 -38.57 3.12 -10.33
CA ARG A 254 -37.86 1.96 -9.79
C ARG A 254 -37.82 2.03 -8.27
N ALA A 255 -37.49 3.21 -7.72
CA ALA A 255 -37.44 3.35 -6.27
C ALA A 255 -38.82 3.16 -5.65
N LEU A 256 -39.85 3.75 -6.25
CA LEU A 256 -41.20 3.63 -5.70
C LEU A 256 -41.66 2.18 -5.71
N ARG A 257 -41.33 1.44 -6.76
CA ARG A 257 -41.64 0.01 -6.77
C ARG A 257 -40.80 -0.73 -5.74
N ALA A 258 -39.60 -0.24 -5.43
CA ALA A 258 -38.77 -0.88 -4.42
C ALA A 258 -39.34 -0.73 -3.01
N GLY A 259 -40.06 0.37 -2.74
CA GLY A 259 -40.64 0.53 -1.42
C GLY A 259 -40.00 1.60 -0.56
N VAL A 260 -39.48 2.65 -1.17
CA VAL A 260 -38.84 3.75 -0.44
C VAL A 260 -39.87 4.53 0.35
N HIS A 261 -39.39 5.33 1.30
CA HIS A 261 -40.26 6.17 2.13
C HIS A 261 -40.39 7.58 1.60
N SER A 262 -39.41 8.04 0.82
CA SER A 262 -39.39 9.42 0.38
C SER A 262 -38.67 9.52 -0.95
N ILE A 263 -39.17 10.42 -1.80
CA ILE A 263 -38.54 10.77 -3.06
C ILE A 263 -38.26 12.27 -3.02
N GLU A 264 -37.04 12.65 -3.39
CA GLU A 264 -36.60 14.03 -3.31
C GLU A 264 -36.50 14.65 -4.69
N HIS A 265 -36.89 15.91 -4.78
CA HIS A 265 -36.87 16.70 -6.00
C HIS A 265 -37.88 16.16 -7.01
N GLY A 266 -37.55 15.05 -7.66
CA GLY A 266 -38.47 14.43 -8.61
C GLY A 266 -38.98 15.38 -9.66
N THR A 267 -38.10 16.26 -10.19
CA THR A 267 -38.55 17.41 -10.95
C THR A 267 -39.37 16.99 -12.17
N TYR A 268 -39.04 15.85 -12.76
CA TYR A 268 -39.73 15.30 -13.93
C TYR A 268 -40.47 14.05 -13.44
N MET A 269 -41.74 14.23 -13.06
CA MET A 269 -42.54 13.17 -12.46
C MET A 269 -43.65 12.75 -13.41
N ASP A 270 -43.74 11.45 -13.67
CA ASP A 270 -44.69 10.82 -14.59
C ASP A 270 -46.02 10.53 -13.89
N ASP A 271 -47.05 10.27 -14.71
CA ASP A 271 -48.40 9.99 -14.17
C ASP A 271 -48.47 8.61 -13.53
N GLU A 272 -47.81 7.62 -14.13
CA GLU A 272 -47.75 6.31 -13.51
C GLU A 272 -46.99 6.39 -12.20
N ALA A 273 -45.98 7.27 -12.15
CA ALA A 273 -45.26 7.49 -10.90
C ALA A 273 -46.15 8.12 -9.85
N ILE A 274 -47.14 8.92 -10.24
CA ILE A 274 -48.05 9.50 -9.26
C ILE A 274 -48.99 8.44 -8.72
N GLU A 275 -49.46 7.53 -9.59
CA GLU A 275 -50.26 6.43 -9.09
C GLU A 275 -49.44 5.52 -8.18
N LEU A 276 -48.15 5.35 -8.51
CA LEU A 276 -47.24 4.61 -7.66
C LEU A 276 -47.05 5.29 -6.32
N PHE A 277 -46.88 6.62 -6.32
CA PHE A 277 -46.76 7.38 -5.08
C PHE A 277 -47.93 7.09 -4.16
N LYS A 278 -49.15 7.24 -4.70
CA LYS A 278 -50.32 7.11 -3.85
C LYS A 278 -50.56 5.66 -3.43
N LYS A 279 -50.17 4.69 -4.26
CA LYS A 279 -50.37 3.30 -3.86
C LYS A 279 -49.33 2.84 -2.84
N THR A 280 -48.08 3.30 -2.98
CA THR A 280 -47.03 2.90 -2.04
C THR A 280 -47.07 3.71 -0.76
N GLY A 281 -47.60 4.94 -0.83
CA GLY A 281 -47.61 5.80 0.33
C GLY A 281 -46.31 6.54 0.60
N ALA A 282 -45.34 6.47 -0.30
CA ALA A 282 -44.10 7.20 -0.13
C ALA A 282 -44.36 8.71 -0.09
N TYR A 283 -43.49 9.44 0.60
CA TYR A 283 -43.61 10.88 0.68
C TYR A 283 -42.85 11.55 -0.47
N TYR A 284 -43.36 12.69 -0.90
CA TYR A 284 -42.70 13.52 -1.90
C TYR A 284 -42.22 14.80 -1.23
N VAL A 285 -40.93 15.05 -1.32
CA VAL A 285 -40.31 16.25 -0.75
C VAL A 285 -39.81 17.11 -1.92
N PRO A 286 -40.49 18.21 -2.25
CA PRO A 286 -40.23 18.90 -3.53
C PRO A 286 -38.93 19.71 -3.58
N THR A 287 -38.66 20.50 -2.54
CA THR A 287 -37.48 21.36 -2.49
C THR A 287 -37.45 22.33 -3.67
N ILE A 288 -38.53 23.09 -3.83
CA ILE A 288 -38.63 24.05 -4.92
C ILE A 288 -37.53 25.09 -4.82
N LEU A 289 -37.17 25.45 -3.57
CA LEU A 289 -36.18 26.49 -3.34
C LEU A 289 -34.84 26.15 -4.00
N ALA A 290 -34.37 24.91 -3.85
CA ALA A 290 -33.09 24.56 -4.47
C ALA A 290 -33.17 24.55 -5.99
N GLY A 291 -34.36 24.28 -6.54
CA GLY A 291 -34.52 24.35 -7.99
C GLY A 291 -34.59 25.76 -8.50
N ARG A 292 -35.00 26.69 -7.64
CA ARG A 292 -35.04 28.10 -8.00
C ARG A 292 -33.68 28.78 -7.85
N THR A 293 -32.87 28.36 -6.87
CA THR A 293 -31.56 28.99 -6.69
C THR A 293 -30.61 28.64 -7.83
N VAL A 294 -30.65 27.39 -8.31
CA VAL A 294 -29.84 27.01 -9.46
C VAL A 294 -30.44 27.69 -10.70
N ALA A 295 -29.98 28.91 -10.97
CA ALA A 295 -30.43 29.69 -12.12
C ALA A 295 -29.61 30.97 -12.22
N TYR A 303 -18.82 30.16 -11.79
CA TYR A 303 -19.37 29.77 -10.50
C TYR A 303 -19.32 28.25 -10.34
N TYR A 304 -20.02 27.55 -11.21
CA TYR A 304 -20.04 26.09 -11.23
C TYR A 304 -19.09 25.59 -12.31
N ALA A 305 -19.00 24.26 -12.42
CA ALA A 305 -18.25 23.66 -13.52
C ALA A 305 -19.16 23.43 -14.72
N PRO A 306 -18.63 23.53 -15.94
CA PRO A 306 -19.50 23.48 -17.13
C PRO A 306 -20.19 22.14 -17.32
N ILE A 307 -19.76 21.08 -16.64
CA ILE A 307 -20.35 19.76 -16.80
C ILE A 307 -21.63 19.65 -15.98
N PRO A 317 -37.58 25.44 -12.23
CA PRO A 317 -38.47 25.99 -13.26
C PRO A 317 -39.68 25.09 -13.50
N GLN A 318 -39.38 23.88 -13.98
CA GLN A 318 -40.41 22.85 -14.10
C GLN A 318 -40.92 22.40 -12.74
N ILE A 319 -40.09 22.57 -11.71
CA ILE A 319 -40.36 21.94 -10.41
C ILE A 319 -41.62 22.49 -9.77
N GLN A 320 -41.97 23.76 -10.01
CA GLN A 320 -43.22 24.28 -9.46
C GLN A 320 -44.43 23.65 -10.14
N LYS A 321 -44.39 23.50 -11.47
CA LYS A 321 -45.45 22.79 -12.17
C LYS A 321 -45.57 21.36 -11.63
N THR A 322 -44.43 20.71 -11.41
CA THR A 322 -44.44 19.34 -10.89
C THR A 322 -45.05 19.28 -9.49
N PHE A 323 -44.67 20.21 -8.61
CA PHE A 323 -45.23 20.23 -7.27
C PHE A 323 -46.72 20.51 -7.31
N ALA A 324 -47.15 21.40 -8.20
CA ALA A 324 -48.57 21.69 -8.34
C ALA A 324 -49.34 20.44 -8.75
N LYS A 325 -48.87 19.75 -9.79
CA LYS A 325 -49.56 18.53 -10.23
C LYS A 325 -49.53 17.46 -9.14
N ALA A 326 -48.41 17.34 -8.43
CA ALA A 326 -48.30 16.33 -7.38
C ALA A 326 -49.27 16.61 -6.24
N TYR A 327 -49.35 17.87 -5.79
CA TYR A 327 -50.27 18.19 -4.70
C TYR A 327 -51.71 18.01 -5.16
N LYS A 328 -52.05 18.49 -6.36
CA LYS A 328 -53.40 18.33 -6.86
C LYS A 328 -53.78 16.85 -6.99
N SER A 329 -52.81 16.01 -7.34
CA SER A 329 -53.09 14.59 -7.51
C SER A 329 -53.31 13.88 -6.19
N GLY A 330 -52.96 14.49 -5.06
CA GLY A 330 -53.10 13.85 -3.77
C GLY A 330 -51.85 13.18 -3.23
N VAL A 331 -50.70 13.45 -3.83
CA VAL A 331 -49.44 12.89 -3.34
C VAL A 331 -49.14 13.45 -1.95
N LYS A 332 -48.71 12.57 -1.05
CA LYS A 332 -48.26 13.01 0.27
C LYS A 332 -47.01 13.88 0.15
N ILE A 333 -47.01 15.02 0.82
CA ILE A 333 -45.95 16.00 0.73
C ILE A 333 -45.38 16.24 2.12
N ALA A 334 -44.05 16.25 2.22
CA ALA A 334 -43.35 16.65 3.43
C ALA A 334 -42.43 17.83 3.10
N PHE A 335 -42.30 18.75 4.05
CA PHE A 335 -41.58 19.99 3.81
C PHE A 335 -40.07 19.77 3.83
N GLY A 336 -39.39 20.19 2.76
CA GLY A 336 -37.95 20.12 2.67
C GLY A 336 -37.41 21.15 1.71
N THR A 337 -36.32 21.83 2.08
CA THR A 337 -35.80 22.93 1.27
C THR A 337 -34.53 22.59 0.50
N ASP A 338 -33.83 21.51 0.87
CA ASP A 338 -32.45 21.29 0.48
C ASP A 338 -31.66 22.60 0.57
N SER A 339 -31.58 23.07 1.82
CA SER A 339 -30.77 24.26 2.09
C SER A 339 -29.29 23.88 2.10
N GLY A 340 -28.41 24.85 1.91
CA GLY A 340 -26.96 24.67 1.76
C GLY A 340 -26.75 24.70 0.27
N LYS A 341 -27.78 24.36 -0.52
CA LYS A 341 -27.80 24.70 -1.96
C LYS A 341 -28.00 26.21 -1.88
N SER A 342 -28.81 26.62 -0.91
CA SER A 342 -29.13 28.05 -0.66
C SER A 342 -28.89 28.33 0.82
N VAL A 343 -28.60 29.58 1.19
CA VAL A 343 -28.22 29.91 2.59
C VAL A 343 -29.15 29.33 3.66
N HIS A 344 -28.56 28.75 4.71
CA HIS A 344 -29.27 28.28 5.89
C HIS A 344 -29.94 29.43 6.63
N GLY A 345 -31.13 29.18 7.14
CA GLY A 345 -31.93 30.21 7.77
C GLY A 345 -32.96 30.82 6.86
N LEU A 346 -32.85 30.60 5.56
CA LEU A 346 -33.82 31.03 4.57
C LEU A 346 -34.76 29.89 4.20
N ASN A 347 -34.91 28.91 5.07
CA ASN A 347 -35.78 27.79 4.73
C ASN A 347 -37.22 28.26 4.52
N ALA A 348 -37.65 29.25 5.31
CA ALA A 348 -39.04 29.72 5.27
C ALA A 348 -39.44 30.19 3.88
N ILE A 349 -38.49 30.62 3.03
CA ILE A 349 -38.86 31.08 1.69
C ILE A 349 -39.68 30.00 0.98
N GLU A 350 -39.30 28.73 1.16
CA GLU A 350 -39.97 27.64 0.46
C GLU A 350 -41.47 27.68 0.68
N PHE A 351 -41.90 28.01 1.92
CA PHE A 351 -43.33 28.07 2.21
C PHE A 351 -44.08 28.89 1.18
N GLU A 352 -43.64 30.14 0.96
CA GLU A 352 -44.36 30.99 0.00
C GLU A 352 -44.44 30.32 -1.36
N LEU A 353 -43.34 29.77 -1.85
CA LEU A 353 -43.37 29.19 -3.18
C LEU A 353 -44.37 28.03 -3.23
N MET A 354 -44.42 27.24 -2.14
CA MET A 354 -45.35 26.13 -2.11
C MET A 354 -46.78 26.62 -2.15
N VAL A 355 -47.04 27.77 -1.52
CA VAL A 355 -48.39 28.31 -1.55
C VAL A 355 -48.73 28.87 -2.93
N GLU A 356 -47.76 29.46 -3.64
CA GLU A 356 -48.10 30.02 -4.95
C GLU A 356 -48.35 28.94 -5.99
N ALA A 357 -47.82 27.75 -5.79
CA ALA A 357 -48.14 26.64 -6.67
C ALA A 357 -49.53 26.08 -6.40
N GLY A 358 -50.27 26.67 -5.47
CA GLY A 358 -51.63 26.28 -5.17
C GLY A 358 -51.82 25.53 -3.87
N MET A 359 -50.80 25.43 -3.05
CA MET A 359 -51.04 24.71 -1.81
C MET A 359 -51.54 25.66 -0.73
N PRO A 360 -52.58 25.30 0.02
CA PRO A 360 -53.09 26.20 1.05
C PRO A 360 -52.07 26.34 2.16
N PRO A 361 -51.97 27.52 2.77
CA PRO A 361 -50.95 27.73 3.83
C PRO A 361 -51.02 26.71 4.96
N LEU A 362 -52.23 26.37 5.42
CA LEU A 362 -52.36 25.37 6.48
C LEU A 362 -51.72 24.06 6.09
N GLU A 363 -51.90 23.64 4.84
CA GLU A 363 -51.33 22.37 4.41
C GLU A 363 -49.81 22.45 4.30
N ALA A 364 -49.27 23.61 3.96
CA ALA A 364 -47.81 23.77 3.96
C ALA A 364 -47.25 23.64 5.37
N ILE A 365 -47.89 24.28 6.35
CA ILE A 365 -47.42 24.15 7.72
C ILE A 365 -47.57 22.71 8.20
N ARG A 366 -48.62 22.01 7.77
CA ARG A 366 -48.79 20.61 8.14
C ARG A 366 -47.71 19.73 7.51
N SER A 367 -47.29 20.05 6.29
CA SER A 367 -46.18 19.32 5.69
C SER A 367 -44.89 19.60 6.46
N ALA A 368 -44.78 20.78 7.08
CA ALA A 368 -43.62 21.08 7.91
C ALA A 368 -43.73 20.54 9.33
N THR A 369 -44.90 20.08 9.77
CA THR A 369 -45.05 19.63 11.16
C THR A 369 -45.53 18.19 11.25
N LEU A 370 -46.83 17.98 11.03
CA LEU A 370 -47.40 16.65 11.21
C LEU A 370 -46.85 15.65 10.19
N ASN A 371 -46.88 16.02 8.90
CA ASN A 371 -46.37 15.13 7.87
C ASN A 371 -44.89 14.84 8.08
N ALA A 372 -44.13 15.85 8.52
CA ALA A 372 -42.71 15.63 8.79
C ALA A 372 -42.50 14.60 9.87
N ALA A 373 -43.26 14.70 10.97
CA ALA A 373 -43.15 13.74 12.05
C ALA A 373 -43.54 12.35 11.57
N ASP A 374 -44.52 12.26 10.67
CA ASP A 374 -44.87 10.95 10.11
C ASP A 374 -43.73 10.38 9.27
N LEU A 375 -43.12 11.22 8.44
CA LEU A 375 -42.00 10.76 7.61
C LEU A 375 -40.84 10.29 8.47
N LEU A 376 -40.55 11.00 9.56
CA LEU A 376 -39.46 10.57 10.45
C LEU A 376 -39.83 9.30 11.20
N GLY A 377 -41.12 9.10 11.48
CA GLY A 377 -41.53 8.01 12.32
C GLY A 377 -41.49 8.33 13.79
N VAL A 378 -41.65 9.61 14.16
CA VAL A 378 -41.62 10.04 15.55
C VAL A 378 -43.03 10.47 15.96
N ASN A 379 -43.40 10.13 17.19
CA ASN A 379 -44.72 10.42 17.71
C ASN A 379 -44.74 11.55 18.73
N ASN A 380 -43.58 12.17 19.02
CA ASN A 380 -43.51 13.24 19.99
C ASN A 380 -43.08 14.58 19.39
N LEU A 381 -43.17 14.76 18.06
CA LEU A 381 -42.83 16.01 17.43
C LEU A 381 -43.92 16.43 16.45
N GLY A 382 -44.00 17.73 16.17
CA GLY A 382 -44.90 18.22 15.15
C GLY A 382 -46.27 18.69 15.61
N SER A 383 -46.54 18.77 16.91
CA SER A 383 -47.83 19.28 17.37
C SER A 383 -47.72 19.75 18.81
N ILE A 384 -48.33 20.89 19.10
CA ILE A 384 -48.38 21.40 20.48
C ILE A 384 -49.57 20.72 21.15
N GLU A 385 -49.26 19.76 22.01
CA GLU A 385 -50.27 18.92 22.63
C GLU A 385 -49.70 18.31 23.90
N ALA A 386 -50.59 17.85 24.77
CA ALA A 386 -50.14 17.20 25.99
C ALA A 386 -49.31 15.98 25.63
N GLY A 387 -48.18 15.81 26.33
CA GLY A 387 -47.34 14.64 26.16
C GLY A 387 -46.31 14.72 25.06
N MET A 388 -46.24 15.80 24.30
CA MET A 388 -45.27 15.90 23.22
C MET A 388 -44.14 16.85 23.63
N LEU A 389 -43.06 16.85 22.85
CA LEU A 389 -41.87 17.60 23.24
C LEU A 389 -42.02 19.07 22.90
N ALA A 390 -41.54 19.92 23.80
CA ALA A 390 -41.77 21.36 23.75
C ALA A 390 -40.82 22.00 22.73
N ASP A 391 -41.20 21.90 21.46
CA ASP A 391 -40.56 22.64 20.38
C ASP A 391 -41.60 23.65 19.89
N VAL A 392 -41.39 24.93 20.20
CA VAL A 392 -42.41 25.95 20.00
C VAL A 392 -41.80 27.15 19.28
N ILE A 393 -42.50 27.66 18.27
CA ILE A 393 -42.10 28.81 17.48
C ILE A 393 -43.19 29.88 17.61
N ALA A 394 -42.79 31.14 17.42
CA ALA A 394 -43.77 32.22 17.39
C ALA A 394 -43.34 33.30 16.40
N VAL A 395 -44.34 33.82 15.67
CA VAL A 395 -44.19 34.83 14.63
C VAL A 395 -45.10 36.03 14.94
N GLU A 396 -44.95 37.09 14.14
CA GLU A 396 -45.63 38.35 14.42
C GLU A 396 -47.08 38.38 13.91
N ASP A 397 -47.32 37.97 12.66
CA ASP A 397 -48.65 38.05 12.07
C ASP A 397 -49.13 36.65 11.73
N ASN A 398 -50.39 36.56 11.32
CA ASN A 398 -51.02 35.25 11.15
C ASN A 398 -50.41 34.54 9.95
N PRO A 399 -49.74 33.40 10.15
CA PRO A 399 -49.12 32.69 9.01
C PRO A 399 -50.13 32.10 8.04
N LEU A 400 -51.35 31.83 8.46
CA LEU A 400 -52.35 31.30 7.55
C LEU A 400 -52.94 32.35 6.63
N GLU A 401 -52.83 33.64 6.99
CA GLU A 401 -53.27 34.70 6.10
C GLU A 401 -52.13 35.27 5.27
N ASN A 402 -50.91 35.27 5.81
CA ASN A 402 -49.73 35.64 5.03
C ASN A 402 -48.58 34.75 5.49
N ILE A 403 -48.20 33.78 4.66
CA ILE A 403 -47.20 32.80 5.04
C ILE A 403 -45.81 33.41 5.18
N SER A 404 -45.57 34.57 4.56
CA SER A 404 -44.24 35.17 4.61
C SER A 404 -43.84 35.62 6.00
N THR A 405 -44.79 35.74 6.94
CA THR A 405 -44.42 36.02 8.32
C THR A 405 -43.52 34.94 8.90
N LEU A 406 -43.51 33.74 8.31
CA LEU A 406 -42.63 32.70 8.80
C LEU A 406 -41.17 33.01 8.53
N ARG A 407 -40.88 34.01 7.71
CA ARG A 407 -39.49 34.39 7.48
C ARG A 407 -38.90 35.23 8.60
N LYS A 408 -39.72 35.67 9.55
CA LYS A 408 -39.23 36.37 10.73
C LYS A 408 -39.84 35.67 11.93
N VAL A 409 -39.12 34.66 12.41
CA VAL A 409 -39.54 33.91 13.59
C VAL A 409 -38.98 34.66 14.80
N VAL A 410 -39.88 35.10 15.68
CA VAL A 410 -39.50 35.93 16.82
C VAL A 410 -39.35 35.14 18.11
N PHE A 411 -39.83 33.90 18.16
CA PHE A 411 -39.66 33.09 19.36
C PHE A 411 -39.31 31.66 18.98
N VAL A 412 -38.26 31.13 19.61
CA VAL A 412 -37.78 29.77 19.36
C VAL A 412 -37.49 29.10 20.70
N MET A 413 -38.10 27.93 20.91
CA MET A 413 -37.89 27.07 22.07
C MET A 413 -37.70 25.65 21.57
N LYS A 414 -36.57 25.04 21.91
CA LYS A 414 -36.35 23.63 21.56
C LYS A 414 -36.10 22.85 22.84
N ASP A 415 -36.89 21.81 23.03
CA ASP A 415 -36.80 20.96 24.20
C ASP A 415 -36.87 21.78 25.48
N GLY A 416 -37.89 22.63 25.59
CA GLY A 416 -38.07 23.43 26.81
C GLY A 416 -37.11 24.60 27.00
N LYS A 417 -35.96 24.61 26.32
CA LYS A 417 -35.00 25.69 26.45
C LYS A 417 -35.29 26.75 25.40
N VAL A 418 -35.22 28.02 25.79
CA VAL A 418 -35.52 29.13 24.89
C VAL A 418 -34.23 29.58 24.21
N TYR A 419 -34.23 29.54 22.88
CA TYR A 419 -33.11 30.05 22.11
C TYR A 419 -33.36 31.43 21.53
N LYS A 420 -34.61 31.82 21.29
CA LYS A 420 -34.86 33.16 20.77
C LYS A 420 -36.12 33.76 21.37
N GLN A 421 -36.01 35.01 21.83
CA GLN A 421 -37.12 35.72 22.45
C GLN A 421 -36.95 37.20 22.11
N GLU A 422 -37.70 37.66 21.13
CA GLU A 422 -37.61 39.06 20.70
C GLU A 422 -38.84 39.87 21.10
N ALA B 17 -15.09 52.20 12.71
CA ALA B 17 -16.07 52.46 13.75
C ALA B 17 -15.37 52.92 15.04
N THR B 18 -16.02 53.76 15.83
CA THR B 18 -15.39 54.34 17.00
C THR B 18 -16.09 53.91 18.28
N THR B 19 -15.28 53.39 19.22
CA THR B 19 -15.73 52.98 20.52
C THR B 19 -14.86 53.68 21.56
N LEU B 20 -15.50 54.24 22.56
CA LEU B 20 -14.84 54.92 23.65
C LEU B 20 -15.07 54.12 24.93
N LEU B 21 -13.99 53.82 25.65
CA LEU B 21 -14.09 53.18 26.95
C LEU B 21 -13.89 54.24 28.02
N HIS B 22 -14.93 54.46 28.82
CA HIS B 22 -14.84 55.41 29.94
C HIS B 22 -14.38 54.60 31.14
N CYS B 23 -13.07 54.59 31.38
CA CYS B 23 -12.45 53.71 32.37
C CYS B 23 -12.14 54.48 33.64
N GLY B 24 -12.70 53.99 34.75
CA GLY B 24 -12.34 54.55 36.04
C GLY B 24 -10.88 54.32 36.39
N HIS B 25 -10.38 53.11 36.14
CA HIS B 25 -8.98 52.80 36.30
C HIS B 25 -8.50 51.98 35.11
N LEU B 26 -7.40 52.43 34.50
CA LEU B 26 -6.78 51.77 33.37
C LEU B 26 -5.33 51.46 33.73
N LEU B 27 -4.93 50.20 33.56
CA LEU B 27 -3.63 49.75 34.04
C LEU B 27 -2.57 49.97 32.97
N ASP B 28 -1.59 50.82 33.26
CA ASP B 28 -0.37 50.93 32.46
C ASP B 28 0.62 49.90 32.97
N VAL B 29 0.65 48.74 32.31
CA VAL B 29 1.53 47.64 32.71
C VAL B 29 3.00 47.95 32.45
N LYS B 30 3.29 48.83 31.50
CA LYS B 30 4.71 49.22 31.32
C LYS B 30 5.11 50.10 32.52
N LYS B 31 4.38 51.18 32.77
CA LYS B 31 4.61 52.05 33.95
C LYS B 31 4.34 51.25 35.24
N GLY B 32 3.34 50.36 35.24
CA GLY B 32 2.94 49.66 36.47
C GLY B 32 1.95 50.47 37.28
N LYS B 33 1.43 51.56 36.70
CA LYS B 33 0.54 52.45 37.47
C LYS B 33 -0.89 52.55 36.91
N TRP B 34 -1.89 52.67 37.79
CA TRP B 34 -3.27 52.92 37.42
C TRP B 34 -3.44 54.35 36.94
N LEU B 35 -4.23 54.53 35.90
CA LEU B 35 -4.62 55.84 35.42
C LEU B 35 -6.10 55.97 35.75
N GLU B 36 -6.47 57.09 36.37
CA GLU B 36 -7.81 57.26 36.91
C GLU B 36 -8.63 58.13 35.98
N GLY B 37 -9.92 57.78 35.86
CA GLY B 37 -10.86 58.44 34.98
C GLY B 37 -10.33 58.89 33.63
N VAL B 38 -10.04 57.91 32.76
CA VAL B 38 -9.51 58.17 31.43
C VAL B 38 -10.48 57.57 30.41
N THR B 39 -10.26 57.94 29.15
CA THR B 39 -11.01 57.43 28.02
C THR B 39 -10.02 56.71 27.09
N VAL B 40 -10.38 55.52 26.65
CA VAL B 40 -9.62 54.82 25.62
C VAL B 40 -10.39 54.98 24.32
N ARG B 41 -9.74 55.53 23.31
CA ARG B 41 -10.33 55.72 21.99
C ARG B 41 -9.86 54.58 21.09
N ILE B 42 -10.81 53.77 20.62
CA ILE B 42 -10.56 52.66 19.72
C ILE B 42 -11.29 52.96 18.42
N GLU B 43 -10.56 52.89 17.31
CA GLU B 43 -11.16 52.93 15.99
C GLU B 43 -10.89 51.61 15.30
N GLY B 44 -11.96 50.94 14.89
CA GLY B 44 -11.83 49.60 14.35
C GLY B 44 -11.31 48.66 15.40
N ASN B 45 -10.16 48.05 15.14
CA ASN B 45 -9.61 47.04 16.02
C ASN B 45 -8.37 47.51 16.77
N THR B 46 -8.03 48.78 16.65
CA THR B 46 -6.78 49.33 17.15
C THR B 46 -7.06 50.40 18.20
N ILE B 47 -6.27 50.41 19.26
CA ILE B 47 -6.35 51.49 20.24
C ILE B 47 -5.76 52.74 19.62
N ARG B 48 -6.57 53.79 19.49
CA ARG B 48 -6.10 55.03 18.89
C ARG B 48 -5.50 55.96 19.92
N GLY B 49 -6.01 55.98 21.16
CA GLY B 49 -5.31 56.75 22.16
C GLY B 49 -5.94 56.66 23.53
N ILE B 50 -5.31 57.36 24.49
CA ILE B 50 -5.87 57.42 25.87
C ILE B 50 -6.08 58.90 26.20
N GLU B 51 -7.30 59.30 26.56
CA GLU B 51 -7.62 60.73 26.82
C GLU B 51 -8.09 60.92 28.26
N LYS B 52 -7.55 61.93 28.96
CA LYS B 52 -7.91 62.16 30.39
C LYS B 52 -9.40 62.53 30.50
N GLY B 53 -10.06 62.04 31.54
CA GLY B 53 -11.48 62.34 31.76
C GLY B 53 -12.37 61.42 30.95
N TYR B 54 -13.67 61.65 31.01
CA TYR B 54 -14.59 60.84 30.16
C TYR B 54 -14.99 61.78 29.03
N VAL B 55 -14.78 61.34 27.80
CA VAL B 55 -14.99 62.29 26.66
C VAL B 55 -16.38 62.04 26.05
N ALA B 56 -17.15 63.11 25.87
CA ALA B 56 -18.47 62.98 25.23
C ALA B 56 -18.30 62.46 23.81
N PRO B 57 -19.29 61.79 23.17
CA PRO B 57 -19.15 61.44 21.76
C PRO B 57 -19.49 62.65 20.88
N LYS B 58 -18.48 63.23 20.22
CA LYS B 58 -18.68 64.44 19.36
C LYS B 58 -19.62 64.07 18.20
N ALA B 59 -19.45 62.87 17.66
CA ALA B 59 -20.28 62.36 16.55
C ALA B 59 -20.82 61.07 17.12
N GLY B 60 -21.91 60.53 16.58
CA GLY B 60 -22.42 59.36 17.31
C GLY B 60 -21.30 58.35 17.38
N GLU B 61 -21.03 57.84 18.59
CA GLU B 61 -19.92 56.91 18.80
C GLU B 61 -20.40 55.90 19.85
N LYS B 62 -19.86 54.69 19.84
CA LYS B 62 -20.23 53.71 20.88
C LYS B 62 -19.42 54.03 22.14
N VAL B 63 -20.10 54.24 23.26
CA VAL B 63 -19.38 54.45 24.50
C VAL B 63 -19.73 53.30 25.44
N ILE B 64 -18.70 52.76 26.09
CA ILE B 64 -18.86 51.70 27.07
C ILE B 64 -18.45 52.25 28.43
N ASP B 65 -19.33 52.09 29.42
CA ASP B 65 -19.13 52.64 30.74
C ASP B 65 -18.41 51.59 31.57
N LEU B 66 -17.11 51.80 31.80
CA LEU B 66 -16.32 50.99 32.71
C LEU B 66 -15.78 51.85 33.85
N ARG B 67 -16.55 52.87 34.26
CA ARG B 67 -16.07 53.80 35.28
C ARG B 67 -15.94 53.14 36.64
N SER B 68 -16.81 52.19 36.96
CA SER B 68 -16.73 51.45 38.21
C SER B 68 -15.81 50.23 38.11
N ARG B 69 -15.03 50.12 37.03
CA ARG B 69 -14.22 48.95 36.74
C ARG B 69 -12.74 49.27 36.70
N TYR B 70 -11.93 48.23 36.93
CA TYR B 70 -10.49 48.25 36.71
C TYR B 70 -10.18 47.58 35.37
N VAL B 71 -9.41 48.25 34.53
CA VAL B 71 -9.24 47.84 33.14
C VAL B 71 -7.79 47.38 32.92
N LEU B 72 -7.65 46.25 32.23
CA LEU B 72 -6.40 45.56 31.98
C LEU B 72 -6.30 45.25 30.50
N PRO B 73 -5.09 45.03 30.00
CA PRO B 73 -4.96 44.44 28.66
C PRO B 73 -5.52 43.03 28.67
N GLY B 74 -5.91 42.56 27.50
CA GLY B 74 -6.43 41.22 27.42
C GLY B 74 -5.33 40.28 27.87
N LEU B 75 -5.66 39.36 28.76
CA LEU B 75 -4.65 38.44 29.27
C LEU B 75 -4.32 37.40 28.21
N MET B 76 -3.10 36.90 28.28
CA MET B 76 -2.65 35.87 27.34
C MET B 76 -2.05 34.72 28.11
N ASP B 77 -2.43 33.52 27.70
CA ASP B 77 -2.02 32.28 28.33
C ASP B 77 -1.15 31.53 27.34
N MET B 78 0.09 31.25 27.73
CA MET B 78 1.06 30.69 26.80
C MET B 78 1.20 29.19 26.94
N HIS B 79 0.24 28.54 27.61
CA HIS B 79 0.14 27.09 27.54
C HIS B 79 -1.34 26.70 27.69
N VAL B 80 -1.96 26.33 26.56
CA VAL B 80 -3.30 25.77 26.56
C VAL B 80 -3.35 24.63 25.55
N HIS B 81 -4.25 23.68 25.79
CA HIS B 81 -4.54 22.59 24.87
C HIS B 81 -6.05 22.67 24.61
N LEU B 82 -6.43 23.42 23.58
CA LEU B 82 -7.83 23.71 23.29
C LEU B 82 -8.57 22.53 22.66
N GLU B 83 -7.86 21.50 22.19
CA GLU B 83 -8.55 20.35 21.62
C GLU B 83 -9.19 19.50 22.70
N SER B 84 -8.56 19.40 23.86
CA SER B 84 -9.01 18.46 24.88
C SER B 84 -9.20 19.16 26.22
N GLU B 85 -9.93 18.48 27.09
CA GLU B 85 -10.10 18.79 28.49
C GLU B 85 -10.16 17.44 29.18
N THR B 86 -9.56 17.31 30.36
CA THR B 86 -9.48 15.97 30.96
C THR B 86 -10.84 15.49 31.41
N ASN B 87 -11.00 14.18 31.30
CA ASN B 87 -12.25 13.45 31.28
C ASN B 87 -11.88 12.06 31.78
N PRO B 88 -12.79 11.31 32.40
CA PRO B 88 -12.42 9.98 32.89
C PRO B 88 -11.96 9.04 31.80
N HIS B 89 -12.18 9.37 30.52
CA HIS B 89 -11.90 8.46 29.43
C HIS B 89 -11.00 9.04 28.34
N ASN B 90 -10.01 9.88 28.66
CA ASN B 90 -9.21 10.48 27.58
C ASN B 90 -8.41 9.43 26.83
N THR B 91 -7.93 8.40 27.55
CA THR B 91 -7.06 7.42 26.91
C THR B 91 -7.84 6.53 25.94
N LEU B 92 -9.04 6.08 26.32
CA LEU B 92 -9.94 5.40 25.40
C LEU B 92 -10.44 6.36 24.31
N GLU B 93 -10.73 7.60 24.71
CA GLU B 93 -11.27 8.56 23.77
C GLU B 93 -10.27 8.89 22.69
N ARG B 94 -8.99 8.64 22.94
CA ARG B 94 -7.98 8.81 21.91
C ARG B 94 -8.20 7.87 20.74
N PHE B 95 -8.84 6.73 21.00
CA PHE B 95 -9.14 5.74 19.98
C PHE B 95 -10.55 5.81 19.45
N ILE B 96 -11.46 6.47 20.16
CA ILE B 96 -12.84 6.50 19.69
C ILE B 96 -13.27 7.85 19.10
N LEU B 97 -12.50 8.92 19.33
CA LEU B 97 -12.90 10.26 18.91
C LEU B 97 -12.37 10.61 17.53
N ASN B 98 -13.23 11.16 16.69
CA ASN B 98 -12.89 11.61 15.35
C ASN B 98 -12.57 13.10 15.35
N PRO B 99 -11.97 13.62 14.28
CA PRO B 99 -11.64 15.06 14.25
C PRO B 99 -12.83 15.96 14.52
N ALA B 100 -14.00 15.60 14.01
CA ALA B 100 -15.19 16.44 14.20
C ALA B 100 -15.59 16.50 15.68
N ASP B 101 -15.52 15.37 16.39
CA ASP B 101 -15.83 15.38 17.81
C ASP B 101 -14.90 16.32 18.57
N ILE B 102 -13.60 16.25 18.26
CA ILE B 102 -12.61 17.11 18.88
C ILE B 102 -12.95 18.57 18.61
N ALA B 103 -13.29 18.89 17.36
CA ALA B 103 -13.64 20.27 17.01
C ALA B 103 -14.86 20.76 17.79
N TYR B 104 -15.87 19.91 17.91
CA TYR B 104 -17.10 20.34 18.56
C TYR B 104 -16.89 20.60 20.04
N ARG B 105 -16.04 19.82 20.70
CA ARG B 105 -15.69 20.16 22.08
C ARG B 105 -14.84 21.44 22.15
N SER B 106 -13.88 21.58 21.23
CA SER B 106 -13.04 22.76 21.20
C SER B 106 -13.86 24.04 21.13
N VAL B 107 -15.02 23.99 20.48
CA VAL B 107 -15.86 25.19 20.40
C VAL B 107 -16.12 25.76 21.79
N GLY B 108 -16.71 24.92 22.66
CA GLY B 108 -17.00 25.37 24.02
C GLY B 108 -15.76 25.70 24.81
N TYR B 109 -14.68 24.93 24.61
CA TYR B 109 -13.45 25.23 25.33
C TYR B 109 -12.92 26.62 25.00
N ALA B 110 -12.91 26.96 23.71
CA ALA B 110 -12.45 28.26 23.26
C ALA B 110 -13.34 29.38 23.80
N ARG B 111 -14.66 29.18 23.77
CA ARG B 111 -15.55 30.22 24.25
C ARG B 111 -15.33 30.49 25.74
N LYS B 112 -15.17 29.42 26.53
CA LYS B 112 -14.91 29.59 27.95
C LYS B 112 -13.60 30.31 28.19
N THR B 113 -12.57 30.01 27.39
CA THR B 113 -11.30 30.72 27.54
C THR B 113 -11.44 32.20 27.24
N LEU B 114 -12.07 32.55 26.12
CA LEU B 114 -12.18 33.97 25.79
C LEU B 114 -12.97 34.72 26.85
N MET B 115 -14.03 34.11 27.37
CA MET B 115 -14.83 34.85 28.34
C MET B 115 -14.22 34.83 29.74
N ALA B 116 -13.23 33.98 29.99
CA ALA B 116 -12.42 34.12 31.19
C ALA B 116 -11.54 35.36 31.14
N GLY B 117 -11.44 36.02 29.98
CA GLY B 117 -10.64 37.20 29.82
C GLY B 117 -9.31 37.01 29.12
N PHE B 118 -9.02 35.81 28.62
CA PHE B 118 -7.75 35.53 27.96
C PHE B 118 -7.95 35.69 26.45
N THR B 119 -7.64 36.88 25.95
CA THR B 119 -7.86 37.20 24.54
C THR B 119 -6.84 36.55 23.62
N THR B 120 -5.73 36.06 24.15
CA THR B 120 -4.69 35.42 23.35
C THR B 120 -4.20 34.17 24.05
N VAL B 121 -3.99 33.10 23.29
CA VAL B 121 -3.47 31.86 23.85
C VAL B 121 -2.44 31.25 22.91
N ARG B 122 -1.52 30.48 23.49
CA ARG B 122 -0.50 29.73 22.77
C ARG B 122 -0.78 28.25 23.00
N ASP B 123 -1.37 27.61 21.99
CA ASP B 123 -1.74 26.21 22.03
C ASP B 123 -0.53 25.33 21.69
N LEU B 124 -0.11 24.51 22.64
CA LEU B 124 1.14 23.75 22.52
C LEU B 124 0.94 22.28 22.20
N GLY B 125 -0.20 21.88 21.64
CA GLY B 125 -0.37 20.47 21.34
C GLY B 125 -1.74 20.03 20.85
N GLY B 126 -1.75 19.25 19.78
CA GLY B 126 -3.00 18.75 19.24
C GLY B 126 -2.77 17.71 18.17
N THR B 127 -3.85 17.37 17.47
CA THR B 127 -3.81 16.53 16.29
C THR B 127 -3.77 17.33 15.00
N GLY B 128 -3.83 18.66 15.08
CA GLY B 128 -4.01 19.52 13.93
C GLY B 128 -5.36 20.20 13.87
N VAL B 129 -6.34 19.74 14.66
CA VAL B 129 -7.64 20.41 14.74
C VAL B 129 -7.47 21.83 15.27
N ASN B 130 -6.47 22.04 16.11
CA ASN B 130 -6.16 23.37 16.64
C ASN B 130 -5.90 24.41 15.54
N ILE B 131 -5.26 24.01 14.44
CA ILE B 131 -5.04 24.92 13.32
C ILE B 131 -6.38 25.31 12.69
N SER B 132 -7.28 24.35 12.50
CA SER B 132 -8.60 24.67 11.98
C SER B 132 -9.37 25.57 12.93
N LEU B 133 -9.21 25.37 14.23
CA LEU B 133 -9.90 26.22 15.21
C LEU B 133 -9.39 27.66 15.11
N ARG B 134 -8.07 27.83 15.00
CA ARG B 134 -7.52 29.17 14.84
C ARG B 134 -8.03 29.83 13.56
N ASN B 135 -8.01 29.09 12.45
CA ASN B 135 -8.47 29.66 11.18
C ASN B 135 -9.96 29.99 11.23
N ALA B 136 -10.76 29.16 11.93
CA ALA B 136 -12.19 29.41 12.00
C ALA B 136 -12.50 30.60 12.89
N ILE B 137 -11.78 30.75 14.00
CA ILE B 137 -11.95 31.93 14.84
C ILE B 137 -11.56 33.19 14.08
N ASN B 138 -10.43 33.13 13.37
CA ASN B 138 -9.96 34.30 12.63
C ASN B 138 -10.92 34.66 11.50
N ALA B 139 -11.61 33.67 10.94
CA ALA B 139 -12.60 33.90 9.89
C ALA B 139 -13.92 34.44 10.43
N GLY B 140 -14.05 34.56 11.75
CA GLY B 140 -15.30 34.99 12.35
C GLY B 140 -16.34 33.91 12.51
N LEU B 141 -15.94 32.64 12.37
CA LEU B 141 -16.92 31.55 12.44
C LEU B 141 -17.25 31.17 13.88
N ILE B 142 -16.27 31.19 14.79
CA ILE B 142 -16.49 30.76 16.16
C ILE B 142 -15.80 31.73 17.12
N ASP B 143 -16.52 32.09 18.19
CA ASP B 143 -15.97 32.96 19.23
C ASP B 143 -14.82 32.27 19.96
N GLY B 144 -13.65 32.91 19.99
CA GLY B 144 -12.52 32.40 20.71
C GLY B 144 -11.40 33.42 20.84
N PRO B 145 -10.34 33.04 21.56
CA PRO B 145 -9.15 33.90 21.61
C PRO B 145 -8.36 33.83 20.31
N ARG B 146 -7.50 34.83 20.13
CA ARG B 146 -6.45 34.71 19.14
C ARG B 146 -5.58 33.52 19.52
N VAL B 147 -5.52 32.54 18.64
CA VAL B 147 -4.79 31.31 18.93
C VAL B 147 -3.51 31.33 18.11
N PHE B 148 -2.39 31.14 18.79
CA PHE B 148 -1.11 30.87 18.15
C PHE B 148 -0.80 29.43 18.52
N THR B 149 -0.80 28.56 17.52
CA THR B 149 -0.77 27.13 17.80
C THR B 149 0.48 26.50 17.21
N ALA B 150 1.02 25.52 17.94
CA ALA B 150 2.13 24.73 17.48
C ALA B 150 1.68 23.57 16.59
N GLY B 151 0.38 23.41 16.39
CA GLY B 151 -0.11 22.27 15.65
C GLY B 151 0.19 20.98 16.39
N LYS B 152 0.79 20.04 15.66
CA LYS B 152 1.17 18.76 16.23
C LYS B 152 2.53 18.89 16.90
N SER B 153 2.64 18.40 18.13
CA SER B 153 3.92 18.41 18.81
C SER B 153 4.92 17.50 18.10
N ILE B 154 6.18 17.87 18.18
CA ILE B 154 7.27 17.08 17.61
C ILE B 154 7.88 16.28 18.75
N ALA B 155 8.11 15.00 18.50
CA ALA B 155 8.79 14.14 19.47
C ALA B 155 9.71 13.21 18.70
N THR B 156 10.57 12.53 19.43
CA THR B 156 11.30 11.42 18.85
C THR B 156 10.50 10.14 19.05
N THR B 157 10.91 9.08 18.38
CA THR B 157 10.21 7.81 18.48
C THR B 157 10.07 7.39 19.94
N GLY B 158 8.84 7.05 20.33
CA GLY B 158 8.54 6.79 21.72
C GLY B 158 8.55 8.00 22.62
N GLY B 159 8.82 9.19 22.07
CA GLY B 159 8.82 10.40 22.87
C GLY B 159 7.44 10.70 23.42
N HIS B 160 7.40 11.69 24.32
CA HIS B 160 6.15 11.99 25.01
C HIS B 160 5.04 12.35 24.03
N ALA B 161 5.39 13.02 22.94
CA ALA B 161 4.43 13.44 21.94
C ALA B 161 4.35 12.47 20.75
N ASP B 162 4.84 11.25 20.90
CA ASP B 162 4.68 10.24 19.86
C ASP B 162 3.21 9.82 19.83
N PRO B 163 2.51 9.96 18.70
CA PRO B 163 1.07 9.73 18.72
C PRO B 163 0.65 8.30 18.98
N THR B 164 1.41 7.30 18.53
CA THR B 164 0.97 5.91 18.67
C THR B 164 1.61 5.25 19.88
N ASN B 165 1.98 6.03 20.88
CA ASN B 165 2.58 5.46 22.08
C ASN B 165 1.52 4.71 22.88
N GLY B 166 1.85 3.49 23.26
CA GLY B 166 0.96 2.62 24.01
C GLY B 166 -0.02 1.82 23.17
N TYR B 167 -0.04 2.00 21.86
CA TYR B 167 -0.95 1.20 21.03
C TYR B 167 -0.49 -0.25 21.02
N ARG B 168 -1.44 -1.16 20.83
CA ARG B 168 -1.11 -2.54 20.49
C ARG B 168 -0.20 -2.54 19.26
N LYS B 169 0.68 -3.52 19.16
CA LYS B 169 1.66 -3.51 18.05
C LYS B 169 0.93 -3.31 16.72
N ASP B 170 -0.24 -3.94 16.55
CA ASP B 170 -0.97 -3.86 15.26
C ASP B 170 -1.39 -2.42 14.96
N LEU B 171 -1.86 -1.69 15.98
CA LEU B 171 -2.36 -0.31 15.74
C LEU B 171 -1.21 0.71 15.89
N MET B 172 -0.03 0.26 16.32
CA MET B 172 1.08 1.20 16.59
C MET B 172 1.58 1.84 15.29
N GLY B 173 1.99 1.04 14.31
CA GLY B 173 2.55 1.63 13.11
C GLY B 173 3.91 2.26 13.36
N ASP B 174 4.48 2.94 12.35
CA ASP B 174 5.80 3.55 12.47
C ASP B 174 5.68 5.03 12.12
N PRO B 175 5.32 5.88 13.08
CA PRO B 175 5.18 7.31 12.78
C PRO B 175 6.52 7.95 12.44
N GLY B 176 6.47 8.90 11.51
CA GLY B 176 7.65 9.57 11.03
C GLY B 176 7.46 11.08 11.05
N PRO B 177 8.34 11.81 10.38
CA PRO B 177 8.29 13.28 10.45
C PRO B 177 6.93 13.87 10.10
N TYR B 178 6.23 13.29 9.12
CA TYR B 178 4.89 13.74 8.78
C TYR B 178 3.97 13.69 10.01
N GLU B 179 4.16 12.69 10.86
CA GLU B 179 3.36 12.53 12.07
C GLU B 179 3.91 13.30 13.25
N GLY B 180 5.05 13.99 13.08
CA GLY B 180 5.67 14.72 14.16
C GLY B 180 6.72 13.94 14.93
N VAL B 181 7.13 12.78 14.43
CA VAL B 181 8.15 11.95 15.09
C VAL B 181 9.41 11.96 14.24
N ALA B 182 10.51 12.46 14.81
CA ALA B 182 11.76 12.57 14.09
C ALA B 182 12.89 11.95 14.89
N ASN B 183 13.84 11.34 14.17
CA ASN B 183 15.06 10.82 14.77
C ASN B 183 16.20 11.18 13.83
N GLY B 184 17.14 11.98 14.32
CA GLY B 184 18.22 12.50 13.51
C GLY B 184 17.90 13.89 13.00
N PRO B 185 18.94 14.63 12.62
CA PRO B 185 18.74 16.06 12.29
C PRO B 185 17.92 16.33 11.03
N ASP B 186 18.15 15.58 9.95
CA ASP B 186 17.40 15.84 8.71
C ASP B 186 15.92 15.54 8.87
N GLU B 187 15.59 14.46 9.58
CA GLU B 187 14.20 14.16 9.87
C GLU B 187 13.57 15.27 10.70
N CYS B 188 14.33 15.85 11.63
CA CYS B 188 13.86 17.00 12.38
C CYS B 188 13.56 18.17 11.45
N ARG B 189 14.44 18.41 10.49
CA ARG B 189 14.21 19.47 9.52
C ARG B 189 12.88 19.26 8.80
N LYS B 190 12.63 18.03 8.36
CA LYS B 190 11.37 17.77 7.68
C LYS B 190 10.19 17.94 8.62
N ALA B 191 10.34 17.54 9.88
CA ALA B 191 9.21 17.65 10.81
C ALA B 191 8.83 19.10 11.05
N VAL B 192 9.83 19.96 11.27
CA VAL B 192 9.56 21.39 11.43
C VAL B 192 8.93 21.97 10.17
N ARG B 193 9.49 21.63 9.00
CA ARG B 193 8.91 22.12 7.75
C ARG B 193 7.49 21.62 7.56
N GLN B 194 7.19 20.41 8.04
CA GLN B 194 5.85 19.86 7.94
C GLN B 194 4.87 20.63 8.80
N ARG B 195 5.26 20.96 10.03
CA ARG B 195 4.40 21.80 10.86
C ARG B 195 4.17 23.16 10.22
N TYR B 196 5.21 23.72 9.58
CA TYR B 196 5.03 24.98 8.86
C TYR B 196 4.06 24.79 7.70
N LYS B 197 4.22 23.71 6.94
CA LYS B 197 3.34 23.39 5.82
C LYS B 197 1.90 23.24 6.29
N ASN B 198 1.69 22.66 7.46
CA ASN B 198 0.35 22.46 7.98
C ASN B 198 -0.27 23.75 8.51
N GLY B 199 0.50 24.83 8.61
CA GLY B 199 0.00 26.11 9.04
C GLY B 199 0.27 26.47 10.49
N ALA B 200 1.24 25.83 11.13
CA ALA B 200 1.54 26.13 12.52
C ALA B 200 2.19 27.51 12.67
N ASP B 201 1.91 28.15 13.80
CA ASP B 201 2.57 29.42 14.13
C ASP B 201 3.94 29.17 14.74
N LEU B 202 4.06 28.18 15.63
CA LEU B 202 5.28 27.92 16.37
C LEU B 202 5.52 26.41 16.39
N ILE B 203 6.68 26.02 16.92
CA ILE B 203 7.05 24.62 17.12
C ILE B 203 7.09 24.33 18.61
N LYS B 204 6.56 23.17 19.01
CA LYS B 204 6.71 22.67 20.37
C LYS B 204 7.27 21.25 20.32
N ILE B 205 8.24 20.96 21.19
CA ILE B 205 8.88 19.66 21.26
C ILE B 205 8.83 19.15 22.69
N THR B 206 8.96 17.82 22.83
CA THR B 206 9.02 17.16 24.13
C THR B 206 10.45 16.68 24.34
N ALA B 207 11.21 17.40 25.15
CA ALA B 207 12.64 17.13 25.32
C ALA B 207 12.94 16.10 26.39
N THR B 208 12.03 15.85 27.34
CA THR B 208 12.21 14.80 28.32
C THR B 208 10.91 14.01 28.45
N GLY B 209 10.98 12.93 29.21
CA GLY B 209 9.81 12.13 29.55
C GLY B 209 8.77 12.90 30.35
N ALA B 220 14.45 11.53 31.35
CA ALA B 220 15.42 11.19 30.31
C ALA B 220 15.33 12.17 29.16
N PRO B 221 16.48 12.55 28.59
CA PRO B 221 16.47 13.48 27.46
C PRO B 221 16.06 12.73 26.19
N GLN B 222 15.04 13.23 25.50
CA GLN B 222 14.55 12.55 24.32
C GLN B 222 15.04 13.20 23.03
N PHE B 223 15.95 14.16 23.14
CA PHE B 223 16.49 14.86 21.99
C PHE B 223 17.99 14.97 22.14
N THR B 224 18.72 14.68 21.07
CA THR B 224 20.16 14.93 21.11
C THR B 224 20.44 16.39 20.80
N ASP B 225 21.65 16.81 21.14
CA ASP B 225 22.06 18.19 20.88
C ASP B 225 21.95 18.55 19.41
N GLU B 226 22.39 17.65 18.53
CA GLU B 226 22.30 17.92 17.09
C GLU B 226 20.86 17.98 16.60
N GLU B 227 20.00 17.11 17.13
CA GLU B 227 18.59 17.18 16.76
C GLU B 227 17.97 18.51 17.18
N LEU B 228 18.28 18.96 18.40
CA LEU B 228 17.75 20.23 18.87
C LEU B 228 18.29 21.40 18.04
N ARG B 229 19.58 21.36 17.70
CA ARG B 229 20.14 22.41 16.84
C ARG B 229 19.43 22.45 15.49
N ALA B 230 19.19 21.28 14.90
CA ALA B 230 18.47 21.23 13.64
C ALA B 230 17.09 21.86 13.78
N ILE B 231 16.38 21.53 14.87
CA ILE B 231 15.03 22.06 15.04
C ILE B 231 15.06 23.57 15.23
N VAL B 232 15.97 24.08 16.06
CA VAL B 232 16.00 25.51 16.33
C VAL B 232 16.38 26.29 15.07
N GLU B 233 17.37 25.81 14.32
CA GLU B 233 17.80 26.53 13.12
C GLU B 233 16.72 26.50 12.04
N THR B 234 16.08 25.34 11.84
CA THR B 234 14.99 25.27 10.87
C THR B 234 13.86 26.18 11.28
N ALA B 235 13.47 26.14 12.56
CA ALA B 235 12.38 26.99 13.04
C ALA B 235 12.71 28.46 12.84
N ARG B 236 13.96 28.85 13.09
CA ARG B 236 14.33 30.25 12.92
C ARG B 236 14.30 30.66 11.46
N ASP B 237 14.62 29.74 10.55
CA ASP B 237 14.53 30.04 9.12
C ASP B 237 13.09 30.39 8.73
N TYR B 238 12.11 29.70 9.30
CA TYR B 238 10.70 29.90 8.96
C TYR B 238 9.99 30.83 9.95
N GLY B 239 10.72 31.58 10.76
CA GLY B 239 10.10 32.55 11.64
C GLY B 239 9.24 31.95 12.72
N MET B 240 9.55 30.73 13.14
CA MET B 240 8.80 30.04 14.18
C MET B 240 9.68 29.93 15.42
N LYS B 241 9.12 30.25 16.57
CA LYS B 241 9.84 30.04 17.81
C LYS B 241 9.69 28.59 18.27
N VAL B 242 10.53 28.21 19.22
CA VAL B 242 10.58 26.84 19.72
C VAL B 242 10.22 26.86 21.20
N ALA B 243 9.19 26.08 21.56
CA ALA B 243 8.78 25.89 22.93
C ALA B 243 9.06 24.44 23.30
N VAL B 244 9.54 24.22 24.52
CA VAL B 244 10.09 22.93 24.91
C VAL B 244 9.41 22.48 26.20
N HIS B 245 8.73 21.34 26.13
CA HIS B 245 8.18 20.67 27.29
C HIS B 245 9.25 19.77 27.88
N ALA B 246 9.69 20.09 29.10
CA ALA B 246 10.75 19.31 29.75
C ALA B 246 10.62 19.43 31.26
N HIS B 247 10.54 18.30 31.94
CA HIS B 247 10.66 18.29 33.40
C HIS B 247 12.05 17.89 33.87
N GLY B 248 12.76 17.08 33.08
CA GLY B 248 14.09 16.68 33.49
C GLY B 248 15.12 17.77 33.28
N ALA B 249 16.16 17.73 34.11
CA ALA B 249 17.17 18.79 34.11
C ALA B 249 18.01 18.77 32.83
N GLU B 250 18.45 17.58 32.41
CA GLU B 250 19.35 17.49 31.26
C GLU B 250 18.65 17.96 29.99
N GLY B 251 17.38 17.56 29.82
CA GLY B 251 16.64 18.01 28.65
C GLY B 251 16.48 19.51 28.61
N MET B 252 16.18 20.13 29.77
CA MET B 252 16.10 21.58 29.81
C MET B 252 17.43 22.22 29.43
N LYS B 253 18.54 21.67 29.95
CA LYS B 253 19.83 22.29 29.68
C LYS B 253 20.22 22.12 28.21
N ARG B 254 19.92 20.97 27.63
CA ARG B 254 20.14 20.79 26.19
C ARG B 254 19.30 21.76 25.36
N ALA B 255 18.01 21.88 25.70
CA ALA B 255 17.15 22.79 24.95
C ALA B 255 17.61 24.23 25.10
N LEU B 256 17.97 24.63 26.32
CA LEU B 256 18.43 25.99 26.56
C LEU B 256 19.72 26.29 25.82
N ARG B 257 20.65 25.33 25.80
CA ARG B 257 21.88 25.53 25.04
C ARG B 257 21.62 25.57 23.54
N ALA B 258 20.62 24.81 23.08
CA ALA B 258 20.29 24.81 21.65
C ALA B 258 19.73 26.15 21.21
N GLY B 259 19.12 26.91 22.12
CA GLY B 259 18.61 28.21 21.79
C GLY B 259 17.09 28.25 21.71
N VAL B 260 16.43 27.36 22.45
CA VAL B 260 14.98 27.37 22.45
C VAL B 260 14.48 28.64 23.15
N HIS B 261 13.23 28.97 22.87
CA HIS B 261 12.68 30.24 23.31
C HIS B 261 11.94 30.16 24.64
N SER B 262 11.45 28.99 25.02
CA SER B 262 10.68 28.85 26.25
C SER B 262 10.81 27.42 26.77
N ILE B 263 10.71 27.27 28.09
CA ILE B 263 10.67 25.98 28.76
C ILE B 263 9.38 25.88 29.55
N GLU B 264 8.73 24.72 29.48
CA GLU B 264 7.47 24.49 30.17
C GLU B 264 7.68 23.53 31.34
N HIS B 265 7.05 23.86 32.48
CA HIS B 265 7.12 23.09 33.72
C HIS B 265 8.53 23.08 34.29
N GLY B 266 9.43 22.32 33.68
CA GLY B 266 10.81 22.28 34.16
C GLY B 266 10.93 21.98 35.63
N THR B 267 9.99 21.17 36.12
CA THR B 267 9.85 20.87 37.56
C THR B 267 11.18 20.70 38.25
N TYR B 268 12.13 20.01 37.62
CA TYR B 268 13.44 19.93 38.32
C TYR B 268 14.37 20.85 37.57
N MET B 269 14.86 21.87 38.27
CA MET B 269 15.74 22.85 37.59
C MET B 269 17.11 22.84 38.30
N ASP B 270 18.17 22.61 37.54
CA ASP B 270 19.54 22.70 38.10
C ASP B 270 19.88 24.18 38.29
N ASP B 271 20.69 24.52 39.28
CA ASP B 271 21.16 25.93 39.37
C ASP B 271 21.81 26.25 38.03
N GLU B 272 22.38 25.22 37.38
CA GLU B 272 22.97 25.42 36.03
C GLU B 272 21.88 25.85 35.05
N ALA B 273 20.69 25.24 35.12
CA ALA B 273 19.61 25.64 34.23
C ALA B 273 19.21 27.09 34.46
N ILE B 274 19.35 27.59 35.68
CA ILE B 274 18.99 28.98 35.96
C ILE B 274 20.00 29.91 35.30
N GLU B 275 21.29 29.56 35.36
CA GLU B 275 22.27 30.38 34.66
C GLU B 275 22.10 30.30 33.15
N LEU B 276 21.70 29.14 32.63
CA LEU B 276 21.41 29.02 31.20
C LEU B 276 20.22 29.91 30.82
N PHE B 277 19.16 29.87 31.62
CA PHE B 277 18.02 30.76 31.41
C PHE B 277 18.47 32.20 31.33
N LYS B 278 19.31 32.61 32.27
CA LYS B 278 19.69 34.01 32.36
C LYS B 278 20.61 34.42 31.22
N LYS B 279 21.47 33.51 30.74
CA LYS B 279 22.35 33.89 29.64
C LYS B 279 21.63 33.86 28.30
N THR B 280 20.70 32.91 28.11
CA THR B 280 20.00 32.80 26.84
C THR B 280 18.84 33.79 26.73
N GLY B 281 18.24 34.17 27.86
CA GLY B 281 17.06 35.01 27.82
C GLY B 281 15.77 34.28 27.54
N ALA B 282 15.78 32.95 27.54
CA ALA B 282 14.56 32.19 27.34
C ALA B 282 13.56 32.45 28.46
N TYR B 283 12.28 32.30 28.13
CA TYR B 283 11.23 32.47 29.11
C TYR B 283 10.94 31.14 29.81
N TYR B 284 10.56 31.23 31.08
CA TYR B 284 10.14 30.08 31.86
C TYR B 284 8.64 30.20 32.10
N VAL B 285 7.90 29.18 31.67
CA VAL B 285 6.44 29.11 31.80
C VAL B 285 6.13 28.07 32.86
N PRO B 286 5.70 28.46 34.05
CA PRO B 286 5.73 27.55 35.21
C PRO B 286 4.73 26.40 35.17
N THR B 287 3.48 26.69 34.83
CA THR B 287 2.41 25.68 34.85
C THR B 287 2.20 25.13 36.27
N ILE B 288 2.06 26.04 37.23
CA ILE B 288 1.82 25.58 38.59
C ILE B 288 0.43 24.96 38.71
N LEU B 289 -0.53 25.56 38.01
CA LEU B 289 -1.95 25.09 38.08
C LEU B 289 -2.00 23.62 37.62
N ALA B 290 -1.69 23.37 36.36
CA ALA B 290 -1.67 21.95 35.93
C ALA B 290 -0.55 21.25 36.68
N GLY B 291 -0.82 20.03 37.15
CA GLY B 291 0.15 19.24 37.92
C GLY B 291 -0.08 19.50 39.39
N ARG B 292 -0.78 20.58 39.75
CA ARG B 292 -1.23 20.72 41.15
C ARG B 292 -2.25 19.59 41.28
N THR B 293 -3.06 19.43 40.23
CA THR B 293 -4.10 18.37 40.18
C THR B 293 -3.46 17.01 40.24
N VAL B 294 -2.34 16.84 39.52
CA VAL B 294 -1.67 15.50 39.46
C VAL B 294 -1.10 15.17 40.85
N GLY B 316 5.01 16.68 43.76
CA GLY B 316 3.82 17.47 43.58
C GLY B 316 4.06 18.96 43.78
N PRO B 317 4.00 19.42 45.04
CA PRO B 317 4.25 20.84 45.32
C PRO B 317 5.62 21.33 44.89
N GLN B 318 6.53 20.41 44.52
CA GLN B 318 7.83 20.75 43.98
C GLN B 318 7.75 21.93 43.01
N ILE B 319 6.74 21.94 42.14
CA ILE B 319 6.69 22.92 41.07
C ILE B 319 6.67 24.33 41.63
N GLN B 320 5.92 24.56 42.71
CA GLN B 320 5.91 25.91 43.29
C GLN B 320 7.27 26.27 43.85
N LYS B 321 7.91 25.33 44.55
CA LYS B 321 9.26 25.58 45.03
C LYS B 321 10.15 25.98 43.87
N THR B 322 10.05 25.23 42.76
CA THR B 322 10.89 25.53 41.62
C THR B 322 10.59 26.92 41.09
N PHE B 323 9.29 27.24 40.98
CA PHE B 323 8.93 28.55 40.46
C PHE B 323 9.50 29.65 41.32
N ALA B 324 9.45 29.47 42.65
CA ALA B 324 9.98 30.50 43.53
C ALA B 324 11.44 30.75 43.22
N LYS B 325 12.22 29.66 43.16
CA LYS B 325 13.65 29.80 42.95
C LYS B 325 13.90 30.45 41.60
N ALA B 326 13.06 30.16 40.60
CA ALA B 326 13.24 30.82 39.30
C ALA B 326 12.96 32.31 39.41
N TYR B 327 11.82 32.68 40.03
CA TYR B 327 11.45 34.09 40.06
C TYR B 327 12.46 34.90 40.86
N LYS B 328 12.85 34.39 42.03
CA LYS B 328 13.84 35.09 42.84
C LYS B 328 15.16 35.22 42.10
N SER B 329 15.49 34.24 41.26
CA SER B 329 16.77 34.30 40.58
C SER B 329 16.81 35.35 39.47
N GLY B 330 15.66 35.86 39.05
CA GLY B 330 15.61 36.80 37.96
C GLY B 330 15.32 36.16 36.62
N VAL B 331 14.91 34.89 36.61
CA VAL B 331 14.52 34.21 35.38
C VAL B 331 13.31 34.89 34.77
N LYS B 332 13.36 35.05 33.44
CA LYS B 332 12.21 35.56 32.71
C LYS B 332 11.03 34.60 32.84
N ILE B 333 9.87 35.14 33.19
CA ILE B 333 8.68 34.34 33.46
C ILE B 333 7.56 34.80 32.56
N ALA B 334 6.90 33.86 31.88
CA ALA B 334 5.68 34.11 31.13
C ALA B 334 4.56 33.22 31.66
N PHE B 335 3.35 33.76 31.64
CA PHE B 335 2.20 33.11 32.26
C PHE B 335 1.70 31.95 31.41
N GLY B 336 1.57 30.78 32.03
CA GLY B 336 1.02 29.62 31.36
C GLY B 336 0.38 28.67 32.35
N THR B 337 -0.81 28.17 32.00
CA THR B 337 -1.57 27.34 32.92
C THR B 337 -1.58 25.86 32.56
N ASP B 338 -1.40 25.53 31.27
CA ASP B 338 -1.56 24.13 30.77
C ASP B 338 -3.05 23.79 30.89
N SER B 339 -3.89 24.66 30.35
CA SER B 339 -5.36 24.47 30.48
C SER B 339 -5.83 23.24 29.72
N GLY B 340 -6.86 22.54 30.21
CA GLY B 340 -7.24 21.25 29.59
C GLY B 340 -7.04 20.19 30.64
N LYS B 341 -5.81 19.99 31.10
CA LYS B 341 -5.62 19.09 32.27
C LYS B 341 -6.40 19.81 33.36
N SER B 342 -6.31 21.13 33.40
CA SER B 342 -7.13 21.95 34.32
C SER B 342 -8.32 22.43 33.50
N VAL B 343 -9.53 22.49 34.07
CA VAL B 343 -10.71 22.82 33.22
C VAL B 343 -10.53 24.20 32.58
N HIS B 344 -10.92 24.34 31.32
CA HIS B 344 -10.75 25.62 30.58
C HIS B 344 -11.61 26.72 31.21
N GLY B 345 -11.11 27.95 31.21
CA GLY B 345 -11.82 29.09 31.84
C GLY B 345 -11.51 29.20 33.32
N LEU B 346 -10.64 28.34 33.85
CA LEU B 346 -10.22 28.46 35.27
C LEU B 346 -8.74 28.86 35.27
N ASN B 347 -8.25 29.42 34.17
CA ASN B 347 -6.84 29.77 34.07
C ASN B 347 -6.44 30.82 35.10
N ALA B 348 -7.34 31.76 35.42
CA ALA B 348 -6.99 32.85 36.33
C ALA B 348 -6.51 32.35 37.68
N ILE B 349 -6.89 31.12 38.06
CA ILE B 349 -6.44 30.55 39.32
C ILE B 349 -4.92 30.58 39.42
N GLU B 350 -4.24 30.30 38.31
CA GLU B 350 -2.78 30.29 38.30
C GLU B 350 -2.21 31.61 38.81
N PHE B 351 -2.86 32.73 38.48
CA PHE B 351 -2.42 34.02 38.99
C PHE B 351 -2.23 33.97 40.50
N GLU B 352 -3.25 33.51 41.22
CA GLU B 352 -3.16 33.42 42.67
C GLU B 352 -1.95 32.59 43.07
N LEU B 353 -1.79 31.43 42.43
CA LEU B 353 -0.69 30.55 42.81
C LEU B 353 0.65 31.20 42.56
N MET B 354 0.75 32.04 41.53
CA MET B 354 2.02 32.74 41.32
C MET B 354 2.26 33.80 42.38
N VAL B 355 1.21 34.48 42.84
CA VAL B 355 1.40 35.48 43.89
C VAL B 355 1.68 34.82 45.23
N GLU B 356 1.05 33.66 45.48
CA GLU B 356 1.25 32.97 46.75
C GLU B 356 2.67 32.45 46.86
N ALA B 357 3.31 32.18 45.72
CA ALA B 357 4.71 31.78 45.66
C ALA B 357 5.67 32.94 45.79
N GLY B 358 5.18 34.18 45.95
CA GLY B 358 6.06 35.33 46.14
C GLY B 358 6.20 36.24 44.95
N MET B 359 5.44 36.05 43.89
CA MET B 359 5.54 36.98 42.77
C MET B 359 4.58 38.13 43.02
N PRO B 360 5.02 39.38 42.89
CA PRO B 360 4.13 40.50 43.17
C PRO B 360 3.03 40.58 42.11
N PRO B 361 1.82 40.99 42.47
CA PRO B 361 0.72 40.97 41.50
C PRO B 361 1.03 41.70 40.20
N LEU B 362 1.71 42.85 40.26
CA LEU B 362 2.09 43.54 39.03
C LEU B 362 2.97 42.65 38.16
N GLU B 363 3.91 41.91 38.76
CA GLU B 363 4.78 41.08 37.93
C GLU B 363 4.02 39.90 37.32
N ALA B 364 3.03 39.35 38.04
CA ALA B 364 2.21 38.29 37.45
C ALA B 364 1.38 38.81 36.27
N ILE B 365 0.72 39.96 36.46
CA ILE B 365 -0.09 40.52 35.38
C ILE B 365 0.80 40.90 34.19
N ARG B 366 2.02 41.35 34.47
CA ARG B 366 2.97 41.63 33.38
C ARG B 366 3.41 40.35 32.68
N SER B 367 3.51 39.25 33.43
CA SER B 367 3.84 37.97 32.81
C SER B 367 2.72 37.47 31.91
N ALA B 368 1.48 37.81 32.22
CA ALA B 368 0.37 37.46 31.34
C ALA B 368 0.18 38.44 30.20
N THR B 369 0.85 39.59 30.21
CA THR B 369 0.64 40.60 29.17
C THR B 369 1.92 40.96 28.44
N LEU B 370 2.80 41.74 29.06
CA LEU B 370 4.00 42.21 28.37
C LEU B 370 4.93 41.06 28.03
N ASN B 371 5.26 40.23 29.03
CA ASN B 371 6.14 39.09 28.80
C ASN B 371 5.54 38.12 27.81
N ALA B 372 4.23 37.89 27.88
CA ALA B 372 3.58 36.99 26.94
C ALA B 372 3.69 37.49 25.50
N ALA B 373 3.39 38.78 25.29
CA ALA B 373 3.49 39.35 23.94
C ALA B 373 4.92 39.32 23.44
N ASP B 374 5.89 39.50 24.33
CA ASP B 374 7.29 39.39 23.91
C ASP B 374 7.63 37.96 23.52
N LEU B 375 7.17 36.99 24.30
CA LEU B 375 7.42 35.58 24.00
C LEU B 375 6.79 35.17 22.67
N LEU B 376 5.61 35.71 22.37
CA LEU B 376 4.95 35.39 21.11
C LEU B 376 5.70 35.97 19.91
N GLY B 377 6.42 37.08 20.12
CA GLY B 377 7.05 37.77 19.01
C GLY B 377 6.12 38.75 18.34
N VAL B 378 5.13 39.25 19.05
CA VAL B 378 4.14 40.19 18.53
C VAL B 378 4.35 41.54 19.24
N ASN B 379 4.23 42.63 18.49
CA ASN B 379 4.44 43.96 19.06
C ASN B 379 3.18 44.79 19.23
N ASN B 380 2.01 44.27 18.88
CA ASN B 380 0.78 45.07 18.99
C ASN B 380 -0.20 44.54 20.04
N LEU B 381 0.25 43.69 20.95
CA LEU B 381 -0.64 43.19 21.99
C LEU B 381 0.07 43.29 23.35
N GLY B 382 -0.74 43.32 24.41
CA GLY B 382 -0.23 43.30 25.77
C GLY B 382 -0.08 44.63 26.48
N SER B 383 -0.51 45.73 25.87
CA SER B 383 -0.46 47.02 26.57
C SER B 383 -1.45 47.94 25.89
N ILE B 384 -2.25 48.66 26.68
CA ILE B 384 -3.23 49.59 26.14
C ILE B 384 -2.54 50.94 25.94
N GLU B 385 -2.23 51.22 24.68
CA GLU B 385 -1.50 52.40 24.24
C GLU B 385 -1.77 52.52 22.74
N ALA B 386 -1.47 53.68 22.18
CA ALA B 386 -1.71 53.91 20.77
C ALA B 386 -0.97 52.90 19.90
N GLY B 387 -1.65 52.44 18.85
CA GLY B 387 -1.08 51.53 17.88
C GLY B 387 -1.24 50.05 18.18
N MET B 388 -1.87 49.68 19.28
CA MET B 388 -2.02 48.28 19.65
C MET B 388 -3.42 47.79 19.34
N LEU B 389 -3.59 46.47 19.39
CA LEU B 389 -4.86 45.86 19.07
C LEU B 389 -5.77 45.96 20.29
N ALA B 390 -7.06 46.23 20.04
CA ALA B 390 -7.98 46.54 21.12
C ALA B 390 -8.37 45.24 21.82
N ASP B 391 -7.48 44.73 22.65
CA ASP B 391 -7.76 43.59 23.51
C ASP B 391 -7.82 44.10 24.94
N VAL B 392 -9.03 44.18 25.49
CA VAL B 392 -9.27 44.85 26.76
C VAL B 392 -10.15 43.98 27.64
N ILE B 393 -9.77 43.80 28.90
CA ILE B 393 -10.63 43.14 29.89
C ILE B 393 -10.80 44.09 31.07
N ALA B 394 -11.86 43.87 31.83
CA ALA B 394 -12.11 44.69 33.01
C ALA B 394 -12.74 43.86 34.12
N VAL B 395 -12.30 44.15 35.34
CA VAL B 395 -12.69 43.46 36.56
C VAL B 395 -13.27 44.48 37.55
N GLU B 396 -13.81 43.98 38.66
CA GLU B 396 -14.54 44.81 39.62
C GLU B 396 -13.63 45.52 40.62
N ASP B 397 -12.61 44.84 41.14
CA ASP B 397 -11.78 45.34 42.23
C ASP B 397 -10.32 45.43 41.77
N ASN B 398 -9.48 45.98 42.63
CA ASN B 398 -8.09 46.25 42.27
C ASN B 398 -7.32 44.95 42.13
N PRO B 399 -6.84 44.60 40.94
CA PRO B 399 -6.08 43.34 40.79
C PRO B 399 -4.73 43.36 41.49
N LEU B 400 -4.14 44.54 41.72
CA LEU B 400 -2.86 44.61 42.41
C LEU B 400 -2.98 44.46 43.92
N GLU B 401 -4.15 44.73 44.49
CA GLU B 401 -4.35 44.52 45.92
C GLU B 401 -4.92 43.14 46.22
N ASN B 402 -5.69 42.57 45.29
CA ASN B 402 -6.10 41.18 45.40
C ASN B 402 -6.17 40.59 43.99
N ILE B 403 -5.23 39.70 43.67
CA ILE B 403 -5.19 39.13 42.32
C ILE B 403 -6.36 38.19 42.05
N SER B 404 -6.98 37.63 43.09
CA SER B 404 -8.07 36.69 42.84
C SER B 404 -9.29 37.36 42.21
N THR B 405 -9.35 38.69 42.21
CA THR B 405 -10.40 39.39 41.46
C THR B 405 -10.34 39.05 39.99
N LEU B 406 -9.20 38.58 39.48
CA LEU B 406 -9.11 38.23 38.06
C LEU B 406 -9.90 36.99 37.71
N ARG B 407 -10.37 36.19 38.67
CA ARG B 407 -11.15 35.03 38.27
C ARG B 407 -12.60 35.35 37.95
N LYS B 408 -13.04 36.60 38.12
CA LYS B 408 -14.36 37.03 37.68
C LYS B 408 -14.15 38.28 36.82
N VAL B 409 -13.98 38.06 35.51
CA VAL B 409 -13.81 39.13 34.55
C VAL B 409 -15.19 39.55 34.05
N VAL B 410 -15.50 40.84 34.18
CA VAL B 410 -16.82 41.36 33.84
C VAL B 410 -16.89 42.01 32.46
N PHE B 411 -15.77 42.37 31.86
CA PHE B 411 -15.80 42.99 30.55
C PHE B 411 -14.71 42.39 29.68
N VAL B 412 -15.09 41.94 28.48
CA VAL B 412 -14.15 41.31 27.55
C VAL B 412 -14.41 41.87 26.15
N MET B 413 -13.37 42.44 25.54
CA MET B 413 -13.41 42.95 24.18
C MET B 413 -12.14 42.44 23.49
N LYS B 414 -12.32 41.74 22.37
CA LYS B 414 -11.22 41.22 21.58
C LYS B 414 -11.32 41.83 20.19
N ASP B 415 -10.21 42.36 19.71
CA ASP B 415 -10.19 43.19 18.49
C ASP B 415 -11.16 44.34 18.80
N GLY B 416 -11.94 44.85 17.84
CA GLY B 416 -12.84 45.91 18.21
C GLY B 416 -14.13 45.47 18.89
N LYS B 417 -14.47 44.18 18.79
CA LYS B 417 -15.78 43.69 19.20
C LYS B 417 -15.86 43.32 20.68
N VAL B 418 -16.97 43.67 21.30
CA VAL B 418 -17.23 43.37 22.71
C VAL B 418 -17.93 42.02 22.78
N TYR B 419 -17.31 41.09 23.50
CA TYR B 419 -17.89 39.76 23.71
C TYR B 419 -18.58 39.62 25.05
N LYS B 420 -18.15 40.35 26.08
CA LYS B 420 -18.74 40.19 27.40
C LYS B 420 -18.86 41.54 28.09
N GLN B 421 -20.04 41.82 28.64
CA GLN B 421 -20.28 43.08 29.33
C GLN B 421 -21.33 42.83 30.41
N GLU B 422 -20.95 42.08 31.44
CA GLU B 422 -21.87 41.73 32.53
C GLU B 422 -22.32 42.97 33.29
N ALA C 17 -1.38 -46.43 33.19
CA ALA C 17 -1.51 -46.36 34.64
C ALA C 17 -2.94 -46.67 35.09
N THR C 18 -3.07 -47.24 36.29
CA THR C 18 -4.35 -47.68 36.82
C THR C 18 -4.69 -46.86 38.06
N THR C 19 -5.90 -46.33 38.10
CA THR C 19 -6.40 -45.57 39.24
C THR C 19 -7.75 -46.11 39.66
N LEU C 20 -7.93 -46.27 40.97
CA LEU C 20 -9.20 -46.71 41.55
C LEU C 20 -9.80 -45.55 42.34
N LEU C 21 -11.05 -45.24 42.05
CA LEU C 21 -11.79 -44.21 42.76
C LEU C 21 -12.79 -44.91 43.68
N HIS C 22 -12.63 -44.72 44.98
CA HIS C 22 -13.56 -45.27 45.96
C HIS C 22 -14.62 -44.22 46.20
N CYS C 23 -15.73 -44.33 45.49
CA CYS C 23 -16.75 -43.30 45.48
C CYS C 23 -17.86 -43.70 46.45
N GLY C 24 -18.13 -42.82 47.41
CA GLY C 24 -19.25 -43.02 48.30
C GLY C 24 -20.57 -42.99 47.54
N HIS C 25 -20.72 -42.01 46.66
CA HIS C 25 -21.86 -41.93 45.76
C HIS C 25 -21.35 -41.58 44.37
N LEU C 26 -21.77 -42.36 43.38
CA LEU C 26 -21.40 -42.11 41.99
C LEU C 26 -22.69 -41.97 41.18
N LEU C 27 -22.77 -40.88 40.41
CA LEU C 27 -24.00 -40.57 39.69
C LEU C 27 -24.00 -41.28 38.34
N ASP C 28 -24.95 -42.18 38.16
CA ASP C 28 -25.28 -42.72 36.84
C ASP C 28 -26.27 -41.74 36.23
N VAL C 29 -25.74 -40.86 35.36
CA VAL C 29 -26.53 -39.78 34.78
C VAL C 29 -27.58 -40.33 33.83
N LYS C 30 -27.31 -41.48 33.19
CA LYS C 30 -28.26 -42.03 32.24
C LYS C 30 -29.52 -42.55 32.95
N LYS C 31 -29.35 -43.33 34.00
CA LYS C 31 -30.49 -43.79 34.78
C LYS C 31 -30.90 -42.79 35.84
N GLY C 32 -30.11 -41.73 36.02
CA GLY C 32 -30.43 -40.70 36.99
C GLY C 32 -30.39 -41.19 38.41
N LYS C 33 -29.55 -42.19 38.70
CA LYS C 33 -29.53 -42.83 40.00
C LYS C 33 -28.14 -42.82 40.59
N TRP C 34 -28.05 -42.63 41.90
CA TRP C 34 -26.80 -42.82 42.62
C TRP C 34 -26.51 -44.29 42.83
N LEU C 35 -25.24 -44.66 42.69
CA LEU C 35 -24.74 -45.96 43.08
C LEU C 35 -23.90 -45.70 44.33
N GLU C 36 -24.09 -46.49 45.38
CA GLU C 36 -23.42 -46.21 46.64
C GLU C 36 -22.30 -47.21 46.91
N GLY C 37 -21.17 -46.69 47.41
CA GLY C 37 -19.96 -47.43 47.72
C GLY C 37 -19.42 -48.26 46.57
N VAL C 38 -18.96 -47.61 45.49
CA VAL C 38 -18.48 -48.34 44.31
C VAL C 38 -17.03 -47.92 44.03
N THR C 39 -16.40 -48.66 43.13
CA THR C 39 -15.05 -48.36 42.67
C THR C 39 -15.11 -48.05 41.18
N VAL C 40 -14.49 -46.95 40.78
CA VAL C 40 -14.31 -46.63 39.37
C VAL C 40 -12.87 -47.00 39.01
N ARG C 41 -12.71 -47.93 38.09
CA ARG C 41 -11.39 -48.34 37.64
C ARG C 41 -11.11 -47.66 36.32
N ILE C 42 -10.03 -46.87 36.30
CA ILE C 42 -9.57 -46.13 35.13
C ILE C 42 -8.19 -46.66 34.76
N GLU C 43 -7.99 -46.96 33.49
CA GLU C 43 -6.66 -47.29 32.97
C GLU C 43 -6.23 -46.17 32.04
N GLY C 44 -5.09 -45.55 32.32
CA GLY C 44 -4.65 -44.43 31.51
C GLY C 44 -5.64 -43.29 31.59
N ASN C 45 -6.25 -42.98 30.44
CA ASN C 45 -7.17 -41.86 30.30
C ASN C 45 -8.62 -42.28 30.16
N THR C 46 -8.91 -43.58 30.29
CA THR C 46 -10.22 -44.12 29.95
C THR C 46 -10.85 -44.82 31.15
N ILE C 47 -12.16 -44.62 31.34
CA ILE C 47 -12.89 -45.33 32.37
C ILE C 47 -13.03 -46.78 31.94
N ARG C 48 -12.44 -47.70 32.71
CA ARG C 48 -12.53 -49.10 32.35
C ARG C 48 -13.76 -49.78 32.97
N GLY C 49 -14.16 -49.40 34.18
CA GLY C 49 -15.43 -49.94 34.65
C GLY C 49 -15.83 -49.44 36.01
N ILE C 50 -17.00 -49.93 36.45
CA ILE C 50 -17.56 -49.66 37.77
C ILE C 50 -17.76 -50.99 38.49
N GLU C 51 -17.17 -51.14 39.66
CA GLU C 51 -17.21 -52.38 40.42
C GLU C 51 -17.89 -52.16 41.76
N LYS C 52 -18.53 -53.21 42.27
CA LYS C 52 -19.22 -53.12 43.54
C LYS C 52 -18.22 -53.04 44.68
N GLY C 53 -18.55 -52.24 45.69
CA GLY C 53 -17.67 -52.11 46.82
C GLY C 53 -16.49 -51.20 46.52
N TYR C 54 -15.67 -51.03 47.53
CA TYR C 54 -14.39 -50.32 47.42
C TYR C 54 -13.33 -51.39 47.20
N VAL C 55 -13.02 -51.65 45.93
CA VAL C 55 -12.11 -52.74 45.57
C VAL C 55 -10.73 -52.46 46.13
N ALA C 56 -10.12 -53.49 46.74
CA ALA C 56 -8.79 -53.31 47.36
C ALA C 56 -7.71 -53.24 46.29
N PRO C 57 -6.84 -52.20 46.33
CA PRO C 57 -5.85 -52.04 45.28
C PRO C 57 -4.72 -53.05 45.16
N LYS C 58 -4.43 -53.49 43.94
CA LYS C 58 -3.25 -54.36 43.67
C LYS C 58 -2.05 -53.40 43.59
N ALA C 59 -0.82 -53.91 43.69
CA ALA C 59 0.34 -53.00 43.69
C ALA C 59 0.42 -52.28 42.34
N GLY C 60 0.79 -50.99 42.38
CA GLY C 60 0.91 -50.19 41.15
C GLY C 60 -0.41 -49.52 40.82
N GLU C 61 -1.43 -49.76 41.64
CA GLU C 61 -2.74 -49.19 41.35
C GLU C 61 -2.88 -48.03 42.33
N LYS C 62 -3.25 -46.87 41.83
CA LYS C 62 -3.37 -45.72 42.69
C LYS C 62 -4.83 -45.59 43.09
N VAL C 63 -5.07 -45.18 44.32
CA VAL C 63 -6.41 -45.15 44.87
C VAL C 63 -6.64 -43.75 45.39
N ILE C 64 -7.78 -43.18 45.02
CA ILE C 64 -8.21 -41.87 45.47
C ILE C 64 -9.51 -42.02 46.25
N ASP C 65 -9.52 -41.48 47.46
CA ASP C 65 -10.59 -41.68 48.42
C ASP C 65 -11.65 -40.60 48.23
N LEU C 66 -12.78 -41.00 47.62
CA LEU C 66 -13.96 -40.16 47.51
C LEU C 66 -15.14 -40.81 48.22
N ARG C 67 -14.84 -41.55 49.29
CA ARG C 67 -15.88 -42.28 50.01
C ARG C 67 -16.86 -41.34 50.69
N SER C 68 -16.40 -40.17 51.13
CA SER C 68 -17.28 -39.17 51.71
C SER C 68 -17.90 -38.24 50.68
N ARG C 69 -17.69 -38.51 49.39
CA ARG C 69 -18.01 -37.56 48.34
C ARG C 69 -19.06 -38.08 47.38
N TYR C 70 -19.72 -37.15 46.70
CA TYR C 70 -20.63 -37.45 45.61
C TYR C 70 -19.89 -37.25 44.29
N VAL C 71 -19.92 -38.27 43.43
CA VAL C 71 -19.09 -38.32 42.24
C VAL C 71 -19.97 -38.24 40.99
N LEU C 72 -19.61 -37.33 40.09
CA LEU C 72 -20.38 -37.06 38.88
C LEU C 72 -19.42 -36.97 37.71
N PRO C 73 -19.92 -37.13 36.48
CA PRO C 73 -19.09 -36.87 35.30
C PRO C 73 -18.67 -35.42 35.20
N GLY C 74 -17.60 -35.20 34.45
CA GLY C 74 -17.07 -33.87 34.23
C GLY C 74 -18.08 -32.96 33.55
N LEU C 75 -18.25 -31.76 34.08
CA LEU C 75 -19.20 -30.81 33.53
C LEU C 75 -18.66 -30.14 32.28
N MET C 76 -19.58 -29.76 31.40
CA MET C 76 -19.21 -29.11 30.15
C MET C 76 -20.05 -27.86 29.93
N ASP C 77 -19.37 -26.80 29.50
CA ASP C 77 -19.94 -25.47 29.31
C ASP C 77 -19.87 -25.11 27.83
N MET C 78 -21.01 -24.85 27.21
CA MET C 78 -21.06 -24.66 25.76
C MET C 78 -21.19 -23.19 25.35
N HIS C 79 -20.91 -22.25 26.26
CA HIS C 79 -20.69 -20.85 25.88
C HIS C 79 -19.68 -20.27 26.86
N VAL C 80 -18.41 -20.18 26.43
CA VAL C 80 -17.37 -19.54 27.21
C VAL C 80 -16.50 -18.74 26.23
N HIS C 81 -15.86 -17.69 26.74
CA HIS C 81 -14.91 -16.89 25.98
C HIS C 81 -13.60 -16.84 26.78
N LEU C 82 -12.70 -17.80 26.52
CA LEU C 82 -11.49 -17.94 27.33
C LEU C 82 -10.44 -16.87 27.07
N GLU C 83 -10.56 -16.08 26.00
CA GLU C 83 -9.56 -15.04 25.76
C GLU C 83 -9.73 -13.85 26.70
N SER C 84 -10.95 -13.52 27.10
CA SER C 84 -11.21 -12.29 27.84
C SER C 84 -11.92 -12.57 29.14
N GLU C 85 -11.88 -11.57 30.02
CA GLU C 85 -12.67 -11.52 31.24
C GLU C 85 -13.05 -10.07 31.49
N THR C 86 -14.24 -9.85 32.05
CA THR C 86 -14.75 -8.50 32.22
C THR C 86 -14.10 -7.75 33.38
N ASN C 87 -13.90 -6.46 33.15
CA ASN C 87 -13.20 -5.54 34.03
C ASN C 87 -13.59 -4.13 33.59
N PRO C 88 -13.41 -3.13 34.45
CA PRO C 88 -13.86 -1.77 34.07
C PRO C 88 -13.21 -1.28 32.80
N HIS C 89 -12.22 -2.01 32.26
CA HIS C 89 -11.37 -1.52 31.20
C HIS C 89 -11.32 -2.37 29.92
N ASN C 90 -12.33 -3.21 29.65
CA ASN C 90 -12.23 -4.07 28.46
C ASN C 90 -12.26 -3.22 27.19
N THR C 91 -13.05 -2.15 27.20
CA THR C 91 -13.21 -1.39 25.97
C THR C 91 -11.92 -0.69 25.59
N LEU C 92 -11.15 -0.25 26.59
CA LEU C 92 -9.83 0.37 26.30
C LEU C 92 -8.78 -0.72 26.08
N GLU C 93 -8.97 -1.90 26.68
CA GLU C 93 -7.95 -2.99 26.63
C GLU C 93 -7.71 -3.43 25.19
N ARG C 94 -8.76 -3.48 24.36
CA ARG C 94 -8.60 -4.03 23.00
C ARG C 94 -7.58 -3.19 22.22
N PHE C 95 -7.61 -1.87 22.39
CA PHE C 95 -6.65 -0.97 21.70
C PHE C 95 -5.22 -1.17 22.25
N ILE C 96 -5.07 -1.73 23.46
CA ILE C 96 -3.70 -1.88 24.05
C ILE C 96 -3.15 -3.32 24.10
N LEU C 97 -3.97 -4.37 24.07
CA LEU C 97 -3.44 -5.70 24.31
C LEU C 97 -3.00 -6.39 23.03
N ASN C 98 -1.83 -7.01 23.10
CA ASN C 98 -1.28 -7.80 21.99
C ASN C 98 -1.67 -9.26 22.17
N PRO C 99 -1.50 -10.08 21.12
CA PRO C 99 -1.87 -11.50 21.27
C PRO C 99 -1.20 -12.21 22.44
N ALA C 100 0.07 -11.90 22.72
CA ALA C 100 0.77 -12.57 23.80
C ALA C 100 0.15 -12.25 25.16
N ASP C 101 -0.21 -10.98 25.38
CA ASP C 101 -0.88 -10.59 26.61
C ASP C 101 -2.15 -11.39 26.81
N ILE C 102 -2.94 -11.53 25.73
CA ILE C 102 -4.17 -12.29 25.76
C ILE C 102 -3.89 -13.74 26.13
N ALA C 103 -2.86 -14.34 25.53
CA ALA C 103 -2.53 -15.73 25.85
C ALA C 103 -2.18 -15.89 27.32
N TYR C 104 -1.40 -14.95 27.87
CA TYR C 104 -0.97 -15.08 29.26
C TYR C 104 -2.17 -14.92 30.21
N ARG C 105 -3.13 -14.05 29.88
CA ARG C 105 -4.36 -13.97 30.66
C ARG C 105 -5.20 -15.24 30.54
N SER C 106 -5.35 -15.73 29.31
CA SER C 106 -6.12 -16.94 29.03
C SER C 106 -5.59 -18.13 29.81
N VAL C 107 -4.28 -18.17 30.07
CA VAL C 107 -3.70 -19.27 30.84
C VAL C 107 -4.45 -19.42 32.18
N GLY C 108 -4.49 -18.33 32.95
CA GLY C 108 -5.19 -18.36 34.22
C GLY C 108 -6.68 -18.59 34.07
N TYR C 109 -7.29 -17.99 33.03
CA TYR C 109 -8.72 -18.19 32.86
C TYR C 109 -9.04 -19.68 32.66
N ALA C 110 -8.27 -20.36 31.83
CA ALA C 110 -8.47 -21.79 31.59
C ALA C 110 -8.23 -22.59 32.86
N ARG C 111 -7.19 -22.25 33.63
CA ARG C 111 -6.92 -23.01 34.85
C ARG C 111 -8.06 -22.88 35.84
N LYS C 112 -8.57 -21.66 36.04
CA LYS C 112 -9.69 -21.47 36.97
C LYS C 112 -10.94 -22.20 36.49
N THR C 113 -11.17 -22.22 35.17
CA THR C 113 -12.30 -22.97 34.64
C THR C 113 -12.16 -24.46 34.93
N LEU C 114 -10.97 -25.02 34.69
CA LEU C 114 -10.78 -26.45 34.93
C LEU C 114 -10.97 -26.78 36.40
N MET C 115 -10.53 -25.89 37.31
CA MET C 115 -10.66 -26.21 38.72
C MET C 115 -12.07 -25.96 39.24
N ALA C 116 -12.90 -25.22 38.50
CA ALA C 116 -14.31 -25.16 38.81
C ALA C 116 -15.04 -26.46 38.51
N GLY C 117 -14.36 -27.43 37.88
CA GLY C 117 -14.95 -28.71 37.57
C GLY C 117 -15.41 -28.87 36.14
N PHE C 118 -15.17 -27.88 35.29
CA PHE C 118 -15.63 -27.92 33.90
C PHE C 118 -14.48 -28.45 33.05
N THR C 119 -14.47 -29.77 32.86
CA THR C 119 -13.40 -30.44 32.13
C THR C 119 -13.51 -30.28 30.63
N THR C 120 -14.65 -29.83 30.12
CA THR C 120 -14.84 -29.59 28.69
C THR C 120 -15.61 -28.29 28.49
N VAL C 121 -15.16 -27.45 27.56
CA VAL C 121 -15.87 -26.22 27.25
C VAL C 121 -15.86 -25.97 25.75
N ARG C 122 -16.83 -25.18 25.32
CA ARG C 122 -16.99 -24.73 23.95
C ARG C 122 -16.78 -23.22 23.96
N ASP C 123 -15.61 -22.80 23.48
CA ASP C 123 -15.25 -21.39 23.40
C ASP C 123 -15.86 -20.82 22.12
N LEU C 124 -16.80 -19.89 22.27
CA LEU C 124 -17.62 -19.44 21.16
C LEU C 124 -17.20 -18.07 20.62
N GLY C 125 -15.97 -17.64 20.90
CA GLY C 125 -15.58 -16.33 20.41
C GLY C 125 -14.23 -15.84 20.87
N GLY C 126 -13.43 -15.40 19.92
CA GLY C 126 -12.11 -14.89 20.22
C GLY C 126 -11.52 -14.22 18.99
N THR C 127 -10.23 -13.90 19.11
CA THR C 127 -9.44 -13.36 18.02
C THR C 127 -8.60 -14.43 17.31
N GLY C 128 -8.68 -15.69 17.73
CA GLY C 128 -7.80 -16.73 17.25
C GLY C 128 -6.79 -17.21 18.27
N VAL C 129 -6.57 -16.44 19.34
CA VAL C 129 -5.73 -16.92 20.44
C VAL C 129 -6.36 -18.15 21.07
N ASN C 130 -7.69 -18.23 21.05
CA ASN C 130 -8.38 -19.41 21.56
C ASN C 130 -7.92 -20.68 20.87
N ILE C 131 -7.66 -20.61 19.55
CA ILE C 131 -7.17 -21.77 18.82
C ILE C 131 -5.80 -22.21 19.34
N SER C 132 -4.89 -21.25 19.52
CA SER C 132 -3.57 -21.58 20.04
C SER C 132 -3.67 -22.12 21.46
N LEU C 133 -4.60 -21.59 22.25
CA LEU C 133 -4.79 -22.10 23.60
C LEU C 133 -5.28 -23.54 23.57
N ARG C 134 -6.21 -23.85 22.68
CA ARG C 134 -6.67 -25.23 22.54
C ARG C 134 -5.54 -26.15 22.11
N ASN C 135 -4.75 -25.73 21.12
CA ASN C 135 -3.64 -26.56 20.66
C ASN C 135 -2.59 -26.73 21.74
N ALA C 136 -2.38 -25.71 22.57
CA ALA C 136 -1.38 -25.78 23.64
C ALA C 136 -1.86 -26.67 24.78
N ILE C 137 -3.15 -26.58 25.14
CA ILE C 137 -3.69 -27.45 26.17
C ILE C 137 -3.64 -28.90 25.70
N ASN C 138 -4.06 -29.14 24.46
CA ASN C 138 -4.06 -30.50 23.91
C ASN C 138 -2.63 -31.02 23.75
N ALA C 139 -1.66 -30.13 23.56
CA ALA C 139 -0.28 -30.55 23.50
C ALA C 139 0.30 -30.83 24.89
N GLY C 140 -0.45 -30.55 25.94
CA GLY C 140 0.04 -30.73 27.29
C GLY C 140 0.87 -29.58 27.83
N LEU C 141 0.88 -28.43 27.15
CA LEU C 141 1.70 -27.31 27.60
C LEU C 141 1.04 -26.52 28.72
N ILE C 142 -0.28 -26.38 28.70
CA ILE C 142 -0.98 -25.54 29.67
C ILE C 142 -2.13 -26.35 30.25
N ASP C 143 -2.29 -26.31 31.58
CA ASP C 143 -3.40 -26.97 32.24
C ASP C 143 -4.70 -26.36 31.77
N GLY C 144 -5.60 -27.19 31.25
CA GLY C 144 -6.88 -26.65 30.85
C GLY C 144 -7.96 -27.66 30.54
N PRO C 145 -9.16 -27.14 30.26
CA PRO C 145 -10.25 -27.99 29.81
C PRO C 145 -10.04 -28.42 28.37
N ARG C 146 -10.74 -29.49 28.00
CA ARG C 146 -10.93 -29.82 26.59
C ARG C 146 -11.65 -28.68 25.91
N VAL C 147 -11.00 -28.05 24.94
CA VAL C 147 -11.50 -26.83 24.32
C VAL C 147 -11.99 -27.13 22.91
N PHE C 148 -13.22 -26.71 22.60
CA PHE C 148 -13.73 -26.68 21.24
C PHE C 148 -14.07 -25.23 20.89
N THR C 149 -13.32 -24.63 19.94
CA THR C 149 -13.41 -23.20 19.72
C THR C 149 -13.82 -22.86 18.29
N ALA C 150 -14.59 -21.78 18.17
CA ALA C 150 -14.98 -21.21 16.89
C ALA C 150 -13.96 -20.24 16.32
N GLY C 151 -12.86 -19.97 17.03
CA GLY C 151 -11.92 -18.97 16.57
C GLY C 151 -12.57 -17.60 16.57
N LYS C 152 -12.46 -16.93 15.42
CA LYS C 152 -13.08 -15.61 15.25
C LYS C 152 -14.53 -15.79 14.81
N SER C 153 -15.45 -15.15 15.53
CA SER C 153 -16.85 -15.20 15.15
C SER C 153 -17.08 -14.46 13.83
N ILE C 154 -18.05 -14.93 13.06
CA ILE C 154 -18.40 -14.32 11.79
C ILE C 154 -19.62 -13.43 11.98
N ALA C 155 -19.55 -12.22 11.45
CA ALA C 155 -20.66 -11.29 11.48
C ALA C 155 -20.68 -10.54 10.17
N THR C 156 -21.77 -9.84 9.91
CA THR C 156 -21.80 -8.91 8.80
C THR C 156 -21.26 -7.57 9.26
N THR C 157 -20.99 -6.68 8.29
CA THR C 157 -20.49 -5.36 8.63
C THR C 157 -21.41 -4.68 9.63
N GLY C 158 -20.82 -4.13 10.69
CA GLY C 158 -21.57 -3.59 11.80
C GLY C 158 -22.22 -4.62 12.71
N GLY C 159 -22.07 -5.90 12.43
CA GLY C 159 -22.62 -6.91 13.31
C GLY C 159 -21.94 -6.88 14.66
N HIS C 160 -22.52 -7.62 15.61
CA HIS C 160 -22.01 -7.58 16.98
C HIS C 160 -20.58 -8.08 17.05
N ALA C 161 -20.20 -9.02 16.18
CA ALA C 161 -18.85 -9.57 16.16
C ALA C 161 -17.95 -8.85 15.17
N ASP C 162 -18.32 -7.65 14.73
CA ASP C 162 -17.46 -6.83 13.88
C ASP C 162 -16.29 -6.32 14.72
N PRO C 163 -15.04 -6.60 14.34
CA PRO C 163 -13.90 -6.27 15.21
C PRO C 163 -13.65 -4.78 15.36
N THR C 164 -13.87 -3.98 14.31
CA THR C 164 -13.54 -2.56 14.33
C THR C 164 -14.75 -1.70 14.67
N ASN C 165 -15.68 -2.25 15.43
CA ASN C 165 -16.89 -1.52 15.80
C ASN C 165 -16.55 -0.42 16.79
N GLY C 166 -16.99 0.80 16.49
CA GLY C 166 -16.77 1.93 17.35
C GLY C 166 -15.41 2.59 17.25
N TYR C 167 -14.51 2.05 16.44
CA TYR C 167 -13.23 2.70 16.27
C TYR C 167 -13.46 4.01 15.54
N ARG C 168 -12.62 4.98 15.82
CA ARG C 168 -12.53 6.14 14.97
C ARG C 168 -12.26 5.72 13.53
N LYS C 169 -12.75 6.53 12.58
CA LYS C 169 -12.73 6.12 11.19
C LYS C 169 -11.30 5.85 10.70
N ASP C 170 -10.34 6.63 11.19
CA ASP C 170 -8.93 6.39 10.86
C ASP C 170 -8.50 4.97 11.22
N LEU C 171 -8.92 4.46 12.38
CA LEU C 171 -8.51 3.13 12.82
C LEU C 171 -9.48 2.02 12.43
N MET C 172 -10.64 2.34 11.83
CA MET C 172 -11.65 1.29 11.68
C MET C 172 -11.43 0.45 10.43
N GLY C 173 -11.00 1.06 9.32
CA GLY C 173 -10.74 0.21 8.18
C GLY C 173 -11.99 -0.51 7.66
N ASP C 174 -11.74 -1.44 6.74
CA ASP C 174 -12.81 -2.22 6.10
C ASP C 174 -12.57 -3.70 6.33
N PRO C 175 -13.03 -4.25 7.45
CA PRO C 175 -12.80 -5.68 7.73
C PRO C 175 -13.57 -6.58 6.75
N GLY C 176 -12.94 -7.69 6.38
CA GLY C 176 -13.51 -8.61 5.41
C GLY C 176 -13.47 -10.05 5.88
N PRO C 177 -13.74 -10.99 4.97
CA PRO C 177 -13.85 -12.40 5.35
C PRO C 177 -12.63 -12.92 6.09
N TYR C 178 -11.43 -12.46 5.73
CA TYR C 178 -10.23 -12.84 6.47
C TYR C 178 -10.36 -12.47 7.94
N GLU C 179 -11.00 -11.33 8.23
CA GLU C 179 -11.19 -10.83 9.58
C GLU C 179 -12.46 -11.35 10.24
N GLY C 180 -13.24 -12.18 9.55
CA GLY C 180 -14.48 -12.69 10.11
C GLY C 180 -15.70 -11.86 9.82
N VAL C 181 -15.61 -10.87 8.94
CA VAL C 181 -16.74 -10.04 8.56
C VAL C 181 -17.08 -10.35 7.11
N ALA C 182 -18.28 -10.86 6.88
CA ALA C 182 -18.68 -11.29 5.55
C ALA C 182 -19.99 -10.63 5.17
N ASN C 183 -20.15 -10.36 3.88
CA ASN C 183 -21.38 -9.81 3.33
C ASN C 183 -21.73 -10.57 2.06
N GLY C 184 -22.88 -11.24 2.07
CA GLY C 184 -23.27 -12.01 0.92
C GLY C 184 -22.82 -13.45 1.03
N PRO C 185 -23.44 -14.31 0.21
CA PRO C 185 -23.14 -15.75 0.33
C PRO C 185 -21.70 -16.11 0.01
N ASP C 186 -21.09 -15.51 -1.00
CA ASP C 186 -19.72 -15.86 -1.36
C ASP C 186 -18.72 -15.46 -0.27
N GLU C 187 -18.89 -14.25 0.29
CA GLU C 187 -18.03 -13.83 1.39
C GLU C 187 -18.22 -14.73 2.60
N CYS C 188 -19.45 -15.16 2.86
CA CYS C 188 -19.71 -16.08 3.96
C CYS C 188 -19.02 -17.43 3.73
N ARG C 189 -19.09 -17.95 2.50
CA ARG C 189 -18.38 -19.18 2.18
C ARG C 189 -16.90 -19.02 2.48
N LYS C 190 -16.33 -17.89 2.07
CA LYS C 190 -14.91 -17.66 2.31
C LYS C 190 -14.59 -17.52 3.80
N ALA C 191 -15.48 -16.87 4.57
CA ALA C 191 -15.22 -16.67 5.99
C ALA C 191 -15.24 -17.99 6.75
N VAL C 192 -16.22 -18.86 6.43
CA VAL C 192 -16.24 -20.19 7.02
C VAL C 192 -14.99 -20.96 6.64
N ARG C 193 -14.61 -20.91 5.36
CA ARG C 193 -13.39 -21.59 4.93
C ARG C 193 -12.16 -21.02 5.64
N GLN C 194 -12.16 -19.73 5.94
CA GLN C 194 -11.04 -19.12 6.65
C GLN C 194 -10.95 -19.65 8.08
N ARG C 195 -12.09 -19.76 8.77
CA ARG C 195 -12.03 -20.37 10.11
C ARG C 195 -11.54 -21.80 10.03
N TYR C 196 -11.93 -22.53 8.98
CA TYR C 196 -11.43 -23.89 8.81
C TYR C 196 -9.92 -23.90 8.61
N LYS C 197 -9.43 -23.01 7.74
CA LYS C 197 -8.01 -22.89 7.48
C LYS C 197 -7.23 -22.55 8.75
N ASN C 198 -7.82 -21.72 9.62
CA ASN C 198 -7.20 -21.32 10.87
C ASN C 198 -7.24 -22.40 11.94
N GLY C 199 -8.02 -23.47 11.75
CA GLY C 199 -8.07 -24.56 12.69
C GLY C 199 -9.24 -24.57 13.67
N ALA C 200 -10.33 -23.88 13.37
CA ALA C 200 -11.48 -23.87 14.26
C ALA C 200 -12.21 -25.22 14.23
N ASP C 201 -12.82 -25.58 15.37
CA ASP C 201 -13.64 -26.79 15.44
C ASP C 201 -15.05 -26.53 14.93
N LEU C 202 -15.64 -25.39 15.29
CA LEU C 202 -17.01 -25.08 14.92
C LEU C 202 -17.07 -23.63 14.46
N ILE C 203 -18.24 -23.23 13.94
CA ILE C 203 -18.49 -21.87 13.50
C ILE C 203 -19.48 -21.22 14.45
N LYS C 204 -19.21 -19.97 14.83
CA LYS C 204 -20.14 -19.16 15.59
C LYS C 204 -20.39 -17.87 14.83
N ILE C 205 -21.65 -17.49 14.72
CA ILE C 205 -22.02 -16.24 14.06
C ILE C 205 -22.94 -15.47 15.00
N THR C 206 -23.04 -14.17 14.77
CA THR C 206 -23.96 -13.30 15.50
C THR C 206 -25.06 -12.85 14.55
N ALA C 207 -26.25 -13.41 14.72
CA ALA C 207 -27.38 -13.21 13.80
C ALA C 207 -28.25 -12.01 14.13
N THR C 208 -28.14 -11.45 15.33
CA THR C 208 -28.87 -10.25 15.71
C THR C 208 -27.91 -9.26 16.37
N GLY C 209 -28.44 -8.09 16.74
CA GLY C 209 -27.64 -7.11 17.46
C GLY C 209 -27.11 -7.63 18.77
N THR C 219 -31.07 -6.23 18.53
CA THR C 219 -32.24 -7.06 18.23
C THR C 219 -32.56 -7.09 16.74
N ALA C 220 -31.96 -6.17 15.99
CA ALA C 220 -32.17 -6.16 14.55
C ALA C 220 -31.49 -7.37 13.92
N PRO C 221 -32.10 -7.99 12.90
CA PRO C 221 -31.52 -9.21 12.33
C PRO C 221 -30.34 -8.91 11.42
N GLN C 222 -29.21 -9.58 11.65
CA GLN C 222 -27.99 -9.17 10.91
C GLN C 222 -27.56 -10.16 9.80
N PHE C 223 -28.15 -11.34 9.70
CA PHE C 223 -27.75 -12.22 8.58
C PHE C 223 -28.96 -12.51 7.67
N THR C 224 -28.81 -12.34 6.36
CA THR C 224 -29.90 -12.70 5.42
C THR C 224 -30.02 -14.21 5.32
N ASP C 225 -31.21 -14.70 4.98
CA ASP C 225 -31.45 -16.16 4.81
C ASP C 225 -30.44 -16.75 3.81
N GLU C 226 -30.21 -16.11 2.66
CA GLU C 226 -29.20 -16.62 1.75
C GLU C 226 -27.82 -16.63 2.39
N GLU C 227 -27.48 -15.59 3.17
CA GLU C 227 -26.20 -15.57 3.87
C GLU C 227 -26.11 -16.73 4.87
N LEU C 228 -27.19 -16.94 5.64
CA LEU C 228 -27.20 -18.02 6.61
C LEU C 228 -27.12 -19.39 5.94
N ARG C 229 -27.84 -19.57 4.84
CA ARG C 229 -27.77 -20.83 4.10
C ARG C 229 -26.36 -21.09 3.59
N ALA C 230 -25.72 -20.06 3.03
CA ALA C 230 -24.34 -20.20 2.59
C ALA C 230 -23.44 -20.63 3.74
N ILE C 231 -23.61 -20.00 4.90
CA ILE C 231 -22.74 -20.29 6.04
C ILE C 231 -22.92 -21.73 6.52
N VAL C 232 -24.17 -22.15 6.72
CA VAL C 232 -24.39 -23.51 7.21
C VAL C 232 -24.01 -24.56 6.17
N GLU C 233 -24.28 -24.30 4.89
CA GLU C 233 -23.92 -25.29 3.88
C GLU C 233 -22.41 -25.44 3.77
N THR C 234 -21.67 -24.33 3.84
CA THR C 234 -20.21 -24.43 3.86
C THR C 234 -19.73 -25.17 5.11
N ALA C 235 -20.29 -24.81 6.28
CA ALA C 235 -19.89 -25.49 7.52
C ALA C 235 -20.19 -26.98 7.44
N ARG C 236 -21.32 -27.34 6.82
CA ARG C 236 -21.70 -28.74 6.68
C ARG C 236 -20.74 -29.47 5.75
N ASP C 237 -20.21 -28.77 4.75
CA ASP C 237 -19.20 -29.39 3.88
C ASP C 237 -17.93 -29.74 4.67
N TYR C 238 -17.50 -28.85 5.57
CA TYR C 238 -16.25 -29.06 6.30
C TYR C 238 -16.45 -29.69 7.67
N GLY C 239 -17.61 -30.30 7.92
CA GLY C 239 -17.81 -31.03 9.16
C GLY C 239 -17.83 -30.19 10.42
N MET C 240 -18.30 -28.94 10.33
CA MET C 240 -18.37 -28.05 11.48
C MET C 240 -19.83 -27.74 11.82
N LYS C 241 -20.14 -27.75 13.12
CA LYS C 241 -21.46 -27.31 13.54
C LYS C 241 -21.51 -25.79 13.57
N VAL C 242 -22.72 -25.24 13.57
CA VAL C 242 -22.91 -23.80 13.58
C VAL C 242 -23.70 -23.41 14.82
N ALA C 243 -23.13 -22.51 15.61
CA ALA C 243 -23.76 -21.92 16.77
C ALA C 243 -24.03 -20.45 16.48
N VAL C 244 -25.16 -19.97 16.96
CA VAL C 244 -25.66 -18.66 16.58
C VAL C 244 -25.98 -17.88 17.84
N HIS C 245 -25.34 -16.72 17.97
CA HIS C 245 -25.68 -15.74 18.98
C HIS C 245 -26.82 -14.91 18.44
N ALA C 246 -27.98 -14.99 19.10
CA ALA C 246 -29.18 -14.31 18.61
C ALA C 246 -30.01 -13.86 19.79
N HIS C 247 -30.30 -12.57 19.86
CA HIS C 247 -31.23 -12.04 20.83
C HIS C 247 -32.60 -11.73 20.23
N GLY C 248 -32.64 -11.30 18.97
CA GLY C 248 -33.88 -10.97 18.33
C GLY C 248 -34.62 -12.19 17.82
N ALA C 249 -35.95 -12.05 17.73
CA ALA C 249 -36.79 -13.17 17.30
C ALA C 249 -36.58 -13.49 15.82
N GLU C 250 -36.52 -12.46 14.97
CA GLU C 250 -36.47 -12.68 13.53
C GLU C 250 -35.18 -13.35 13.10
N GLY C 251 -34.04 -12.86 13.60
CA GLY C 251 -32.77 -13.50 13.30
C GLY C 251 -32.73 -14.91 13.85
N MET C 252 -33.30 -15.12 15.03
CA MET C 252 -33.37 -16.45 15.62
C MET C 252 -34.13 -17.41 14.71
N LYS C 253 -35.26 -16.98 14.16
CA LYS C 253 -36.04 -17.86 13.31
C LYS C 253 -35.37 -18.08 11.96
N ARG C 254 -34.72 -17.03 11.42
CA ARG C 254 -33.95 -17.22 10.19
C ARG C 254 -32.85 -18.26 10.40
N ALA C 255 -32.13 -18.17 11.52
CA ALA C 255 -31.07 -19.12 11.80
C ALA C 255 -31.63 -20.52 12.00
N LEU C 256 -32.74 -20.64 12.73
CA LEU C 256 -33.35 -21.95 12.96
C LEU C 256 -33.83 -22.58 11.67
N ARG C 257 -34.43 -21.77 10.79
CA ARG C 257 -34.86 -22.28 9.49
C ARG C 257 -33.66 -22.64 8.62
N ALA C 258 -32.53 -21.96 8.81
CA ALA C 258 -31.34 -22.28 8.03
C ALA C 258 -30.78 -23.64 8.40
N GLY C 259 -30.99 -24.09 9.63
CA GLY C 259 -30.51 -25.40 10.05
C GLY C 259 -29.34 -25.39 11.00
N VAL C 260 -29.23 -24.32 11.82
CA VAL C 260 -28.14 -24.23 12.77
C VAL C 260 -28.28 -25.27 13.87
N HIS C 261 -27.19 -25.51 14.59
CA HIS C 261 -27.18 -26.57 15.60
C HIS C 261 -27.55 -26.09 16.99
N SER C 262 -27.22 -24.83 17.28
CA SER C 262 -27.45 -24.32 18.65
C SER C 262 -27.87 -22.86 18.64
N ILE C 263 -28.78 -22.48 19.54
CA ILE C 263 -29.15 -21.04 19.67
C ILE C 263 -28.65 -20.59 21.05
N GLU C 264 -28.02 -19.41 21.11
CA GLU C 264 -27.40 -18.95 22.38
C GLU C 264 -28.07 -17.64 22.82
N HIS C 265 -28.32 -17.50 24.13
CA HIS C 265 -28.88 -16.21 24.65
C HIS C 265 -30.16 -15.87 23.91
N GLY C 266 -31.07 -16.83 23.72
CA GLY C 266 -32.23 -16.51 22.88
C GLY C 266 -33.28 -15.76 23.66
N THR C 267 -32.98 -14.50 24.00
CA THR C 267 -33.93 -13.61 24.68
C THR C 267 -34.96 -13.20 23.65
N TYR C 268 -36.12 -12.70 24.06
CA TYR C 268 -37.09 -12.19 23.05
C TYR C 268 -37.31 -13.29 22.02
N MET C 269 -37.84 -14.43 22.47
CA MET C 269 -38.04 -15.61 21.60
C MET C 269 -39.52 -15.85 21.34
N ASP C 270 -39.92 -15.95 20.08
CA ASP C 270 -41.36 -16.11 19.74
C ASP C 270 -41.76 -17.58 19.97
N ASP C 271 -43.04 -17.83 20.23
CA ASP C 271 -43.55 -19.22 20.43
C ASP C 271 -43.31 -20.02 19.15
N GLU C 272 -43.46 -19.38 17.99
CA GLU C 272 -43.24 -20.06 16.69
C GLU C 272 -41.79 -20.56 16.64
N ALA C 273 -40.85 -19.78 17.17
CA ALA C 273 -39.43 -20.19 17.19
C ALA C 273 -39.29 -21.47 18.02
N ILE C 274 -40.04 -21.58 19.11
CA ILE C 274 -39.99 -22.81 19.95
C ILE C 274 -40.47 -24.01 19.12
N GLU C 275 -41.51 -23.83 18.30
CA GLU C 275 -41.94 -24.94 17.42
C GLU C 275 -40.81 -25.27 16.44
N LEU C 276 -40.14 -24.24 15.92
CA LEU C 276 -38.99 -24.45 15.01
C LEU C 276 -37.92 -25.24 15.77
N PHE C 277 -37.66 -24.83 17.02
CA PHE C 277 -36.69 -25.57 17.84
C PHE C 277 -36.98 -27.05 17.86
N LYS C 278 -38.25 -27.41 18.13
CA LYS C 278 -38.56 -28.81 18.28
C LYS C 278 -38.43 -29.56 16.96
N LYS C 279 -38.75 -28.90 15.85
CA LYS C 279 -38.62 -29.61 14.58
C LYS C 279 -37.16 -29.77 14.15
N THR C 280 -36.33 -28.77 14.45
CA THR C 280 -34.94 -28.83 14.03
C THR C 280 -34.08 -29.69 14.95
N GLY C 281 -34.46 -29.80 16.22
CA GLY C 281 -33.64 -30.49 17.18
C GLY C 281 -32.46 -29.67 17.66
N ALA C 282 -32.37 -28.41 17.24
CA ALA C 282 -31.29 -27.54 17.69
C ALA C 282 -31.36 -27.35 19.19
N TYR C 283 -30.20 -27.12 19.79
CA TYR C 283 -30.13 -26.91 21.22
C TYR C 283 -30.30 -25.44 21.58
N TYR C 284 -30.90 -25.20 22.74
CA TYR C 284 -31.03 -23.87 23.29
C TYR C 284 -30.08 -23.77 24.48
N VAL C 285 -29.17 -22.80 24.42
CA VAL C 285 -28.18 -22.56 25.46
C VAL C 285 -28.53 -21.24 26.13
N PRO C 286 -29.04 -21.25 27.36
CA PRO C 286 -29.67 -20.01 27.89
C PRO C 286 -28.67 -18.93 28.25
N THR C 287 -27.56 -19.27 28.90
CA THR C 287 -26.59 -18.26 29.35
C THR C 287 -27.31 -17.31 30.32
N ILE C 288 -28.01 -17.92 31.29
CA ILE C 288 -28.76 -17.12 32.25
C ILE C 288 -27.80 -16.33 33.13
N LEU C 289 -26.67 -16.96 33.49
CA LEU C 289 -25.72 -16.31 34.39
C LEU C 289 -25.19 -15.00 33.81
N ALA C 290 -24.81 -14.99 32.54
CA ALA C 290 -24.30 -13.75 31.96
C ALA C 290 -25.40 -12.71 31.77
N GLY C 291 -26.64 -13.16 31.54
CA GLY C 291 -27.75 -12.25 31.35
C GLY C 291 -28.21 -11.57 32.62
N ARG C 292 -27.65 -11.95 33.76
CA ARG C 292 -27.73 -11.15 34.98
C ARG C 292 -26.58 -10.14 34.91
N THR C 293 -26.92 -8.91 34.60
CA THR C 293 -25.92 -7.91 34.23
C THR C 293 -25.97 -6.68 35.14
N GLN C 318 -35.17 -11.46 33.10
CA GLN C 318 -35.85 -11.58 31.82
C GLN C 318 -35.51 -12.93 31.26
N ILE C 319 -34.21 -13.12 30.95
CA ILE C 319 -33.66 -14.34 30.39
C ILE C 319 -34.24 -15.58 31.08
N GLN C 320 -34.51 -15.46 32.39
CA GLN C 320 -35.05 -16.56 33.18
C GLN C 320 -36.48 -16.91 32.80
N LYS C 321 -37.35 -15.92 32.61
CA LYS C 321 -38.71 -16.18 32.15
C LYS C 321 -38.70 -16.91 30.81
N THR C 322 -37.87 -16.45 29.88
CA THR C 322 -37.78 -17.07 28.56
C THR C 322 -37.26 -18.50 28.66
N PHE C 323 -36.24 -18.72 29.48
CA PHE C 323 -35.70 -20.06 29.67
C PHE C 323 -36.73 -20.98 30.29
N ALA C 324 -37.51 -20.47 31.24
CA ALA C 324 -38.57 -21.25 31.86
C ALA C 324 -39.58 -21.71 30.82
N LYS C 325 -40.05 -20.77 29.99
CA LYS C 325 -41.01 -21.14 28.95
C LYS C 325 -40.41 -22.17 28.00
N ALA C 326 -39.12 -21.99 27.66
CA ALA C 326 -38.46 -22.93 26.75
C ALA C 326 -38.37 -24.32 27.36
N TYR C 327 -37.95 -24.41 28.63
CA TYR C 327 -37.83 -25.72 29.26
C TYR C 327 -39.19 -26.39 29.38
N LYS C 328 -40.21 -25.63 29.76
CA LYS C 328 -41.55 -26.21 29.84
C LYS C 328 -42.00 -26.73 28.49
N SER C 329 -41.60 -26.07 27.40
CA SER C 329 -42.03 -26.49 26.07
C SER C 329 -41.38 -27.79 25.59
N GLY C 330 -40.34 -28.28 26.26
CA GLY C 330 -39.68 -29.49 25.82
C GLY C 330 -38.51 -29.27 24.90
N VAL C 331 -38.02 -28.02 24.80
CA VAL C 331 -36.88 -27.70 23.97
C VAL C 331 -35.62 -28.41 24.48
N LYS C 332 -34.80 -28.89 23.55
CA LYS C 332 -33.50 -29.41 23.93
C LYS C 332 -32.65 -28.27 24.50
N ILE C 333 -32.06 -28.50 25.66
CA ILE C 333 -31.27 -27.49 26.35
C ILE C 333 -29.90 -28.06 26.68
N ALA C 334 -28.85 -27.30 26.36
CA ALA C 334 -27.48 -27.61 26.74
C ALA C 334 -26.93 -26.50 27.61
N PHE C 335 -26.07 -26.86 28.56
CA PHE C 335 -25.61 -25.96 29.59
C PHE C 335 -24.59 -24.96 29.03
N GLY C 336 -24.85 -23.67 29.26
CA GLY C 336 -23.97 -22.61 28.85
C GLY C 336 -24.10 -21.38 29.73
N THR C 337 -22.96 -20.79 30.09
CA THR C 337 -22.92 -19.65 31.00
C THR C 337 -22.53 -18.34 30.36
N ASP C 338 -21.93 -18.36 29.18
CA ASP C 338 -21.13 -17.25 28.66
C ASP C 338 -20.30 -16.66 29.79
N SER C 339 -19.57 -17.53 30.48
CA SER C 339 -18.51 -17.03 31.32
C SER C 339 -17.42 -16.44 30.45
N GLY C 340 -16.72 -15.46 31.00
CA GLY C 340 -15.92 -14.55 30.22
C GLY C 340 -16.41 -13.15 30.48
N LYS C 341 -17.68 -12.88 30.21
CA LYS C 341 -18.27 -11.65 30.69
C LYS C 341 -18.55 -11.74 32.17
N SER C 342 -18.74 -12.94 32.67
CA SER C 342 -18.67 -13.21 34.11
C SER C 342 -17.33 -13.88 34.41
N VAL C 343 -16.86 -13.71 35.64
CA VAL C 343 -15.53 -14.20 36.00
C VAL C 343 -15.48 -15.71 35.79
N HIS C 344 -14.39 -16.17 35.19
CA HIS C 344 -14.23 -17.60 34.96
C HIS C 344 -14.10 -18.32 36.30
N GLY C 345 -14.71 -19.49 36.41
CA GLY C 345 -14.76 -20.21 37.66
C GLY C 345 -16.04 -20.04 38.45
N LEU C 346 -16.87 -19.07 38.09
CA LEU C 346 -18.19 -18.91 38.69
C LEU C 346 -19.29 -19.52 37.82
N ASN C 347 -18.92 -20.45 36.94
CA ASN C 347 -19.89 -21.04 36.02
C ASN C 347 -20.99 -21.78 36.76
N ALA C 348 -20.65 -22.45 37.87
CA ALA C 348 -21.62 -23.29 38.56
C ALA C 348 -22.86 -22.52 38.98
N ILE C 349 -22.75 -21.20 39.15
CA ILE C 349 -23.90 -20.38 39.52
C ILE C 349 -25.05 -20.59 38.54
N GLU C 350 -24.75 -20.68 37.24
CA GLU C 350 -25.81 -20.87 36.25
C GLU C 350 -26.68 -22.09 36.59
N PHE C 351 -26.05 -23.18 37.07
CA PHE C 351 -26.80 -24.35 37.51
C PHE C 351 -27.95 -23.91 38.40
N GLU C 352 -27.59 -23.13 39.42
CA GLU C 352 -28.53 -22.62 40.39
C GLU C 352 -29.72 -21.95 39.71
N LEU C 353 -29.42 -21.06 38.76
CA LEU C 353 -30.47 -20.30 38.11
C LEU C 353 -31.38 -21.22 37.31
N MET C 354 -30.83 -22.26 36.68
CA MET C 354 -31.70 -23.16 35.93
C MET C 354 -32.64 -23.89 36.85
N VAL C 355 -32.17 -24.25 38.06
CA VAL C 355 -33.08 -24.89 39.00
C VAL C 355 -34.09 -23.88 39.50
N GLU C 356 -33.67 -22.62 39.61
CA GLU C 356 -34.55 -21.57 40.11
C GLU C 356 -35.66 -21.25 39.12
N ALA C 357 -35.41 -21.45 37.82
CA ALA C 357 -36.42 -21.28 36.80
C ALA C 357 -37.36 -22.46 36.69
N GLY C 358 -37.18 -23.51 37.49
CA GLY C 358 -38.04 -24.67 37.47
C GLY C 358 -37.45 -25.90 36.83
N MET C 359 -36.18 -25.86 36.44
CA MET C 359 -35.66 -27.09 35.86
C MET C 359 -35.14 -28.00 36.97
N PRO C 360 -35.50 -29.28 36.98
CA PRO C 360 -35.04 -30.15 38.06
C PRO C 360 -33.56 -30.31 38.03
N PRO C 361 -32.90 -30.46 39.18
CA PRO C 361 -31.43 -30.55 39.22
C PRO C 361 -30.86 -31.60 38.29
N LEU C 362 -31.49 -32.78 38.22
CA LEU C 362 -30.98 -33.83 37.34
C LEU C 362 -30.91 -33.36 35.90
N GLU C 363 -31.92 -32.62 35.45
CA GLU C 363 -31.89 -32.16 34.06
C GLU C 363 -30.86 -31.07 33.84
N ALA C 364 -30.56 -30.24 34.85
CA ALA C 364 -29.47 -29.29 34.71
C ALA C 364 -28.13 -30.03 34.57
N ILE C 365 -27.91 -31.04 35.40
CA ILE C 365 -26.68 -31.83 35.29
C ILE C 365 -26.64 -32.59 33.97
N ARG C 366 -27.79 -33.03 33.46
CA ARG C 366 -27.84 -33.67 32.15
C ARG C 366 -27.56 -32.67 31.03
N SER C 367 -27.98 -31.41 31.21
CA SER C 367 -27.64 -30.38 30.24
C SER C 367 -26.15 -30.08 30.23
N ALA C 368 -25.50 -30.22 31.39
CA ALA C 368 -24.06 -30.04 31.46
C ALA C 368 -23.27 -31.28 31.06
N THR C 369 -23.93 -32.44 30.88
CA THR C 369 -23.21 -33.67 30.59
C THR C 369 -23.68 -34.33 29.30
N LEU C 370 -24.82 -35.02 29.36
CA LEU C 370 -25.31 -35.78 28.21
C LEU C 370 -25.69 -34.86 27.05
N ASN C 371 -26.51 -33.84 27.33
CA ASN C 371 -26.94 -32.91 26.30
C ASN C 371 -25.74 -32.18 25.71
N ALA C 372 -24.79 -31.78 26.56
CA ALA C 372 -23.60 -31.09 26.09
C ALA C 372 -22.77 -31.97 25.16
N ALA C 373 -22.52 -33.21 25.58
CA ALA C 373 -21.72 -34.14 24.76
C ALA C 373 -22.42 -34.42 23.44
N ASP C 374 -23.76 -34.49 23.45
CA ASP C 374 -24.48 -34.68 22.20
C ASP C 374 -24.35 -33.45 21.30
N LEU C 375 -24.46 -32.24 21.87
CA LEU C 375 -24.32 -31.03 21.06
C LEU C 375 -22.92 -30.91 20.46
N LEU C 376 -21.89 -31.33 21.20
CA LEU C 376 -20.53 -31.26 20.66
C LEU C 376 -20.33 -32.27 19.54
N GLY C 377 -21.08 -33.37 19.55
CA GLY C 377 -20.88 -34.44 18.59
C GLY C 377 -19.84 -35.47 18.96
N VAL C 378 -19.58 -35.65 20.26
CA VAL C 378 -18.63 -36.64 20.75
C VAL C 378 -19.40 -37.70 21.50
N ASN C 379 -18.97 -38.95 21.36
CA ASN C 379 -19.64 -40.07 22.01
C ASN C 379 -18.87 -40.66 23.18
N ASN C 380 -17.73 -40.08 23.57
CA ASN C 380 -16.95 -40.62 24.69
C ASN C 380 -16.84 -39.67 25.88
N LEU C 381 -17.72 -38.68 25.99
CA LEU C 381 -17.70 -37.76 27.12
C LEU C 381 -19.10 -37.61 27.70
N GLY C 382 -19.15 -37.18 28.96
CA GLY C 382 -20.39 -36.82 29.63
C GLY C 382 -21.06 -37.88 30.49
N SER C 383 -20.44 -39.04 30.70
CA SER C 383 -21.04 -40.04 31.59
C SER C 383 -19.95 -40.99 32.07
N ILE C 384 -20.01 -41.35 33.34
CA ILE C 384 -19.03 -42.26 33.94
C ILE C 384 -19.49 -43.69 33.68
N GLU C 385 -18.86 -44.32 32.68
CA GLU C 385 -19.18 -45.69 32.30
C GLU C 385 -18.00 -46.19 31.48
N ALA C 386 -17.93 -47.52 31.35
CA ALA C 386 -16.80 -48.17 30.67
C ALA C 386 -16.64 -47.65 29.25
N GLY C 387 -15.37 -47.46 28.85
CA GLY C 387 -15.03 -47.06 27.50
C GLY C 387 -15.01 -45.57 27.24
N MET C 388 -15.31 -44.75 28.24
CA MET C 388 -15.32 -43.31 28.10
C MET C 388 -14.09 -42.70 28.75
N LEU C 389 -13.86 -41.42 28.47
CA LEU C 389 -12.66 -40.76 28.97
C LEU C 389 -12.86 -40.31 30.41
N ALA C 390 -11.80 -40.43 31.20
CA ALA C 390 -11.87 -40.24 32.64
C ALA C 390 -11.86 -38.75 32.97
N ASP C 391 -13.02 -38.12 32.80
CA ASP C 391 -13.26 -36.77 33.29
C ASP C 391 -14.29 -36.89 34.40
N VAL C 392 -13.82 -36.75 35.65
CA VAL C 392 -14.61 -37.07 36.83
C VAL C 392 -14.48 -35.92 37.83
N ILE C 393 -15.60 -35.48 38.39
CA ILE C 393 -15.55 -34.48 39.44
C ILE C 393 -16.30 -35.02 40.65
N ALA C 394 -15.99 -34.44 41.80
CA ALA C 394 -16.63 -34.83 43.05
C ALA C 394 -16.89 -33.61 43.92
N VAL C 395 -18.06 -33.63 44.57
CA VAL C 395 -18.55 -32.56 45.44
C VAL C 395 -18.91 -33.13 46.81
N GLU C 396 -19.24 -32.22 47.73
CA GLU C 396 -19.44 -32.54 49.15
C GLU C 396 -20.83 -33.07 49.46
N ASP C 397 -21.87 -32.49 48.88
CA ASP C 397 -23.25 -32.85 49.21
C ASP C 397 -23.96 -33.33 47.94
N ASN C 398 -25.18 -33.82 48.12
CA ASN C 398 -25.94 -34.40 47.01
C ASN C 398 -26.33 -33.27 46.08
N PRO C 399 -25.82 -33.24 44.84
CA PRO C 399 -26.19 -32.13 43.93
C PRO C 399 -27.66 -32.15 43.53
N LEU C 400 -28.35 -33.30 43.64
CA LEU C 400 -29.76 -33.32 43.32
C LEU C 400 -30.65 -32.80 44.44
N GLU C 401 -30.18 -32.78 45.69
CA GLU C 401 -30.98 -32.20 46.76
C GLU C 401 -30.61 -30.74 47.01
N ASN C 402 -29.36 -30.37 46.80
CA ASN C 402 -28.95 -28.97 46.81
C ASN C 402 -27.87 -28.82 45.74
N ILE C 403 -28.25 -28.22 44.61
CA ILE C 403 -27.34 -28.11 43.48
C ILE C 403 -26.21 -27.13 43.74
N SER C 404 -26.36 -26.24 44.72
CA SER C 404 -25.32 -25.25 44.98
C SER C 404 -24.02 -25.89 45.44
N THR C 405 -24.05 -27.17 45.82
CA THR C 405 -22.82 -27.89 46.12
C THR C 405 -21.88 -27.93 44.94
N LEU C 406 -22.39 -27.75 43.71
CA LEU C 406 -21.50 -27.72 42.56
C LEU C 406 -20.61 -26.49 42.55
N ARG C 407 -20.89 -25.48 43.38
CA ARG C 407 -20.02 -24.31 43.45
C ARG C 407 -18.77 -24.53 44.30
N LYS C 408 -18.68 -25.67 44.98
CA LYS C 408 -17.54 -26.12 45.78
C LYS C 408 -17.17 -27.48 45.23
N VAL C 409 -16.35 -27.50 44.18
CA VAL C 409 -15.90 -28.75 43.60
C VAL C 409 -14.61 -29.14 44.31
N VAL C 410 -14.63 -30.32 44.92
CA VAL C 410 -13.51 -30.80 45.70
C VAL C 410 -12.62 -31.77 44.94
N PHE C 411 -13.08 -32.35 43.83
CA PHE C 411 -12.23 -33.26 43.07
C PHE C 411 -12.40 -33.05 41.57
N VAL C 412 -11.29 -32.94 40.85
CA VAL C 412 -11.28 -32.76 39.39
C VAL C 412 -10.24 -33.68 38.77
N MET C 413 -10.71 -34.47 37.78
CA MET C 413 -9.95 -35.45 37.01
C MET C 413 -10.23 -35.23 35.52
N LYS C 414 -9.18 -34.99 34.74
CA LYS C 414 -9.31 -34.85 33.29
C LYS C 414 -8.34 -35.78 32.56
N ASP C 415 -8.87 -36.53 31.59
CA ASP C 415 -8.08 -37.46 30.79
C ASP C 415 -7.27 -38.41 31.67
N GLY C 416 -7.84 -38.78 32.82
CA GLY C 416 -7.17 -39.65 33.76
C GLY C 416 -6.29 -38.92 34.74
N LYS C 417 -5.95 -37.66 34.48
CA LYS C 417 -5.07 -36.88 35.31
C LYS C 417 -5.84 -36.15 36.40
N VAL C 418 -5.28 -36.14 37.61
CA VAL C 418 -5.89 -35.45 38.73
C VAL C 418 -5.32 -34.04 38.79
N TYR C 419 -6.19 -33.05 38.66
CA TYR C 419 -5.79 -31.67 38.85
C TYR C 419 -6.20 -31.16 40.21
N LYS C 420 -7.24 -31.73 40.80
CA LYS C 420 -7.67 -31.23 42.10
C LYS C 420 -8.12 -32.38 42.97
N GLN C 421 -7.59 -32.42 44.20
CA GLN C 421 -7.99 -33.40 45.21
C GLN C 421 -7.84 -32.69 46.55
N GLU C 422 -8.92 -32.00 46.92
CA GLU C 422 -8.97 -31.19 48.14
C GLU C 422 -9.86 -31.77 49.23
N ALA D 17 -23.51 34.20 -37.55
CA ALA D 17 -23.04 34.73 -38.83
C ALA D 17 -23.46 33.80 -39.96
N THR D 18 -23.64 34.35 -41.16
CA THR D 18 -24.19 33.62 -42.28
C THR D 18 -23.16 33.41 -43.38
N THR D 19 -23.03 32.17 -43.82
CA THR D 19 -22.14 31.80 -44.92
C THR D 19 -22.93 31.01 -45.95
N LEU D 20 -22.68 31.33 -47.21
CA LEU D 20 -23.31 30.73 -48.36
C LEU D 20 -22.27 29.86 -49.07
N LEU D 21 -22.63 28.62 -49.36
CA LEU D 21 -21.81 27.75 -50.17
C LEU D 21 -22.47 27.64 -51.54
N HIS D 22 -21.77 28.11 -52.58
CA HIS D 22 -22.26 27.98 -53.94
C HIS D 22 -21.72 26.67 -54.46
N CYS D 23 -22.51 25.61 -54.34
CA CYS D 23 -22.08 24.26 -54.65
C CYS D 23 -22.56 23.95 -56.06
N GLY D 24 -21.62 23.61 -56.93
CA GLY D 24 -21.98 23.22 -58.28
C GLY D 24 -22.83 21.97 -58.31
N HIS D 25 -22.44 20.97 -57.54
CA HIS D 25 -23.20 19.75 -57.36
C HIS D 25 -23.24 19.42 -55.87
N LEU D 26 -24.44 19.08 -55.38
CA LEU D 26 -24.60 18.70 -53.95
C LEU D 26 -25.26 17.33 -53.88
N LEU D 27 -24.96 16.54 -52.85
CA LEU D 27 -25.50 15.16 -52.82
C LEU D 27 -26.62 15.07 -51.79
N ASP D 28 -27.81 14.64 -52.22
CA ASP D 28 -28.91 14.38 -51.26
C ASP D 28 -28.74 12.92 -50.89
N VAL D 29 -27.88 12.63 -49.92
CA VAL D 29 -27.57 11.24 -49.59
C VAL D 29 -28.85 10.47 -49.28
N LYS D 30 -29.89 11.18 -48.82
CA LYS D 30 -31.14 10.50 -48.49
C LYS D 30 -31.87 10.06 -49.75
N LYS D 31 -31.99 10.96 -50.73
CA LYS D 31 -32.57 10.60 -52.01
C LYS D 31 -31.55 10.01 -52.98
N GLY D 32 -30.26 10.10 -52.67
CA GLY D 32 -29.26 9.56 -53.56
C GLY D 32 -29.13 10.32 -54.86
N LYS D 33 -29.31 11.64 -54.82
CA LYS D 33 -29.37 12.42 -56.06
C LYS D 33 -28.46 13.62 -55.99
N TRP D 34 -27.86 13.97 -57.13
CA TRP D 34 -27.12 15.22 -57.21
C TRP D 34 -28.07 16.38 -57.52
N LEU D 35 -27.84 17.49 -56.83
CA LEU D 35 -28.53 18.74 -57.08
C LEU D 35 -27.53 19.69 -57.71
N GLU D 36 -27.88 20.28 -58.84
CA GLU D 36 -26.93 21.08 -59.59
C GLU D 36 -27.18 22.56 -59.29
N GLY D 37 -26.09 23.29 -59.07
CA GLY D 37 -26.17 24.71 -58.85
C GLY D 37 -27.04 25.15 -57.69
N VAL D 38 -26.70 24.75 -56.47
CA VAL D 38 -27.50 25.09 -55.30
C VAL D 38 -26.63 25.90 -54.36
N THR D 39 -27.31 26.56 -53.42
CA THR D 39 -26.57 27.33 -52.40
C THR D 39 -26.99 26.79 -51.07
N VAL D 40 -26.03 26.61 -50.17
CA VAL D 40 -26.37 26.15 -48.80
C VAL D 40 -26.19 27.37 -47.88
N ARG D 41 -27.22 27.69 -47.10
CA ARG D 41 -27.11 28.82 -46.16
C ARG D 41 -26.86 28.22 -44.78
N ILE D 42 -25.75 28.62 -44.17
CA ILE D 42 -25.41 28.10 -42.81
C ILE D 42 -25.31 29.30 -41.87
N GLU D 43 -25.98 29.21 -40.72
CA GLU D 43 -25.80 30.27 -39.70
C GLU D 43 -25.14 29.59 -38.51
N GLY D 44 -24.04 30.15 -38.02
CA GLY D 44 -23.30 29.50 -36.93
C GLY D 44 -22.82 28.14 -37.37
N ASN D 45 -23.35 27.08 -36.74
CA ASN D 45 -22.90 25.74 -37.08
C ASN D 45 -24.00 24.90 -37.71
N THR D 46 -25.14 25.51 -38.04
CA THR D 46 -26.31 24.77 -38.45
C THR D 46 -26.69 25.13 -39.88
N ILE D 47 -26.98 24.11 -40.69
CA ILE D 47 -27.46 24.32 -42.04
C ILE D 47 -28.91 24.79 -41.96
N ARG D 48 -29.16 26.01 -42.39
CA ARG D 48 -30.54 26.49 -42.39
C ARG D 48 -31.23 26.29 -43.72
N GLY D 49 -30.50 26.24 -44.83
CA GLY D 49 -31.23 25.75 -45.98
C GLY D 49 -30.46 25.62 -47.28
N ILE D 50 -31.10 24.87 -48.16
CA ILE D 50 -30.74 24.65 -49.55
C ILE D 50 -31.64 25.53 -50.39
N GLU D 51 -31.03 26.44 -51.17
CA GLU D 51 -31.76 27.36 -52.03
C GLU D 51 -31.28 27.21 -53.47
N LYS D 52 -32.18 27.44 -54.41
CA LYS D 52 -31.83 27.28 -55.82
C LYS D 52 -30.92 28.39 -56.31
N GLY D 53 -30.00 28.01 -57.22
CA GLY D 53 -29.08 28.96 -57.80
C GLY D 53 -27.94 29.31 -56.87
N TYR D 54 -27.06 30.16 -57.38
CA TYR D 54 -25.93 30.70 -56.61
C TYR D 54 -26.38 32.04 -56.05
N VAL D 55 -26.92 32.01 -54.83
CA VAL D 55 -27.52 33.20 -54.23
C VAL D 55 -26.45 34.25 -54.02
N ALA D 56 -26.76 35.48 -54.39
CA ALA D 56 -25.82 36.56 -54.17
C ALA D 56 -25.78 36.91 -52.69
N PRO D 57 -24.62 37.19 -52.13
CA PRO D 57 -24.55 37.49 -50.70
C PRO D 57 -25.11 38.88 -50.43
N LYS D 58 -25.97 38.98 -49.43
CA LYS D 58 -26.37 40.30 -48.98
C LYS D 58 -25.21 40.86 -48.15
N ALA D 59 -25.48 41.88 -47.34
CA ALA D 59 -24.39 42.52 -46.64
C ALA D 59 -23.94 41.67 -45.46
N GLY D 60 -22.63 41.67 -45.22
CA GLY D 60 -21.98 40.90 -44.17
C GLY D 60 -22.26 39.42 -44.22
N GLU D 61 -22.52 38.92 -45.41
CA GLU D 61 -22.69 37.49 -45.64
C GLU D 61 -21.41 36.96 -46.30
N LYS D 62 -20.94 35.81 -45.85
CA LYS D 62 -19.71 35.26 -46.40
C LYS D 62 -20.04 34.26 -47.50
N VAL D 63 -19.15 34.16 -48.48
CA VAL D 63 -19.39 33.35 -49.67
C VAL D 63 -18.23 32.40 -49.88
N ILE D 64 -18.54 31.13 -50.12
CA ILE D 64 -17.54 30.13 -50.49
C ILE D 64 -17.94 29.54 -51.83
N ASP D 65 -17.03 29.60 -52.79
CA ASP D 65 -17.28 29.19 -54.18
C ASP D 65 -16.82 27.74 -54.35
N LEU D 66 -17.78 26.82 -54.43
CA LEU D 66 -17.58 25.41 -54.70
C LEU D 66 -18.33 25.00 -55.97
N ARG D 67 -18.45 25.93 -56.92
CA ARG D 67 -19.23 25.63 -58.13
C ARG D 67 -18.55 24.56 -58.97
N SER D 68 -17.23 24.46 -58.91
CA SER D 68 -16.48 23.44 -59.62
C SER D 68 -16.35 22.13 -58.84
N ARG D 69 -17.06 21.99 -57.71
CA ARG D 69 -16.85 20.89 -56.78
C ARG D 69 -18.10 20.02 -56.66
N TYR D 70 -17.89 18.77 -56.26
CA TYR D 70 -18.97 17.89 -55.81
C TYR D 70 -18.98 17.90 -54.29
N VAL D 71 -20.14 18.20 -53.69
CA VAL D 71 -20.23 18.52 -52.27
C VAL D 71 -21.02 17.43 -51.54
N LEU D 72 -20.47 16.95 -50.44
CA LEU D 72 -20.98 15.83 -49.67
C LEU D 72 -21.08 16.25 -48.21
N PRO D 73 -21.91 15.57 -47.43
CA PRO D 73 -21.83 15.73 -45.98
C PRO D 73 -20.50 15.17 -45.47
N GLY D 74 -20.09 15.67 -44.30
CA GLY D 74 -18.85 15.22 -43.72
C GLY D 74 -18.87 13.73 -43.46
N LEU D 75 -17.82 13.04 -43.87
CA LEU D 75 -17.77 11.60 -43.69
C LEU D 75 -17.45 11.27 -42.25
N MET D 76 -17.95 10.12 -41.80
CA MET D 76 -17.73 9.67 -40.45
C MET D 76 -17.21 8.25 -40.47
N ASP D 77 -16.20 8.00 -39.64
CA ASP D 77 -15.50 6.74 -39.54
C ASP D 77 -15.77 6.17 -38.15
N MET D 78 -16.37 4.99 -38.09
CA MET D 78 -16.84 4.45 -36.82
C MET D 78 -15.91 3.39 -36.23
N HIS D 79 -14.67 3.33 -36.70
CA HIS D 79 -13.63 2.60 -35.98
C HIS D 79 -12.31 3.34 -36.24
N VAL D 80 -11.88 4.13 -35.25
CA VAL D 80 -10.58 4.79 -35.29
C VAL D 80 -9.98 4.65 -33.90
N HIS D 81 -8.65 4.62 -33.85
CA HIS D 81 -7.90 4.59 -32.61
C HIS D 81 -6.97 5.80 -32.67
N LEU D 82 -7.48 6.94 -32.20
CA LEU D 82 -6.75 8.19 -32.35
C LEU D 82 -5.56 8.30 -31.40
N GLU D 83 -5.46 7.43 -30.39
CA GLU D 83 -4.31 7.48 -29.50
C GLU D 83 -3.07 6.89 -30.14
N SER D 84 -3.21 5.89 -31.01
CA SER D 84 -2.06 5.17 -31.54
C SER D 84 -2.10 5.14 -33.07
N GLU D 85 -0.93 4.86 -33.64
CA GLU D 85 -0.74 4.55 -35.04
C GLU D 85 0.33 3.48 -35.13
N THR D 86 0.20 2.59 -36.12
CA THR D 86 1.06 1.41 -36.14
C THR D 86 2.49 1.75 -36.56
N ASN D 87 3.45 1.09 -35.93
CA ASN D 87 4.86 1.36 -36.15
C ASN D 87 5.65 0.17 -35.61
N PRO D 88 6.88 -0.04 -36.11
CA PRO D 88 7.63 -1.27 -35.75
C PRO D 88 7.93 -1.48 -34.27
N HIS D 89 7.77 -0.50 -33.39
CA HIS D 89 8.08 -0.72 -31.98
C HIS D 89 6.87 -0.43 -31.10
N ASN D 90 5.69 -0.79 -31.61
CA ASN D 90 4.44 -0.58 -30.89
C ASN D 90 4.40 -1.42 -29.63
N THR D 91 5.00 -2.62 -29.68
CA THR D 91 4.95 -3.55 -28.56
C THR D 91 5.87 -3.12 -27.42
N LEU D 92 7.08 -2.64 -27.74
CA LEU D 92 7.98 -2.06 -26.74
C LEU D 92 7.40 -0.79 -26.11
N GLU D 93 6.80 0.07 -26.94
CA GLU D 93 6.43 1.43 -26.55
C GLU D 93 5.36 1.51 -25.49
N ARG D 94 4.65 0.43 -25.19
CA ARG D 94 3.64 0.47 -24.14
C ARG D 94 4.24 0.73 -22.76
N PHE D 95 5.51 0.39 -22.60
CA PHE D 95 6.20 0.57 -21.32
C PHE D 95 6.99 1.86 -21.24
N ILE D 96 7.24 2.51 -22.37
CA ILE D 96 8.07 3.71 -22.38
C ILE D 96 7.27 4.99 -22.66
N LEU D 97 6.06 4.88 -23.19
CA LEU D 97 5.27 6.06 -23.57
C LEU D 97 4.37 6.45 -22.41
N ASN D 98 4.37 7.74 -22.07
CA ASN D 98 3.53 8.31 -21.04
C ASN D 98 2.29 8.95 -21.63
N PRO D 99 1.28 9.27 -20.81
CA PRO D 99 0.05 9.88 -21.37
C PRO D 99 0.28 11.14 -22.19
N ALA D 100 1.19 12.02 -21.76
CA ALA D 100 1.40 13.28 -22.49
C ALA D 100 1.98 13.00 -23.88
N ASP D 101 2.91 12.04 -23.98
CA ASP D 101 3.43 11.66 -25.29
C ASP D 101 2.31 11.21 -26.21
N ILE D 102 1.41 10.39 -25.67
CA ILE D 102 0.26 9.89 -26.43
C ILE D 102 -0.60 11.05 -26.91
N ALA D 103 -0.85 12.03 -26.04
CA ALA D 103 -1.66 13.18 -26.44
C ALA D 103 -1.00 13.93 -27.59
N TYR D 104 0.32 14.11 -27.50
CA TYR D 104 1.02 14.87 -28.52
C TYR D 104 1.00 14.17 -29.87
N ARG D 105 1.08 12.83 -29.88
CA ARG D 105 0.93 12.10 -31.14
C ARG D 105 -0.50 12.19 -31.67
N SER D 106 -1.47 12.05 -30.77
CA SER D 106 -2.88 12.17 -31.14
C SER D 106 -3.16 13.49 -31.84
N VAL D 107 -2.44 14.56 -31.46
CA VAL D 107 -2.64 15.86 -32.11
C VAL D 107 -2.52 15.73 -33.63
N GLY D 108 -1.37 15.21 -34.08
CA GLY D 108 -1.17 15.04 -35.51
C GLY D 108 -2.13 14.04 -36.13
N TYR D 109 -2.41 12.94 -35.42
CA TYR D 109 -3.36 11.96 -35.97
C TYR D 109 -4.73 12.59 -36.21
N ALA D 110 -5.22 13.36 -35.23
CA ALA D 110 -6.51 14.01 -35.34
C ALA D 110 -6.54 15.03 -36.47
N ARG D 111 -5.47 15.82 -36.61
CA ARG D 111 -5.46 16.80 -37.69
C ARG D 111 -5.50 16.11 -39.04
N LYS D 112 -4.72 15.04 -39.21
CA LYS D 112 -4.72 14.32 -40.48
C LYS D 112 -6.09 13.68 -40.76
N THR D 113 -6.75 13.17 -39.72
CA THR D 113 -8.09 12.62 -39.91
C THR D 113 -9.07 13.69 -40.37
N LEU D 114 -9.08 14.83 -39.68
CA LEU D 114 -10.02 15.88 -40.01
C LEU D 114 -9.78 16.43 -41.41
N MET D 115 -8.51 16.52 -41.83
CA MET D 115 -8.25 17.06 -43.15
C MET D 115 -8.43 16.02 -44.26
N ALA D 116 -8.48 14.74 -43.92
CA ALA D 116 -8.90 13.73 -44.89
C ALA D 116 -10.38 13.82 -45.21
N GLY D 117 -11.14 14.65 -44.49
CA GLY D 117 -12.55 14.82 -44.70
C GLY D 117 -13.43 14.09 -43.72
N PHE D 118 -12.86 13.46 -42.70
CA PHE D 118 -13.62 12.72 -41.72
C PHE D 118 -13.87 13.62 -40.52
N THR D 119 -15.02 14.31 -40.56
CA THR D 119 -15.40 15.25 -39.53
C THR D 119 -15.94 14.58 -38.27
N THR D 120 -16.28 13.29 -38.33
CA THR D 120 -16.77 12.59 -37.15
C THR D 120 -16.12 11.21 -37.09
N VAL D 121 -15.71 10.82 -35.90
CA VAL D 121 -15.09 9.51 -35.69
C VAL D 121 -15.58 8.89 -34.39
N ARG D 122 -15.52 7.56 -34.36
CA ARG D 122 -15.86 6.77 -33.18
C ARG D 122 -14.59 6.05 -32.74
N ASP D 123 -13.97 6.55 -31.68
CA ASP D 123 -12.75 5.98 -31.12
C ASP D 123 -13.14 4.83 -30.20
N LEU D 124 -12.77 3.61 -30.58
CA LEU D 124 -13.26 2.40 -29.94
C LEU D 124 -12.23 1.75 -29.02
N GLY D 125 -11.24 2.51 -28.54
CA GLY D 125 -10.26 1.94 -27.65
C GLY D 125 -9.10 2.85 -27.34
N GLY D 126 -8.76 2.96 -26.06
CA GLY D 126 -7.65 3.81 -25.66
C GLY D 126 -7.26 3.56 -24.22
N THR D 127 -6.42 4.45 -23.71
CA THR D 127 -6.09 4.48 -22.29
C THR D 127 -6.93 5.49 -21.52
N GLY D 128 -7.78 6.23 -22.21
CA GLY D 128 -8.47 7.37 -21.63
C GLY D 128 -7.96 8.69 -22.16
N VAL D 129 -6.77 8.71 -22.79
CA VAL D 129 -6.27 9.93 -23.42
C VAL D 129 -7.23 10.38 -24.51
N ASN D 130 -7.91 9.43 -25.17
CA ASN D 130 -8.91 9.79 -26.17
C ASN D 130 -9.99 10.69 -25.59
N ILE D 131 -10.38 10.46 -24.33
CA ILE D 131 -11.39 11.30 -23.70
C ILE D 131 -10.88 12.73 -23.53
N SER D 132 -9.64 12.88 -23.05
CA SER D 132 -9.05 14.21 -22.94
C SER D 132 -8.88 14.84 -24.32
N LEU D 133 -8.57 14.03 -25.33
CA LEU D 133 -8.42 14.52 -26.69
C LEU D 133 -9.73 15.06 -27.24
N ARG D 134 -10.83 14.33 -27.02
CA ARG D 134 -12.14 14.82 -27.42
C ARG D 134 -12.49 16.11 -26.69
N ASN D 135 -12.22 16.15 -25.38
CA ASN D 135 -12.51 17.36 -24.62
C ASN D 135 -11.67 18.54 -25.13
N ALA D 136 -10.46 18.26 -25.58
CA ALA D 136 -9.59 19.32 -26.09
C ALA D 136 -10.08 19.81 -27.46
N ILE D 137 -10.53 18.89 -28.32
CA ILE D 137 -11.06 19.29 -29.62
C ILE D 137 -12.32 20.13 -29.44
N ASN D 138 -13.22 19.68 -28.57
CA ASN D 138 -14.48 20.39 -28.37
C ASN D 138 -14.28 21.77 -27.76
N ALA D 139 -13.24 21.94 -26.94
CA ALA D 139 -12.97 23.25 -26.38
C ALA D 139 -12.34 24.19 -27.38
N GLY D 140 -12.00 23.71 -28.58
CA GLY D 140 -11.35 24.54 -29.56
C GLY D 140 -9.85 24.70 -29.41
N LEU D 141 -9.22 23.88 -28.56
CA LEU D 141 -7.79 24.04 -28.37
C LEU D 141 -6.99 23.42 -29.49
N ILE D 142 -7.47 22.31 -30.05
CA ILE D 142 -6.75 21.58 -31.08
C ILE D 142 -7.70 21.27 -32.23
N ASP D 143 -7.20 21.42 -33.45
CA ASP D 143 -7.95 21.07 -34.65
C ASP D 143 -8.20 19.57 -34.67
N GLY D 144 -9.46 19.17 -34.76
CA GLY D 144 -9.76 17.77 -34.89
C GLY D 144 -11.19 17.48 -35.27
N PRO D 145 -11.48 16.21 -35.53
CA PRO D 145 -12.86 15.80 -35.78
C PRO D 145 -13.66 15.72 -34.49
N ARG D 146 -14.98 15.74 -34.66
CA ARG D 146 -15.87 15.33 -33.58
C ARG D 146 -15.57 13.90 -33.19
N VAL D 147 -15.15 13.69 -31.96
CA VAL D 147 -14.74 12.39 -31.46
C VAL D 147 -15.79 11.89 -30.49
N PHE D 148 -16.29 10.68 -30.73
CA PHE D 148 -17.09 9.96 -29.75
C PHE D 148 -16.25 8.76 -29.33
N THR D 149 -15.84 8.73 -28.06
CA THR D 149 -14.80 7.81 -27.63
C THR D 149 -15.36 6.84 -26.59
N ALA D 150 -14.90 5.60 -26.67
CA ALA D 150 -15.26 4.58 -25.69
C ALA D 150 -14.37 4.62 -24.45
N GLY D 151 -13.34 5.46 -24.44
CA GLY D 151 -12.39 5.43 -23.34
C GLY D 151 -11.65 4.11 -23.34
N LYS D 152 -11.58 3.47 -22.16
CA LYS D 152 -10.93 2.18 -22.05
C LYS D 152 -11.92 1.07 -22.38
N SER D 153 -11.55 0.20 -23.30
CA SER D 153 -12.36 -0.96 -23.62
C SER D 153 -12.38 -1.93 -22.45
N ILE D 154 -13.48 -2.66 -22.32
CA ILE D 154 -13.67 -3.63 -21.25
C ILE D 154 -13.34 -5.02 -21.76
N ALA D 155 -12.61 -5.77 -20.94
CA ALA D 155 -12.28 -7.16 -21.26
C ALA D 155 -12.37 -7.98 -19.98
N THR D 156 -12.36 -9.29 -20.14
CA THR D 156 -12.21 -10.17 -19.00
C THR D 156 -10.73 -10.43 -18.77
N THR D 157 -10.41 -11.00 -17.61
CA THR D 157 -9.02 -11.28 -17.27
C THR D 157 -8.36 -12.11 -18.37
N GLY D 158 -7.18 -11.67 -18.79
CA GLY D 158 -6.52 -12.26 -19.94
C GLY D 158 -7.17 -11.95 -21.27
N GLY D 159 -8.24 -11.16 -21.26
CA GLY D 159 -8.94 -10.77 -22.47
C GLY D 159 -8.12 -9.92 -23.42
N HIS D 160 -8.70 -9.63 -24.58
CA HIS D 160 -7.97 -8.89 -25.61
C HIS D 160 -7.58 -7.49 -25.13
N ALA D 161 -8.45 -6.83 -24.39
CA ALA D 161 -8.23 -5.48 -23.91
C ALA D 161 -7.66 -5.44 -22.50
N ASP D 162 -7.09 -6.53 -22.03
CA ASP D 162 -6.43 -6.54 -20.73
C ASP D 162 -5.17 -5.69 -20.82
N PRO D 163 -5.03 -4.64 -20.01
CA PRO D 163 -3.91 -3.71 -20.22
C PRO D 163 -2.55 -4.34 -19.99
N THR D 164 -2.44 -5.27 -19.04
CA THR D 164 -1.17 -5.90 -18.69
C THR D 164 -0.99 -7.28 -19.33
N ASN D 165 -1.60 -7.52 -20.48
CA ASN D 165 -1.43 -8.81 -21.14
C ASN D 165 0.02 -8.96 -21.60
N GLY D 166 0.64 -10.08 -21.24
CA GLY D 166 2.02 -10.34 -21.62
C GLY D 166 3.09 -9.68 -20.77
N TYR D 167 2.70 -8.90 -19.75
CA TYR D 167 3.68 -8.27 -18.87
C TYR D 167 4.38 -9.31 -18.00
N ARG D 168 5.53 -8.90 -17.43
CA ARG D 168 6.22 -9.80 -16.46
C ARG D 168 5.31 -9.95 -15.24
N LYS D 169 5.49 -10.98 -14.43
CA LYS D 169 4.53 -11.24 -13.33
C LYS D 169 4.47 -10.08 -12.30
N ASP D 170 5.62 -9.54 -11.90
CA ASP D 170 5.59 -8.37 -10.98
C ASP D 170 4.92 -7.19 -11.68
N LEU D 171 5.26 -6.97 -12.96
CA LEU D 171 4.65 -5.88 -13.76
C LEU D 171 3.15 -6.08 -14.00
N MET D 172 2.71 -7.33 -14.23
CA MET D 172 1.31 -7.56 -14.66
C MET D 172 0.27 -7.14 -13.60
N GLY D 173 0.49 -7.43 -12.32
CA GLY D 173 -0.49 -6.93 -11.34
C GLY D 173 -1.81 -7.67 -11.47
N ASP D 174 -2.88 -7.09 -10.95
CA ASP D 174 -4.23 -7.71 -11.09
C ASP D 174 -5.25 -6.64 -11.47
N PRO D 175 -5.40 -6.30 -12.78
CA PRO D 175 -6.32 -5.24 -13.20
C PRO D 175 -7.78 -5.62 -12.97
N GLY D 176 -8.57 -4.62 -12.60
CA GLY D 176 -9.97 -4.81 -12.30
C GLY D 176 -10.86 -3.81 -13.02
N PRO D 177 -12.12 -3.70 -12.58
CA PRO D 177 -13.08 -2.84 -13.29
C PRO D 177 -12.60 -1.41 -13.47
N TYR D 178 -11.91 -0.87 -12.47
CA TYR D 178 -11.32 0.47 -12.62
C TYR D 178 -10.39 0.51 -13.83
N GLU D 179 -9.67 -0.58 -14.08
CA GLU D 179 -8.76 -0.69 -15.21
C GLU D 179 -9.43 -1.22 -16.47
N GLY D 180 -10.72 -1.54 -16.42
CA GLY D 180 -11.41 -2.07 -17.58
C GLY D 180 -11.42 -3.59 -17.69
N VAL D 181 -11.04 -4.31 -16.66
CA VAL D 181 -11.06 -5.78 -16.66
C VAL D 181 -12.12 -6.23 -15.67
N ALA D 182 -13.11 -6.97 -16.16
CA ALA D 182 -14.24 -7.40 -15.33
C ALA D 182 -14.45 -8.90 -15.43
N ASN D 183 -14.94 -9.47 -14.34
CA ASN D 183 -15.34 -10.88 -14.30
C ASN D 183 -16.62 -11.01 -13.49
N GLY D 184 -17.69 -11.47 -14.14
CA GLY D 184 -18.98 -11.57 -13.51
C GLY D 184 -19.84 -10.34 -13.78
N PRO D 185 -21.15 -10.48 -13.61
CA PRO D 185 -22.05 -9.37 -13.96
C PRO D 185 -21.85 -8.11 -13.13
N ASP D 186 -21.60 -8.24 -11.83
CA ASP D 186 -21.45 -7.06 -10.99
C ASP D 186 -20.20 -6.26 -11.36
N GLU D 187 -19.08 -6.96 -11.60
CA GLU D 187 -17.88 -6.25 -12.03
C GLU D 187 -18.07 -5.58 -13.38
N CYS D 188 -18.83 -6.22 -14.25
CA CYS D 188 -19.11 -5.63 -15.58
C CYS D 188 -19.93 -4.36 -15.39
N ARG D 189 -20.91 -4.40 -14.48
CA ARG D 189 -21.79 -3.24 -14.24
C ARG D 189 -20.94 -2.07 -13.72
N LYS D 190 -19.99 -2.35 -12.83
CA LYS D 190 -19.09 -1.29 -12.31
C LYS D 190 -18.20 -0.77 -13.45
N ALA D 191 -17.65 -1.68 -14.26
CA ALA D 191 -16.76 -1.23 -15.32
C ALA D 191 -17.45 -0.29 -16.29
N VAL D 192 -18.68 -0.62 -16.69
CA VAL D 192 -19.45 0.28 -17.55
C VAL D 192 -19.70 1.60 -16.84
N ARG D 193 -20.12 1.54 -15.58
CA ARG D 193 -20.33 2.78 -14.82
C ARG D 193 -19.05 3.56 -14.69
N GLN D 194 -17.90 2.88 -14.61
CA GLN D 194 -16.62 3.57 -14.53
C GLN D 194 -16.31 4.31 -15.82
N ARG D 195 -16.54 3.69 -16.97
CA ARG D 195 -16.34 4.42 -18.22
C ARG D 195 -17.27 5.63 -18.29
N TYR D 196 -18.49 5.49 -17.79
CA TYR D 196 -19.40 6.63 -17.75
C TYR D 196 -18.85 7.74 -16.84
N LYS D 197 -18.36 7.37 -15.66
CA LYS D 197 -17.76 8.32 -14.74
C LYS D 197 -16.54 9.00 -15.36
N ASN D 198 -15.75 8.26 -16.11
CA ASN D 198 -14.54 8.76 -16.74
C ASN D 198 -14.84 9.64 -17.94
N GLY D 199 -16.09 9.70 -18.38
CA GLY D 199 -16.51 10.58 -19.45
C GLY D 199 -16.64 9.95 -20.82
N ALA D 200 -16.75 8.63 -20.89
CA ALA D 200 -16.86 7.95 -22.17
C ALA D 200 -18.22 8.22 -22.82
N ASP D 201 -18.21 8.22 -24.16
CA ASP D 201 -19.46 8.34 -24.91
C ASP D 201 -20.16 6.99 -25.04
N LEU D 202 -19.40 5.94 -25.31
CA LEU D 202 -19.95 4.62 -25.56
C LEU D 202 -19.10 3.56 -24.87
N ILE D 203 -19.57 2.32 -24.92
CA ILE D 203 -18.87 1.16 -24.38
C ILE D 203 -18.35 0.32 -25.54
N LYS D 204 -17.11 -0.15 -25.43
CA LYS D 204 -16.54 -1.12 -26.35
C LYS D 204 -16.01 -2.30 -25.56
N ILE D 205 -16.31 -3.51 -26.03
CA ILE D 205 -15.82 -4.73 -25.38
C ILE D 205 -15.15 -5.60 -26.43
N THR D 206 -14.29 -6.49 -25.95
CA THR D 206 -13.62 -7.48 -26.79
C THR D 206 -14.20 -8.85 -26.44
N ALA D 207 -15.06 -9.37 -27.34
CA ALA D 207 -15.79 -10.59 -27.06
C ALA D 207 -15.06 -11.86 -27.47
N THR D 208 -14.07 -11.78 -28.35
CA THR D 208 -13.24 -12.92 -28.72
C THR D 208 -11.78 -12.52 -28.70
N GLY D 209 -10.91 -13.51 -28.88
CA GLY D 209 -9.49 -13.27 -29.00
C GLY D 209 -9.12 -12.40 -30.18
N ALA D 220 -12.00 -18.17 -29.40
CA ALA D 220 -12.62 -18.51 -28.13
C ALA D 220 -13.33 -17.31 -27.52
N PRO D 221 -14.52 -17.53 -26.95
CA PRO D 221 -15.31 -16.43 -26.38
C PRO D 221 -14.78 -15.99 -25.02
N GLN D 222 -14.62 -14.69 -24.85
CA GLN D 222 -14.08 -14.17 -23.60
C GLN D 222 -15.15 -13.55 -22.71
N PHE D 223 -16.42 -13.68 -23.05
CA PHE D 223 -17.51 -13.11 -22.26
C PHE D 223 -18.62 -14.14 -22.14
N THR D 224 -19.12 -14.33 -20.92
CA THR D 224 -20.26 -15.22 -20.76
C THR D 224 -21.55 -14.47 -21.13
N ASP D 225 -22.60 -15.25 -21.39
CA ASP D 225 -23.89 -14.66 -21.75
C ASP D 225 -24.35 -13.69 -20.67
N GLU D 226 -24.21 -14.07 -19.41
CA GLU D 226 -24.66 -13.24 -18.30
C GLU D 226 -23.85 -11.95 -18.22
N GLU D 227 -22.52 -12.03 -18.45
CA GLU D 227 -21.71 -10.81 -18.45
C GLU D 227 -22.14 -9.85 -19.54
N LEU D 228 -22.37 -10.38 -20.76
CA LEU D 228 -22.76 -9.51 -21.87
C LEU D 228 -24.11 -8.85 -21.61
N ARG D 229 -25.08 -9.62 -21.10
CA ARG D 229 -26.37 -9.02 -20.79
C ARG D 229 -26.23 -7.94 -19.73
N ALA D 230 -25.45 -8.21 -18.67
CA ALA D 230 -25.24 -7.17 -17.65
C ALA D 230 -24.64 -5.92 -18.27
N ILE D 231 -23.68 -6.09 -19.18
CA ILE D 231 -23.01 -4.94 -19.79
C ILE D 231 -24.01 -4.14 -20.62
N VAL D 232 -24.84 -4.83 -21.41
CA VAL D 232 -25.78 -4.13 -22.28
C VAL D 232 -26.83 -3.40 -21.45
N GLU D 233 -27.33 -4.02 -20.37
CA GLU D 233 -28.35 -3.37 -19.56
C GLU D 233 -27.78 -2.15 -18.84
N THR D 234 -26.57 -2.27 -18.28
CA THR D 234 -25.94 -1.11 -17.64
C THR D 234 -25.70 0.01 -18.65
N ALA D 235 -25.15 -0.33 -19.82
CA ALA D 235 -24.87 0.68 -20.83
C ALA D 235 -26.15 1.38 -21.28
N ARG D 236 -27.25 0.63 -21.42
CA ARG D 236 -28.50 1.27 -21.82
C ARG D 236 -29.03 2.17 -20.71
N ASP D 237 -28.79 1.79 -19.46
CA ASP D 237 -29.22 2.64 -18.35
C ASP D 237 -28.56 4.01 -18.43
N TYR D 238 -27.28 4.06 -18.83
CA TYR D 238 -26.54 5.31 -18.92
C TYR D 238 -26.54 5.89 -20.33
N GLY D 239 -27.43 5.40 -21.19
CA GLY D 239 -27.56 5.96 -22.51
C GLY D 239 -26.35 5.79 -23.40
N MET D 240 -25.56 4.74 -23.18
CA MET D 240 -24.38 4.47 -23.97
C MET D 240 -24.61 3.21 -24.80
N LYS D 241 -24.24 3.29 -26.07
CA LYS D 241 -24.31 2.13 -26.96
C LYS D 241 -23.11 1.22 -26.72
N VAL D 242 -23.23 -0.01 -27.23
CA VAL D 242 -22.20 -1.02 -27.04
C VAL D 242 -21.68 -1.49 -28.38
N ALA D 243 -20.36 -1.43 -28.55
CA ALA D 243 -19.65 -1.95 -29.70
C ALA D 243 -18.83 -3.16 -29.28
N VAL D 244 -18.78 -4.17 -30.14
CA VAL D 244 -18.22 -5.46 -29.79
C VAL D 244 -17.20 -5.87 -30.84
N HIS D 245 -15.97 -6.08 -30.40
CA HIS D 245 -14.91 -6.65 -31.23
C HIS D 245 -15.01 -8.16 -31.14
N ALA D 246 -15.23 -8.83 -32.28
CA ALA D 246 -15.44 -10.26 -32.27
C ALA D 246 -14.88 -10.88 -33.53
N HIS D 247 -14.00 -11.88 -33.36
CA HIS D 247 -13.50 -12.65 -34.50
C HIS D 247 -14.20 -13.99 -34.64
N GLY D 248 -14.46 -14.69 -33.53
CA GLY D 248 -15.12 -15.97 -33.61
C GLY D 248 -16.62 -15.85 -33.73
N ALA D 249 -17.22 -16.87 -34.33
CA ALA D 249 -18.67 -16.88 -34.50
C ALA D 249 -19.36 -16.92 -33.13
N GLU D 250 -18.74 -17.64 -32.18
CA GLU D 250 -19.32 -17.84 -30.85
C GLU D 250 -19.58 -16.50 -30.21
N GLY D 251 -18.55 -15.66 -30.22
CA GLY D 251 -18.61 -14.37 -29.57
C GLY D 251 -19.57 -13.41 -30.22
N MET D 252 -19.57 -13.35 -31.56
CA MET D 252 -20.54 -12.48 -32.22
C MET D 252 -21.95 -12.91 -31.90
N LYS D 253 -22.22 -14.20 -31.89
CA LYS D 253 -23.59 -14.60 -31.62
C LYS D 253 -23.98 -14.37 -30.16
N ARG D 254 -23.05 -14.55 -29.22
CA ARG D 254 -23.34 -14.19 -27.84
C ARG D 254 -23.67 -12.71 -27.73
N ALA D 255 -22.86 -11.86 -28.37
CA ALA D 255 -23.12 -10.42 -28.32
C ALA D 255 -24.43 -10.06 -29.00
N LEU D 256 -24.70 -10.65 -30.16
CA LEU D 256 -25.92 -10.35 -30.91
C LEU D 256 -27.15 -10.72 -30.11
N ARG D 257 -27.12 -11.87 -29.43
CA ARG D 257 -28.23 -12.21 -28.56
C ARG D 257 -28.32 -11.27 -27.36
N ALA D 258 -27.18 -10.74 -26.91
CA ALA D 258 -27.24 -9.79 -25.80
C ALA D 258 -27.91 -8.48 -26.20
N GLY D 259 -27.79 -8.07 -27.46
CA GLY D 259 -28.41 -6.84 -27.89
C GLY D 259 -27.43 -5.71 -28.13
N VAL D 260 -26.21 -6.05 -28.52
CA VAL D 260 -25.19 -5.04 -28.80
C VAL D 260 -25.56 -4.24 -30.04
N HIS D 261 -24.92 -3.07 -30.18
CA HIS D 261 -25.28 -2.17 -31.26
C HIS D 261 -24.45 -2.36 -32.53
N SER D 262 -23.24 -2.90 -32.41
CA SER D 262 -22.38 -3.06 -33.57
C SER D 262 -21.39 -4.19 -33.30
N ILE D 263 -20.96 -4.83 -34.39
CA ILE D 263 -19.90 -5.83 -34.35
C ILE D 263 -18.75 -5.32 -35.19
N GLU D 264 -17.54 -5.45 -34.67
CA GLU D 264 -16.35 -4.94 -35.35
C GLU D 264 -15.58 -6.10 -35.94
N HIS D 265 -15.05 -5.89 -37.15
CA HIS D 265 -14.28 -6.88 -37.89
C HIS D 265 -15.18 -8.04 -38.28
N GLY D 266 -15.53 -8.87 -37.30
CA GLY D 266 -16.42 -9.99 -37.58
C GLY D 266 -16.00 -10.85 -38.73
N THR D 267 -14.69 -11.09 -38.88
CA THR D 267 -14.18 -11.81 -40.04
C THR D 267 -14.83 -13.15 -40.30
N TYR D 268 -15.31 -13.87 -39.30
CA TYR D 268 -15.97 -15.15 -39.53
C TYR D 268 -17.46 -15.09 -39.20
N MET D 269 -18.30 -14.99 -40.22
CA MET D 269 -19.74 -14.85 -40.02
C MET D 269 -20.50 -16.06 -40.59
N ASP D 270 -21.29 -16.71 -39.71
CA ASP D 270 -22.11 -17.87 -40.03
C ASP D 270 -23.55 -17.47 -40.37
N ASP D 271 -24.32 -18.44 -40.91
CA ASP D 271 -25.68 -18.14 -41.38
C ASP D 271 -26.65 -17.83 -40.24
N GLU D 272 -26.53 -18.54 -39.12
CA GLU D 272 -27.34 -18.19 -37.96
C GLU D 272 -26.97 -16.79 -37.48
N ALA D 273 -25.70 -16.44 -37.59
CA ALA D 273 -25.26 -15.10 -37.20
C ALA D 273 -25.80 -14.02 -38.14
N ILE D 274 -26.01 -14.31 -39.43
CA ILE D 274 -26.61 -13.27 -40.27
C ILE D 274 -28.09 -13.11 -39.94
N GLU D 275 -28.77 -14.21 -39.62
CA GLU D 275 -30.15 -14.04 -39.18
C GLU D 275 -30.19 -13.24 -37.89
N LEU D 276 -29.17 -13.42 -37.03
CA LEU D 276 -29.04 -12.64 -35.81
C LEU D 276 -28.87 -11.15 -36.12
N PHE D 277 -27.94 -10.83 -37.02
CA PHE D 277 -27.71 -9.45 -37.44
C PHE D 277 -29.00 -8.81 -37.93
N LYS D 278 -29.72 -9.51 -38.81
CA LYS D 278 -30.90 -8.90 -39.41
C LYS D 278 -32.03 -8.75 -38.39
N LYS D 279 -32.13 -9.68 -37.44
CA LYS D 279 -33.20 -9.62 -36.45
C LYS D 279 -32.95 -8.57 -35.37
N THR D 280 -31.69 -8.40 -34.95
CA THR D 280 -31.38 -7.44 -33.90
C THR D 280 -31.27 -6.01 -34.40
N GLY D 281 -30.95 -5.81 -35.67
CA GLY D 281 -30.69 -4.48 -36.19
C GLY D 281 -29.29 -3.98 -35.90
N ALA D 282 -28.42 -4.83 -35.37
CA ALA D 282 -27.04 -4.42 -35.13
C ALA D 282 -26.33 -4.09 -36.44
N TYR D 283 -25.39 -3.16 -36.36
CA TYR D 283 -24.58 -2.76 -37.50
C TYR D 283 -23.31 -3.62 -37.57
N TYR D 284 -22.84 -3.82 -38.79
CA TYR D 284 -21.58 -4.50 -39.04
C TYR D 284 -20.60 -3.49 -39.63
N VAL D 285 -19.47 -3.31 -38.96
CA VAL D 285 -18.43 -2.37 -39.39
C VAL D 285 -17.24 -3.21 -39.85
N PRO D 286 -16.99 -3.33 -41.16
CA PRO D 286 -16.07 -4.39 -41.62
C PRO D 286 -14.60 -4.14 -41.32
N THR D 287 -14.10 -2.91 -41.52
CA THR D 287 -12.68 -2.59 -41.31
C THR D 287 -11.81 -3.45 -42.23
N ILE D 288 -12.11 -3.38 -43.53
CA ILE D 288 -11.38 -4.19 -44.51
C ILE D 288 -9.92 -3.75 -44.59
N LEU D 289 -9.67 -2.44 -44.53
CA LEU D 289 -8.31 -1.93 -44.62
C LEU D 289 -7.45 -2.47 -43.48
N ALA D 290 -8.01 -2.52 -42.27
CA ALA D 290 -7.25 -3.04 -41.13
C ALA D 290 -6.93 -4.53 -41.29
N GLY D 291 -7.70 -5.26 -42.09
CA GLY D 291 -7.38 -6.67 -42.32
C GLY D 291 -6.20 -6.81 -43.26
N ARG D 292 -6.25 -6.13 -44.40
CA ARG D 292 -5.22 -6.21 -45.43
C ARG D 292 -3.99 -5.40 -45.02
N THR D 293 -3.27 -5.93 -44.03
CA THR D 293 -1.98 -5.41 -43.61
C THR D 293 -1.09 -6.53 -43.06
N GLN D 318 -10.98 -13.67 -47.56
CA GLN D 318 -10.95 -13.54 -46.11
C GLN D 318 -12.04 -12.58 -45.65
N ILE D 319 -11.60 -11.39 -45.26
CA ILE D 319 -12.52 -10.33 -44.84
C ILE D 319 -13.33 -9.81 -46.02
N GLN D 320 -12.80 -9.92 -47.23
CA GLN D 320 -13.57 -9.50 -48.40
C GLN D 320 -14.77 -10.42 -48.64
N LYS D 321 -14.56 -11.74 -48.57
CA LYS D 321 -15.67 -12.68 -48.71
C LYS D 321 -16.74 -12.46 -47.65
N THR D 322 -16.34 -12.27 -46.39
CA THR D 322 -17.32 -12.06 -45.34
C THR D 322 -18.08 -10.76 -45.56
N PHE D 323 -17.39 -9.69 -45.98
CA PHE D 323 -18.10 -8.44 -46.26
C PHE D 323 -19.09 -8.60 -47.40
N ALA D 324 -18.71 -9.31 -48.46
CA ALA D 324 -19.59 -9.52 -49.59
C ALA D 324 -20.85 -10.25 -49.17
N LYS D 325 -20.70 -11.36 -48.44
CA LYS D 325 -21.87 -12.12 -48.01
C LYS D 325 -22.73 -11.28 -47.07
N ALA D 326 -22.11 -10.49 -46.21
CA ALA D 326 -22.88 -9.65 -45.28
C ALA D 326 -23.69 -8.60 -46.03
N TYR D 327 -23.08 -7.93 -47.02
CA TYR D 327 -23.81 -6.91 -47.75
C TYR D 327 -24.95 -7.51 -48.55
N LYS D 328 -24.67 -8.59 -49.29
CA LYS D 328 -25.73 -9.21 -50.08
C LYS D 328 -26.85 -9.75 -49.21
N SER D 329 -26.53 -10.25 -48.01
CA SER D 329 -27.55 -10.80 -47.13
C SER D 329 -28.48 -9.73 -46.55
N GLY D 330 -28.12 -8.46 -46.67
CA GLY D 330 -28.90 -7.37 -46.13
C GLY D 330 -28.48 -6.87 -44.77
N VAL D 331 -27.31 -7.27 -44.27
CA VAL D 331 -26.85 -6.77 -42.99
C VAL D 331 -26.61 -5.27 -43.06
N LYS D 332 -27.05 -4.57 -42.01
CA LYS D 332 -26.79 -3.15 -41.87
C LYS D 332 -25.29 -2.89 -41.82
N ILE D 333 -24.81 -1.92 -42.59
CA ILE D 333 -23.39 -1.66 -42.74
C ILE D 333 -23.11 -0.23 -42.30
N ALA D 334 -22.09 -0.08 -41.45
CA ALA D 334 -21.55 1.23 -41.10
C ALA D 334 -20.08 1.28 -41.46
N PHE D 335 -19.63 2.44 -41.94
CA PHE D 335 -18.29 2.59 -42.48
C PHE D 335 -17.28 2.73 -41.35
N GLY D 336 -16.26 1.88 -41.36
CA GLY D 336 -15.18 1.91 -40.40
C GLY D 336 -13.91 1.32 -40.95
N THR D 337 -12.77 1.97 -40.70
CA THR D 337 -11.50 1.55 -41.26
C THR D 337 -10.56 0.90 -40.26
N ASP D 338 -10.81 1.08 -38.96
CA ASP D 338 -9.80 0.86 -37.92
C ASP D 338 -8.46 1.46 -38.35
N SER D 339 -8.50 2.73 -38.70
CA SER D 339 -7.27 3.50 -38.82
C SER D 339 -6.65 3.69 -37.45
N GLY D 340 -5.32 3.76 -37.44
CA GLY D 340 -4.60 3.53 -36.22
C GLY D 340 -3.80 2.29 -36.54
N LYS D 341 -4.52 1.26 -36.99
CA LYS D 341 -3.87 0.08 -37.56
C LYS D 341 -3.35 0.38 -38.96
N SER D 342 -4.07 1.19 -39.73
CA SER D 342 -3.51 1.81 -40.92
C SER D 342 -3.28 3.27 -40.62
N VAL D 343 -2.35 3.87 -41.37
CA VAL D 343 -1.94 5.25 -41.09
C VAL D 343 -3.15 6.17 -41.15
N HIS D 344 -3.21 7.10 -40.20
CA HIS D 344 -4.32 8.05 -40.14
C HIS D 344 -4.28 9.00 -41.31
N GLY D 345 -5.47 9.33 -41.83
CA GLY D 345 -5.60 10.14 -43.01
C GLY D 345 -5.83 9.36 -44.29
N LEU D 346 -5.59 8.04 -44.28
CA LEU D 346 -5.83 7.17 -45.41
C LEU D 346 -7.16 6.43 -45.32
N ASN D 347 -8.11 6.92 -44.52
CA ASN D 347 -9.37 6.21 -44.33
C ASN D 347 -10.12 6.02 -45.63
N ALA D 348 -10.06 7.00 -46.53
CA ALA D 348 -10.83 6.95 -47.77
C ALA D 348 -10.54 5.70 -48.58
N ILE D 349 -9.36 5.10 -48.41
CA ILE D 349 -9.04 3.87 -49.13
C ILE D 349 -10.14 2.85 -48.94
N GLU D 350 -10.66 2.76 -47.71
CA GLU D 350 -11.69 1.78 -47.38
C GLU D 350 -12.88 1.87 -48.33
N PHE D 351 -13.27 3.08 -48.72
CA PHE D 351 -14.36 3.25 -49.68
C PHE D 351 -14.15 2.34 -50.90
N GLU D 352 -12.97 2.46 -51.53
CA GLU D 352 -12.67 1.66 -52.71
C GLU D 352 -12.88 0.19 -52.43
N LEU D 353 -12.40 -0.31 -51.28
CA LEU D 353 -12.51 -1.74 -51.03
C LEU D 353 -13.96 -2.18 -50.98
N MET D 354 -14.82 -1.34 -50.37
CA MET D 354 -16.23 -1.71 -50.30
C MET D 354 -16.84 -1.73 -51.68
N VAL D 355 -16.39 -0.86 -52.58
CA VAL D 355 -16.91 -0.89 -53.93
C VAL D 355 -16.41 -2.14 -54.66
N GLU D 356 -15.20 -2.60 -54.33
CA GLU D 356 -14.70 -3.80 -55.01
C GLU D 356 -15.42 -5.06 -54.56
N ALA D 357 -15.91 -5.09 -53.33
CA ALA D 357 -16.70 -6.21 -52.86
C ALA D 357 -18.12 -6.21 -53.40
N GLY D 358 -18.48 -5.20 -54.18
CA GLY D 358 -19.76 -5.13 -54.82
C GLY D 358 -20.78 -4.18 -54.22
N MET D 359 -20.38 -3.45 -53.18
CA MET D 359 -21.30 -2.45 -52.60
C MET D 359 -21.29 -1.20 -53.51
N PRO D 360 -22.47 -0.63 -53.83
CA PRO D 360 -22.54 0.56 -54.67
C PRO D 360 -21.90 1.76 -54.02
N PRO D 361 -21.29 2.68 -54.79
CA PRO D 361 -20.55 3.79 -54.21
C PRO D 361 -21.45 4.67 -53.36
N LEU D 362 -22.68 4.89 -53.80
CA LEU D 362 -23.64 5.67 -52.97
C LEU D 362 -23.89 4.91 -51.67
N GLU D 363 -24.01 3.58 -51.74
CA GLU D 363 -24.25 2.77 -50.53
C GLU D 363 -23.05 2.88 -49.58
N ALA D 364 -21.82 2.86 -50.12
CA ALA D 364 -20.66 3.07 -49.27
C ALA D 364 -20.67 4.46 -48.66
N ILE D 365 -20.98 5.49 -49.47
CA ILE D 365 -21.02 6.85 -48.96
C ILE D 365 -22.13 7.00 -47.91
N ARG D 366 -23.25 6.32 -48.14
CA ARG D 366 -24.34 6.35 -47.16
C ARG D 366 -23.92 5.65 -45.86
N SER D 367 -23.13 4.58 -45.98
CA SER D 367 -22.61 3.88 -44.81
C SER D 367 -21.63 4.74 -44.04
N ALA D 368 -20.90 5.62 -44.73
CA ALA D 368 -20.00 6.53 -44.02
C ALA D 368 -20.71 7.76 -43.48
N THR D 369 -21.96 8.01 -43.88
CA THR D 369 -22.65 9.21 -43.43
C THR D 369 -23.94 8.89 -42.68
N LEU D 370 -25.02 8.51 -43.38
CA LEU D 370 -26.31 8.32 -42.69
C LEU D 370 -26.33 7.11 -41.77
N ASN D 371 -25.89 5.95 -42.26
CA ASN D 371 -25.86 4.77 -41.40
C ASN D 371 -24.94 4.96 -40.21
N ALA D 372 -23.82 5.66 -40.42
CA ALA D 372 -22.93 5.97 -39.30
C ALA D 372 -23.62 6.87 -38.29
N ALA D 373 -24.31 7.92 -38.77
CA ALA D 373 -25.02 8.81 -37.86
C ALA D 373 -26.08 8.07 -37.08
N ASP D 374 -26.71 7.06 -37.70
CA ASP D 374 -27.66 6.23 -36.97
C ASP D 374 -26.95 5.40 -35.91
N LEU D 375 -25.81 4.79 -36.27
CA LEU D 375 -25.06 3.97 -35.32
C LEU D 375 -24.59 4.78 -34.12
N LEU D 376 -24.22 6.04 -34.35
CA LEU D 376 -23.82 6.90 -33.23
C LEU D 376 -25.00 7.22 -32.33
N GLY D 377 -26.19 7.28 -32.89
CA GLY D 377 -27.36 7.74 -32.16
C GLY D 377 -27.57 9.24 -32.17
N VAL D 378 -27.04 9.95 -33.16
CA VAL D 378 -27.24 11.39 -33.29
C VAL D 378 -28.07 11.62 -34.55
N ASN D 379 -29.00 12.57 -34.48
CA ASN D 379 -29.87 12.90 -35.60
C ASN D 379 -29.54 14.24 -36.24
N ASN D 380 -28.42 14.87 -35.86
CA ASN D 380 -28.03 16.17 -36.38
C ASN D 380 -26.82 16.10 -37.30
N LEU D 381 -26.46 14.91 -37.76
CA LEU D 381 -25.31 14.70 -38.62
C LEU D 381 -25.67 13.78 -39.79
N GLY D 382 -24.83 13.83 -40.82
CA GLY D 382 -24.89 12.87 -41.91
C GLY D 382 -25.73 13.27 -43.09
N SER D 383 -26.27 14.47 -43.10
CA SER D 383 -27.11 14.90 -44.21
C SER D 383 -27.08 16.42 -44.26
N ILE D 384 -26.92 16.97 -45.46
CA ILE D 384 -26.93 18.41 -45.64
C ILE D 384 -28.39 18.80 -45.90
N GLU D 385 -29.03 19.30 -44.86
CA GLU D 385 -30.44 19.69 -44.92
C GLU D 385 -30.69 20.59 -43.73
N ALA D 386 -31.79 21.34 -43.79
CA ALA D 386 -32.07 22.35 -42.77
C ALA D 386 -32.07 21.75 -41.38
N GLY D 387 -31.44 22.47 -40.45
CA GLY D 387 -31.38 22.08 -39.05
C GLY D 387 -30.24 21.16 -38.70
N MET D 388 -29.45 20.74 -39.68
CA MET D 388 -28.36 19.81 -39.42
C MET D 388 -27.08 20.62 -39.18
N LEU D 389 -26.07 19.95 -38.66
CA LEU D 389 -24.83 20.67 -38.37
C LEU D 389 -23.95 20.74 -39.60
N ALA D 390 -23.29 21.88 -39.78
CA ALA D 390 -22.58 22.20 -41.01
C ALA D 390 -21.26 21.45 -41.04
N ASP D 391 -21.34 20.17 -41.39
CA ASP D 391 -20.18 19.34 -41.67
C ASP D 391 -20.20 19.05 -43.17
N VAL D 392 -19.30 19.70 -43.91
CA VAL D 392 -19.36 19.68 -45.36
C VAL D 392 -17.97 19.38 -45.90
N ILE D 393 -17.89 18.43 -46.83
CA ILE D 393 -16.66 18.14 -47.55
C ILE D 393 -16.97 18.30 -49.03
N ALA D 394 -15.91 18.54 -49.80
CA ALA D 394 -16.07 18.68 -51.25
C ALA D 394 -14.86 18.09 -51.96
N VAL D 395 -15.15 17.44 -53.09
CA VAL D 395 -14.19 16.74 -53.93
C VAL D 395 -14.23 17.34 -55.33
N GLU D 396 -13.27 16.94 -56.15
CA GLU D 396 -13.10 17.53 -57.48
C GLU D 396 -14.03 16.89 -58.51
N ASP D 397 -14.16 15.56 -58.49
CA ASP D 397 -14.89 14.81 -59.51
C ASP D 397 -16.03 14.05 -58.86
N ASN D 398 -16.89 13.46 -59.70
CA ASN D 398 -18.11 12.83 -59.19
C ASN D 398 -17.75 11.54 -58.45
N PRO D 399 -17.98 11.47 -57.14
CA PRO D 399 -17.62 10.26 -56.40
C PRO D 399 -18.46 9.04 -56.73
N LEU D 400 -19.65 9.21 -57.31
CA LEU D 400 -20.45 8.03 -57.58
C LEU D 400 -19.94 7.22 -58.75
N GLU D 401 -19.20 7.81 -59.68
CA GLU D 401 -18.55 6.97 -60.70
C GLU D 401 -17.08 6.74 -60.46
N ASN D 402 -16.40 7.52 -59.62
CA ASN D 402 -15.10 7.06 -59.10
C ASN D 402 -14.97 7.49 -57.65
N ILE D 403 -15.14 6.51 -56.75
CA ILE D 403 -15.10 6.74 -55.32
C ILE D 403 -13.70 7.10 -54.85
N SER D 404 -12.68 6.82 -55.66
CA SER D 404 -11.32 7.16 -55.27
C SER D 404 -11.13 8.67 -55.20
N THR D 405 -12.05 9.44 -55.78
CA THR D 405 -12.01 10.88 -55.60
C THR D 405 -12.16 11.29 -54.14
N LEU D 406 -12.76 10.43 -53.31
CA LEU D 406 -12.84 10.77 -51.90
C LEU D 406 -11.48 10.75 -51.23
N ARG D 407 -10.47 10.23 -51.91
CA ARG D 407 -9.11 10.21 -51.40
C ARG D 407 -8.38 11.53 -51.58
N LYS D 408 -8.96 12.50 -52.28
CA LYS D 408 -8.43 13.86 -52.35
C LYS D 408 -9.59 14.82 -52.08
N VAL D 409 -9.76 15.17 -50.82
CA VAL D 409 -10.80 16.11 -50.41
C VAL D 409 -10.23 17.52 -50.45
N VAL D 410 -10.87 18.39 -51.22
CA VAL D 410 -10.38 19.76 -51.40
C VAL D 410 -11.08 20.77 -50.49
N PHE D 411 -12.22 20.42 -49.90
CA PHE D 411 -12.87 21.38 -49.00
C PHE D 411 -13.36 20.65 -47.76
N VAL D 412 -13.00 21.18 -46.60
CA VAL D 412 -13.40 20.60 -45.31
C VAL D 412 -13.85 21.74 -44.39
N MET D 413 -15.10 21.66 -43.94
CA MET D 413 -15.67 22.57 -42.96
C MET D 413 -16.41 21.74 -41.92
N LYS D 414 -16.06 21.92 -40.66
CA LYS D 414 -16.71 21.24 -39.56
C LYS D 414 -17.25 22.23 -38.54
N ASP D 415 -18.50 22.04 -38.11
CA ASP D 415 -19.17 22.91 -37.15
C ASP D 415 -19.21 24.37 -37.63
N GLY D 416 -19.15 24.59 -38.94
CA GLY D 416 -19.23 25.91 -39.52
C GLY D 416 -17.90 26.57 -39.81
N LYS D 417 -16.81 26.09 -39.19
CA LYS D 417 -15.49 26.66 -39.43
C LYS D 417 -14.81 25.88 -40.55
N VAL D 418 -14.13 26.60 -41.44
CA VAL D 418 -13.46 25.97 -42.58
C VAL D 418 -12.03 25.63 -42.18
N TYR D 419 -11.70 24.35 -42.26
CA TYR D 419 -10.35 23.87 -41.98
C TYR D 419 -9.53 23.63 -43.25
N LYS D 420 -10.16 23.36 -44.39
CA LYS D 420 -9.41 23.08 -45.61
C LYS D 420 -10.11 23.68 -46.82
N GLN D 421 -9.34 24.36 -47.67
CA GLN D 421 -9.87 25.03 -48.87
C GLN D 421 -8.83 25.01 -49.98
N GLU D 422 -9.15 24.34 -51.08
CA GLU D 422 -8.24 24.23 -52.21
C GLU D 422 -8.93 24.52 -53.54
N ALA E 17 39.32 -40.21 -8.97
CA ALA E 17 40.37 -41.10 -9.45
C ALA E 17 41.57 -40.30 -9.96
N THR E 18 42.44 -40.97 -10.72
CA THR E 18 43.66 -40.37 -11.23
C THR E 18 43.63 -40.35 -12.75
N THR E 19 43.92 -39.19 -13.32
CA THR E 19 44.00 -39.00 -14.75
C THR E 19 45.32 -38.34 -15.11
N LEU E 20 45.94 -38.85 -16.16
CA LEU E 20 47.20 -38.36 -16.70
C LEU E 20 46.93 -37.73 -18.05
N LEU E 21 47.41 -36.50 -18.24
CA LEU E 21 47.32 -35.81 -19.51
C LEU E 21 48.70 -35.84 -20.15
N HIS E 22 48.79 -36.46 -21.31
CA HIS E 22 50.04 -36.52 -22.05
C HIS E 22 50.09 -35.31 -22.98
N CYS E 23 50.78 -34.25 -22.54
CA CYS E 23 50.81 -32.98 -23.23
C CYS E 23 52.09 -32.88 -24.04
N GLY E 24 51.94 -32.66 -25.35
CA GLY E 24 53.10 -32.36 -26.16
C GLY E 24 53.74 -31.03 -25.79
N HIS E 25 52.91 -30.01 -25.60
CA HIS E 25 53.36 -28.71 -25.11
C HIS E 25 52.41 -28.27 -24.01
N LEU E 26 52.98 -27.95 -22.84
CA LEU E 26 52.24 -27.49 -21.67
C LEU E 26 52.83 -26.18 -21.19
N LEU E 27 52.01 -25.16 -20.99
CA LEU E 27 52.52 -23.82 -20.70
C LEU E 27 52.68 -23.61 -19.19
N ASP E 28 53.93 -23.38 -18.76
CA ASP E 28 54.23 -22.83 -17.44
C ASP E 28 54.16 -21.31 -17.57
N VAL E 29 53.01 -20.74 -17.20
CA VAL E 29 52.77 -19.31 -17.36
C VAL E 29 53.64 -18.48 -16.42
N LYS E 30 54.00 -19.03 -15.26
CA LYS E 30 54.84 -18.30 -14.32
C LYS E 30 56.26 -18.15 -14.85
N LYS E 31 56.84 -19.22 -15.42
CA LYS E 31 58.15 -19.09 -16.04
C LYS E 31 58.09 -18.58 -17.46
N GLY E 32 56.90 -18.50 -18.05
CA GLY E 32 56.79 -18.11 -19.44
C GLY E 32 57.40 -19.14 -20.38
N LYS E 33 57.38 -20.42 -20.00
CA LYS E 33 58.07 -21.45 -20.77
C LYS E 33 57.13 -22.60 -21.13
N TRP E 34 57.28 -23.10 -22.35
CA TRP E 34 56.63 -24.35 -22.73
C TRP E 34 57.42 -25.52 -22.18
N LEU E 35 56.71 -26.53 -21.70
CA LEU E 35 57.29 -27.79 -21.29
C LEU E 35 56.90 -28.81 -22.34
N GLU E 36 57.87 -29.58 -22.81
CA GLU E 36 57.67 -30.47 -23.94
C GLU E 36 57.54 -31.90 -23.44
N GLY E 37 56.65 -32.66 -24.09
CA GLY E 37 56.30 -34.02 -23.75
C GLY E 37 56.28 -34.36 -22.27
N VAL E 38 55.31 -33.80 -21.55
CA VAL E 38 55.18 -33.98 -20.12
C VAL E 38 53.80 -34.59 -19.79
N THR E 39 53.67 -35.07 -18.55
CA THR E 39 52.43 -35.65 -18.06
C THR E 39 51.89 -34.85 -16.90
N VAL E 40 50.62 -34.50 -16.96
CA VAL E 40 49.94 -33.83 -15.86
C VAL E 40 49.13 -34.88 -15.10
N ARG E 41 49.48 -35.11 -13.84
CA ARG E 41 48.80 -36.08 -12.99
C ARG E 41 47.85 -35.34 -12.07
N ILE E 42 46.54 -35.64 -12.22
CA ILE E 42 45.48 -35.06 -11.40
C ILE E 42 44.78 -36.18 -10.65
N GLU E 43 44.61 -35.98 -9.35
CA GLU E 43 43.79 -36.87 -8.54
C GLU E 43 42.56 -36.07 -8.10
N GLY E 44 41.38 -36.58 -8.45
CA GLY E 44 40.16 -35.83 -8.17
C GLY E 44 40.16 -34.51 -8.92
N ASN E 45 40.15 -33.42 -8.16
CA ASN E 45 40.07 -32.07 -8.70
C ASN E 45 41.37 -31.30 -8.59
N THR E 46 42.42 -31.91 -8.06
CA THR E 46 43.66 -31.22 -7.78
C THR E 46 44.74 -31.84 -8.63
N ILE E 47 45.53 -31.01 -9.29
CA ILE E 47 46.66 -31.57 -10.00
C ILE E 47 47.75 -31.91 -9.01
N ARG E 48 48.08 -33.21 -8.94
CA ARG E 48 49.08 -33.63 -7.99
C ARG E 48 50.48 -33.32 -8.50
N GLY E 49 50.66 -33.30 -9.82
CA GLY E 49 51.92 -32.78 -10.31
C GLY E 49 52.03 -32.79 -11.81
N ILE E 50 53.22 -32.38 -12.26
CA ILE E 50 53.66 -32.47 -13.64
C ILE E 50 54.93 -33.29 -13.61
N GLU E 51 54.98 -34.37 -14.39
CA GLU E 51 56.15 -35.22 -14.45
C GLU E 51 56.71 -35.21 -15.86
N LYS E 52 58.02 -35.37 -15.98
CA LYS E 52 58.65 -35.37 -17.29
C LYS E 52 58.32 -36.66 -18.03
N GLY E 53 58.19 -36.55 -19.35
CA GLY E 53 57.88 -37.70 -20.17
C GLY E 53 56.38 -38.03 -20.14
N TYR E 54 56.04 -39.08 -20.89
CA TYR E 54 54.69 -39.62 -20.87
C TYR E 54 54.67 -40.78 -19.89
N VAL E 55 54.33 -40.47 -18.64
CA VAL E 55 54.38 -41.49 -17.60
C VAL E 55 53.40 -42.58 -17.96
N ALA E 56 53.84 -43.82 -17.82
CA ALA E 56 52.96 -44.92 -18.16
C ALA E 56 51.84 -44.99 -17.16
N PRO E 57 50.63 -45.32 -17.57
CA PRO E 57 49.54 -45.37 -16.59
C PRO E 57 49.77 -46.58 -15.71
N LYS E 58 49.77 -46.35 -14.40
CA LYS E 58 49.83 -47.49 -13.51
C LYS E 58 48.44 -48.13 -13.55
N ALA E 59 48.08 -48.88 -12.53
CA ALA E 59 46.88 -49.69 -12.63
C ALA E 59 45.62 -48.87 -12.46
N GLY E 60 44.73 -48.99 -13.45
CA GLY E 60 43.42 -48.33 -13.44
C GLY E 60 43.42 -46.82 -13.45
N GLU E 61 44.40 -46.19 -14.08
CA GLU E 61 44.42 -44.73 -14.18
C GLU E 61 44.05 -44.34 -15.61
N LYS E 62 43.34 -43.22 -15.75
CA LYS E 62 42.87 -42.81 -17.05
C LYS E 62 43.87 -41.87 -17.71
N VAL E 63 43.94 -41.95 -19.04
CA VAL E 63 44.93 -41.23 -19.84
C VAL E 63 44.22 -40.45 -20.93
N ILE E 64 44.61 -39.20 -21.11
CA ILE E 64 44.12 -38.37 -22.21
C ILE E 64 45.30 -37.89 -23.04
N ASP E 65 45.23 -38.11 -24.35
CA ASP E 65 46.31 -37.82 -25.28
C ASP E 65 46.12 -36.42 -25.87
N LEU E 66 46.90 -35.46 -25.40
CA LEU E 66 46.99 -34.13 -25.98
C LEU E 66 48.43 -33.89 -26.43
N ARG E 67 49.07 -34.96 -26.91
CA ARG E 67 50.47 -34.90 -27.31
C ARG E 67 50.68 -33.99 -28.52
N SER E 68 49.70 -33.91 -29.42
CA SER E 68 49.78 -33.02 -30.56
C SER E 68 49.26 -31.62 -30.26
N ARG E 69 48.89 -31.34 -29.01
CA ARG E 69 48.16 -30.14 -28.64
C ARG E 69 49.00 -29.28 -27.69
N TYR E 70 48.67 -27.99 -27.63
CA TYR E 70 49.25 -27.07 -26.66
C TYR E 70 48.28 -26.89 -25.48
N VAL E 71 48.81 -27.04 -24.26
CA VAL E 71 47.98 -27.16 -23.06
C VAL E 71 48.20 -25.93 -22.17
N LEU E 72 47.10 -25.35 -21.68
CA LEU E 72 47.02 -24.10 -20.95
C LEU E 72 46.24 -24.25 -19.65
N PRO E 73 46.45 -23.36 -18.70
CA PRO E 73 45.52 -23.25 -17.56
C PRO E 73 44.16 -22.75 -18.01
N GLY E 74 43.16 -22.97 -17.15
CA GLY E 74 41.81 -22.53 -17.45
C GLY E 74 41.71 -21.03 -17.66
N LEU E 75 41.08 -20.62 -18.76
CA LEU E 75 40.97 -19.20 -19.05
C LEU E 75 39.89 -18.59 -18.18
N MET E 76 40.10 -17.33 -17.81
CA MET E 76 39.16 -16.63 -16.95
C MET E 76 38.82 -15.27 -17.52
N ASP E 77 37.53 -14.95 -17.49
CA ASP E 77 37.00 -13.69 -18.01
C ASP E 77 36.42 -12.92 -16.82
N MET E 78 36.96 -11.74 -16.56
CA MET E 78 36.61 -11.02 -15.34
C MET E 78 35.58 -9.94 -15.60
N HIS E 79 34.91 -9.99 -16.75
CA HIS E 79 33.71 -9.21 -16.96
C HIS E 79 32.80 -10.04 -17.86
N VAL E 80 31.81 -10.68 -17.26
CA VAL E 80 30.78 -11.43 -17.95
C VAL E 80 29.44 -11.07 -17.33
N HIS E 81 28.40 -11.15 -18.15
CA HIS E 81 27.02 -10.96 -17.71
C HIS E 81 26.31 -12.23 -18.17
N LEU E 82 26.35 -13.25 -17.32
CA LEU E 82 25.87 -14.57 -17.70
C LEU E 82 24.36 -14.66 -17.76
N GLU E 83 23.63 -13.69 -17.22
CA GLU E 83 22.17 -13.76 -17.25
C GLU E 83 21.60 -13.45 -18.63
N SER E 84 22.23 -12.53 -19.36
CA SER E 84 21.66 -12.02 -20.61
C SER E 84 22.66 -12.12 -21.75
N GLU E 85 22.15 -11.95 -22.97
CA GLU E 85 22.93 -11.83 -24.18
C GLU E 85 22.26 -10.85 -25.14
N THR E 86 23.05 -10.21 -25.99
CA THR E 86 22.54 -9.14 -26.84
C THR E 86 21.62 -9.68 -27.93
N ASN E 87 20.55 -8.93 -28.21
CA ASN E 87 19.51 -9.32 -29.14
C ASN E 87 18.67 -8.08 -29.47
N PRO E 88 17.98 -8.07 -30.61
CA PRO E 88 17.24 -6.86 -31.01
C PRO E 88 16.13 -6.46 -30.05
N HIS E 89 15.72 -7.32 -29.11
CA HIS E 89 14.58 -7.05 -28.25
C HIS E 89 14.98 -6.96 -26.78
N ASN E 90 16.17 -6.42 -26.49
CA ASN E 90 16.62 -6.41 -25.09
C ASN E 90 15.76 -5.49 -24.24
N THR E 91 15.37 -4.34 -24.79
CA THR E 91 14.62 -3.37 -24.01
C THR E 91 13.20 -3.88 -23.74
N LEU E 92 12.57 -4.46 -24.76
CA LEU E 92 11.27 -5.10 -24.59
C LEU E 92 11.35 -6.28 -23.63
N GLU E 93 12.40 -7.09 -23.76
CA GLU E 93 12.48 -8.28 -22.93
C GLU E 93 12.76 -7.96 -21.47
N ARG E 94 13.26 -6.77 -21.15
CA ARG E 94 13.34 -6.43 -19.73
C ARG E 94 11.95 -6.31 -19.11
N PHE E 95 10.92 -6.03 -19.93
CA PHE E 95 9.55 -5.96 -19.45
C PHE E 95 8.78 -7.24 -19.67
N ILE E 96 9.27 -8.13 -20.53
CA ILE E 96 8.51 -9.34 -20.86
C ILE E 96 9.05 -10.58 -20.17
N LEU E 97 10.29 -10.56 -19.68
CA LEU E 97 10.97 -11.74 -19.15
C LEU E 97 10.80 -11.88 -17.64
N ASN E 98 10.55 -13.12 -17.20
CA ASN E 98 10.48 -13.53 -15.81
C ASN E 98 11.82 -14.10 -15.35
N PRO E 99 12.04 -14.22 -14.03
CA PRO E 99 13.32 -14.80 -13.56
C PRO E 99 13.62 -16.19 -14.09
N ALA E 100 12.61 -17.07 -14.19
CA ALA E 100 12.85 -18.43 -14.63
C ALA E 100 13.32 -18.48 -16.08
N ASP E 101 12.72 -17.66 -16.95
CA ASP E 101 13.17 -17.57 -18.33
C ASP E 101 14.64 -17.16 -18.39
N ILE E 102 15.02 -16.17 -17.57
CA ILE E 102 16.40 -15.76 -17.48
C ILE E 102 17.28 -16.94 -17.10
N ALA E 103 16.84 -17.74 -16.12
CA ALA E 103 17.61 -18.91 -15.71
C ALA E 103 17.78 -19.93 -16.84
N TYR E 104 16.71 -20.17 -17.61
CA TYR E 104 16.81 -21.16 -18.67
C TYR E 104 17.74 -20.70 -19.78
N ARG E 105 17.73 -19.40 -20.06
CA ARG E 105 18.73 -18.85 -20.98
C ARG E 105 20.13 -18.97 -20.39
N SER E 106 20.25 -18.71 -19.09
CA SER E 106 21.51 -18.82 -18.37
C SER E 106 22.15 -20.19 -18.59
N VAL E 107 21.33 -21.23 -18.67
CA VAL E 107 21.88 -22.58 -18.87
C VAL E 107 22.76 -22.62 -20.13
N GLY E 108 22.19 -22.22 -21.27
CA GLY E 108 22.96 -22.22 -22.51
C GLY E 108 24.12 -21.25 -22.51
N TYR E 109 23.94 -20.06 -21.92
CA TYR E 109 25.05 -19.10 -21.90
C TYR E 109 26.24 -19.66 -21.12
N ALA E 110 25.98 -20.27 -19.95
CA ALA E 110 27.05 -20.85 -19.16
C ALA E 110 27.73 -21.98 -19.91
N ARG E 111 26.94 -22.82 -20.61
CA ARG E 111 27.54 -23.91 -21.35
C ARG E 111 28.46 -23.41 -22.45
N LYS E 112 28.03 -22.37 -23.19
CA LYS E 112 28.91 -21.80 -24.21
C LYS E 112 30.17 -21.21 -23.59
N THR E 113 30.05 -20.64 -22.39
CA THR E 113 31.24 -20.12 -21.70
C THR E 113 32.21 -21.25 -21.38
N LEU E 114 31.71 -22.33 -20.79
CA LEU E 114 32.59 -23.43 -20.40
C LEU E 114 33.24 -24.11 -21.60
N MET E 115 32.52 -24.26 -22.71
CA MET E 115 33.13 -24.97 -23.83
C MET E 115 34.06 -24.10 -24.66
N ALA E 116 34.00 -22.77 -24.50
CA ALA E 116 35.03 -21.90 -25.06
C ALA E 116 36.35 -21.99 -24.32
N GLY E 117 36.40 -22.67 -23.19
CA GLY E 117 37.62 -22.81 -22.42
C GLY E 117 37.73 -21.90 -21.22
N PHE E 118 36.68 -21.15 -20.89
CA PHE E 118 36.73 -20.21 -19.77
C PHE E 118 36.17 -20.90 -18.54
N THR E 119 37.07 -21.50 -17.75
CA THR E 119 36.69 -22.29 -16.60
C THR E 119 36.28 -21.45 -15.40
N THR E 120 36.66 -20.17 -15.37
CA THR E 120 36.33 -19.29 -14.25
C THR E 120 35.91 -17.95 -14.82
N VAL E 121 34.83 -17.38 -14.30
CA VAL E 121 34.35 -16.08 -14.72
C VAL E 121 33.82 -15.28 -13.54
N ARG E 122 33.82 -13.96 -13.71
CA ARG E 122 33.27 -13.02 -12.73
C ARG E 122 32.09 -12.30 -13.36
N ASP E 123 30.89 -12.67 -12.94
CA ASP E 123 29.64 -12.09 -13.45
C ASP E 123 29.43 -10.73 -12.76
N LEU E 124 29.48 -9.66 -13.54
CA LEU E 124 29.58 -8.30 -13.03
C LEU E 124 28.26 -7.54 -13.10
N GLY E 125 27.13 -8.18 -12.80
CA GLY E 125 25.87 -7.49 -12.83
C GLY E 125 24.72 -8.34 -13.33
N GLY E 126 23.61 -8.34 -12.60
CA GLY E 126 22.46 -9.13 -12.97
C GLY E 126 21.26 -8.70 -12.17
N THR E 127 20.22 -9.53 -12.24
CA THR E 127 19.03 -9.31 -11.40
C THR E 127 19.08 -10.13 -10.12
N GLY E 128 20.12 -10.93 -9.92
CA GLY E 128 20.19 -11.88 -8.84
C GLY E 128 20.04 -13.33 -9.27
N VAL E 129 19.54 -13.56 -10.48
CA VAL E 129 19.50 -14.91 -11.03
C VAL E 129 20.92 -15.45 -11.17
N ASN E 130 21.90 -14.58 -11.45
CA ASN E 130 23.28 -15.01 -11.54
C ASN E 130 23.75 -15.68 -10.25
N ILE E 131 23.29 -15.19 -9.08
CA ILE E 131 23.64 -15.84 -7.82
C ILE E 131 23.09 -17.26 -7.79
N SER E 132 21.85 -17.43 -8.23
CA SER E 132 21.25 -18.76 -8.28
C SER E 132 21.98 -19.66 -9.26
N LEU E 133 22.44 -19.11 -10.38
CA LEU E 133 23.21 -19.91 -11.32
C LEU E 133 24.52 -20.35 -10.70
N ARG E 134 25.19 -19.47 -9.95
CA ARG E 134 26.42 -19.86 -9.27
C ARG E 134 26.14 -21.00 -8.29
N ASN E 135 25.08 -20.87 -7.49
CA ASN E 135 24.76 -21.91 -6.52
C ASN E 135 24.38 -23.23 -7.22
N ALA E 136 23.73 -23.14 -8.38
CA ALA E 136 23.33 -24.34 -9.12
C ALA E 136 24.52 -25.02 -9.77
N ILE E 137 25.47 -24.24 -10.30
CA ILE E 137 26.68 -24.84 -10.86
C ILE E 137 27.48 -25.51 -9.77
N ASN E 138 27.64 -24.84 -8.62
CA ASN E 138 28.42 -25.42 -7.53
C ASN E 138 27.73 -26.66 -6.95
N ALA E 139 26.40 -26.73 -7.01
CA ALA E 139 25.66 -27.89 -6.53
C ALA E 139 25.71 -29.08 -7.48
N GLY E 140 26.29 -28.91 -8.68
CA GLY E 140 26.30 -29.98 -9.66
C GLY E 140 25.04 -30.08 -10.49
N LEU E 141 24.16 -29.09 -10.39
CA LEU E 141 22.90 -29.11 -11.13
C LEU E 141 23.08 -28.64 -12.57
N ILE E 142 24.02 -27.72 -12.81
CA ILE E 142 24.20 -27.09 -14.12
C ILE E 142 25.66 -27.17 -14.54
N ASP E 143 25.89 -27.52 -15.81
CA ASP E 143 27.22 -27.47 -16.39
C ASP E 143 27.65 -26.00 -16.52
N GLY E 144 28.73 -25.63 -15.87
CA GLY E 144 29.23 -24.28 -16.03
C GLY E 144 30.59 -23.98 -15.44
N PRO E 145 31.08 -22.77 -15.71
CA PRO E 145 32.32 -22.30 -15.08
C PRO E 145 32.08 -21.91 -13.63
N ARG E 146 33.17 -21.85 -12.87
CA ARG E 146 33.13 -21.21 -11.56
C ARG E 146 32.73 -19.74 -11.70
N VAL E 147 31.60 -19.38 -11.10
CA VAL E 147 31.04 -18.04 -11.24
C VAL E 147 31.26 -17.30 -9.93
N PHE E 148 31.83 -16.10 -10.02
CA PHE E 148 31.89 -15.17 -8.90
C PHE E 148 31.04 -13.98 -9.28
N THR E 149 29.94 -13.78 -8.58
CA THR E 149 28.92 -12.84 -9.04
C THR E 149 28.74 -11.71 -8.06
N ALA E 150 28.52 -10.52 -8.61
CA ALA E 150 28.21 -9.31 -7.85
C ALA E 150 26.72 -9.19 -7.57
N GLY E 151 25.90 -10.12 -8.07
CA GLY E 151 24.47 -9.97 -7.93
C GLY E 151 23.98 -8.75 -8.68
N LYS E 152 23.22 -7.92 -7.97
CA LYS E 152 22.69 -6.69 -8.54
C LYS E 152 23.74 -5.59 -8.44
N SER E 153 24.00 -4.91 -9.54
CA SER E 153 24.91 -3.78 -9.53
C SER E 153 24.34 -2.65 -8.68
N ILE E 154 25.22 -1.89 -8.04
CA ILE E 154 24.83 -0.75 -7.24
C ILE E 154 24.98 0.51 -8.07
N ALA E 155 23.96 1.35 -8.05
CA ALA E 155 23.98 2.61 -8.76
C ALA E 155 23.25 3.66 -7.94
N THR E 156 23.42 4.91 -8.35
CA THR E 156 22.61 6.01 -7.84
C THR E 156 21.38 6.20 -8.74
N THR E 157 20.44 7.01 -8.28
CA THR E 157 19.24 7.31 -9.07
C THR E 157 19.64 7.86 -10.44
N GLY E 158 19.04 7.29 -11.48
CA GLY E 158 19.43 7.61 -12.84
C GLY E 158 20.77 7.05 -13.25
N GLY E 159 21.45 6.33 -12.37
CA GLY E 159 22.74 5.76 -12.69
C GLY E 159 22.64 4.71 -13.79
N HIS E 160 23.81 4.28 -14.25
CA HIS E 160 23.86 3.34 -15.37
C HIS E 160 23.19 2.02 -15.01
N ALA E 161 23.31 1.59 -13.75
CA ALA E 161 22.71 0.34 -13.29
C ALA E 161 21.37 0.55 -12.59
N ASP E 162 20.76 1.71 -12.73
CA ASP E 162 19.43 1.93 -12.17
C ASP E 162 18.44 1.09 -12.95
N PRO E 163 17.72 0.16 -12.31
CA PRO E 163 16.94 -0.81 -13.09
C PRO E 163 15.76 -0.23 -13.86
N THR E 164 15.07 0.78 -13.33
CA THR E 164 13.86 1.28 -13.95
C THR E 164 14.10 2.50 -14.82
N ASN E 165 15.30 2.62 -15.39
CA ASN E 165 15.63 3.74 -16.26
C ASN E 165 14.85 3.62 -17.57
N GLY E 166 14.18 4.71 -17.96
CA GLY E 166 13.42 4.77 -19.20
C GLY E 166 12.05 4.17 -19.16
N TYR E 167 11.68 3.59 -18.01
CA TYR E 167 10.35 2.96 -17.87
C TYR E 167 9.28 4.04 -17.86
N ARG E 168 8.02 3.63 -18.00
CA ARG E 168 6.91 4.60 -17.89
C ARG E 168 6.94 5.15 -16.45
N LYS E 169 6.38 6.33 -16.21
CA LYS E 169 6.51 6.93 -14.87
C LYS E 169 5.82 6.04 -13.82
N ASP E 170 4.66 5.47 -14.16
CA ASP E 170 3.96 4.54 -13.24
C ASP E 170 4.82 3.30 -12.98
N LEU E 171 5.48 2.78 -14.01
CA LEU E 171 6.24 1.51 -13.85
C LEU E 171 7.66 1.79 -13.36
N MET E 172 8.03 3.06 -13.21
CA MET E 172 9.41 3.32 -12.85
C MET E 172 9.64 3.25 -11.35
N GLY E 173 8.67 3.72 -10.57
CA GLY E 173 8.83 3.60 -9.13
C GLY E 173 10.03 4.39 -8.61
N ASP E 174 10.33 4.14 -7.34
CA ASP E 174 11.44 4.78 -6.63
C ASP E 174 12.36 3.69 -6.11
N PRO E 175 13.30 3.19 -6.93
CA PRO E 175 14.18 2.12 -6.45
C PRO E 175 15.08 2.60 -5.33
N GLY E 176 15.35 1.70 -4.39
CA GLY E 176 16.15 2.02 -3.23
C GLY E 176 17.24 0.99 -3.02
N PRO E 177 17.88 1.05 -1.83
CA PRO E 177 19.04 0.16 -1.59
C PRO E 177 18.73 -1.31 -1.82
N TYR E 178 17.52 -1.76 -1.48
CA TYR E 178 17.13 -3.13 -1.75
C TYR E 178 17.23 -3.45 -3.24
N GLU E 179 16.89 -2.50 -4.11
CA GLU E 179 16.92 -2.68 -5.54
C GLU E 179 18.30 -2.40 -6.14
N GLY E 180 19.29 -2.05 -5.32
CA GLY E 180 20.61 -1.74 -5.81
C GLY E 180 20.84 -0.28 -6.13
N VAL E 181 19.93 0.59 -5.72
CA VAL E 181 20.02 2.02 -5.98
C VAL E 181 20.27 2.74 -4.65
N ALA E 182 21.36 3.49 -4.57
CA ALA E 182 21.73 4.15 -3.33
C ALA E 182 21.98 5.64 -3.58
N ASN E 183 21.66 6.46 -2.57
CA ASN E 183 21.98 7.87 -2.58
C ASN E 183 22.41 8.27 -1.17
N GLY E 184 23.66 8.71 -1.05
CA GLY E 184 24.21 9.06 0.23
C GLY E 184 24.97 7.90 0.85
N PRO E 185 25.86 8.20 1.81
CA PRO E 185 26.72 7.15 2.37
C PRO E 185 25.94 6.06 3.10
N ASP E 186 24.90 6.45 3.84
CA ASP E 186 24.14 5.48 4.62
C ASP E 186 23.41 4.48 3.72
N GLU E 187 22.79 4.99 2.66
CA GLU E 187 22.14 4.11 1.70
C GLU E 187 23.15 3.22 0.99
N CYS E 188 24.35 3.74 0.70
CA CYS E 188 25.39 2.92 0.09
C CYS E 188 25.78 1.76 1.01
N ARG E 189 25.99 2.06 2.29
CA ARG E 189 26.32 1.01 3.25
C ARG E 189 25.22 -0.05 3.30
N LYS E 190 23.96 0.39 3.32
CA LYS E 190 22.85 -0.55 3.37
C LYS E 190 22.78 -1.41 2.10
N ALA E 191 23.05 -0.80 0.94
CA ALA E 191 22.96 -1.55 -0.31
C ALA E 191 24.05 -2.62 -0.39
N VAL E 192 25.28 -2.27 0.01
CA VAL E 192 26.34 -3.28 0.06
C VAL E 192 25.96 -4.40 1.01
N ARG E 193 25.43 -4.06 2.19
CA ARG E 193 24.98 -5.09 3.11
C ARG E 193 23.89 -5.96 2.50
N GLN E 194 23.04 -5.37 1.67
CA GLN E 194 21.99 -6.14 1.01
C GLN E 194 22.56 -7.13 0.01
N ARG E 195 23.54 -6.70 -0.80
CA ARG E 195 24.19 -7.66 -1.70
C ARG E 195 24.85 -8.78 -0.92
N TYR E 196 25.41 -8.45 0.24
CA TYR E 196 25.97 -9.49 1.11
C TYR E 196 24.88 -10.46 1.55
N LYS E 197 23.75 -9.90 1.99
CA LYS E 197 22.61 -10.71 2.43
C LYS E 197 22.09 -11.63 1.34
N ASN E 198 22.07 -11.14 0.09
CA ASN E 198 21.57 -11.93 -1.04
C ASN E 198 22.58 -12.98 -1.48
N GLY E 199 23.80 -12.94 -0.97
CA GLY E 199 24.80 -13.93 -1.28
C GLY E 199 25.79 -13.56 -2.35
N ALA E 200 25.94 -12.28 -2.69
CA ALA E 200 26.88 -11.87 -3.72
C ALA E 200 28.31 -12.09 -3.25
N ASP E 201 29.20 -12.39 -4.20
CA ASP E 201 30.61 -12.57 -3.88
C ASP E 201 31.33 -11.24 -3.74
N LEU E 202 31.08 -10.32 -4.66
CA LEU E 202 31.79 -9.06 -4.73
C LEU E 202 30.77 -7.95 -4.96
N ILE E 203 31.23 -6.71 -4.89
CA ILE E 203 30.40 -5.55 -5.18
C ILE E 203 30.87 -4.97 -6.50
N LYS E 204 29.92 -4.66 -7.38
CA LYS E 204 30.21 -3.92 -8.59
C LYS E 204 29.32 -2.70 -8.63
N ILE E 205 29.91 -1.55 -8.94
CA ILE E 205 29.17 -0.30 -9.00
C ILE E 205 29.47 0.35 -10.34
N THR E 206 28.58 1.25 -10.75
CA THR E 206 28.73 2.04 -11.97
C THR E 206 29.03 3.47 -11.54
N ALA E 207 30.29 3.89 -11.72
CA ALA E 207 30.71 5.19 -11.23
C ALA E 207 30.43 6.32 -12.21
N THR E 208 30.23 6.00 -13.49
CA THR E 208 29.84 6.99 -14.48
C THR E 208 28.71 6.41 -15.32
N GLY E 209 28.13 7.25 -16.16
CA GLY E 209 27.16 6.76 -17.13
C GLY E 209 27.78 5.73 -18.05
N GLY E 210 26.97 4.77 -18.46
CA GLY E 210 27.41 3.70 -19.32
C GLY E 210 27.04 3.93 -20.77
N VAL E 211 26.82 2.83 -21.49
CA VAL E 211 26.54 2.92 -22.92
C VAL E 211 25.24 2.21 -23.27
N LEU E 212 24.98 1.07 -22.63
CA LEU E 212 23.79 0.29 -22.99
C LEU E 212 22.57 0.59 -22.13
N SER E 213 22.67 1.46 -21.14
CA SER E 213 21.50 1.84 -20.37
C SER E 213 20.76 3.00 -21.03
N LEU E 214 19.60 3.34 -20.47
CA LEU E 214 18.73 4.37 -21.03
C LEU E 214 18.76 5.66 -20.21
N ALA E 215 19.95 6.03 -19.73
CA ALA E 215 20.18 7.34 -19.15
C ALA E 215 20.67 8.28 -20.24
N LYS E 216 20.36 9.57 -20.08
CA LYS E 216 20.67 10.54 -21.13
C LYS E 216 22.17 10.66 -21.36
N SER E 217 22.92 10.95 -20.31
CA SER E 217 24.35 11.16 -20.43
C SER E 217 25.11 9.87 -20.15
N GLY E 218 26.40 9.87 -20.47
CA GLY E 218 27.21 8.67 -20.32
C GLY E 218 28.67 8.95 -20.00
N THR E 219 28.95 10.11 -19.42
CA THR E 219 30.31 10.49 -19.04
C THR E 219 30.40 11.22 -17.71
N ALA E 220 29.28 11.62 -17.12
CA ALA E 220 29.26 12.35 -15.87
C ALA E 220 29.45 11.39 -14.69
N PRO E 221 30.19 11.79 -13.66
CA PRO E 221 30.43 10.87 -12.54
C PRO E 221 29.16 10.77 -11.68
N GLN E 222 28.72 9.53 -11.43
CA GLN E 222 27.48 9.31 -10.71
C GLN E 222 27.71 8.84 -9.27
N PHE E 223 28.89 9.06 -8.72
CA PHE E 223 29.16 8.68 -7.34
C PHE E 223 29.99 9.77 -6.69
N THR E 224 29.59 10.20 -5.50
CA THR E 224 30.39 11.16 -4.78
C THR E 224 31.50 10.45 -4.02
N ASP E 225 32.51 11.23 -3.64
CA ASP E 225 33.63 10.66 -2.89
C ASP E 225 33.17 10.02 -1.58
N GLU E 226 32.28 10.69 -0.84
CA GLU E 226 31.80 10.13 0.42
C GLU E 226 31.01 8.85 0.20
N GLU E 227 30.17 8.82 -0.84
CA GLU E 227 29.43 7.61 -1.16
C GLU E 227 30.37 6.46 -1.52
N LEU E 228 31.37 6.75 -2.35
CA LEU E 228 32.34 5.73 -2.73
C LEU E 228 33.11 5.23 -1.53
N ARG E 229 33.46 6.14 -0.63
CA ARG E 229 34.13 5.77 0.60
C ARG E 229 33.29 4.80 1.41
N ALA E 230 31.99 5.10 1.54
CA ALA E 230 31.08 4.17 2.21
C ALA E 230 31.07 2.81 1.52
N ILE E 231 31.05 2.82 0.18
CA ILE E 231 30.97 1.55 -0.55
C ILE E 231 32.20 0.71 -0.28
N VAL E 232 33.38 1.33 -0.37
CA VAL E 232 34.64 0.59 -0.19
C VAL E 232 34.79 0.10 1.24
N GLU E 233 34.47 0.95 2.22
CA GLU E 233 34.64 0.57 3.61
C GLU E 233 33.68 -0.54 4.02
N THR E 234 32.41 -0.44 3.61
CA THR E 234 31.48 -1.52 3.90
C THR E 234 31.92 -2.81 3.22
N ALA E 235 32.33 -2.73 1.95
CA ALA E 235 32.78 -3.92 1.24
C ALA E 235 33.96 -4.57 1.95
N ARG E 236 34.90 -3.76 2.45
CA ARG E 236 36.05 -4.33 3.14
C ARG E 236 35.65 -4.96 4.46
N ASP E 237 34.63 -4.41 5.14
CA ASP E 237 34.15 -5.03 6.37
C ASP E 237 33.59 -6.42 6.11
N TYR E 238 32.85 -6.60 5.03
CA TYR E 238 32.27 -7.90 4.72
C TYR E 238 33.13 -8.68 3.76
N GLY E 239 34.38 -8.26 3.56
CA GLY E 239 35.34 -9.01 2.78
C GLY E 239 35.07 -9.15 1.29
N MET E 240 34.42 -8.17 0.68
CA MET E 240 34.13 -8.22 -0.75
C MET E 240 34.94 -7.15 -1.47
N LYS E 241 35.54 -7.52 -2.59
CA LYS E 241 36.24 -6.53 -3.38
C LYS E 241 35.23 -5.70 -4.18
N VAL E 242 35.70 -4.56 -4.69
CA VAL E 242 34.85 -3.63 -5.40
C VAL E 242 35.36 -3.48 -6.82
N ALA E 243 34.47 -3.68 -7.79
CA ALA E 243 34.74 -3.44 -9.19
C ALA E 243 33.90 -2.26 -9.65
N VAL E 244 34.48 -1.40 -10.48
CA VAL E 244 33.85 -0.13 -10.82
C VAL E 244 33.85 0.00 -12.33
N HIS E 245 32.65 0.09 -12.90
CA HIS E 245 32.49 0.40 -14.32
C HIS E 245 32.51 1.93 -14.45
N ALA E 246 33.48 2.43 -15.19
CA ALA E 246 33.64 3.87 -15.33
C ALA E 246 34.14 4.15 -16.75
N HIS E 247 33.37 4.93 -17.50
CA HIS E 247 33.81 5.42 -18.79
C HIS E 247 34.37 6.83 -18.73
N GLY E 248 33.84 7.66 -17.82
CA GLY E 248 34.34 9.01 -17.68
C GLY E 248 35.62 9.08 -16.87
N ALA E 249 36.42 10.10 -17.14
CA ALA E 249 37.70 10.24 -16.46
C ALA E 249 37.53 10.61 -14.99
N GLU E 250 36.63 11.55 -14.70
CA GLU E 250 36.51 12.03 -13.31
C GLU E 250 35.95 10.94 -12.40
N GLY E 251 34.92 10.23 -12.84
CA GLY E 251 34.39 9.14 -12.04
C GLY E 251 35.41 8.04 -11.82
N MET E 252 36.18 7.72 -12.86
CA MET E 252 37.24 6.73 -12.71
C MET E 252 38.26 7.18 -11.68
N LYS E 253 38.61 8.47 -11.68
CA LYS E 253 39.61 8.95 -10.73
C LYS E 253 39.06 8.96 -9.32
N ARG E 254 37.77 9.29 -9.15
CA ARG E 254 37.15 9.18 -7.83
C ARG E 254 37.18 7.74 -7.34
N ALA E 255 36.87 6.78 -8.21
CA ALA E 255 36.90 5.38 -7.80
C ALA E 255 38.31 4.95 -7.42
N LEU E 256 39.30 5.37 -8.21
CA LEU E 256 40.68 4.99 -7.93
C LEU E 256 41.16 5.58 -6.61
N ARG E 257 40.81 6.84 -6.34
CA ARG E 257 41.17 7.43 -5.05
C ARG E 257 40.40 6.76 -3.91
N ALA E 258 39.21 6.24 -4.19
CA ALA E 258 38.41 5.59 -3.15
C ALA E 258 39.05 4.29 -2.67
N GLY E 259 39.78 3.58 -3.55
CA GLY E 259 40.44 2.35 -3.17
C GLY E 259 39.83 1.09 -3.74
N VAL E 260 39.20 1.21 -4.91
CA VAL E 260 38.58 0.06 -5.57
C VAL E 260 39.64 -0.89 -6.13
N HIS E 261 39.20 -2.11 -6.45
CA HIS E 261 40.12 -3.17 -6.91
C HIS E 261 40.26 -3.26 -8.42
N SER E 262 39.25 -2.86 -9.19
CA SER E 262 39.33 -2.97 -10.65
C SER E 262 38.44 -1.91 -11.27
N ILE E 263 38.84 -1.43 -12.45
CA ILE E 263 38.03 -0.51 -13.23
C ILE E 263 37.75 -1.16 -14.58
N GLU E 264 36.50 -1.04 -15.02
CA GLU E 264 36.03 -1.68 -16.23
C GLU E 264 35.90 -0.66 -17.35
N HIS E 265 36.22 -1.08 -18.58
CA HIS E 265 36.11 -0.27 -19.78
C HIS E 265 37.15 0.85 -19.82
N GLY E 266 36.99 1.87 -18.98
CA GLY E 266 37.94 2.97 -18.94
C GLY E 266 38.18 3.67 -20.26
N THR E 267 37.10 3.89 -21.03
CA THR E 267 37.22 4.31 -22.42
C THR E 267 37.88 5.67 -22.54
N TYR E 268 37.61 6.57 -21.60
CA TYR E 268 38.28 7.88 -21.54
C TYR E 268 39.10 7.88 -20.25
N MET E 269 40.34 7.42 -20.32
CA MET E 269 41.18 7.37 -19.14
C MET E 269 42.29 8.40 -19.27
N ASP E 270 42.41 9.28 -18.28
CA ASP E 270 43.40 10.33 -18.27
C ASP E 270 44.73 9.85 -17.68
N ASP E 271 45.75 10.69 -17.84
CA ASP E 271 47.08 10.34 -17.33
C ASP E 271 47.15 10.43 -15.80
N GLU E 272 46.38 11.34 -15.20
CA GLU E 272 46.31 11.38 -13.75
C GLU E 272 45.73 10.06 -13.26
N ALA E 273 44.77 9.52 -14.00
CA ALA E 273 44.23 8.20 -13.70
C ALA E 273 45.26 7.11 -13.95
N ILE E 274 46.21 7.32 -14.86
CA ILE E 274 47.19 6.26 -15.14
C ILE E 274 48.15 6.10 -13.97
N GLU E 275 48.71 7.21 -13.48
CA GLU E 275 49.55 7.06 -12.30
C GLU E 275 48.71 6.75 -11.05
N LEU E 276 47.44 7.15 -11.03
CA LEU E 276 46.56 6.69 -9.95
C LEU E 276 46.46 5.17 -9.94
N PHE E 277 46.26 4.59 -11.14
CA PHE E 277 46.29 3.14 -11.29
C PHE E 277 47.59 2.56 -10.74
N LYS E 278 48.71 3.18 -11.11
CA LYS E 278 50.00 2.61 -10.70
C LYS E 278 50.21 2.73 -9.20
N LYS E 279 49.69 3.79 -8.58
CA LYS E 279 49.88 3.98 -7.14
C LYS E 279 48.94 3.11 -6.33
N THR E 280 47.70 2.93 -6.79
CA THR E 280 46.74 2.12 -6.03
C THR E 280 46.91 0.64 -6.27
N GLY E 281 47.44 0.25 -7.43
CA GLY E 281 47.53 -1.14 -7.77
C GLY E 281 46.25 -1.75 -8.31
N ALA E 282 45.23 -0.94 -8.59
CA ALA E 282 44.00 -1.45 -9.17
C ALA E 282 44.24 -2.08 -10.53
N TYR E 283 43.40 -3.06 -10.87
CA TYR E 283 43.47 -3.73 -12.16
C TYR E 283 42.64 -3.00 -13.19
N TYR E 284 43.09 -3.05 -14.44
CA TYR E 284 42.38 -2.47 -15.57
C TYR E 284 41.84 -3.61 -16.43
N VAL E 285 40.53 -3.63 -16.63
CA VAL E 285 39.86 -4.63 -17.45
C VAL E 285 39.29 -3.92 -18.68
N PRO E 286 39.90 -4.10 -19.86
CA PRO E 286 39.56 -3.20 -20.98
C PRO E 286 38.20 -3.45 -21.60
N THR E 287 37.83 -4.70 -21.85
CA THR E 287 36.57 -5.05 -22.54
C THR E 287 36.52 -4.41 -23.92
N ILE E 288 37.60 -4.58 -24.69
CA ILE E 288 37.64 -4.00 -26.03
C ILE E 288 36.61 -4.69 -26.92
N LEU E 289 36.39 -5.98 -26.72
CA LEU E 289 35.41 -6.70 -27.53
C LEU E 289 34.04 -6.07 -27.39
N ALA E 290 33.63 -5.74 -26.16
CA ALA E 290 32.35 -5.08 -25.97
C ALA E 290 32.36 -3.66 -26.53
N GLY E 291 33.46 -2.93 -26.32
CA GLY E 291 33.56 -1.56 -26.82
C GLY E 291 33.72 -1.45 -28.31
N ARG E 292 33.84 -2.56 -29.02
CA ARG E 292 33.79 -2.57 -30.49
C ARG E 292 32.37 -2.88 -30.94
N THR E 293 31.90 -4.09 -30.67
CA THR E 293 30.53 -4.48 -31.00
C THR E 293 29.51 -3.66 -30.24
N PRO E 301 21.51 -0.44 -36.37
CA PRO E 301 20.36 0.20 -37.04
C PRO E 301 19.03 -0.29 -36.50
N GLY E 302 18.11 0.64 -36.20
CA GLY E 302 16.81 0.32 -35.64
C GLY E 302 16.87 -0.61 -34.44
N TYR E 303 18.06 -0.74 -33.88
CA TYR E 303 18.43 -1.81 -32.96
C TYR E 303 18.30 -1.37 -31.51
N TYR E 304 19.04 -0.34 -31.11
CA TYR E 304 19.10 0.12 -29.74
C TYR E 304 17.93 1.08 -29.47
N ALA E 305 17.94 1.67 -28.27
CA ALA E 305 16.96 2.67 -27.90
C ALA E 305 17.31 3.99 -28.59
N PRO E 306 16.42 5.00 -28.50
CA PRO E 306 16.75 6.29 -29.15
C PRO E 306 17.95 7.01 -28.54
N ILE E 307 18.31 6.74 -27.29
CA ILE E 307 19.40 7.49 -26.67
C ILE E 307 20.59 6.56 -26.45
N VAL E 308 20.85 5.70 -27.43
CA VAL E 308 21.96 4.76 -27.37
C VAL E 308 22.68 4.67 -28.72
N ILE E 319 39.24 3.26 -27.53
CA ILE E 319 39.67 2.40 -26.46
C ILE E 319 40.83 1.46 -26.81
N GLN E 320 40.98 1.09 -28.08
CA GLN E 320 42.14 0.28 -28.45
C GLN E 320 43.42 1.03 -28.13
N LYS E 321 43.46 2.31 -28.50
CA LYS E 321 44.54 3.20 -28.09
C LYS E 321 44.63 3.32 -26.57
N THR E 322 43.48 3.41 -25.90
CA THR E 322 43.49 3.55 -24.44
C THR E 322 44.15 2.34 -23.80
N PHE E 323 43.81 1.14 -24.28
CA PHE E 323 44.43 -0.07 -23.76
C PHE E 323 45.92 -0.11 -24.07
N ALA E 324 46.31 0.32 -25.27
CA ALA E 324 47.73 0.35 -25.61
C ALA E 324 48.49 1.26 -24.64
N LYS E 325 47.96 2.47 -24.41
CA LYS E 325 48.58 3.41 -23.50
C LYS E 325 48.64 2.83 -22.08
N ALA E 326 47.58 2.12 -21.68
CA ALA E 326 47.53 1.54 -20.34
C ALA E 326 48.60 0.47 -20.16
N TYR E 327 48.73 -0.45 -21.13
CA TYR E 327 49.76 -1.48 -21.00
C TYR E 327 51.15 -0.86 -21.04
N LYS E 328 51.36 0.11 -21.95
CA LYS E 328 52.67 0.75 -22.02
C LYS E 328 53.04 1.42 -20.70
N SER E 329 52.05 1.97 -20.00
CA SER E 329 52.32 2.67 -18.76
C SER E 329 52.68 1.76 -17.59
N GLY E 330 52.39 0.46 -17.71
CA GLY E 330 52.61 -0.48 -16.62
C GLY E 330 51.41 -0.78 -15.75
N VAL E 331 50.21 -0.38 -16.19
CA VAL E 331 48.99 -0.69 -15.46
C VAL E 331 48.75 -2.20 -15.46
N LYS E 332 48.38 -2.73 -14.29
CA LYS E 332 48.00 -4.15 -14.19
C LYS E 332 46.75 -4.41 -15.00
N ILE E 333 46.77 -5.48 -15.81
CA ILE E 333 45.69 -5.77 -16.75
C ILE E 333 45.14 -7.16 -16.46
N ALA E 334 43.82 -7.25 -16.37
CA ALA E 334 43.11 -8.51 -16.26
C ALA E 334 42.14 -8.66 -17.42
N PHE E 335 41.98 -9.89 -17.91
CA PHE E 335 41.22 -10.14 -19.14
C PHE E 335 39.72 -10.04 -18.90
N GLY E 336 39.05 -9.26 -19.74
CA GLY E 336 37.60 -9.13 -19.68
C GLY E 336 36.98 -8.79 -21.01
N THR E 337 35.87 -9.45 -21.36
CA THR E 337 35.22 -9.24 -22.65
C THR E 337 33.89 -8.52 -22.57
N ASP E 338 33.28 -8.45 -21.39
CA ASP E 338 31.85 -8.16 -21.26
C ASP E 338 31.08 -8.95 -22.31
N SER E 339 31.31 -10.26 -22.33
CA SER E 339 30.48 -11.15 -23.11
C SER E 339 29.08 -11.19 -22.52
N GLY E 340 28.11 -11.34 -23.41
CA GLY E 340 26.75 -10.99 -23.09
C GLY E 340 26.34 -9.88 -24.03
N LYS E 341 27.12 -8.81 -24.07
CA LYS E 341 26.89 -7.78 -25.09
C LYS E 341 27.38 -8.22 -26.47
N SER E 342 28.39 -9.08 -26.56
CA SER E 342 28.52 -9.89 -27.76
C SER E 342 28.56 -11.35 -27.29
N VAL E 343 28.18 -12.25 -28.20
CA VAL E 343 27.75 -13.59 -27.83
C VAL E 343 28.76 -14.36 -26.99
N HIS E 344 28.23 -15.09 -26.00
CA HIS E 344 29.02 -15.93 -25.14
C HIS E 344 29.64 -17.08 -25.92
N GLY E 345 30.89 -17.40 -25.59
CA GLY E 345 31.67 -18.38 -26.30
C GLY E 345 32.63 -17.79 -27.31
N LEU E 346 32.42 -16.53 -27.71
CA LEU E 346 33.36 -15.81 -28.56
C LEU E 346 34.29 -14.92 -27.75
N ASN E 347 34.45 -15.23 -26.45
CA ASN E 347 35.26 -14.40 -25.58
C ASN E 347 36.72 -14.35 -26.05
N ALA E 348 37.23 -15.48 -26.56
CA ALA E 348 38.64 -15.55 -26.96
C ALA E 348 39.00 -14.49 -27.99
N ILE E 349 38.01 -13.98 -28.74
CA ILE E 349 38.28 -12.93 -29.72
C ILE E 349 39.03 -11.77 -29.08
N GLU E 350 38.66 -11.43 -27.85
CA GLU E 350 39.29 -10.30 -27.16
C GLU E 350 40.79 -10.43 -27.12
N PHE E 351 41.31 -11.66 -26.90
CA PHE E 351 42.74 -11.88 -26.90
C PHE E 351 43.39 -11.28 -28.14
N GLU E 352 42.86 -11.62 -29.31
CA GLU E 352 43.42 -11.11 -30.56
C GLU E 352 43.53 -9.60 -30.53
N LEU E 353 42.48 -8.92 -30.08
CA LEU E 353 42.50 -7.47 -30.08
C LEU E 353 43.61 -6.95 -29.18
N MET E 354 43.82 -7.62 -28.03
CA MET E 354 44.86 -7.18 -27.12
C MET E 354 46.23 -7.32 -27.76
N VAL E 355 46.44 -8.36 -28.57
CA VAL E 355 47.74 -8.48 -29.22
C VAL E 355 47.89 -7.45 -30.33
N GLU E 356 46.79 -7.10 -31.02
CA GLU E 356 46.92 -6.12 -32.10
C GLU E 356 47.10 -4.71 -31.55
N ALA E 357 46.62 -4.45 -30.34
CA ALA E 357 46.88 -3.17 -29.70
C ALA E 357 48.28 -3.08 -29.15
N GLY E 358 49.08 -4.13 -29.28
CA GLY E 358 50.47 -4.14 -28.86
C GLY E 358 50.83 -4.93 -27.61
N MET E 359 49.90 -5.69 -27.03
CA MET E 359 50.30 -6.45 -25.86
C MET E 359 50.85 -7.82 -26.27
N PRO E 360 51.96 -8.27 -25.68
CA PRO E 360 52.56 -9.54 -26.10
C PRO E 360 51.65 -10.72 -25.74
N PRO E 361 51.67 -11.77 -26.57
CA PRO E 361 50.76 -12.91 -26.31
C PRO E 361 50.88 -13.52 -24.92
N LEU E 362 52.12 -13.70 -24.43
CA LEU E 362 52.31 -14.27 -23.11
C LEU E 362 51.61 -13.44 -22.04
N GLU E 363 51.70 -12.12 -22.13
CA GLU E 363 51.07 -11.29 -21.11
C GLU E 363 49.55 -11.25 -21.26
N ALA E 364 49.02 -11.42 -22.47
CA ALA E 364 47.57 -11.57 -22.60
C ALA E 364 47.10 -12.83 -21.88
N ILE E 365 47.82 -13.94 -22.09
CA ILE E 365 47.48 -15.17 -21.39
C ILE E 365 47.66 -15.02 -19.90
N ARG E 366 48.65 -14.25 -19.46
CA ARG E 366 48.84 -13.99 -18.04
C ARG E 366 47.70 -13.14 -17.47
N SER E 367 47.18 -12.20 -18.27
CA SER E 367 46.05 -11.40 -17.84
C SER E 367 44.79 -12.24 -17.68
N ALA E 368 44.62 -13.26 -18.52
CA ALA E 368 43.48 -14.16 -18.37
C ALA E 368 43.71 -15.29 -17.35
N THR E 369 44.93 -15.47 -16.86
CA THR E 369 45.21 -16.60 -15.98
C THR E 369 45.71 -16.14 -14.63
N LEU E 370 46.98 -15.72 -14.55
CA LEU E 370 47.56 -15.33 -13.26
C LEU E 370 46.94 -14.05 -12.71
N ASN E 371 46.88 -13.01 -13.53
CA ASN E 371 46.36 -11.71 -13.08
C ASN E 371 44.89 -11.82 -12.66
N ALA E 372 44.09 -12.59 -13.40
CA ALA E 372 42.71 -12.79 -13.01
C ALA E 372 42.62 -13.48 -11.66
N ALA E 373 43.43 -14.52 -11.46
CA ALA E 373 43.45 -15.24 -10.19
C ALA E 373 43.86 -14.32 -9.05
N ASP E 374 44.76 -13.37 -9.31
CA ASP E 374 45.12 -12.39 -8.30
C ASP E 374 43.95 -11.47 -7.99
N LEU E 375 43.28 -10.98 -9.02
CA LEU E 375 42.14 -10.06 -8.85
C LEU E 375 41.02 -10.71 -8.06
N LEU E 376 40.77 -12.00 -8.29
CA LEU E 376 39.71 -12.68 -7.56
C LEU E 376 40.08 -12.89 -6.10
N GLY E 377 41.37 -12.96 -5.78
CA GLY E 377 41.79 -13.33 -4.45
C GLY E 377 41.91 -14.83 -4.28
N VAL E 378 42.20 -15.55 -5.36
CA VAL E 378 42.35 -17.00 -5.35
C VAL E 378 43.81 -17.35 -5.61
N ASN E 379 44.31 -18.35 -4.89
CA ASN E 379 45.67 -18.81 -5.05
C ASN E 379 45.78 -20.20 -5.66
N ASN E 380 44.66 -20.86 -5.95
CA ASN E 380 44.68 -22.21 -6.52
C ASN E 380 44.12 -22.25 -7.93
N LEU E 381 44.07 -21.11 -8.62
CA LEU E 381 43.58 -21.02 -9.98
C LEU E 381 44.58 -20.24 -10.83
N GLY E 382 44.51 -20.46 -12.14
CA GLY E 382 45.27 -19.69 -13.11
C GLY E 382 46.62 -20.26 -13.49
N SER E 383 46.96 -21.45 -13.02
CA SER E 383 48.24 -22.07 -13.34
C SER E 383 48.15 -23.57 -13.16
N ILE E 384 48.79 -24.31 -14.07
CA ILE E 384 48.85 -25.76 -13.96
C ILE E 384 50.08 -26.10 -13.12
N GLU E 385 49.84 -26.43 -11.86
CA GLU E 385 50.90 -26.67 -10.91
C GLU E 385 50.33 -27.49 -9.75
N ALA E 386 51.23 -28.08 -8.97
CA ALA E 386 50.82 -28.89 -7.84
C ALA E 386 49.99 -28.08 -6.85
N GLY E 387 48.92 -28.68 -6.36
CA GLY E 387 48.06 -28.07 -5.37
C GLY E 387 46.95 -27.20 -5.91
N MET E 388 46.85 -27.04 -7.22
CA MET E 388 45.83 -26.21 -7.83
C MET E 388 44.72 -27.07 -8.42
N LEU E 389 43.62 -26.42 -8.77
CA LEU E 389 42.43 -27.12 -9.26
C LEU E 389 42.55 -27.42 -10.76
N ALA E 390 42.01 -28.57 -11.16
CA ALA E 390 42.20 -29.08 -12.52
C ALA E 390 41.31 -28.32 -13.48
N ASP E 391 41.73 -27.11 -13.82
CA ASP E 391 41.14 -26.33 -14.90
C ASP E 391 42.20 -26.30 -16.01
N VAL E 392 41.96 -27.06 -17.07
CA VAL E 392 42.97 -27.28 -18.10
C VAL E 392 42.31 -27.10 -19.45
N ILE E 393 42.95 -26.36 -20.35
CA ILE E 393 42.48 -26.15 -21.70
C ILE E 393 43.56 -26.63 -22.67
N ALA E 394 43.13 -27.00 -23.87
CA ALA E 394 44.09 -27.37 -24.90
C ALA E 394 43.61 -26.87 -26.26
N VAL E 395 44.57 -26.35 -27.04
CA VAL E 395 44.34 -25.79 -28.36
C VAL E 395 45.25 -26.51 -29.35
N GLU E 396 45.01 -26.25 -30.65
CA GLU E 396 45.67 -27.01 -31.71
C GLU E 396 47.06 -26.47 -32.03
N ASP E 397 47.25 -25.16 -32.09
CA ASP E 397 48.52 -24.57 -32.48
C ASP E 397 49.03 -23.63 -31.38
N ASN E 398 50.25 -23.13 -31.56
CA ASN E 398 50.92 -22.38 -30.51
C ASN E 398 50.26 -21.03 -30.25
N PRO E 399 49.72 -20.80 -29.05
CA PRO E 399 49.07 -19.50 -28.78
C PRO E 399 50.04 -18.34 -28.77
N LEU E 400 51.33 -18.58 -28.55
CA LEU E 400 52.31 -17.50 -28.59
C LEU E 400 52.67 -17.09 -30.02
N GLU E 401 52.44 -17.96 -30.99
CA GLU E 401 52.65 -17.60 -32.39
C GLU E 401 51.38 -17.12 -33.07
N ASN E 402 50.23 -17.63 -32.63
CA ASN E 402 48.92 -17.15 -33.05
C ASN E 402 47.99 -17.27 -31.85
N ILE E 403 47.64 -16.14 -31.22
CA ILE E 403 46.74 -16.24 -30.09
C ILE E 403 45.37 -16.67 -30.58
N SER E 404 45.10 -16.44 -31.86
CA SER E 404 43.79 -16.72 -32.41
C SER E 404 43.44 -18.21 -32.37
N THR E 405 44.43 -19.08 -32.16
CA THR E 405 44.15 -20.49 -31.96
C THR E 405 43.28 -20.76 -30.74
N LEU E 406 43.28 -19.84 -29.77
CA LEU E 406 42.41 -20.02 -28.61
C LEU E 406 40.94 -19.88 -28.98
N ARG E 407 40.64 -19.45 -30.20
CA ARG E 407 39.25 -19.39 -30.64
C ARG E 407 38.71 -20.76 -31.03
N LYS E 408 39.57 -21.78 -31.09
CA LYS E 408 39.16 -23.16 -31.32
C LYS E 408 39.83 -23.97 -30.21
N VAL E 409 39.14 -24.09 -29.09
CA VAL E 409 39.63 -24.84 -27.95
C VAL E 409 39.20 -26.29 -28.15
N VAL E 410 40.18 -27.20 -28.20
CA VAL E 410 39.86 -28.59 -28.49
C VAL E 410 39.71 -29.43 -27.24
N PHE E 411 40.18 -28.95 -26.09
CA PHE E 411 40.02 -29.70 -24.86
C PHE E 411 39.68 -28.75 -23.72
N VAL E 412 38.65 -29.11 -22.94
CA VAL E 412 38.19 -28.33 -21.79
C VAL E 412 37.96 -29.25 -20.61
N MET E 413 38.60 -28.95 -19.47
CA MET E 413 38.41 -29.69 -18.23
C MET E 413 38.30 -28.73 -17.05
N LYS E 414 37.22 -28.86 -16.26
CA LYS E 414 37.04 -28.05 -15.05
C LYS E 414 36.86 -28.94 -13.83
N ASP E 415 37.62 -28.63 -12.77
CA ASP E 415 37.58 -29.33 -11.47
C ASP E 415 37.82 -30.84 -11.59
N GLY E 416 38.56 -31.26 -12.62
CA GLY E 416 38.86 -32.66 -12.80
C GLY E 416 37.93 -33.41 -13.71
N LYS E 417 36.76 -32.85 -13.99
CA LYS E 417 35.80 -33.47 -14.89
C LYS E 417 36.11 -32.98 -16.30
N VAL E 418 36.07 -33.89 -17.28
CA VAL E 418 36.38 -33.55 -18.66
C VAL E 418 35.08 -33.12 -19.31
N TYR E 419 35.03 -31.87 -19.78
CA TYR E 419 33.84 -31.36 -20.45
C TYR E 419 33.95 -31.33 -21.97
N LYS E 420 35.15 -31.22 -22.54
CA LYS E 420 35.29 -31.19 -23.99
C LYS E 420 36.53 -31.95 -24.40
N GLN E 421 36.38 -32.86 -25.37
CA GLN E 421 37.50 -33.68 -25.84
C GLN E 421 37.26 -34.06 -27.30
N GLU E 422 37.93 -33.36 -28.21
CA GLU E 422 37.77 -33.64 -29.64
C GLU E 422 39.01 -34.33 -30.19
N ALA F 17 4.10 -9.97 55.64
CA ALA F 17 4.15 -11.26 56.32
C ALA F 17 5.59 -11.62 56.65
N THR F 18 5.80 -12.36 57.74
CA THR F 18 7.14 -12.63 58.23
C THR F 18 7.49 -14.11 58.11
N THR F 19 8.64 -14.37 57.50
CA THR F 19 9.16 -15.71 57.31
C THR F 19 10.58 -15.77 57.86
N LEU F 20 10.87 -16.83 58.61
CA LEU F 20 12.19 -17.08 59.17
C LEU F 20 12.73 -18.34 58.53
N LEU F 21 13.94 -18.24 57.98
CA LEU F 21 14.62 -19.39 57.40
C LEU F 21 15.72 -19.83 58.37
N HIS F 22 15.63 -21.07 58.84
CA HIS F 22 16.62 -21.65 59.76
C HIS F 22 17.69 -22.35 58.92
N CYS F 23 18.79 -21.65 58.66
CA CYS F 23 19.82 -22.08 57.72
C CYS F 23 21.02 -22.69 58.42
N GLY F 24 21.38 -23.92 58.01
CA GLY F 24 22.61 -24.52 58.47
C GLY F 24 23.84 -23.78 57.98
N HIS F 25 23.88 -23.47 56.68
CA HIS F 25 24.92 -22.64 56.09
C HIS F 25 24.30 -21.66 55.12
N LEU F 26 24.59 -20.37 55.32
CA LEU F 26 24.11 -19.28 54.50
C LEU F 26 25.31 -18.53 53.96
N LEU F 27 25.35 -18.29 52.66
CA LEU F 27 26.55 -17.77 52.04
C LEU F 27 26.56 -16.24 52.10
N ASP F 28 27.55 -15.69 52.81
CA ASP F 28 27.94 -14.30 52.72
C ASP F 28 28.84 -14.29 51.50
N VAL F 29 28.22 -14.08 50.33
CA VAL F 29 28.97 -14.22 49.09
C VAL F 29 29.92 -13.04 48.85
N LYS F 30 29.65 -11.88 49.45
CA LYS F 30 30.59 -10.77 49.30
C LYS F 30 31.90 -11.06 50.02
N LYS F 31 31.83 -11.49 51.28
CA LYS F 31 33.05 -11.87 51.98
C LYS F 31 33.48 -13.30 51.67
N GLY F 32 32.68 -14.06 50.91
CA GLY F 32 33.07 -15.40 50.58
C GLY F 32 33.08 -16.35 51.77
N LYS F 33 32.15 -16.16 52.70
CA LYS F 33 32.14 -16.89 53.97
C LYS F 33 30.84 -17.66 54.15
N TRP F 34 30.93 -18.85 54.72
CA TRP F 34 29.74 -19.53 55.19
C TRP F 34 29.35 -19.00 56.56
N LEU F 35 28.05 -18.79 56.76
CA LEU F 35 27.47 -18.42 58.04
C LEU F 35 26.70 -19.64 58.53
N GLU F 36 26.88 -19.96 59.80
CA GLU F 36 26.34 -21.19 60.38
C GLU F 36 25.23 -20.94 61.39
N GLY F 37 24.26 -21.87 61.37
CA GLY F 37 23.06 -21.84 62.16
C GLY F 37 22.50 -20.46 62.36
N VAL F 38 22.01 -19.87 61.27
CA VAL F 38 21.55 -18.49 61.24
C VAL F 38 20.08 -18.50 60.90
N THR F 39 19.42 -17.38 61.15
CA THR F 39 18.03 -17.19 60.74
C THR F 39 17.96 -16.00 59.80
N VAL F 40 17.26 -16.17 58.69
CA VAL F 40 17.00 -15.07 57.77
C VAL F 40 15.58 -14.58 58.05
N ARG F 41 15.46 -13.31 58.43
CA ARG F 41 14.18 -12.68 58.76
C ARG F 41 13.72 -11.87 57.56
N ILE F 42 12.56 -12.26 56.99
CA ILE F 42 12.00 -11.62 55.79
C ILE F 42 10.63 -11.06 56.12
N GLU F 43 10.43 -9.79 55.76
CA GLU F 43 9.11 -9.14 55.77
C GLU F 43 8.73 -8.80 54.33
N GLY F 44 7.56 -9.28 53.91
CA GLY F 44 7.10 -9.07 52.55
C GLY F 44 8.01 -9.67 51.49
N ASN F 45 8.54 -8.81 50.62
CA ASN F 45 9.38 -9.24 49.51
C ASN F 45 10.84 -8.93 49.75
N THR F 46 11.16 -8.38 50.92
CA THR F 46 12.47 -7.84 51.24
C THR F 46 13.05 -8.55 52.44
N ILE F 47 14.37 -8.78 52.40
CA ILE F 47 15.05 -9.30 53.57
C ILE F 47 15.12 -8.20 54.62
N ARG F 48 14.53 -8.46 55.78
CA ARG F 48 14.55 -7.46 56.84
C ARG F 48 15.82 -7.55 57.65
N GLY F 49 16.36 -8.76 57.82
CA GLY F 49 17.65 -8.85 58.45
C GLY F 49 18.19 -10.26 58.51
N ILE F 50 19.35 -10.34 59.12
CA ILE F 50 20.09 -11.57 59.40
C ILE F 50 20.27 -11.68 60.91
N GLU F 51 19.84 -12.80 61.49
CA GLU F 51 19.88 -12.97 62.93
C GLU F 51 20.70 -14.18 63.37
N LYS F 52 21.30 -14.00 64.54
CA LYS F 52 22.15 -14.99 65.16
C LYS F 52 21.32 -16.15 65.73
N GLY F 53 21.80 -17.38 65.57
CA GLY F 53 21.13 -18.55 66.08
C GLY F 53 19.93 -18.95 65.25
N TYR F 54 19.31 -20.07 65.65
CA TYR F 54 18.06 -20.53 65.02
C TYR F 54 16.94 -19.87 65.81
N VAL F 55 16.55 -18.67 65.39
CA VAL F 55 15.59 -17.87 66.15
C VAL F 55 14.22 -18.55 66.14
N ALA F 56 13.61 -18.64 67.31
CA ALA F 56 12.29 -19.25 67.43
C ALA F 56 11.22 -18.32 66.87
N PRO F 57 10.17 -18.87 66.24
CA PRO F 57 9.15 -18.01 65.63
C PRO F 57 8.30 -17.33 66.70
N LYS F 58 8.05 -16.05 66.52
CA LYS F 58 7.08 -15.37 67.39
C LYS F 58 5.67 -15.75 66.96
N ALA F 59 4.69 -14.98 67.41
CA ALA F 59 3.29 -15.33 67.21
C ALA F 59 2.88 -14.97 65.80
N GLY F 60 2.71 -15.98 64.95
CA GLY F 60 2.27 -15.74 63.56
C GLY F 60 3.44 -15.57 62.62
N GLU F 61 4.56 -16.26 62.88
CA GLU F 61 5.71 -16.19 61.95
C GLU F 61 5.92 -17.57 61.30
N LYS F 62 5.93 -17.62 59.97
CA LYS F 62 6.23 -18.89 59.26
C LYS F 62 7.72 -19.24 59.45
N VAL F 63 8.03 -20.52 59.62
CA VAL F 63 9.45 -20.94 59.73
C VAL F 63 9.76 -21.98 58.64
N ILE F 64 10.86 -21.81 57.91
CA ILE F 64 11.26 -22.85 56.91
C ILE F 64 12.57 -23.46 57.39
N ASP F 65 12.64 -24.79 57.47
CA ASP F 65 13.81 -25.47 58.02
C ASP F 65 14.75 -25.80 56.86
N LEU F 66 15.84 -25.04 56.76
CA LEU F 66 16.93 -25.34 55.86
C LEU F 66 18.18 -25.61 56.69
N ARG F 67 17.97 -26.21 57.87
CA ARG F 67 19.07 -26.46 58.79
C ARG F 67 20.06 -27.45 58.20
N SER F 68 19.58 -28.41 57.41
CA SER F 68 20.42 -29.37 56.73
C SER F 68 20.88 -28.89 55.36
N ARG F 69 20.62 -27.63 55.01
CA ARG F 69 20.78 -27.15 53.65
C ARG F 69 21.83 -26.05 53.55
N TYR F 70 22.37 -25.88 52.34
CA TYR F 70 23.21 -24.73 52.02
C TYR F 70 22.37 -23.70 51.30
N VAL F 71 22.40 -22.46 51.79
CA VAL F 71 21.47 -21.42 51.36
C VAL F 71 22.25 -20.30 50.66
N LEU F 72 21.75 -19.89 49.50
CA LEU F 72 22.39 -18.95 48.58
C LEU F 72 21.38 -17.89 48.15
N PRO F 73 21.86 -16.75 47.66
CA PRO F 73 20.97 -15.84 46.93
C PRO F 73 20.50 -16.48 45.64
N GLY F 74 19.39 -15.98 45.12
CA GLY F 74 18.84 -16.48 43.88
C GLY F 74 19.83 -16.35 42.75
N LEU F 75 19.98 -17.40 41.95
CA LEU F 75 20.96 -17.39 40.87
C LEU F 75 20.45 -16.52 39.72
N MET F 76 21.39 -15.97 38.97
CA MET F 76 21.04 -15.08 37.86
C MET F 76 21.77 -15.52 36.60
N ASP F 77 21.03 -15.54 35.49
CA ASP F 77 21.53 -15.94 34.19
C ASP F 77 21.36 -14.76 33.23
N MET F 78 22.47 -14.27 32.67
CA MET F 78 22.43 -13.05 31.87
C MET F 78 22.44 -13.32 30.38
N HIS F 79 22.20 -14.56 29.95
CA HIS F 79 21.94 -14.85 28.54
C HIS F 79 20.95 -16.00 28.48
N VAL F 80 19.69 -15.68 28.25
CA VAL F 80 18.65 -16.66 28.00
C VAL F 80 17.73 -16.13 26.93
N HIS F 81 17.13 -17.05 26.18
CA HIS F 81 16.14 -16.73 25.17
C HIS F 81 14.91 -17.52 25.58
N LEU F 82 14.09 -16.92 26.43
CA LEU F 82 12.94 -17.59 27.03
C LEU F 82 11.81 -17.77 26.02
N GLU F 83 11.89 -17.09 24.89
CA GLU F 83 10.87 -17.22 23.86
C GLU F 83 10.94 -18.57 23.15
N SER F 84 12.14 -19.14 23.06
CA SER F 84 12.40 -20.30 22.23
C SER F 84 12.98 -21.45 23.02
N GLU F 85 12.96 -22.63 22.39
CA GLU F 85 13.77 -23.76 22.82
C GLU F 85 14.20 -24.55 21.59
N THR F 86 15.38 -25.13 21.68
CA THR F 86 15.95 -25.85 20.54
C THR F 86 15.22 -27.16 20.32
N ASN F 87 14.91 -27.43 19.05
CA ASN F 87 14.11 -28.63 18.69
C ASN F 87 14.63 -29.15 17.34
N PRO F 88 14.09 -30.24 16.75
CA PRO F 88 14.60 -30.77 15.50
C PRO F 88 14.49 -29.80 14.35
N HIS F 89 13.38 -29.05 14.26
CA HIS F 89 13.18 -28.13 13.11
C HIS F 89 12.79 -26.74 13.60
N ASN F 90 13.76 -26.04 14.20
CA ASN F 90 13.52 -24.63 14.64
C ASN F 90 13.27 -23.73 13.42
N THR F 91 14.00 -23.92 12.33
CA THR F 91 13.90 -23.01 11.16
C THR F 91 12.50 -23.03 10.58
N LEU F 92 11.90 -24.20 10.41
CA LEU F 92 10.53 -24.20 9.91
C LEU F 92 9.58 -23.55 10.92
N GLU F 93 9.80 -23.80 12.21
CA GLU F 93 8.97 -23.17 13.22
C GLU F 93 9.16 -21.67 13.23
N ARG F 94 10.27 -21.19 12.68
CA ARG F 94 10.41 -19.75 12.51
C ARG F 94 9.37 -19.24 11.52
N PHE F 95 8.84 -20.13 10.67
CA PHE F 95 7.79 -19.75 9.73
C PHE F 95 6.37 -20.16 10.12
N ILE F 96 6.13 -21.12 11.02
CA ILE F 96 4.72 -21.43 11.24
C ILE F 96 4.22 -20.87 12.58
N LEU F 97 5.10 -20.49 13.50
CA LEU F 97 4.68 -20.20 14.85
C LEU F 97 4.21 -18.77 15.00
N ASN F 98 3.07 -18.61 15.65
CA ASN F 98 2.40 -17.36 15.96
C ASN F 98 2.80 -16.89 17.35
N PRO F 99 2.56 -15.61 17.67
CA PRO F 99 2.96 -15.12 19.00
C PRO F 99 2.36 -15.90 20.15
N ALA F 100 1.09 -16.31 20.04
CA ALA F 100 0.43 -17.02 21.12
C ALA F 100 1.07 -18.39 21.36
N ASP F 101 1.42 -19.11 20.29
CA ASP F 101 2.10 -20.40 20.45
C ASP F 101 3.40 -20.22 21.23
N ILE F 102 4.17 -19.20 20.84
CA ILE F 102 5.42 -18.90 21.53
C ILE F 102 5.18 -18.61 23.00
N ALA F 103 4.14 -17.82 23.30
CA ALA F 103 3.82 -17.50 24.69
C ALA F 103 3.49 -18.76 25.49
N TYR F 104 2.72 -19.67 24.89
CA TYR F 104 2.31 -20.87 25.61
C TYR F 104 3.51 -21.77 25.88
N ARG F 105 4.47 -21.83 24.95
CA ARG F 105 5.70 -22.55 25.25
C ARG F 105 6.51 -21.82 26.33
N SER F 106 6.58 -20.50 26.24
CA SER F 106 7.31 -19.68 27.20
C SER F 106 6.84 -19.93 28.63
N VAL F 107 5.56 -20.22 28.82
CA VAL F 107 5.07 -20.47 30.18
C VAL F 107 5.88 -21.60 30.83
N GLY F 108 5.95 -22.75 30.16
CA GLY F 108 6.72 -23.86 30.69
C GLY F 108 8.19 -23.55 30.76
N TYR F 109 8.72 -22.83 29.77
CA TYR F 109 10.15 -22.50 29.79
C TYR F 109 10.50 -21.68 31.02
N ALA F 110 9.71 -20.64 31.30
CA ALA F 110 9.96 -19.77 32.44
C ALA F 110 9.81 -20.52 33.76
N ARG F 111 8.78 -21.37 33.87
CA ARG F 111 8.59 -22.11 35.11
C ARG F 111 9.76 -23.06 35.37
N LYS F 112 10.21 -23.78 34.34
CA LYS F 112 11.35 -24.68 34.51
C LYS F 112 12.61 -23.91 34.86
N THR F 113 12.77 -22.71 34.28
CA THR F 113 13.92 -21.89 34.63
C THR F 113 13.88 -21.47 36.09
N LEU F 114 12.74 -20.98 36.56
CA LEU F 114 12.65 -20.51 37.95
C LEU F 114 12.87 -21.65 38.94
N MET F 115 12.34 -22.84 38.65
CA MET F 115 12.52 -23.90 39.62
C MET F 115 13.87 -24.60 39.52
N ALA F 116 14.65 -24.33 38.47
CA ALA F 116 16.06 -24.71 38.47
C ALA F 116 16.88 -23.87 39.44
N GLY F 117 16.28 -22.84 40.03
CA GLY F 117 16.95 -21.97 40.99
C GLY F 117 17.40 -20.63 40.47
N PHE F 118 17.07 -20.29 39.22
CA PHE F 118 17.48 -19.02 38.61
C PHE F 118 16.33 -18.01 38.75
N THR F 119 16.40 -17.22 39.82
CA THR F 119 15.34 -16.27 40.15
C THR F 119 15.37 -15.01 39.30
N THR F 120 16.47 -14.74 38.59
CA THR F 120 16.55 -13.56 37.74
C THR F 120 17.26 -13.95 36.45
N VAL F 121 16.75 -13.45 35.32
CA VAL F 121 17.35 -13.73 34.01
C VAL F 121 17.35 -12.48 33.14
N ARG F 122 18.24 -12.50 32.15
CA ARG F 122 18.36 -11.46 31.14
C ARG F 122 18.02 -12.07 29.78
N ASP F 123 16.82 -11.80 29.28
CA ASP F 123 16.37 -12.30 27.98
C ASP F 123 16.91 -11.39 26.88
N LEU F 124 17.79 -11.93 26.04
CA LEU F 124 18.55 -11.12 25.10
C LEU F 124 18.05 -11.21 23.66
N GLY F 125 16.82 -11.68 23.43
CA GLY F 125 16.34 -11.81 22.07
C GLY F 125 15.01 -12.50 21.92
N GLY F 126 14.12 -11.91 21.13
CA GLY F 126 12.81 -12.47 20.93
C GLY F 126 12.07 -11.79 19.79
N THR F 127 10.78 -12.09 19.69
CA THR F 127 9.87 -11.45 18.74
C THR F 127 9.11 -10.29 19.35
N GLY F 128 9.32 -10.00 20.63
CA GLY F 128 8.49 -9.09 21.38
C GLY F 128 7.61 -9.76 22.41
N VAL F 129 7.41 -11.08 22.28
CA VAL F 129 6.69 -11.84 23.29
C VAL F 129 7.42 -11.80 24.63
N ASN F 130 8.75 -11.71 24.60
CA ASN F 130 9.54 -11.62 25.82
C ASN F 130 9.10 -10.47 26.73
N ILE F 131 8.75 -9.33 26.14
CA ILE F 131 8.24 -8.21 26.94
C ILE F 131 6.93 -8.58 27.62
N SER F 132 6.03 -9.25 26.89
CA SER F 132 4.77 -9.70 27.47
C SER F 132 4.99 -10.75 28.57
N LEU F 133 5.97 -11.62 28.40
CA LEU F 133 6.27 -12.61 29.44
C LEU F 133 6.74 -11.93 30.71
N ARG F 134 7.62 -10.93 30.56
CA ARG F 134 8.06 -10.17 31.74
C ARG F 134 6.88 -9.47 32.40
N ASN F 135 6.04 -8.81 31.61
CA ASN F 135 4.90 -8.09 32.17
C ASN F 135 3.91 -9.03 32.82
N ALA F 136 3.74 -10.24 32.28
CA ALA F 136 2.81 -11.21 32.85
C ALA F 136 3.35 -11.77 34.17
N ILE F 137 4.65 -12.03 34.23
CA ILE F 137 5.25 -12.48 35.48
C ILE F 137 5.12 -11.40 36.56
N ASN F 138 5.41 -10.16 36.20
CA ASN F 138 5.34 -9.06 37.16
C ASN F 138 3.90 -8.78 37.61
N ALA F 139 2.92 -9.05 36.74
CA ALA F 139 1.52 -8.89 37.13
C ALA F 139 1.03 -10.03 38.01
N GLY F 140 1.84 -11.06 38.23
CA GLY F 140 1.43 -12.22 38.99
C GLY F 140 0.63 -13.26 38.24
N LEU F 141 0.55 -13.13 36.91
CA LEU F 141 -0.26 -14.06 36.13
C LEU F 141 0.47 -15.38 35.85
N ILE F 142 1.79 -15.35 35.70
CA ILE F 142 2.58 -16.52 35.33
C ILE F 142 3.71 -16.65 36.33
N ASP F 143 3.89 -17.86 36.87
CA ASP F 143 5.04 -18.13 37.73
C ASP F 143 6.31 -18.11 36.88
N GLY F 144 7.26 -17.24 37.23
CA GLY F 144 8.51 -17.18 36.52
C GLY F 144 9.57 -16.36 37.22
N PRO F 145 10.77 -16.34 36.65
CA PRO F 145 11.84 -15.51 37.19
C PRO F 145 11.63 -14.04 36.88
N ARG F 146 12.33 -13.20 37.63
CA ARG F 146 12.48 -11.80 37.25
C ARG F 146 13.17 -11.69 35.90
N VAL F 147 12.48 -11.12 34.91
CA VAL F 147 12.99 -11.03 33.55
C VAL F 147 13.39 -9.59 33.27
N PHE F 148 14.61 -9.40 32.78
CA PHE F 148 15.04 -8.14 32.17
C PHE F 148 15.29 -8.45 30.71
N THR F 149 14.51 -7.84 29.82
CA THR F 149 14.47 -8.26 28.43
C THR F 149 14.94 -7.16 27.50
N ALA F 150 15.70 -7.56 26.47
CA ALA F 150 16.17 -6.68 25.42
C ALA F 150 15.16 -6.51 24.29
N GLY F 151 14.03 -7.17 24.36
CA GLY F 151 13.07 -7.15 23.26
C GLY F 151 13.65 -7.82 22.03
N LYS F 152 13.53 -7.13 20.90
CA LYS F 152 14.08 -7.60 19.62
C LYS F 152 15.53 -7.15 19.50
N SER F 153 16.42 -8.09 19.14
CA SER F 153 17.80 -7.72 18.91
C SER F 153 17.90 -6.80 17.71
N ILE F 154 18.86 -5.88 17.75
CA ILE F 154 19.09 -4.93 16.67
C ILE F 154 20.27 -5.40 15.83
N ALA F 155 20.10 -5.34 14.51
CA ALA F 155 21.14 -5.71 13.56
C ALA F 155 21.12 -4.75 12.38
N THR F 156 22.15 -4.83 11.55
CA THR F 156 22.17 -4.19 10.25
C THR F 156 21.63 -5.15 9.19
N THR F 157 21.34 -4.63 8.01
CA THR F 157 20.83 -5.46 6.92
C THR F 157 21.77 -6.64 6.67
N GLY F 158 21.20 -7.83 6.62
CA GLY F 158 21.99 -9.05 6.57
C GLY F 158 22.67 -9.41 7.86
N GLY F 159 22.48 -8.63 8.92
CA GLY F 159 23.07 -8.93 10.22
C GLY F 159 22.53 -10.21 10.83
N HIS F 160 23.16 -10.61 11.93
CA HIS F 160 22.82 -11.88 12.58
C HIS F 160 21.38 -11.87 13.08
N ALA F 161 20.90 -10.73 13.58
CA ALA F 161 19.54 -10.62 14.12
C ALA F 161 18.54 -10.06 13.11
N ASP F 162 18.88 -10.08 11.83
CA ASP F 162 17.93 -9.66 10.79
C ASP F 162 16.83 -10.71 10.68
N PRO F 163 15.56 -10.32 10.83
CA PRO F 163 14.50 -11.35 10.88
C PRO F 163 14.32 -12.11 9.57
N THR F 164 14.50 -11.47 8.41
CA THR F 164 14.22 -12.10 7.13
C THR F 164 15.47 -12.66 6.46
N ASN F 165 16.46 -13.06 7.24
CA ASN F 165 17.67 -13.64 6.66
C ASN F 165 17.35 -15.02 6.11
N GLY F 166 17.72 -15.26 4.85
CA GLY F 166 17.49 -16.54 4.20
C GLY F 166 16.11 -16.76 3.63
N TYR F 167 15.21 -15.79 3.75
CA TYR F 167 13.84 -15.91 3.24
C TYR F 167 13.80 -15.99 1.72
N ARG F 168 12.69 -16.55 1.20
CA ARG F 168 12.35 -16.35 -0.19
C ARG F 168 12.40 -14.87 -0.49
N LYS F 169 12.80 -14.51 -1.72
CA LYS F 169 13.08 -13.10 -1.97
C LYS F 169 11.83 -12.25 -1.82
N ASP F 170 10.68 -12.76 -2.24
CA ASP F 170 9.43 -12.05 -1.96
C ASP F 170 9.17 -11.92 -0.45
N LEU F 171 9.44 -12.98 0.32
CA LEU F 171 9.08 -12.98 1.72
C LEU F 171 10.07 -12.22 2.59
N MET F 172 11.21 -11.79 2.02
CA MET F 172 12.24 -11.21 2.84
C MET F 172 12.00 -9.72 3.08
N GLY F 173 11.50 -9.01 2.06
CA GLY F 173 11.17 -7.63 2.32
C GLY F 173 12.39 -6.79 2.68
N ASP F 174 12.11 -5.56 3.11
CA ASP F 174 13.14 -4.59 3.49
C ASP F 174 12.92 -4.17 4.93
N PRO F 175 13.45 -4.92 5.89
CA PRO F 175 13.27 -4.56 7.30
C PRO F 175 13.97 -3.26 7.66
N GLY F 176 13.38 -2.53 8.61
CA GLY F 176 13.91 -1.26 9.04
C GLY F 176 14.00 -1.19 10.54
N PRO F 177 14.25 0.01 11.07
CA PRO F 177 14.45 0.15 12.53
C PRO F 177 13.29 -0.38 13.34
N TYR F 178 12.06 -0.18 12.86
CA TYR F 178 10.89 -0.71 13.54
C TYR F 178 11.02 -2.20 13.78
N GLU F 179 11.60 -2.92 12.82
CA GLU F 179 11.84 -4.36 12.95
C GLU F 179 13.17 -4.69 13.60
N GLY F 180 13.95 -3.68 13.99
CA GLY F 180 15.24 -3.94 14.58
C GLY F 180 16.40 -3.99 13.61
N VAL F 181 16.23 -3.58 12.37
CA VAL F 181 17.29 -3.55 11.38
C VAL F 181 17.61 -2.10 11.10
N ALA F 182 18.84 -1.69 11.37
CA ALA F 182 19.23 -0.30 11.23
C ALA F 182 20.47 -0.20 10.35
N ASN F 183 20.55 0.88 9.59
CA ASN F 183 21.72 1.18 8.78
C ASN F 183 22.00 2.67 8.88
N GLY F 184 23.17 3.02 9.41
CA GLY F 184 23.51 4.41 9.61
C GLY F 184 23.18 4.84 11.02
N PRO F 185 23.79 5.92 11.49
CA PRO F 185 23.62 6.30 12.90
C PRO F 185 22.19 6.67 13.27
N ASP F 186 21.51 7.46 12.43
CA ASP F 186 20.15 7.90 12.76
C ASP F 186 19.16 6.73 12.77
N GLU F 187 19.30 5.79 11.82
CA GLU F 187 18.47 4.59 11.88
C GLU F 187 18.75 3.80 13.16
N CYS F 188 20.01 3.76 13.59
CA CYS F 188 20.36 3.09 14.84
C CYS F 188 19.68 3.77 16.03
N ARG F 189 19.74 5.10 16.07
CA ARG F 189 19.06 5.84 17.14
C ARG F 189 17.57 5.53 17.16
N LYS F 190 16.94 5.49 15.97
CA LYS F 190 15.52 5.18 15.93
C LYS F 190 15.25 3.76 16.40
N ALA F 191 16.13 2.83 16.08
CA ALA F 191 15.91 1.44 16.50
C ALA F 191 15.98 1.33 18.01
N VAL F 192 16.94 2.01 18.64
CA VAL F 192 17.00 2.04 20.10
C VAL F 192 15.72 2.65 20.67
N ARG F 193 15.28 3.77 20.10
CA ARG F 193 14.05 4.39 20.58
C ARG F 193 12.83 3.49 20.39
N GLN F 194 12.82 2.68 19.33
CA GLN F 194 11.73 1.75 19.11
C GLN F 194 11.72 0.65 20.17
N ARG F 195 12.89 0.09 20.48
CA ARG F 195 12.96 -0.89 21.56
C ARG F 195 12.54 -0.29 22.89
N TYR F 196 12.87 0.97 23.13
CA TYR F 196 12.40 1.65 24.34
C TYR F 196 10.89 1.79 24.34
N LYS F 197 10.33 2.23 23.21
CA LYS F 197 8.89 2.40 23.07
C LYS F 197 8.16 1.09 23.32
N ASN F 198 8.72 -0.03 22.86
CA ASN F 198 8.09 -1.33 23.03
C ASN F 198 8.20 -1.86 24.44
N GLY F 199 8.98 -1.23 25.31
CA GLY F 199 9.11 -1.65 26.69
C GLY F 199 10.35 -2.45 27.05
N ALA F 200 11.45 -2.28 26.32
CA ALA F 200 12.65 -3.13 26.56
C ALA F 200 13.51 -2.60 27.71
N ASP F 201 13.91 -3.48 28.63
CA ASP F 201 14.85 -3.09 29.71
C ASP F 201 16.24 -2.73 29.15
N LEU F 202 16.73 -3.46 28.16
CA LEU F 202 18.13 -3.27 27.67
C LEU F 202 18.20 -3.39 26.14
N ILE F 203 19.27 -2.89 25.52
CA ILE F 203 19.46 -3.04 24.05
C ILE F 203 20.38 -4.23 23.78
N LYS F 204 20.06 -5.06 22.78
CA LYS F 204 20.92 -6.17 22.40
C LYS F 204 21.31 -5.99 20.95
N ILE F 205 22.59 -6.19 20.66
CA ILE F 205 23.16 -5.97 19.34
C ILE F 205 23.91 -7.23 18.92
N THR F 206 23.99 -7.43 17.60
CA THR F 206 24.83 -8.45 17.00
C THR F 206 25.91 -7.70 16.22
N ALA F 207 27.11 -7.62 16.79
CA ALA F 207 28.17 -6.83 16.17
C ALA F 207 28.96 -7.63 15.13
N THR F 208 28.89 -8.95 15.20
CA THR F 208 29.44 -9.84 14.20
C THR F 208 28.35 -10.85 13.86
N GLY F 209 28.60 -11.67 12.86
CA GLY F 209 27.63 -12.69 12.50
C GLY F 209 27.29 -13.67 13.62
N LYS F 216 27.09 -15.91 6.14
CA LYS F 216 28.22 -16.78 5.88
C LYS F 216 29.29 -16.68 6.96
N SER F 217 30.18 -15.69 6.86
CA SER F 217 31.30 -15.55 7.77
C SER F 217 30.84 -14.78 9.00
N GLY F 218 30.48 -15.50 10.05
CA GLY F 218 29.88 -14.90 11.24
C GLY F 218 30.78 -14.03 12.09
N THR F 219 31.94 -13.65 11.55
CA THR F 219 32.88 -12.85 12.33
C THR F 219 33.06 -11.43 11.81
N ALA F 220 32.86 -11.21 10.51
CA ALA F 220 33.06 -9.89 9.95
C ALA F 220 32.25 -8.86 10.73
N PRO F 221 32.79 -7.65 10.96
CA PRO F 221 32.06 -6.67 11.78
C PRO F 221 30.91 -6.07 10.97
N GLN F 222 29.71 -6.14 11.55
CA GLN F 222 28.50 -5.69 10.89
C GLN F 222 28.01 -4.34 11.38
N PHE F 223 28.75 -3.68 12.26
CA PHE F 223 28.37 -2.41 12.81
C PHE F 223 29.56 -1.48 12.69
N THR F 224 29.33 -0.30 12.14
CA THR F 224 30.41 0.66 12.09
C THR F 224 30.51 1.40 13.41
N ASP F 225 31.67 2.01 13.61
CA ASP F 225 31.91 2.75 14.85
C ASP F 225 30.88 3.86 15.05
N GLU F 226 30.51 4.56 13.98
CA GLU F 226 29.52 5.62 14.12
C GLU F 226 28.18 5.07 14.57
N GLU F 227 27.77 3.92 14.00
CA GLU F 227 26.54 3.27 14.42
C GLU F 227 26.63 2.78 15.86
N LEU F 228 27.77 2.19 16.23
CA LEU F 228 27.91 1.69 17.60
C LEU F 228 27.84 2.83 18.61
N ARG F 229 28.52 3.95 18.32
CA ARG F 229 28.44 5.12 19.17
C ARG F 229 27.00 5.62 19.27
N ALA F 230 26.30 5.69 18.13
CA ALA F 230 24.90 6.10 18.17
C ALA F 230 24.08 5.20 19.07
N ILE F 231 24.29 3.89 18.98
CA ILE F 231 23.50 2.95 19.76
C ILE F 231 23.78 3.13 21.25
N VAL F 232 25.05 3.25 21.62
CA VAL F 232 25.41 3.37 23.03
C VAL F 232 24.89 4.70 23.59
N GLU F 233 25.02 5.78 22.83
CA GLU F 233 24.59 7.09 23.32
C GLU F 233 23.09 7.15 23.50
N THR F 234 22.34 6.63 22.52
CA THR F 234 20.89 6.59 22.64
C THR F 234 20.48 5.74 23.83
N ALA F 235 21.09 4.57 23.99
CA ALA F 235 20.73 3.69 25.09
C ALA F 235 20.95 4.37 26.44
N ARG F 236 22.08 5.09 26.58
CA ARG F 236 22.34 5.74 27.86
C ARG F 236 21.39 6.91 28.10
N ASP F 237 20.95 7.59 27.04
CA ASP F 237 19.97 8.67 27.22
C ASP F 237 18.70 8.13 27.87
N TYR F 238 18.28 6.93 27.50
CA TYR F 238 17.08 6.30 28.05
C TYR F 238 17.41 5.32 29.18
N GLY F 239 18.63 5.40 29.73
CA GLY F 239 18.97 4.59 30.88
C GLY F 239 19.02 3.10 30.64
N MET F 240 19.36 2.68 29.42
CA MET F 240 19.45 1.28 29.06
C MET F 240 20.89 0.88 28.81
N LYS F 241 21.26 -0.29 29.32
CA LYS F 241 22.57 -0.85 29.03
C LYS F 241 22.54 -1.53 27.66
N VAL F 242 23.74 -1.82 27.14
CA VAL F 242 23.89 -2.45 25.83
C VAL F 242 24.63 -3.77 25.99
N ALA F 243 24.04 -4.85 25.50
CA ALA F 243 24.68 -6.15 25.44
C ALA F 243 24.91 -6.52 23.98
N VAL F 244 26.07 -7.10 23.69
CA VAL F 244 26.53 -7.32 22.33
C VAL F 244 27.02 -8.75 22.22
N HIS F 245 26.37 -9.56 21.36
CA HIS F 245 26.96 -10.86 21.03
C HIS F 245 27.78 -10.69 19.75
N ALA F 246 29.08 -10.94 19.85
CA ALA F 246 30.05 -10.74 18.79
C ALA F 246 31.07 -11.86 18.90
N HIS F 247 31.29 -12.59 17.81
CA HIS F 247 32.31 -13.62 17.78
C HIS F 247 33.61 -13.18 17.15
N GLY F 248 33.56 -12.32 16.13
CA GLY F 248 34.77 -11.86 15.49
C GLY F 248 35.48 -10.81 16.32
N ALA F 249 36.80 -10.77 16.17
CA ALA F 249 37.59 -9.87 17.01
C ALA F 249 37.31 -8.41 16.70
N GLU F 250 37.22 -8.05 15.41
CA GLU F 250 37.10 -6.62 15.08
C GLU F 250 35.78 -6.05 15.60
N GLY F 251 34.68 -6.78 15.43
CA GLY F 251 33.41 -6.30 15.95
C GLY F 251 33.41 -6.16 17.46
N MET F 252 34.00 -7.14 18.15
CA MET F 252 34.09 -7.06 19.62
C MET F 252 34.91 -5.85 20.05
N LYS F 253 36.00 -5.56 19.34
CA LYS F 253 36.83 -4.42 19.72
C LYS F 253 36.12 -3.10 19.41
N ARG F 254 35.39 -3.05 18.30
CA ARG F 254 34.58 -1.87 18.02
C ARG F 254 33.55 -1.63 19.11
N ALA F 255 32.89 -2.71 19.56
CA ALA F 255 31.88 -2.59 20.62
C ALA F 255 32.52 -2.15 21.93
N LEU F 256 33.68 -2.71 22.27
CA LEU F 256 34.35 -2.34 23.51
C LEU F 256 34.77 -0.88 23.49
N ARG F 257 35.32 -0.40 22.37
CA ARG F 257 35.67 1.01 22.27
C ARG F 257 34.44 1.90 22.29
N ALA F 258 33.30 1.40 21.77
CA ALA F 258 32.08 2.19 21.74
C ALA F 258 31.52 2.44 23.14
N GLY F 259 31.77 1.54 24.09
CA GLY F 259 31.28 1.73 25.44
C GLY F 259 30.15 0.81 25.87
N VAL F 260 30.08 -0.38 25.27
CA VAL F 260 29.05 -1.33 25.67
C VAL F 260 29.34 -1.88 27.06
N HIS F 261 28.30 -2.41 27.69
CA HIS F 261 28.39 -2.91 29.06
C HIS F 261 28.69 -4.40 29.13
N SER F 262 28.40 -5.15 28.07
CA SER F 262 28.56 -6.59 28.08
C SER F 262 28.86 -7.07 26.66
N ILE F 263 29.69 -8.09 26.55
CA ILE F 263 29.95 -8.78 25.30
C ILE F 263 29.60 -10.24 25.48
N GLU F 264 28.86 -10.79 24.52
CA GLU F 264 28.35 -12.15 24.63
C GLU F 264 29.10 -13.07 23.70
N HIS F 265 29.38 -14.29 24.19
CA HIS F 265 30.10 -15.34 23.47
C HIS F 265 31.57 -14.99 23.27
N GLY F 266 31.86 -14.04 22.38
CA GLY F 266 33.22 -13.62 22.14
C GLY F 266 34.19 -14.73 21.77
N THR F 267 33.77 -15.62 20.86
CA THR F 267 34.46 -16.90 20.66
C THR F 267 35.92 -16.71 20.24
N TYR F 268 36.20 -15.73 19.38
CA TYR F 268 37.57 -15.48 18.95
C TYR F 268 37.99 -14.14 19.54
N MET F 269 38.58 -14.20 20.73
CA MET F 269 38.97 -13.01 21.45
C MET F 269 40.48 -12.93 21.45
N ASP F 270 41.00 -11.84 20.91
CA ASP F 270 42.44 -11.59 20.89
C ASP F 270 42.84 -10.84 22.16
N ASP F 271 44.15 -10.73 22.36
CA ASP F 271 44.67 -10.05 23.53
C ASP F 271 44.35 -8.56 23.50
N GLU F 272 44.19 -8.00 22.30
CA GLU F 272 43.79 -6.60 22.20
C GLU F 272 42.41 -6.40 22.81
N ALA F 273 41.48 -7.32 22.57
CA ALA F 273 40.17 -7.23 23.19
C ALA F 273 40.26 -7.44 24.70
N ILE F 274 41.24 -8.20 25.18
CA ILE F 274 41.34 -8.44 26.62
C ILE F 274 41.82 -7.17 27.32
N GLU F 275 42.78 -6.47 26.74
CA GLU F 275 43.17 -5.18 27.34
C GLU F 275 42.02 -4.19 27.23
N LEU F 276 41.24 -4.27 26.16
CA LEU F 276 40.05 -3.42 26.04
C LEU F 276 39.05 -3.72 27.15
N PHE F 277 38.82 -5.01 27.43
CA PHE F 277 37.94 -5.41 28.52
C PHE F 277 38.40 -4.80 29.84
N LYS F 278 39.70 -4.94 30.13
CA LYS F 278 40.18 -4.47 31.43
C LYS F 278 40.12 -2.95 31.54
N LYS F 279 40.30 -2.25 30.41
CA LYS F 279 40.25 -0.79 30.46
C LYS F 279 38.82 -0.26 30.53
N THR F 280 37.89 -0.88 29.80
CA THR F 280 36.51 -0.40 29.81
C THR F 280 35.70 -0.95 30.98
N GLY F 281 36.07 -2.12 31.50
CA GLY F 281 35.27 -2.74 32.53
C GLY F 281 34.05 -3.48 32.03
N ALA F 282 33.90 -3.65 30.72
CA ALA F 282 32.78 -4.40 30.18
C ALA F 282 32.82 -5.84 30.68
N TYR F 283 31.64 -6.45 30.79
CA TYR F 283 31.53 -7.83 31.22
C TYR F 283 31.60 -8.80 30.05
N TYR F 284 32.17 -9.96 30.33
CA TYR F 284 32.25 -11.06 29.39
C TYR F 284 31.33 -12.19 29.83
N VAL F 285 30.43 -12.61 28.95
CA VAL F 285 29.49 -13.69 29.21
C VAL F 285 29.87 -14.87 28.32
N PRO F 286 30.43 -15.96 28.88
CA PRO F 286 31.06 -16.98 28.01
C PRO F 286 30.06 -17.81 27.22
N THR F 287 28.98 -18.27 27.85
CA THR F 287 27.96 -19.10 27.17
C THR F 287 28.59 -20.41 26.65
N ILE F 288 29.23 -21.14 27.56
CA ILE F 288 29.97 -22.37 27.11
C ILE F 288 28.96 -23.49 26.81
N LEU F 289 27.91 -23.63 27.61
CA LEU F 289 27.01 -24.80 27.40
C LEU F 289 26.37 -24.73 26.02
N ALA F 290 25.91 -23.54 25.60
CA ALA F 290 25.37 -23.41 24.23
C ALA F 290 26.47 -23.66 23.20
N GLY F 291 27.68 -23.12 23.46
CA GLY F 291 28.76 -23.26 22.48
C GLY F 291 29.13 -24.71 22.31
N ARG F 292 29.20 -25.45 23.42
CA ARG F 292 29.47 -26.90 23.34
C ARG F 292 28.13 -27.61 23.11
N THR F 293 27.57 -27.49 21.90
CA THR F 293 26.25 -28.09 21.62
C THR F 293 26.00 -27.98 20.13
N GLY F 316 34.43 -25.31 18.73
CA GLY F 316 33.81 -25.99 19.85
C GLY F 316 34.63 -25.96 21.13
N PRO F 317 35.84 -26.52 21.08
CA PRO F 317 36.76 -26.37 22.22
C PRO F 317 37.36 -24.99 22.30
N GLN F 318 37.30 -24.22 21.22
CA GLN F 318 37.85 -22.87 21.20
C GLN F 318 37.23 -21.98 22.26
N ILE F 319 35.97 -22.21 22.62
CA ILE F 319 35.33 -21.30 23.57
C ILE F 319 35.71 -21.60 25.02
N GLN F 320 35.96 -22.86 25.36
CA GLN F 320 36.50 -23.15 26.70
C GLN F 320 37.90 -22.59 26.82
N LYS F 321 38.66 -22.72 25.74
CA LYS F 321 40.00 -22.15 25.60
C LYS F 321 39.95 -20.63 25.81
N THR F 322 38.98 -19.97 25.18
CA THR F 322 38.82 -18.53 25.31
C THR F 322 38.40 -18.12 26.72
N PHE F 323 37.45 -18.85 27.32
CA PHE F 323 36.99 -18.52 28.67
C PHE F 323 38.11 -18.69 29.68
N ALA F 324 38.91 -19.75 29.54
CA ALA F 324 40.03 -19.96 30.46
C ALA F 324 41.00 -18.79 30.39
N LYS F 325 41.40 -18.41 29.16
CA LYS F 325 42.32 -17.29 29.06
C LYS F 325 41.71 -16.00 29.58
N ALA F 326 40.41 -15.80 29.34
CA ALA F 326 39.73 -14.60 29.82
C ALA F 326 39.71 -14.52 31.34
N TYR F 327 39.41 -15.63 32.01
CA TYR F 327 39.41 -15.59 33.47
C TYR F 327 40.83 -15.35 34.00
N LYS F 328 41.83 -16.04 33.43
CA LYS F 328 43.19 -15.83 33.89
C LYS F 328 43.65 -14.39 33.67
N SER F 329 43.20 -13.77 32.59
CA SER F 329 43.60 -12.41 32.23
C SER F 329 42.98 -11.33 33.12
N GLY F 330 41.97 -11.66 33.91
CA GLY F 330 41.31 -10.68 34.76
C GLY F 330 40.07 -10.05 34.17
N VAL F 331 39.54 -10.58 33.07
CA VAL F 331 38.31 -10.04 32.52
C VAL F 331 37.18 -10.29 33.50
N LYS F 332 36.39 -9.25 33.77
CA LYS F 332 35.22 -9.41 34.61
C LYS F 332 34.18 -10.27 33.89
N ILE F 333 33.63 -11.25 34.60
CA ILE F 333 32.78 -12.28 34.00
C ILE F 333 31.43 -12.27 34.68
N ALA F 334 30.37 -12.30 33.88
CA ALA F 334 29.00 -12.45 34.36
C ALA F 334 28.43 -13.74 33.80
N PHE F 335 27.58 -14.39 34.59
CA PHE F 335 27.11 -15.74 34.30
C PHE F 335 26.08 -15.76 33.18
N GLY F 336 26.32 -16.62 32.18
CA GLY F 336 25.36 -16.81 31.11
C GLY F 336 25.45 -18.17 30.44
N THR F 337 24.30 -18.82 30.20
CA THR F 337 24.25 -20.15 29.62
C THR F 337 23.75 -20.18 28.19
N ASP F 338 23.07 -19.13 27.72
CA ASP F 338 22.21 -19.19 26.54
C ASP F 338 21.35 -20.43 26.56
N SER F 339 20.60 -20.61 27.64
CA SER F 339 19.53 -21.59 27.58
C SER F 339 18.45 -21.07 26.63
N GLY F 340 17.85 -21.98 25.89
CA GLY F 340 17.11 -21.65 24.68
C GLY F 340 17.73 -22.39 23.51
N LYS F 341 19.03 -22.18 23.26
CA LYS F 341 19.73 -23.10 22.38
C LYS F 341 19.97 -24.40 23.11
N SER F 342 20.07 -24.32 24.45
CA SER F 342 20.01 -25.45 25.35
C SER F 342 18.69 -25.47 26.10
N VAL F 343 18.30 -26.68 26.53
CA VAL F 343 17.05 -26.86 27.25
C VAL F 343 17.06 -26.05 28.54
N HIS F 344 15.94 -25.40 28.83
CA HIS F 344 15.79 -24.61 30.03
C HIS F 344 15.67 -25.49 31.27
N GLY F 345 16.28 -25.05 32.37
CA GLY F 345 16.34 -25.81 33.59
C GLY F 345 17.65 -26.56 33.78
N LEU F 346 18.45 -26.69 32.73
CA LEU F 346 19.79 -27.24 32.81
C LEU F 346 20.82 -26.13 32.89
N ASN F 347 20.40 -24.93 33.28
CA ASN F 347 21.30 -23.79 33.29
C ASN F 347 22.51 -24.04 34.19
N ALA F 348 22.27 -24.70 35.33
CA ALA F 348 23.33 -24.90 36.30
C ALA F 348 24.53 -25.65 35.73
N ILE F 349 24.38 -26.42 34.66
CA ILE F 349 25.54 -27.11 34.09
C ILE F 349 26.67 -26.14 33.80
N GLU F 350 26.33 -24.93 33.33
CA GLU F 350 27.37 -23.99 32.97
C GLU F 350 28.36 -23.78 34.11
N PHE F 351 27.85 -23.75 35.35
CA PHE F 351 28.75 -23.62 36.51
C PHE F 351 29.88 -24.63 36.46
N GLU F 352 29.52 -25.91 36.32
CA GLU F 352 30.52 -26.97 36.27
C GLU F 352 31.56 -26.68 35.21
N LEU F 353 31.12 -26.25 34.02
CA LEU F 353 32.07 -26.05 32.94
C LEU F 353 33.06 -24.96 33.30
N MET F 354 32.61 -23.91 34.00
CA MET F 354 33.54 -22.87 34.40
C MET F 354 34.53 -23.41 35.42
N VAL F 355 34.07 -24.30 36.31
CA VAL F 355 35.00 -24.87 37.28
C VAL F 355 35.99 -25.74 36.53
N GLU F 356 35.55 -26.36 35.42
CA GLU F 356 36.45 -27.18 34.63
C GLU F 356 37.48 -26.34 33.88
N ALA F 357 37.14 -25.08 33.56
CA ALA F 357 38.11 -24.22 32.90
C ALA F 357 39.11 -23.58 33.87
N GLY F 358 38.98 -23.84 35.16
CA GLY F 358 39.90 -23.31 36.15
C GLY F 358 39.39 -22.14 36.95
N MET F 359 38.13 -21.77 36.80
CA MET F 359 37.62 -20.65 37.59
C MET F 359 37.08 -21.17 38.92
N PRO F 360 37.40 -20.49 40.03
CA PRO F 360 37.00 -21.02 41.34
C PRO F 360 35.50 -20.99 41.52
N PRO F 361 34.93 -21.96 42.26
CA PRO F 361 33.47 -22.00 42.45
C PRO F 361 32.89 -20.71 43.01
N LEU F 362 33.54 -20.08 43.99
CA LEU F 362 33.03 -18.81 44.49
C LEU F 362 32.97 -17.77 43.38
N GLU F 363 33.96 -17.76 42.48
CA GLU F 363 33.94 -16.78 41.41
C GLU F 363 32.81 -17.07 40.43
N ALA F 364 32.48 -18.35 40.23
CA ALA F 364 31.33 -18.69 39.41
C ALA F 364 30.02 -18.21 40.05
N ILE F 365 29.86 -18.46 41.35
CA ILE F 365 28.64 -18.02 42.03
C ILE F 365 28.55 -16.50 42.06
N ARG F 366 29.68 -15.81 42.21
CA ARG F 366 29.67 -14.35 42.17
C ARG F 366 29.32 -13.85 40.79
N SER F 367 29.75 -14.57 39.74
CA SER F 367 29.35 -14.22 38.39
C SER F 367 27.86 -14.43 38.21
N ALA F 368 27.28 -15.40 38.92
CA ALA F 368 25.83 -15.60 38.87
C ALA F 368 25.06 -14.68 39.82
N THR F 369 25.73 -14.00 40.75
CA THR F 369 25.00 -13.20 41.71
C THR F 369 25.44 -11.74 41.69
N LEU F 370 26.59 -11.43 42.32
CA LEU F 370 27.02 -10.05 42.44
C LEU F 370 27.36 -9.43 41.09
N ASN F 371 28.20 -10.11 40.31
CA ASN F 371 28.54 -9.61 38.99
C ASN F 371 27.29 -9.49 38.13
N ALA F 372 26.35 -10.42 38.30
CA ALA F 372 25.10 -10.38 37.56
C ALA F 372 24.30 -9.12 37.90
N ALA F 373 24.14 -8.82 39.19
CA ALA F 373 23.40 -7.63 39.58
C ALA F 373 24.10 -6.36 39.11
N ASP F 374 25.44 -6.36 39.12
CA ASP F 374 26.18 -5.21 38.62
C ASP F 374 25.98 -5.04 37.12
N LEU F 375 26.00 -6.15 36.37
CA LEU F 375 25.74 -6.08 34.94
C LEU F 375 24.34 -5.55 34.68
N LEU F 376 23.38 -5.99 35.48
CA LEU F 376 22.01 -5.51 35.34
C LEU F 376 21.87 -4.06 35.80
N GLY F 377 22.69 -3.62 36.75
CA GLY F 377 22.50 -2.31 37.33
C GLY F 377 21.52 -2.27 38.46
N VAL F 378 21.38 -3.35 39.23
CA VAL F 378 20.41 -3.42 40.31
C VAL F 378 21.16 -3.45 41.63
N ASN F 379 20.64 -2.73 42.63
CA ASN F 379 21.29 -2.71 43.93
C ASN F 379 20.52 -3.47 45.00
N ASN F 380 19.41 -4.12 44.67
CA ASN F 380 18.67 -4.89 45.66
C ASN F 380 18.68 -6.38 45.36
N LEU F 381 19.56 -6.85 44.48
CA LEU F 381 19.60 -8.26 44.12
C LEU F 381 21.02 -8.78 44.23
N GLY F 382 21.13 -10.10 44.39
CA GLY F 382 22.40 -10.77 44.38
C GLY F 382 23.05 -11.03 45.72
N SER F 383 22.37 -10.75 46.83
CA SER F 383 22.98 -11.01 48.12
C SER F 383 21.90 -11.11 49.19
N ILE F 384 22.11 -12.04 50.13
CA ILE F 384 21.25 -12.18 51.30
C ILE F 384 21.72 -11.12 52.28
N GLU F 385 20.96 -10.05 52.42
CA GLU F 385 21.47 -8.83 53.00
C GLU F 385 20.33 -8.00 53.55
N ALA F 386 20.65 -7.15 54.53
CA ALA F 386 19.61 -6.27 55.06
C ALA F 386 19.14 -5.33 53.97
N GLY F 387 17.83 -5.22 53.81
CA GLY F 387 17.26 -4.29 52.87
C GLY F 387 17.14 -4.76 51.43
N MET F 388 17.56 -5.97 51.11
CA MET F 388 17.51 -6.41 49.72
C MET F 388 16.40 -7.45 49.50
N LEU F 389 16.16 -7.74 48.23
CA LEU F 389 15.01 -8.54 47.82
C LEU F 389 15.23 -10.03 48.03
N ALA F 390 14.15 -10.69 48.47
CA ALA F 390 14.15 -12.06 48.98
C ALA F 390 14.18 -13.09 47.84
N ASP F 391 15.36 -13.31 47.29
CA ASP F 391 15.58 -14.41 46.37
C ASP F 391 16.51 -15.40 47.04
N VAL F 392 15.99 -16.55 47.44
CA VAL F 392 16.76 -17.50 48.23
C VAL F 392 16.68 -18.85 47.56
N ILE F 393 17.84 -19.47 47.41
CA ILE F 393 18.04 -20.77 46.81
C ILE F 393 18.64 -21.66 47.88
N ALA F 394 18.39 -22.96 47.77
CA ALA F 394 19.02 -23.86 48.71
C ALA F 394 19.32 -25.17 47.99
N VAL F 395 20.51 -25.68 48.25
CA VAL F 395 21.00 -26.93 47.70
C VAL F 395 21.37 -27.86 48.82
N GLU F 396 21.64 -29.12 48.44
CA GLU F 396 21.81 -30.17 49.42
C GLU F 396 23.19 -30.16 50.05
N ASP F 397 24.23 -29.94 49.24
CA ASP F 397 25.62 -30.04 49.66
C ASP F 397 26.35 -28.74 49.34
N ASN F 398 27.59 -28.64 49.82
CA ASN F 398 28.35 -27.38 49.70
C ASN F 398 28.70 -27.10 48.25
N PRO F 399 28.21 -26.01 47.66
CA PRO F 399 28.58 -25.72 46.26
C PRO F 399 30.03 -25.31 46.10
N LEU F 400 30.66 -24.77 47.15
CA LEU F 400 32.07 -24.40 47.08
C LEU F 400 32.98 -25.62 47.17
N GLU F 401 32.46 -26.74 47.67
CA GLU F 401 33.18 -28.00 47.67
C GLU F 401 32.81 -28.89 46.48
N ASN F 402 31.58 -28.79 45.99
CA ASN F 402 31.18 -29.48 44.76
C ASN F 402 30.17 -28.61 44.03
N ILE F 403 30.49 -28.17 42.81
CA ILE F 403 29.56 -27.29 42.04
C ILE F 403 28.45 -28.15 41.41
N SER F 404 28.58 -29.48 41.45
CA SER F 404 27.54 -30.37 40.89
C SER F 404 26.27 -30.30 41.76
N THR F 405 26.38 -29.84 43.00
CA THR F 405 25.23 -29.70 43.91
C THR F 405 24.25 -28.71 43.31
N LEU F 406 24.73 -27.70 42.59
CA LEU F 406 23.82 -26.64 42.08
C LEU F 406 22.84 -27.23 41.04
N ARG F 407 23.17 -28.36 40.44
CA ARG F 407 22.30 -28.94 39.38
C ARG F 407 20.93 -29.31 39.95
N LYS F 408 20.89 -29.87 41.16
CA LYS F 408 19.60 -30.20 41.80
C LYS F 408 19.31 -29.19 42.91
N VAL F 409 18.48 -28.18 42.62
CA VAL F 409 18.20 -27.11 43.64
C VAL F 409 16.99 -27.57 44.43
N VAL F 410 17.08 -27.55 45.76
CA VAL F 410 16.00 -28.10 46.57
C VAL F 410 15.08 -27.06 47.18
N PHE F 411 15.47 -25.78 47.19
CA PHE F 411 14.57 -24.75 47.72
C PHE F 411 14.66 -23.50 46.86
N VAL F 412 13.52 -22.96 46.44
CA VAL F 412 13.46 -21.74 45.64
C VAL F 412 12.36 -20.83 46.18
N MET F 413 12.74 -19.59 46.51
CA MET F 413 11.81 -18.53 46.92
C MET F 413 12.19 -17.28 46.14
N LYS F 414 11.22 -16.72 45.42
CA LYS F 414 11.39 -15.46 44.69
C LYS F 414 10.41 -14.48 45.29
N ASP F 415 10.88 -13.29 45.60
CA ASP F 415 10.13 -12.34 46.44
C ASP F 415 9.90 -13.07 47.76
N GLY F 416 8.71 -12.99 48.34
CA GLY F 416 8.47 -13.71 49.58
C GLY F 416 7.87 -15.08 49.33
N LYS F 417 7.39 -15.32 48.11
CA LYS F 417 6.67 -16.56 47.87
C LYS F 417 7.65 -17.69 47.57
N VAL F 418 7.39 -18.84 48.17
CA VAL F 418 8.21 -20.03 47.99
C VAL F 418 7.62 -20.82 46.84
N TYR F 419 8.42 -21.05 45.80
CA TYR F 419 7.95 -21.81 44.66
C TYR F 419 8.35 -23.28 44.74
N LYS F 420 9.44 -23.61 45.44
CA LYS F 420 9.80 -25.01 45.57
C LYS F 420 10.40 -25.29 46.94
N GLN F 421 9.96 -26.36 47.58
CA GLN F 421 10.47 -26.74 48.91
C GLN F 421 10.42 -28.26 49.04
N GLU F 422 11.54 -28.92 48.79
CA GLU F 422 11.63 -30.37 48.88
C GLU F 422 12.40 -30.80 50.13
N ALA G 17 19.32 21.88 -48.27
CA ALA G 17 18.51 22.97 -48.82
C ALA G 17 19.13 24.32 -48.47
N THR G 18 19.01 25.29 -49.38
CA THR G 18 19.60 26.61 -49.21
C THR G 18 18.52 27.68 -49.28
N THR G 19 18.52 28.58 -48.31
CA THR G 19 17.61 29.71 -48.27
C THR G 19 18.40 31.00 -48.10
N LEU G 20 18.04 32.01 -48.86
CA LEU G 20 18.66 33.33 -48.77
C LEU G 20 17.65 34.33 -48.23
N LEU G 21 18.05 35.07 -47.20
CA LEU G 21 17.23 36.12 -46.62
C LEU G 21 17.77 37.47 -47.08
N HIS G 22 16.95 38.22 -47.81
CA HIS G 22 17.31 39.57 -48.26
C HIS G 22 16.84 40.54 -47.18
N CYS G 23 17.73 40.90 -46.26
CA CYS G 23 17.40 41.69 -45.09
C CYS G 23 17.80 43.13 -45.32
N GLY G 24 16.83 44.04 -45.18
CA GLY G 24 17.14 45.46 -45.25
C GLY G 24 18.05 45.91 -44.12
N HIS G 25 17.74 45.48 -42.90
CA HIS G 25 18.60 45.73 -41.76
C HIS G 25 18.74 44.45 -40.96
N LEU G 26 19.98 44.07 -40.69
CA LEU G 26 20.26 42.90 -39.88
C LEU G 26 21.12 43.36 -38.71
N LEU G 27 20.67 43.07 -37.49
CA LEU G 27 21.33 43.61 -36.32
C LEU G 27 22.41 42.63 -35.87
N ASP G 28 23.66 43.08 -35.92
CA ASP G 28 24.77 42.38 -35.31
C ASP G 28 24.83 42.78 -33.85
N VAL G 29 24.33 41.88 -32.98
CA VAL G 29 24.18 42.16 -31.55
C VAL G 29 25.53 42.32 -30.88
N LYS G 30 26.56 41.64 -31.38
CA LYS G 30 27.88 41.69 -30.76
C LYS G 30 28.57 43.04 -30.96
N LYS G 31 28.62 43.53 -32.20
CA LYS G 31 29.18 44.85 -32.43
C LYS G 31 28.15 45.94 -32.22
N GLY G 32 26.90 45.58 -31.94
CA GLY G 32 25.85 46.54 -31.68
C GLY G 32 25.49 47.37 -32.88
N LYS G 33 25.60 46.83 -34.08
CA LYS G 33 25.52 47.61 -35.31
C LYS G 33 24.44 47.06 -36.23
N TRP G 34 23.68 47.95 -36.86
CA TRP G 34 22.81 47.53 -37.95
C TRP G 34 23.66 47.36 -39.21
N LEU G 35 23.40 46.29 -39.96
CA LEU G 35 24.01 46.05 -41.26
C LEU G 35 22.94 46.24 -42.31
N GLU G 36 23.26 47.00 -43.35
CA GLU G 36 22.25 47.40 -44.33
C GLU G 36 22.38 46.62 -45.63
N GLY G 37 21.21 46.36 -46.24
CA GLY G 37 21.09 45.60 -47.47
C GLY G 37 21.98 44.40 -47.56
N VAL G 38 21.68 43.38 -46.75
CA VAL G 38 22.48 42.19 -46.59
C VAL G 38 21.70 40.94 -47.00
N THR G 39 22.45 39.86 -47.26
CA THR G 39 21.90 38.53 -47.49
C THR G 39 22.42 37.59 -46.42
N VAL G 40 21.51 36.85 -45.80
CA VAL G 40 21.86 35.77 -44.89
C VAL G 40 21.68 34.46 -45.63
N ARG G 41 22.75 33.68 -45.72
CA ARG G 41 22.71 32.38 -46.37
C ARG G 41 22.60 31.30 -45.31
N ILE G 42 21.51 30.52 -45.38
CA ILE G 42 21.22 29.42 -44.47
C ILE G 42 21.19 28.14 -45.29
N GLU G 43 21.94 27.13 -44.85
CA GLU G 43 21.87 25.80 -45.44
C GLU G 43 21.30 24.84 -44.40
N GLY G 44 20.20 24.19 -44.73
CA GLY G 44 19.56 23.33 -43.75
C GLY G 44 19.12 24.15 -42.55
N ASN G 45 19.71 23.85 -41.40
CA ASN G 45 19.37 24.50 -40.14
C ASN G 45 20.44 25.45 -39.62
N THR G 46 21.52 25.68 -40.36
CA THR G 46 22.68 26.41 -39.87
C THR G 46 22.95 27.64 -40.74
N ILE G 47 23.29 28.75 -40.10
CA ILE G 47 23.67 29.95 -40.85
C ILE G 47 25.03 29.71 -41.48
N ARG G 48 25.09 29.77 -42.80
CA ARG G 48 26.34 29.58 -43.52
C ARG G 48 27.08 30.88 -43.74
N GLY G 49 26.39 32.00 -43.91
CA GLY G 49 27.13 33.25 -43.90
C GLY G 49 26.27 34.49 -44.08
N ILE G 50 26.94 35.63 -44.08
CA ILE G 50 26.33 36.93 -44.35
C ILE G 50 27.12 37.63 -45.46
N GLU G 51 26.44 38.00 -46.53
CA GLU G 51 27.05 38.64 -47.69
C GLU G 51 26.46 40.02 -47.91
N LYS G 52 27.26 40.92 -48.47
CA LYS G 52 26.78 42.27 -48.78
C LYS G 52 25.88 42.21 -50.02
N GLY G 53 24.84 43.04 -50.01
CA GLY G 53 23.89 43.08 -51.11
C GLY G 53 22.86 41.97 -51.04
N TYR G 54 21.90 42.04 -51.98
CA TYR G 54 20.85 41.02 -52.12
C TYR G 54 21.22 40.04 -53.23
N VAL G 55 21.90 38.95 -52.85
CA VAL G 55 22.39 37.99 -53.82
C VAL G 55 21.21 37.24 -54.45
N ALA G 56 21.24 37.11 -55.77
CA ALA G 56 20.20 36.37 -56.47
C ALA G 56 20.43 34.86 -56.34
N PRO G 57 19.36 34.08 -56.21
CA PRO G 57 19.49 32.63 -56.05
C PRO G 57 19.83 31.88 -57.32
N LYS G 58 20.76 30.92 -57.22
CA LYS G 58 20.93 29.98 -58.33
C LYS G 58 19.83 28.92 -58.25
N ALA G 59 20.09 27.75 -58.83
CA ALA G 59 19.07 26.71 -58.90
C ALA G 59 18.97 25.99 -57.57
N GLY G 60 17.74 25.77 -57.10
CA GLY G 60 17.53 25.08 -55.82
C GLY G 60 17.80 26.00 -54.64
N GLU G 61 17.71 27.31 -54.87
CA GLU G 61 17.93 28.31 -53.80
C GLU G 61 16.62 29.11 -53.66
N LYS G 62 16.16 29.32 -52.43
CA LYS G 62 14.86 30.02 -52.22
C LYS G 62 15.11 31.34 -51.49
N VAL G 63 14.41 32.40 -51.89
CA VAL G 63 14.68 33.74 -51.30
C VAL G 63 13.48 34.26 -50.50
N ILE G 64 13.72 34.72 -49.28
CA ILE G 64 12.62 35.36 -48.47
C ILE G 64 12.86 36.87 -48.50
N ASP G 65 11.83 37.64 -48.84
CA ASP G 65 11.97 39.08 -48.99
C ASP G 65 11.72 39.69 -47.62
N LEU G 66 12.79 40.12 -46.97
CA LEU G 66 12.74 40.89 -45.73
C LEU G 66 13.39 42.26 -45.90
N ARG G 67 13.32 42.81 -47.12
CA ARG G 67 14.03 44.04 -47.42
C ARG G 67 13.47 45.25 -46.68
N SER G 68 12.17 45.30 -46.43
CA SER G 68 11.60 46.42 -45.69
C SER G 68 11.63 46.19 -44.18
N ARG G 69 12.27 45.12 -43.72
CA ARG G 69 12.14 44.66 -42.34
C ARG G 69 13.46 44.73 -41.60
N TYR G 70 13.37 44.82 -40.28
CA TYR G 70 14.51 44.74 -39.39
C TYR G 70 14.64 43.33 -38.84
N VAL G 71 15.82 42.75 -38.98
CA VAL G 71 16.05 41.33 -38.76
C VAL G 71 16.96 41.15 -37.55
N LEU G 72 16.56 40.28 -36.63
CA LEU G 72 17.21 40.06 -35.35
C LEU G 72 17.42 38.56 -35.20
N PRO G 73 18.36 38.15 -34.34
CA PRO G 73 18.39 36.74 -33.95
C PRO G 73 17.16 36.39 -33.13
N GLY G 74 16.83 35.10 -33.12
CA GLY G 74 15.67 34.62 -32.40
C GLY G 74 15.72 34.97 -30.93
N LEU G 75 14.62 35.49 -30.40
CA LEU G 75 14.56 35.92 -29.02
C LEU G 75 14.40 34.73 -28.09
N MET G 76 14.91 34.86 -26.86
CA MET G 76 14.86 33.81 -25.87
C MET G 76 14.36 34.33 -24.53
N ASP G 77 13.49 33.53 -23.90
CA ASP G 77 12.88 33.84 -22.61
C ASP G 77 13.35 32.78 -21.62
N MET G 78 13.99 33.21 -20.54
CA MET G 78 14.62 32.27 -19.62
C MET G 78 13.80 32.05 -18.37
N HIS G 79 12.53 32.45 -18.36
CA HIS G 79 11.59 32.04 -17.33
C HIS G 79 10.21 31.96 -17.96
N VAL G 80 9.78 30.75 -18.30
CA VAL G 80 8.42 30.51 -18.80
C VAL G 80 7.90 29.25 -18.14
N HIS G 81 6.58 29.16 -18.04
CA HIS G 81 5.91 27.96 -17.56
C HIS G 81 4.94 27.54 -18.65
N LEU G 82 5.42 26.72 -19.59
CA LEU G 82 4.63 26.35 -20.74
C LEU G 82 3.52 25.38 -20.41
N GLU G 83 3.56 24.77 -19.22
CA GLU G 83 2.53 23.83 -18.83
C GLU G 83 1.23 24.54 -18.52
N SER G 84 1.29 25.75 -18.00
CA SER G 84 0.12 26.43 -17.47
C SER G 84 -0.03 27.77 -18.14
N GLU G 85 -1.20 28.35 -17.96
CA GLU G 85 -1.42 29.75 -18.25
C GLU G 85 -2.35 30.25 -17.18
N THR G 86 -2.12 31.47 -16.72
CA THR G 86 -2.87 31.95 -15.58
C THR G 86 -4.28 32.29 -16.01
N ASN G 87 -5.21 32.06 -15.10
CA ASN G 87 -6.61 31.90 -15.42
C ASN G 87 -7.39 31.65 -14.13
N PRO G 88 -8.65 32.13 -14.05
CA PRO G 88 -9.33 32.22 -12.74
C PRO G 88 -9.52 30.91 -11.98
N HIS G 89 -9.25 29.77 -12.59
CA HIS G 89 -9.49 28.48 -11.96
C HIS G 89 -8.21 27.69 -11.73
N ASN G 90 -7.08 28.38 -11.49
CA ASN G 90 -5.79 27.67 -11.46
C ASN G 90 -5.70 26.71 -10.28
N THR G 91 -6.18 27.12 -9.11
CA THR G 91 -6.03 26.23 -7.93
C THR G 91 -6.87 24.99 -8.15
N LEU G 92 -8.12 25.16 -8.57
CA LEU G 92 -9.02 24.02 -8.86
C LEU G 92 -8.47 23.19 -10.02
N GLU G 93 -7.88 23.83 -11.02
CA GLU G 93 -7.45 23.11 -12.25
C GLU G 93 -6.42 22.04 -11.87
N ARG G 94 -5.51 22.33 -10.95
CA ARG G 94 -4.47 21.33 -10.63
C ARG G 94 -5.18 20.08 -10.10
N PHE G 95 -6.24 20.28 -9.30
CA PHE G 95 -7.03 19.14 -8.75
C PHE G 95 -7.87 18.45 -9.83
N ILE G 96 -8.20 19.09 -10.95
CA ILE G 96 -9.08 18.40 -11.91
C ILE G 96 -8.37 18.03 -13.22
N LEU G 97 -7.18 18.57 -13.48
CA LEU G 97 -6.51 18.40 -14.77
C LEU G 97 -5.58 17.20 -14.77
N ASN G 98 -5.64 16.41 -15.83
CA ASN G 98 -4.79 15.24 -16.04
C ASN G 98 -3.58 15.63 -16.87
N PRO G 99 -2.55 14.78 -16.94
CA PRO G 99 -1.39 15.14 -17.78
C PRO G 99 -1.76 15.44 -19.22
N ALA G 100 -2.70 14.67 -19.79
CA ALA G 100 -3.05 14.87 -21.20
C ALA G 100 -3.71 16.22 -21.44
N ASP G 101 -4.62 16.64 -20.56
CA ASP G 101 -5.24 17.96 -20.71
C ASP G 101 -4.18 19.06 -20.69
N ILE G 102 -3.25 18.96 -19.73
CA ILE G 102 -2.16 19.93 -19.63
C ILE G 102 -1.37 19.96 -20.92
N ALA G 103 -1.08 18.79 -21.49
CA ALA G 103 -0.35 18.74 -22.75
C ALA G 103 -1.12 19.43 -23.87
N TYR G 104 -2.43 19.22 -23.91
CA TYR G 104 -3.23 19.79 -24.99
C TYR G 104 -3.28 21.30 -24.91
N ARG G 105 -3.30 21.86 -23.70
CA ARG G 105 -3.16 23.31 -23.56
C ARG G 105 -1.75 23.78 -23.92
N SER G 106 -0.74 23.01 -23.49
CA SER G 106 0.64 23.34 -23.80
C SER G 106 0.87 23.49 -25.30
N VAL G 107 0.14 22.73 -26.11
CA VAL G 107 0.30 22.84 -27.57
C VAL G 107 0.08 24.29 -28.02
N GLY G 108 -1.08 24.85 -27.66
CA GLY G 108 -1.37 26.24 -28.02
C GLY G 108 -0.42 27.21 -27.37
N TYR G 109 -0.04 26.96 -26.11
CA TYR G 109 0.90 27.86 -25.45
C TYR G 109 2.23 27.92 -26.20
N ALA G 110 2.75 26.76 -26.60
CA ALA G 110 4.01 26.72 -27.34
C ALA G 110 3.89 27.41 -28.69
N ARG G 111 2.77 27.21 -29.39
CA ARG G 111 2.62 27.88 -30.69
C ARG G 111 2.57 29.38 -30.51
N LYS G 112 1.83 29.86 -29.51
CA LYS G 112 1.76 31.30 -29.26
C LYS G 112 3.13 31.86 -28.89
N THR G 113 3.92 31.09 -28.15
CA THR G 113 5.27 31.53 -27.81
C THR G 113 6.15 31.64 -29.06
N LEU G 114 6.17 30.59 -29.89
CA LEU G 114 7.03 30.60 -31.07
C LEU G 114 6.62 31.67 -32.07
N MET G 115 5.32 31.95 -32.18
CA MET G 115 4.87 32.94 -33.17
C MET G 115 5.08 34.37 -32.71
N ALA G 116 5.25 34.60 -31.41
CA ALA G 116 5.67 35.90 -30.93
C ALA G 116 7.14 36.19 -31.22
N GLY G 117 7.90 35.20 -31.70
CA GLY G 117 9.29 35.39 -32.00
C GLY G 117 10.27 34.83 -30.99
N PHE G 118 9.79 34.10 -29.98
CA PHE G 118 10.67 33.53 -28.96
C PHE G 118 10.98 32.10 -29.38
N THR G 119 12.07 31.94 -30.14
CA THR G 119 12.46 30.66 -30.70
C THR G 119 13.11 29.75 -29.67
N THR G 120 13.52 30.27 -28.53
CA THR G 120 14.11 29.45 -27.47
C THR G 120 13.53 29.92 -26.14
N VAL G 121 13.16 28.97 -25.28
CA VAL G 121 12.67 29.31 -23.94
C VAL G 121 13.25 28.31 -22.95
N ARG G 122 13.34 28.76 -21.70
CA ARG G 122 13.77 27.95 -20.58
C ARG G 122 12.55 27.80 -19.68
N ASP G 123 11.94 26.63 -19.74
CA ASP G 123 10.75 26.32 -18.95
C ASP G 123 11.24 25.93 -17.56
N LEU G 124 10.91 26.74 -16.56
CA LEU G 124 11.52 26.65 -15.25
C LEU G 124 10.64 25.98 -14.21
N GLY G 125 9.65 25.21 -14.64
CA GLY G 125 8.80 24.55 -13.65
C GLY G 125 7.61 23.86 -14.26
N GLY G 126 7.38 22.62 -13.86
CA GLY G 126 6.25 21.89 -14.38
C GLY G 126 5.99 20.63 -13.59
N THR G 127 5.08 19.83 -14.14
CA THR G 127 4.77 18.51 -13.61
C THR G 127 5.48 17.39 -14.36
N GLY G 128 6.29 17.72 -15.36
CA GLY G 128 6.91 16.75 -16.25
C GLY G 128 6.32 16.71 -17.63
N VAL G 129 5.10 17.24 -17.80
CA VAL G 129 4.54 17.37 -19.13
C VAL G 129 5.41 18.28 -19.98
N ASN G 130 6.12 19.23 -19.36
CA ASN G 130 7.05 20.08 -20.09
C ASN G 130 8.16 19.26 -20.75
N ILE G 131 8.68 18.22 -20.09
CA ILE G 131 9.72 17.41 -20.71
C ILE G 131 9.17 16.69 -21.95
N SER G 132 7.97 16.13 -21.83
CA SER G 132 7.35 15.49 -22.98
C SER G 132 7.07 16.52 -24.08
N LEU G 133 6.74 17.75 -23.69
CA LEU G 133 6.51 18.80 -24.68
C LEU G 133 7.78 19.12 -25.44
N ARG G 134 8.91 19.21 -24.73
CA ARG G 134 10.18 19.42 -25.41
C ARG G 134 10.49 18.28 -26.37
N ASN G 135 10.29 17.05 -25.92
CA ASN G 135 10.57 15.90 -26.79
C ASN G 135 9.64 15.88 -28.00
N ALA G 136 8.39 16.32 -27.84
CA ALA G 136 7.45 16.34 -28.95
C ALA G 136 7.79 17.44 -29.94
N ILE G 137 8.23 18.61 -29.46
CA ILE G 137 8.68 19.67 -30.35
C ILE G 137 9.92 19.21 -31.11
N ASN G 138 10.86 18.58 -30.39
CA ASN G 138 12.12 18.16 -31.01
C ASN G 138 11.89 17.07 -32.05
N ALA G 139 10.80 16.32 -31.90
CA ALA G 139 10.49 15.24 -32.87
C ALA G 139 9.72 15.80 -34.07
N GLY G 140 9.35 17.08 -34.00
CA GLY G 140 8.60 17.73 -35.10
C GLY G 140 7.12 17.45 -35.04
N LEU G 141 6.64 16.77 -34.00
CA LEU G 141 5.19 16.52 -33.83
C LEU G 141 4.42 17.84 -33.62
N ILE G 142 4.97 18.76 -32.82
CA ILE G 142 4.25 20.03 -32.51
C ILE G 142 5.14 21.25 -32.76
N ASP G 143 4.58 22.30 -33.35
CA ASP G 143 5.34 23.56 -33.53
C ASP G 143 5.65 24.15 -32.15
N GLY G 144 6.85 24.69 -31.98
CA GLY G 144 7.22 25.20 -30.65
C GLY G 144 8.64 25.72 -30.59
N PRO G 145 9.03 26.40 -29.50
CA PRO G 145 10.40 26.87 -29.34
C PRO G 145 11.31 25.73 -28.93
N ARG G 146 12.60 25.95 -29.12
CA ARG G 146 13.58 25.11 -28.45
C ARG G 146 13.34 25.24 -26.95
N VAL G 147 12.98 24.14 -26.30
CA VAL G 147 12.62 24.17 -24.89
C VAL G 147 13.75 23.54 -24.11
N PHE G 148 14.22 24.26 -23.10
CA PHE G 148 15.12 23.69 -22.09
C PHE G 148 14.34 23.73 -20.79
N THR G 149 13.98 22.58 -20.25
CA THR G 149 13.01 22.53 -19.17
C THR G 149 13.65 21.95 -17.92
N ALA G 150 13.26 22.48 -16.78
CA ALA G 150 13.72 21.99 -15.50
C ALA G 150 12.92 20.78 -15.01
N GLY G 151 11.90 20.36 -15.75
CA GLY G 151 11.02 19.32 -15.26
C GLY G 151 10.28 19.82 -14.04
N LYS G 152 10.31 19.01 -12.98
CA LYS G 152 9.70 19.40 -11.71
C LYS G 152 10.71 20.20 -10.89
N SER G 153 10.27 21.35 -10.38
CA SER G 153 11.14 22.11 -9.50
C SER G 153 11.38 21.33 -8.21
N ILE G 154 12.56 21.53 -7.62
CA ILE G 154 12.91 20.90 -6.36
C ILE G 154 12.62 21.88 -5.24
N ALA G 155 11.98 21.40 -4.18
CA ALA G 155 11.64 22.23 -3.04
C ALA G 155 11.87 21.44 -1.76
N THR G 156 11.83 22.15 -0.64
CA THR G 156 11.80 21.49 0.64
C THR G 156 10.35 21.22 1.03
N THR G 157 10.17 20.37 2.04
CA THR G 157 8.80 20.06 2.49
C THR G 157 8.08 21.34 2.86
N GLY G 158 6.89 21.52 2.31
CA GLY G 158 6.20 22.77 2.46
C GLY G 158 6.83 23.92 1.70
N GLY G 159 7.91 23.68 0.98
CA GLY G 159 8.53 24.74 0.20
C GLY G 159 7.60 25.22 -0.88
N HIS G 160 8.02 26.32 -1.53
CA HIS G 160 7.13 26.95 -2.51
C HIS G 160 6.78 25.99 -3.64
N ALA G 161 7.70 25.13 -4.05
CA ALA G 161 7.45 24.19 -5.13
C ALA G 161 6.98 22.82 -4.63
N ASP G 162 6.50 22.75 -3.40
CA ASP G 162 5.91 21.52 -2.88
C ASP G 162 4.60 21.25 -3.60
N PRO G 163 4.42 20.10 -4.24
CA PRO G 163 3.22 19.90 -5.07
C PRO G 163 1.92 19.85 -4.27
N THR G 164 1.93 19.31 -3.06
CA THR G 164 0.72 19.12 -2.27
C THR G 164 0.52 20.21 -1.22
N ASN G 165 0.99 21.42 -1.49
CA ASN G 165 0.79 22.54 -0.55
C ASN G 165 -0.68 22.94 -0.50
N GLY G 166 -1.22 23.07 0.71
CA GLY G 166 -2.60 23.49 0.84
C GLY G 166 -3.61 22.39 0.62
N TYR G 167 -3.17 21.17 0.37
CA TYR G 167 -4.05 20.05 0.12
C TYR G 167 -4.83 19.65 1.37
N ARG G 168 -5.96 19.01 1.12
CA ARG G 168 -6.65 18.28 2.16
C ARG G 168 -5.68 17.29 2.81
N LYS G 169 -5.89 17.04 4.11
CA LYS G 169 -5.01 16.13 4.82
C LYS G 169 -5.07 14.74 4.22
N ASP G 170 -6.24 14.35 3.71
CA ASP G 170 -6.39 13.09 3.00
C ASP G 170 -5.41 12.96 1.84
N LEU G 171 -5.39 13.97 0.97
CA LEU G 171 -4.64 13.96 -0.27
C LEU G 171 -3.24 14.53 -0.19
N MET G 172 -2.79 15.00 0.98
CA MET G 172 -1.54 15.72 0.94
C MET G 172 -0.34 14.77 0.87
N GLY G 173 -0.45 13.62 1.53
CA GLY G 173 0.62 12.66 1.37
C GLY G 173 1.95 13.18 1.90
N ASP G 174 2.99 12.41 1.61
CA ASP G 174 4.36 12.72 2.03
C ASP G 174 5.26 12.79 0.80
N PRO G 175 5.23 13.89 0.04
CA PRO G 175 6.06 13.95 -1.17
C PRO G 175 7.54 13.98 -0.84
N GLY G 176 8.31 13.28 -1.67
CA GLY G 176 9.73 13.11 -1.47
C GLY G 176 10.52 13.44 -2.72
N PRO G 177 11.79 13.04 -2.74
CA PRO G 177 12.66 13.42 -3.87
C PRO G 177 12.11 13.03 -5.23
N TYR G 178 11.49 11.86 -5.34
CA TYR G 178 10.88 11.43 -6.59
C TYR G 178 9.87 12.48 -7.09
N GLU G 179 9.13 13.08 -6.17
CA GLU G 179 8.16 14.12 -6.48
C GLU G 179 8.75 15.52 -6.46
N GLY G 180 10.05 15.66 -6.21
CA GLY G 180 10.69 16.96 -6.19
C GLY G 180 10.78 17.65 -4.85
N VAL G 181 10.54 16.94 -3.74
CA VAL G 181 10.62 17.52 -2.40
C VAL G 181 11.78 16.86 -1.67
N ALA G 182 12.75 17.66 -1.23
CA ALA G 182 13.92 17.14 -0.55
C ALA G 182 14.15 17.85 0.78
N ASN G 183 14.66 17.12 1.75
CA ASN G 183 15.05 17.66 3.05
C ASN G 183 16.38 17.02 3.42
N GLY G 184 17.43 17.83 3.54
CA GLY G 184 18.75 17.31 3.83
C GLY G 184 19.58 17.09 2.59
N PRO G 185 20.90 16.98 2.75
CA PRO G 185 21.78 16.86 1.57
C PRO G 185 21.55 15.61 0.74
N ASP G 186 21.36 14.45 1.37
CA ASP G 186 21.18 13.22 0.59
C ASP G 186 19.89 13.27 -0.23
N GLU G 187 18.81 13.79 0.36
CA GLU G 187 17.57 13.94 -0.38
C GLU G 187 17.71 14.93 -1.54
N CYS G 188 18.43 16.03 -1.32
CA CYS G 188 18.65 16.99 -2.40
C CYS G 188 19.45 16.35 -3.54
N ARG G 189 20.50 15.62 -3.20
CA ARG G 189 21.29 14.91 -4.19
C ARG G 189 20.42 13.92 -4.98
N LYS G 190 19.56 13.19 -4.27
CA LYS G 190 18.67 12.23 -4.94
C LYS G 190 17.66 12.92 -5.84
N ALA G 191 17.14 14.07 -5.41
CA ALA G 191 16.16 14.79 -6.22
C ALA G 191 16.78 15.29 -7.51
N VAL G 192 18.02 15.81 -7.43
CA VAL G 192 18.74 16.21 -8.63
C VAL G 192 18.92 15.01 -9.56
N ARG G 193 19.33 13.87 -8.99
CA ARG G 193 19.52 12.67 -9.81
C ARG G 193 18.21 12.21 -10.46
N GLN G 194 17.08 12.36 -9.75
CA GLN G 194 15.80 11.97 -10.32
C GLN G 194 15.42 12.88 -11.48
N ARG G 195 15.65 14.19 -11.34
CA ARG G 195 15.41 15.08 -12.48
C ARG G 195 16.28 14.71 -13.67
N TYR G 196 17.51 14.28 -13.40
CA TYR G 196 18.36 13.80 -14.50
C TYR G 196 17.76 12.56 -15.15
N LYS G 197 17.33 11.61 -14.32
CA LYS G 197 16.70 10.38 -14.80
C LYS G 197 15.49 10.68 -15.67
N ASN G 198 14.70 11.70 -15.29
CA ASN G 198 13.51 12.05 -16.05
C ASN G 198 13.83 12.78 -17.36
N GLY G 199 15.07 13.21 -17.55
CA GLY G 199 15.46 13.86 -18.78
C GLY G 199 15.45 15.37 -18.75
N ALA G 200 15.48 15.99 -17.58
CA ALA G 200 15.45 17.44 -17.47
C ALA G 200 16.73 18.07 -18.01
N ASP G 201 16.61 19.31 -18.51
CA ASP G 201 17.77 20.03 -18.98
C ASP G 201 18.54 20.68 -17.83
N LEU G 202 17.83 21.34 -16.92
CA LEU G 202 18.46 22.07 -15.83
C LEU G 202 17.71 21.77 -14.55
N ILE G 203 18.25 22.22 -13.42
CA ILE G 203 17.60 22.08 -12.13
C ILE G 203 17.12 23.45 -11.70
N LYS G 204 15.88 23.52 -11.22
CA LYS G 204 15.32 24.74 -10.64
C LYS G 204 14.83 24.45 -9.23
N ILE G 205 15.16 25.35 -8.31
CA ILE G 205 14.73 25.24 -6.92
C ILE G 205 14.08 26.55 -6.50
N THR G 206 13.31 26.48 -5.43
CA THR G 206 12.70 27.64 -4.79
C THR G 206 13.36 27.84 -3.43
N ALA G 207 14.25 28.85 -3.34
CA ALA G 207 15.04 29.06 -2.14
C ALA G 207 14.35 29.92 -1.08
N THR G 208 13.31 30.66 -1.46
CA THR G 208 12.51 31.43 -0.52
C THR G 208 11.04 31.13 -0.76
N GLY G 209 10.19 31.65 0.11
CA GLY G 209 8.75 31.46 -0.02
C GLY G 209 8.11 31.95 -1.30
N GLY G 218 6.23 33.29 2.63
CA GLY G 218 6.45 34.62 2.10
C GLY G 218 7.86 34.86 1.60
N THR G 219 8.74 35.30 2.51
CA THR G 219 10.12 35.62 2.16
C THR G 219 11.14 34.74 2.87
N ALA G 220 10.71 33.92 3.82
CA ALA G 220 11.62 33.14 4.64
C ALA G 220 12.47 32.21 3.76
N PRO G 221 13.73 31.99 4.11
CA PRO G 221 14.59 31.11 3.31
C PRO G 221 14.24 29.65 3.58
N GLN G 222 14.03 28.88 2.52
CA GLN G 222 13.63 27.48 2.68
C GLN G 222 14.72 26.48 2.34
N PHE G 223 15.96 26.91 2.14
CA PHE G 223 17.05 26.01 1.79
C PHE G 223 18.26 26.35 2.66
N THR G 224 18.83 25.34 3.30
CA THR G 224 20.03 25.58 4.09
C THR G 224 21.26 25.57 3.19
N ASP G 225 22.34 26.15 3.70
CA ASP G 225 23.58 26.23 2.93
C ASP G 225 24.07 24.84 2.52
N GLU G 226 23.98 23.87 3.42
CA GLU G 226 24.45 22.52 3.09
C GLU G 226 23.59 21.89 1.99
N GLU G 227 22.27 22.10 2.05
CA GLU G 227 21.39 21.60 1.00
C GLU G 227 21.68 22.28 -0.34
N LEU G 228 21.88 23.60 -0.33
CA LEU G 228 22.19 24.29 -1.57
C LEU G 228 23.51 23.80 -2.15
N ARG G 229 24.51 23.56 -1.29
CA ARG G 229 25.77 22.99 -1.76
C ARG G 229 25.55 21.62 -2.39
N ALA G 230 24.77 20.76 -1.73
CA ALA G 230 24.49 19.44 -2.30
C ALA G 230 23.85 19.56 -3.69
N ILE G 231 22.88 20.47 -3.83
CA ILE G 231 22.18 20.62 -5.10
C ILE G 231 23.12 21.14 -6.18
N VAL G 232 23.92 22.17 -5.84
CA VAL G 232 24.80 22.76 -6.84
C VAL G 232 25.84 21.75 -7.30
N GLU G 233 26.42 21.00 -6.35
CA GLU G 233 27.45 20.05 -6.69
C GLU G 233 26.90 18.89 -7.52
N THR G 234 25.74 18.36 -7.13
CA THR G 234 25.14 17.28 -7.90
C THR G 234 24.79 17.74 -9.31
N ALA G 235 24.16 18.91 -9.42
CA ALA G 235 23.79 19.42 -10.74
C ALA G 235 25.02 19.60 -11.62
N ARG G 236 26.12 20.09 -11.04
CA ARG G 236 27.32 20.24 -11.85
C ARG G 236 27.92 18.88 -12.21
N ASP G 237 27.74 17.88 -11.35
CA ASP G 237 28.21 16.54 -11.69
C ASP G 237 27.53 16.01 -12.95
N TYR G 238 26.24 16.29 -13.10
CA TYR G 238 25.49 15.85 -14.28
C TYR G 238 25.40 16.94 -15.33
N GLY G 239 26.24 17.97 -15.22
CA GLY G 239 26.34 19.00 -16.23
C GLY G 239 25.12 19.86 -16.41
N MET G 240 24.34 20.06 -15.35
CA MET G 240 23.14 20.89 -15.43
C MET G 240 23.32 22.15 -14.60
N LYS G 241 22.88 23.27 -15.16
CA LYS G 241 22.92 24.51 -14.40
C LYS G 241 21.74 24.57 -13.43
N VAL G 242 21.85 25.47 -12.46
CA VAL G 242 20.88 25.62 -11.39
C VAL G 242 20.28 27.01 -11.47
N ALA G 243 18.94 27.07 -11.55
CA ALA G 243 18.21 28.32 -11.48
C ALA G 243 17.41 28.34 -10.18
N VAL G 244 17.39 29.50 -9.53
CA VAL G 244 16.92 29.62 -8.16
C VAL G 244 15.89 30.73 -8.09
N HIS G 245 14.69 30.39 -7.64
CA HIS G 245 13.65 31.34 -7.34
C HIS G 245 13.83 31.85 -5.91
N ALA G 246 14.06 33.15 -5.77
CA ALA G 246 14.32 33.73 -4.46
C ALA G 246 13.80 35.16 -4.43
N HIS G 247 12.88 35.45 -3.49
CA HIS G 247 12.46 36.81 -3.24
C HIS G 247 13.07 37.42 -1.98
N GLY G 248 13.34 36.61 -0.97
CA GLY G 248 13.96 37.13 0.24
C GLY G 248 15.45 37.31 0.08
N ALA G 249 16.00 38.26 0.85
CA ALA G 249 17.42 38.56 0.75
C ALA G 249 18.27 37.40 1.24
N GLU G 250 17.84 36.75 2.33
CA GLU G 250 18.64 35.69 2.94
C GLU G 250 18.79 34.51 1.99
N GLY G 251 17.69 34.07 1.39
CA GLY G 251 17.76 32.96 0.44
C GLY G 251 18.59 33.30 -0.78
N MET G 252 18.44 34.52 -1.29
CA MET G 252 19.21 34.94 -2.45
C MET G 252 20.71 34.90 -2.17
N LYS G 253 21.15 35.39 -1.00
CA LYS G 253 22.58 35.36 -0.73
C LYS G 253 23.07 33.96 -0.43
N ARG G 254 22.27 33.12 0.22
CA ARG G 254 22.67 31.73 0.40
C ARG G 254 22.90 31.07 -0.95
N ALA G 255 21.98 31.29 -1.89
CA ALA G 255 22.11 30.72 -3.22
C ALA G 255 23.32 31.29 -3.95
N LEU G 256 23.54 32.60 -3.86
CA LEU G 256 24.66 33.21 -4.55
C LEU G 256 25.99 32.68 -4.04
N ARG G 257 26.12 32.48 -2.73
CA ARG G 257 27.33 31.86 -2.20
C ARG G 257 27.45 30.40 -2.62
N ALA G 258 26.32 29.71 -2.79
CA ALA G 258 26.37 28.30 -3.18
C ALA G 258 26.90 28.13 -4.59
N GLY G 259 26.68 29.09 -5.48
CA GLY G 259 27.16 28.97 -6.83
C GLY G 259 26.10 28.75 -7.89
N VAL G 260 24.90 29.29 -7.68
CA VAL G 260 23.85 29.13 -8.67
C VAL G 260 24.22 29.91 -9.93
N HIS G 261 23.54 29.58 -11.03
CA HIS G 261 23.84 30.22 -12.29
C HIS G 261 22.95 31.42 -12.57
N SER G 262 21.76 31.46 -11.97
CA SER G 262 20.82 32.56 -12.21
C SER G 262 19.90 32.69 -11.01
N ILE G 263 19.45 33.92 -10.77
CA ILE G 263 18.43 34.20 -9.76
C ILE G 263 17.24 34.84 -10.47
N GLU G 264 16.04 34.34 -10.18
CA GLU G 264 14.83 34.83 -10.81
C GLU G 264 13.99 35.59 -9.79
N HIS G 265 13.41 36.71 -10.25
CA HIS G 265 12.64 37.66 -9.47
C HIS G 265 13.55 38.47 -8.53
N GLY G 266 14.00 37.86 -7.44
CA GLY G 266 14.90 38.57 -6.52
C GLY G 266 14.40 39.92 -6.06
N THR G 267 13.11 40.02 -5.72
CA THR G 267 12.46 41.32 -5.58
C THR G 267 13.10 42.15 -4.47
N TYR G 268 13.50 41.51 -3.38
CA TYR G 268 14.09 42.20 -2.24
C TYR G 268 15.57 41.85 -2.27
N MET G 269 16.34 42.71 -2.93
CA MET G 269 17.77 42.50 -3.12
C MET G 269 18.56 43.54 -2.35
N ASP G 270 19.47 43.09 -1.48
CA ASP G 270 20.35 43.94 -0.71
C ASP G 270 21.61 44.27 -1.48
N ASP G 271 22.33 45.26 -1.00
CA ASP G 271 23.58 45.64 -1.66
C ASP G 271 24.67 44.58 -1.49
N GLU G 272 24.68 43.85 -0.35
CA GLU G 272 25.39 42.58 -0.44
C GLU G 272 25.00 41.63 -1.54
N ALA G 273 23.74 41.47 -1.84
CA ALA G 273 23.50 40.49 -2.87
C ALA G 273 24.05 40.99 -4.18
N ILE G 274 24.17 42.30 -4.31
CA ILE G 274 24.67 42.93 -5.52
C ILE G 274 26.20 42.71 -5.67
N GLU G 275 26.94 42.80 -4.58
CA GLU G 275 28.33 42.40 -4.70
C GLU G 275 28.43 40.90 -4.92
N LEU G 276 27.52 40.12 -4.36
CA LEU G 276 27.53 38.68 -4.61
C LEU G 276 27.30 38.38 -6.09
N PHE G 277 26.29 39.02 -6.69
CA PHE G 277 26.04 38.90 -8.12
C PHE G 277 27.29 39.25 -8.92
N LYS G 278 27.92 40.39 -8.59
CA LYS G 278 29.04 40.84 -9.41
C LYS G 278 30.24 39.91 -9.26
N LYS G 279 30.43 39.32 -8.08
CA LYS G 279 31.58 38.43 -7.88
C LYS G 279 31.36 37.05 -8.46
N THR G 280 30.14 36.51 -8.36
CA THR G 280 29.88 35.14 -8.81
C THR G 280 29.59 35.07 -10.31
N GLY G 281 29.07 36.13 -10.90
CA GLY G 281 28.67 36.07 -12.29
C GLY G 281 27.33 35.43 -12.56
N ALA G 282 26.57 35.09 -11.52
CA ALA G 282 25.23 34.57 -11.76
C ALA G 282 24.40 35.62 -12.48
N TYR G 283 23.46 35.17 -13.29
CA TYR G 283 22.60 36.09 -14.01
C TYR G 283 21.40 36.47 -13.17
N TYR G 284 20.89 37.66 -13.41
CA TYR G 284 19.69 38.14 -12.76
C TYR G 284 18.58 38.18 -13.79
N VAL G 285 17.50 37.45 -13.53
CA VAL G 285 16.38 37.39 -14.45
C VAL G 285 15.23 38.15 -13.80
N PRO G 286 14.92 39.36 -14.27
CA PRO G 286 14.09 40.26 -13.46
C PRO G 286 12.64 39.83 -13.37
N THR G 287 12.03 39.42 -14.48
CA THR G 287 10.63 39.00 -14.50
C THR G 287 9.72 40.15 -14.05
N ILE G 288 9.90 41.31 -14.68
CA ILE G 288 9.10 42.47 -14.34
C ILE G 288 7.64 42.24 -14.73
N LEU G 289 7.42 41.56 -15.85
CA LEU G 289 6.07 41.35 -16.36
C LEU G 289 5.21 40.60 -15.36
N ALA G 290 5.73 39.49 -14.81
CA ALA G 290 4.93 38.74 -13.85
C ALA G 290 4.72 39.52 -12.56
N GLY G 291 5.63 40.43 -12.22
CA GLY G 291 5.44 41.22 -11.02
C GLY G 291 4.35 42.24 -11.21
N ARG G 292 4.31 42.87 -12.38
CA ARG G 292 3.22 43.80 -12.70
C ARG G 292 1.88 43.07 -12.80
N THR G 293 1.85 41.89 -13.40
CA THR G 293 0.58 41.17 -13.52
C THR G 293 0.06 40.73 -12.16
N VAL G 294 0.95 40.32 -11.25
CA VAL G 294 0.47 39.95 -9.92
C VAL G 294 0.07 41.20 -9.14
N ALA G 295 0.78 42.32 -9.36
CA ALA G 295 0.37 43.58 -8.76
C ALA G 295 -0.96 44.07 -9.30
N ASP G 296 -1.42 43.54 -10.44
CA ASP G 296 -2.75 43.85 -10.93
C ASP G 296 -3.81 43.01 -10.21
N SER G 297 -3.77 41.70 -10.40
CA SER G 297 -4.77 40.82 -9.78
C SER G 297 -4.37 40.45 -8.36
N PRO G 317 6.31 48.72 -9.44
CA PRO G 317 6.35 48.61 -7.98
C PRO G 317 7.77 48.43 -7.45
N GLN G 318 7.95 47.49 -6.54
CA GLN G 318 9.28 47.24 -5.98
C GLN G 318 10.21 46.59 -7.00
N ILE G 319 9.67 45.76 -7.91
CA ILE G 319 10.53 45.01 -8.79
C ILE G 319 11.16 45.90 -9.86
N GLN G 320 10.46 46.96 -10.28
CA GLN G 320 11.07 47.90 -11.20
C GLN G 320 12.20 48.68 -10.54
N LYS G 321 12.00 49.11 -9.28
CA LYS G 321 13.08 49.74 -8.52
C LYS G 321 14.27 48.81 -8.40
N THR G 322 14.02 47.54 -8.08
CA THR G 322 15.10 46.57 -7.92
C THR G 322 15.85 46.35 -9.22
N PHE G 323 15.13 46.20 -10.33
CA PHE G 323 15.79 46.00 -11.61
C PHE G 323 16.59 47.23 -12.01
N ALA G 324 16.06 48.43 -11.78
CA ALA G 324 16.82 49.63 -12.10
C ALA G 324 18.12 49.66 -11.32
N LYS G 325 18.05 49.42 -10.01
CA LYS G 325 19.26 49.42 -9.19
C LYS G 325 20.23 48.32 -9.62
N ALA G 326 19.70 47.14 -9.96
CA ALA G 326 20.54 46.03 -10.36
C ALA G 326 21.27 46.33 -11.67
N TYR G 327 20.56 46.86 -12.66
CA TYR G 327 21.21 47.18 -13.93
C TYR G 327 22.25 48.28 -13.73
N LYS G 328 21.90 49.33 -12.97
CA LYS G 328 22.85 50.40 -12.74
C LYS G 328 24.10 49.90 -12.03
N SER G 329 23.95 48.92 -11.14
CA SER G 329 25.11 48.41 -10.40
C SER G 329 26.02 47.53 -11.25
N GLY G 330 25.56 47.06 -12.41
CA GLY G 330 26.36 46.19 -13.25
C GLY G 330 26.08 44.70 -13.15
N VAL G 331 24.97 44.29 -12.51
CA VAL G 331 24.59 42.89 -12.45
C VAL G 331 24.27 42.37 -13.86
N LYS G 332 24.72 41.14 -14.16
CA LYS G 332 24.35 40.50 -15.41
C LYS G 332 22.85 40.25 -15.47
N ILE G 333 22.23 40.60 -16.60
CA ILE G 333 20.79 40.50 -16.78
C ILE G 333 20.53 39.58 -17.95
N ALA G 334 19.63 38.62 -17.76
CA ALA G 334 19.12 37.77 -18.83
C ALA G 334 17.61 37.92 -18.90
N PHE G 335 17.07 37.79 -20.10
CA PHE G 335 15.67 38.10 -20.33
C PHE G 335 14.77 37.00 -19.78
N GLY G 336 13.80 37.40 -18.94
CA GLY G 336 12.81 36.48 -18.42
C GLY G 336 11.51 37.17 -18.08
N THR G 337 10.39 36.58 -18.49
CA THR G 337 9.08 37.19 -18.31
C THR G 337 8.19 36.47 -17.31
N ASP G 338 8.48 35.22 -16.97
CA ASP G 338 7.54 34.29 -16.35
C ASP G 338 6.16 34.41 -16.97
N SER G 339 6.11 34.26 -18.28
CA SER G 339 4.83 34.00 -18.93
C SER G 339 4.38 32.60 -18.52
N GLY G 340 3.07 32.44 -18.44
CA GLY G 340 2.49 31.34 -17.72
C GLY G 340 1.72 32.04 -16.61
N LYS G 341 2.46 32.88 -15.89
CA LYS G 341 1.85 33.83 -14.96
C LYS G 341 1.22 34.99 -15.70
N SER G 342 1.80 35.40 -16.83
CA SER G 342 1.13 36.23 -17.81
C SER G 342 0.88 35.42 -19.07
N VAL G 343 -0.08 35.90 -19.88
CA VAL G 343 -0.49 35.16 -21.07
C VAL G 343 0.69 34.91 -21.99
N HIS G 344 0.78 33.69 -22.53
CA HIS G 344 1.83 33.35 -23.47
C HIS G 344 1.63 34.10 -24.77
N GLY G 345 2.72 34.59 -25.35
CA GLY G 345 2.66 35.41 -26.54
C GLY G 345 2.80 36.90 -26.31
N LEU G 346 2.70 37.36 -25.06
CA LEU G 346 2.97 38.75 -24.72
C LEU G 346 4.35 38.95 -24.10
N ASN G 347 5.28 38.02 -24.32
CA ASN G 347 6.57 38.10 -23.65
C ASN G 347 7.30 39.39 -23.99
N ALA G 348 7.19 39.85 -25.24
CA ALA G 348 7.91 41.04 -25.68
C ALA G 348 7.58 42.26 -24.84
N ILE G 349 6.41 42.29 -24.20
CA ILE G 349 6.04 43.42 -23.34
C ILE G 349 7.12 43.68 -22.31
N GLU G 350 7.72 42.62 -21.77
CA GLU G 350 8.75 42.78 -20.75
C GLU G 350 9.86 43.72 -21.23
N PHE G 351 10.24 43.60 -22.51
CA PHE G 351 11.23 44.50 -23.08
C PHE G 351 10.91 45.95 -22.76
N GLU G 352 9.68 46.37 -23.06
CA GLU G 352 9.28 47.76 -22.83
C GLU G 352 9.59 48.16 -21.39
N LEU G 353 9.20 47.31 -20.43
CA LEU G 353 9.35 47.68 -19.03
C LEU G 353 10.82 47.83 -18.66
N MET G 354 11.70 46.98 -19.21
CA MET G 354 13.11 47.13 -18.90
C MET G 354 13.68 48.41 -19.50
N VAL G 355 13.17 48.84 -20.66
CA VAL G 355 13.57 50.15 -21.16
C VAL G 355 12.98 51.25 -20.30
N GLU G 356 11.79 51.00 -19.74
CA GLU G 356 11.15 51.99 -18.90
C GLU G 356 11.89 52.16 -17.58
N ALA G 357 12.54 51.10 -17.09
CA ALA G 357 13.39 51.17 -15.91
C ALA G 357 14.79 51.72 -16.19
N GLY G 358 15.09 52.04 -17.45
CA GLY G 358 16.36 52.66 -17.78
C GLY G 358 17.40 51.79 -18.47
N MET G 359 17.08 50.56 -18.87
CA MET G 359 18.11 49.79 -19.56
C MET G 359 18.06 50.09 -21.04
N PRO G 360 19.21 50.30 -21.70
CA PRO G 360 19.18 50.71 -23.11
C PRO G 360 18.65 49.61 -23.99
N PRO G 361 17.96 49.95 -25.09
CA PRO G 361 17.36 48.92 -25.96
C PRO G 361 18.34 47.86 -26.45
N LEU G 362 19.54 48.26 -26.86
CA LEU G 362 20.51 47.27 -27.31
C LEU G 362 20.81 46.25 -26.22
N GLU G 363 20.94 46.71 -24.98
CA GLU G 363 21.26 45.80 -23.90
C GLU G 363 20.09 44.88 -23.58
N ALA G 364 18.86 45.35 -23.74
CA ALA G 364 17.70 44.47 -23.55
C ALA G 364 17.67 43.38 -24.61
N ILE G 365 17.88 43.74 -25.87
CA ILE G 365 17.89 42.73 -26.93
C ILE G 365 19.03 41.74 -26.71
N ARG G 366 20.17 42.22 -26.20
CA ARG G 366 21.27 41.32 -25.86
C ARG G 366 20.90 40.41 -24.69
N SER G 367 20.08 40.92 -23.76
CA SER G 367 19.59 40.09 -22.68
C SER G 367 18.68 38.99 -23.20
N ALA G 368 17.98 39.24 -24.29
CA ALA G 368 17.17 38.19 -24.91
C ALA G 368 17.97 37.28 -25.84
N THR G 369 19.20 37.64 -26.20
CA THR G 369 19.94 36.87 -27.17
C THR G 369 21.29 36.38 -26.65
N LEU G 370 22.29 37.27 -26.61
CA LEU G 370 23.64 36.84 -26.24
C LEU G 370 23.69 36.38 -24.79
N ASN G 371 23.15 37.18 -23.88
CA ASN G 371 23.15 36.84 -22.46
C ASN G 371 22.36 35.57 -22.20
N ALA G 372 21.22 35.41 -22.88
CA ALA G 372 20.41 34.20 -22.71
C ALA G 372 21.18 32.96 -23.16
N ALA G 373 21.80 33.04 -24.34
CA ALA G 373 22.58 31.90 -24.84
C ALA G 373 23.73 31.55 -23.91
N ASP G 374 24.35 32.57 -23.30
CA ASP G 374 25.40 32.28 -22.33
C ASP G 374 24.84 31.59 -21.10
N LEU G 375 23.72 32.08 -20.58
CA LEU G 375 23.13 31.45 -19.40
C LEU G 375 22.73 30.01 -19.68
N LEU G 376 22.22 29.73 -20.87
CA LEU G 376 21.84 28.35 -21.21
C LEU G 376 23.07 27.46 -21.34
N GLY G 377 24.22 28.01 -21.68
CA GLY G 377 25.40 27.21 -21.93
C GLY G 377 25.51 26.67 -23.33
N VAL G 378 24.92 27.33 -24.31
CA VAL G 378 24.96 26.93 -25.72
C VAL G 378 25.74 27.99 -26.50
N ASN G 379 26.51 27.56 -27.49
CA ASN G 379 27.31 28.47 -28.29
C ASN G 379 26.78 28.69 -29.71
N ASN G 380 25.64 28.11 -30.08
CA ASN G 380 25.10 28.25 -31.43
C ASN G 380 23.78 29.01 -31.49
N LEU G 381 23.41 29.73 -30.44
CA LEU G 381 22.16 30.48 -30.42
C LEU G 381 22.43 31.92 -29.97
N GLY G 382 21.53 32.82 -30.36
CA GLY G 382 21.59 34.17 -29.88
C GLY G 382 22.38 35.15 -30.74
N SER G 383 22.82 34.75 -31.93
CA SER G 383 23.57 35.64 -32.79
C SER G 383 23.50 35.17 -34.24
N ILE G 384 23.30 36.12 -35.16
CA ILE G 384 23.28 35.84 -36.60
C ILE G 384 24.67 36.00 -37.18
N GLU G 385 25.34 34.87 -37.41
CA GLU G 385 26.70 34.82 -37.94
C GLU G 385 26.94 33.41 -38.44
N ALA G 386 27.99 33.23 -39.23
CA ALA G 386 28.32 31.91 -39.75
C ALA G 386 28.53 30.92 -38.62
N GLY G 387 27.99 29.71 -38.80
CA GLY G 387 28.12 28.63 -37.85
C GLY G 387 27.06 28.54 -36.77
N MET G 388 26.10 29.47 -36.74
CA MET G 388 25.05 29.44 -35.73
C MET G 388 23.78 28.86 -36.33
N LEU G 389 22.84 28.52 -35.45
CA LEU G 389 21.61 27.90 -35.90
C LEU G 389 20.66 28.99 -36.41
N ALA G 390 19.96 28.69 -37.50
CA ALA G 390 19.18 29.68 -38.21
C ALA G 390 17.88 29.91 -37.44
N ASP G 391 17.99 30.68 -36.36
CA ASP G 391 16.85 31.18 -35.60
C ASP G 391 16.79 32.68 -35.85
N VAL G 392 15.83 33.13 -36.65
CA VAL G 392 15.80 34.50 -37.13
C VAL G 392 14.38 35.05 -36.99
N ILE G 393 14.25 36.26 -36.44
CA ILE G 393 12.97 36.95 -36.35
C ILE G 393 13.09 38.27 -37.09
N ALA G 394 11.95 38.81 -37.48
CA ALA G 394 11.92 40.10 -38.15
C ALA G 394 10.70 40.89 -37.74
N VAL G 395 10.94 42.19 -37.52
CA VAL G 395 9.95 43.17 -37.09
C VAL G 395 9.93 44.30 -38.12
N GLU G 396 8.96 45.20 -37.98
CA GLU G 396 8.75 46.23 -38.99
C GLU G 396 9.68 47.43 -38.80
N ASP G 397 9.89 47.88 -37.57
CA ASP G 397 10.62 49.13 -37.33
C ASP G 397 11.84 48.87 -36.45
N ASN G 398 12.66 49.91 -36.30
CA ASN G 398 13.94 49.78 -35.63
C ASN G 398 13.72 49.55 -34.14
N PRO G 399 14.05 48.37 -33.61
CA PRO G 399 13.86 48.13 -32.18
C PRO G 399 14.78 48.94 -31.29
N LEU G 400 15.92 49.39 -31.81
CA LEU G 400 16.82 50.20 -30.99
C LEU G 400 16.27 51.60 -30.80
N GLU G 401 15.35 52.02 -31.67
CA GLU G 401 14.67 53.29 -31.55
C GLU G 401 13.33 53.18 -30.84
N ASN G 402 12.62 52.06 -31.01
CA ASN G 402 11.42 51.78 -30.24
C ASN G 402 11.34 50.28 -30.01
N ILE G 403 11.62 49.84 -28.78
CA ILE G 403 11.65 48.41 -28.48
C ILE G 403 10.27 47.81 -28.59
N SER G 404 9.22 48.64 -28.51
CA SER G 404 7.86 48.15 -28.57
C SER G 404 7.50 47.56 -29.93
N THR G 405 8.31 47.83 -30.97
CA THR G 405 8.10 47.14 -32.24
C THR G 405 8.27 45.63 -32.09
N LEU G 406 8.99 45.19 -31.06
CA LEU G 406 9.13 43.77 -30.83
C LEU G 406 7.80 43.13 -30.44
N ARG G 407 6.77 43.95 -30.19
CA ARG G 407 5.46 43.42 -29.87
C ARG G 407 4.70 42.93 -31.09
N LYS G 408 5.18 43.22 -32.30
CA LYS G 408 4.57 42.67 -33.53
C LYS G 408 5.66 42.08 -34.40
N VAL G 409 5.94 40.81 -34.20
CA VAL G 409 6.92 40.09 -35.00
C VAL G 409 6.23 39.56 -36.25
N VAL G 410 6.73 39.95 -37.42
CA VAL G 410 6.14 39.59 -38.70
C VAL G 410 6.85 38.42 -39.37
N PHE G 411 8.05 38.06 -38.92
CA PHE G 411 8.73 36.90 -39.52
C PHE G 411 9.41 36.07 -38.43
N VAL G 412 9.18 34.76 -38.47
CA VAL G 412 9.77 33.82 -37.53
C VAL G 412 10.27 32.60 -38.28
N MET G 413 11.56 32.28 -38.09
CA MET G 413 12.18 31.09 -38.63
C MET G 413 12.96 30.44 -37.50
N LYS G 414 12.64 29.18 -37.20
CA LYS G 414 13.35 28.41 -36.19
C LYS G 414 13.93 27.16 -36.82
N ASP G 415 15.22 26.93 -36.58
CA ASP G 415 15.93 25.79 -37.14
C ASP G 415 15.80 25.75 -38.67
N GLY G 416 16.10 26.87 -39.31
CA GLY G 416 16.03 26.97 -40.75
C GLY G 416 14.64 26.91 -41.34
N LYS G 417 13.63 26.47 -40.58
CA LYS G 417 12.27 26.38 -41.07
C LYS G 417 11.51 27.68 -40.78
N VAL G 418 10.70 28.10 -41.73
CA VAL G 418 9.92 29.32 -41.59
C VAL G 418 8.56 28.98 -41.00
N TYR G 419 8.26 29.54 -39.83
CA TYR G 419 6.96 29.37 -39.19
C TYR G 419 6.04 30.56 -39.41
N LYS G 420 6.60 31.75 -39.62
CA LYS G 420 5.76 32.94 -39.82
C LYS G 420 6.41 33.81 -40.88
N GLN G 421 5.61 34.24 -41.86
CA GLN G 421 6.11 35.05 -42.98
C GLN G 421 5.00 35.99 -43.44
N GLU G 422 5.06 37.24 -42.99
CA GLU G 422 4.03 38.19 -43.35
C GLU G 422 4.60 39.49 -43.95
N ALA H 17 14.72 -33.47 -43.23
CA ALA H 17 15.68 -34.57 -43.09
C ALA H 17 14.96 -35.90 -42.97
N THR H 18 15.60 -36.97 -43.46
CA THR H 18 15.00 -38.29 -43.51
C THR H 18 15.80 -39.29 -42.67
N THR H 19 15.10 -40.01 -41.81
CA THR H 19 15.69 -41.03 -40.95
C THR H 19 14.90 -42.34 -41.05
N LEU H 20 15.61 -43.45 -41.20
CA LEU H 20 15.03 -44.79 -41.29
C LEU H 20 15.44 -45.63 -40.08
N LEU H 21 14.45 -46.27 -39.46
CA LEU H 21 14.61 -47.13 -38.30
C LEU H 21 14.42 -48.60 -38.68
N HIS H 22 15.44 -49.43 -38.44
CA HIS H 22 15.34 -50.88 -38.67
C HIS H 22 14.87 -51.54 -37.37
N CYS H 23 13.56 -51.78 -37.25
CA CYS H 23 12.95 -52.25 -36.01
C CYS H 23 12.68 -53.75 -36.08
N GLY H 24 13.21 -54.50 -35.11
CA GLY H 24 12.89 -55.92 -35.01
C GLY H 24 11.43 -56.16 -34.66
N HIS H 25 10.94 -55.50 -33.61
CA HIS H 25 9.51 -55.51 -33.33
C HIS H 25 9.06 -54.11 -32.95
N LEU H 26 8.02 -53.66 -33.65
CA LEU H 26 7.42 -52.34 -33.45
C LEU H 26 5.95 -52.52 -33.13
N LEU H 27 5.48 -51.83 -32.10
CA LEU H 27 4.15 -52.08 -31.57
C LEU H 27 3.09 -51.31 -32.35
N ASP H 28 2.17 -52.01 -32.98
CA ASP H 28 0.93 -51.38 -33.40
C ASP H 28 0.10 -51.40 -32.12
N VAL H 29 0.14 -50.27 -31.43
CA VAL H 29 -0.45 -50.11 -30.12
C VAL H 29 -1.96 -50.15 -30.20
N LYS H 30 -2.53 -49.71 -31.33
CA LYS H 30 -3.98 -49.79 -31.54
C LYS H 30 -4.45 -51.19 -31.88
N LYS H 31 -3.79 -51.84 -32.83
CA LYS H 31 -4.11 -53.20 -33.27
C LYS H 31 -3.52 -54.27 -32.36
N GLY H 32 -2.82 -53.85 -31.30
CA GLY H 32 -2.34 -54.73 -30.26
C GLY H 32 -1.39 -55.79 -30.72
N LYS H 33 -0.67 -55.51 -31.80
CA LYS H 33 0.15 -56.53 -32.43
C LYS H 33 1.57 -56.04 -32.65
N TRP H 34 2.53 -56.94 -32.46
CA TRP H 34 3.90 -56.68 -32.85
C TRP H 34 4.06 -56.79 -34.36
N LEU H 35 4.83 -55.88 -34.95
CA LEU H 35 5.21 -55.95 -36.35
C LEU H 35 6.67 -56.33 -36.39
N GLU H 36 6.99 -57.30 -37.24
CA GLU H 36 8.30 -57.95 -37.25
C GLU H 36 9.09 -57.53 -38.48
N GLY H 37 10.41 -57.38 -38.29
CA GLY H 37 11.34 -56.89 -39.29
C GLY H 37 10.76 -55.78 -40.15
N VAL H 38 10.54 -54.61 -39.54
CA VAL H 38 9.90 -53.48 -40.22
C VAL H 38 10.86 -52.30 -40.24
N THR H 39 10.54 -51.32 -41.09
CA THR H 39 11.29 -50.07 -41.15
C THR H 39 10.36 -48.89 -40.92
N VAL H 40 10.83 -47.94 -40.11
CA VAL H 40 10.14 -46.68 -39.87
C VAL H 40 10.79 -45.58 -40.71
N ARG H 41 10.02 -44.93 -41.57
CA ARG H 41 10.49 -43.81 -42.37
C ARG H 41 9.99 -42.52 -41.73
N ILE H 42 10.93 -41.65 -41.32
CA ILE H 42 10.65 -40.37 -40.67
C ILE H 42 11.18 -39.27 -41.58
N GLU H 43 10.34 -38.28 -41.86
CA GLU H 43 10.75 -37.07 -42.56
C GLU H 43 10.64 -35.88 -41.62
N GLY H 44 11.74 -35.19 -41.39
CA GLY H 44 11.73 -34.10 -40.43
C GLY H 44 11.39 -34.63 -39.05
N ASN H 45 10.25 -34.17 -38.53
CA ASN H 45 9.79 -34.51 -37.19
C ASN H 45 8.61 -35.47 -37.16
N THR H 46 8.17 -35.94 -38.32
CA THR H 46 6.92 -36.69 -38.43
C THR H 46 7.21 -38.06 -39.03
N ILE H 47 6.56 -39.09 -38.50
CA ILE H 47 6.71 -40.41 -39.09
C ILE H 47 5.97 -40.42 -40.42
N ARG H 48 6.71 -40.64 -41.51
CA ARG H 48 6.10 -40.63 -42.82
C ARG H 48 5.51 -41.99 -43.17
N GLY H 49 6.08 -43.07 -42.67
CA GLY H 49 5.37 -44.32 -42.83
C GLY H 49 6.07 -45.49 -42.18
N ILE H 50 5.43 -46.65 -42.36
CA ILE H 50 5.95 -47.94 -41.94
C ILE H 50 6.04 -48.80 -43.18
N GLU H 51 7.24 -49.28 -43.50
CA GLU H 51 7.47 -50.07 -44.68
C GLU H 51 8.01 -51.44 -44.30
N LYS H 52 7.70 -52.43 -45.13
CA LYS H 52 8.13 -53.80 -44.86
C LYS H 52 9.60 -53.98 -45.16
N GLY H 53 10.26 -54.83 -44.37
CA GLY H 53 11.67 -55.10 -44.54
C GLY H 53 12.57 -54.03 -43.95
N TYR H 54 13.88 -54.29 -44.04
CA TYR H 54 14.91 -53.32 -43.62
C TYR H 54 15.34 -52.55 -44.86
N VAL H 55 14.59 -51.50 -45.18
CA VAL H 55 14.86 -50.71 -46.42
C VAL H 55 16.25 -50.07 -46.34
N ALA H 56 17.12 -50.37 -47.31
CA ALA H 56 18.45 -49.73 -47.35
C ALA H 56 18.29 -48.24 -47.59
N PRO H 57 19.08 -47.37 -46.94
CA PRO H 57 18.89 -45.93 -47.09
C PRO H 57 19.19 -45.30 -48.44
N LYS H 58 18.33 -44.37 -48.87
CA LYS H 58 18.56 -43.57 -50.09
C LYS H 58 19.58 -42.48 -49.72
N ALA H 59 20.16 -41.78 -50.70
CA ALA H 59 21.21 -40.81 -50.33
C ALA H 59 20.59 -39.74 -49.43
N GLY H 60 21.34 -39.30 -48.40
CA GLY H 60 20.81 -38.31 -47.43
C GLY H 60 19.96 -38.92 -46.33
N GLU H 61 19.88 -40.25 -46.25
CA GLU H 61 18.99 -40.89 -45.24
C GLU H 61 19.82 -41.47 -44.07
N LYS H 62 19.53 -41.04 -42.84
CA LYS H 62 20.24 -41.53 -41.67
C LYS H 62 19.48 -42.71 -41.12
N VAL H 63 20.20 -43.73 -40.67
CA VAL H 63 19.62 -45.01 -40.32
C VAL H 63 20.03 -45.37 -38.90
N ILE H 64 19.06 -45.80 -38.10
CA ILE H 64 19.33 -46.30 -36.76
C ILE H 64 18.88 -47.76 -36.69
N ASP H 65 19.80 -48.61 -36.23
CA ASP H 65 19.59 -50.05 -36.21
C ASP H 65 19.00 -50.42 -34.85
N LEU H 66 17.70 -50.71 -34.82
CA LEU H 66 17.02 -51.23 -33.64
C LEU H 66 16.47 -52.62 -33.91
N ARG H 67 17.18 -53.40 -34.72
CA ARG H 67 16.68 -54.72 -35.09
C ARG H 67 16.61 -55.64 -33.88
N SER H 68 17.51 -55.49 -32.92
CA SER H 68 17.50 -56.27 -31.70
C SER H 68 16.64 -55.68 -30.59
N ARG H 69 15.90 -54.60 -30.86
CA ARG H 69 15.22 -53.85 -29.83
C ARG H 69 13.71 -53.89 -30.06
N TYR H 70 12.95 -53.65 -28.99
CA TYR H 70 11.51 -53.49 -29.07
C TYR H 70 11.16 -52.01 -29.11
N VAL H 71 10.33 -51.62 -30.09
CA VAL H 71 10.09 -50.23 -30.42
C VAL H 71 8.65 -49.87 -30.05
N LEU H 72 8.50 -48.74 -29.38
CA LEU H 72 7.27 -48.26 -28.77
C LEU H 72 6.99 -46.81 -29.16
N PRO H 73 5.74 -46.36 -29.06
CA PRO H 73 5.46 -44.93 -29.15
C PRO H 73 6.06 -44.21 -27.96
N GLY H 74 6.22 -42.90 -28.10
CA GLY H 74 6.70 -42.14 -26.97
C GLY H 74 5.75 -42.29 -25.80
N LEU H 75 6.29 -42.65 -24.64
CA LEU H 75 5.47 -42.86 -23.46
C LEU H 75 5.08 -41.52 -22.85
N MET H 76 3.90 -41.47 -22.25
CA MET H 76 3.42 -40.17 -21.70
C MET H 76 2.98 -40.35 -20.24
N ASP H 77 3.39 -39.41 -19.37
CA ASP H 77 2.96 -39.46 -17.95
C ASP H 77 1.98 -38.31 -17.74
N MET H 78 0.77 -38.60 -17.28
CA MET H 78 -0.28 -37.55 -17.18
C MET H 78 -0.26 -36.87 -15.80
N HIS H 79 0.56 -37.33 -14.86
CA HIS H 79 0.67 -36.62 -13.56
C HIS H 79 2.14 -36.49 -13.17
N VAL H 80 2.70 -35.31 -13.34
CA VAL H 80 4.08 -35.04 -12.97
C VAL H 80 4.14 -33.63 -12.40
N HIS H 81 5.10 -33.41 -11.51
CA HIS H 81 5.38 -32.11 -10.92
C HIS H 81 6.84 -31.83 -11.24
N LEU H 82 7.09 -31.19 -12.39
CA LEU H 82 8.46 -31.04 -12.86
C LEU H 82 9.25 -29.98 -12.10
N GLU H 83 8.59 -29.09 -11.38
CA GLU H 83 9.33 -28.06 -10.65
C GLU H 83 10.05 -28.63 -9.44
N SER H 84 9.48 -29.64 -8.82
CA SER H 84 9.93 -30.11 -7.53
C SER H 84 10.21 -31.60 -7.56
N GLU H 85 10.93 -32.03 -6.54
CA GLU H 85 11.18 -33.43 -6.23
C GLU H 85 11.18 -33.58 -4.72
N THR H 86 10.75 -34.74 -4.21
CA THR H 86 10.62 -34.87 -2.78
C THR H 86 12.02 -34.87 -2.15
N ASN H 87 12.10 -34.34 -0.93
CA ASN H 87 13.35 -33.96 -0.29
C ASN H 87 13.13 -33.96 1.21
N PRO H 88 14.18 -34.18 2.01
CA PRO H 88 13.99 -34.29 3.47
C PRO H 88 13.48 -32.99 4.14
N HIS H 89 13.70 -31.82 3.57
CA HIS H 89 13.01 -30.58 3.92
C HIS H 89 12.20 -29.88 2.83
N ASN H 90 11.17 -30.59 2.40
CA ASN H 90 10.22 -30.09 1.41
C ASN H 90 9.37 -28.94 1.96
N THR H 91 8.96 -29.00 3.24
CA THR H 91 8.11 -27.92 3.76
C THR H 91 8.91 -26.65 4.00
N LEU H 92 10.13 -26.78 4.53
CA LEU H 92 11.02 -25.63 4.69
C LEU H 92 11.35 -24.97 3.36
N GLU H 93 11.53 -25.78 2.30
CA GLU H 93 11.94 -25.24 1.01
C GLU H 93 10.87 -24.35 0.39
N ARG H 94 9.61 -24.46 0.83
CA ARG H 94 8.57 -23.57 0.32
C ARG H 94 8.81 -22.13 0.74
N PHE H 95 9.60 -21.88 1.78
CA PHE H 95 9.84 -20.53 2.25
C PHE H 95 11.14 -19.88 1.80
N ILE H 96 12.14 -20.65 1.36
CA ILE H 96 13.44 -20.06 1.03
C ILE H 96 13.83 -20.17 -0.44
N LEU H 97 13.20 -21.04 -1.25
CA LEU H 97 13.67 -21.25 -2.61
C LEU H 97 12.99 -20.26 -3.54
N ASN H 98 13.78 -19.62 -4.40
CA ASN H 98 13.32 -18.64 -5.36
C ASN H 98 13.07 -19.28 -6.72
N PRO H 99 12.36 -18.59 -7.62
CA PRO H 99 12.05 -19.18 -8.93
C PRO H 99 13.27 -19.68 -9.71
N ALA H 100 14.39 -18.95 -9.65
CA ALA H 100 15.56 -19.36 -10.42
C ALA H 100 16.13 -20.68 -9.90
N ASP H 101 16.20 -20.84 -8.57
CA ASP H 101 16.67 -22.11 -8.01
C ASP H 101 15.80 -23.27 -8.48
N ILE H 102 14.48 -23.07 -8.42
CA ILE H 102 13.53 -24.09 -8.87
C ILE H 102 13.75 -24.41 -10.34
N ALA H 103 13.97 -23.39 -11.16
CA ALA H 103 14.20 -23.61 -12.58
C ALA H 103 15.45 -24.46 -12.81
N TYR H 104 16.52 -24.17 -12.06
CA TYR H 104 17.76 -24.91 -12.26
C TYR H 104 17.61 -26.37 -11.83
N ARG H 105 16.84 -26.64 -10.77
CA ARG H 105 16.55 -28.04 -10.45
C ARG H 105 15.68 -28.69 -11.53
N SER H 106 14.67 -27.94 -11.99
CA SER H 106 13.76 -28.44 -13.02
C SER H 106 14.48 -28.86 -14.28
N VAL H 107 15.59 -28.21 -14.62
CA VAL H 107 16.35 -28.60 -15.81
C VAL H 107 16.72 -30.09 -15.73
N GLY H 108 17.39 -30.47 -14.64
CA GLY H 108 17.77 -31.87 -14.48
C GLY H 108 16.58 -32.79 -14.39
N TYR H 109 15.53 -32.34 -13.69
CA TYR H 109 14.34 -33.19 -13.57
C TYR H 109 13.75 -33.49 -14.96
N ALA H 110 13.65 -32.47 -15.80
CA ALA H 110 13.10 -32.64 -17.14
C ALA H 110 13.97 -33.58 -17.99
N ARG H 111 15.29 -33.40 -17.94
CA ARG H 111 16.14 -34.26 -18.77
C ARG H 111 16.05 -35.72 -18.33
N LYS H 112 16.06 -35.97 -17.03
CA LYS H 112 15.94 -37.37 -16.59
C LYS H 112 14.61 -37.96 -16.98
N THR H 113 13.56 -37.15 -16.95
CA THR H 113 12.26 -37.63 -17.40
C THR H 113 12.34 -38.05 -18.87
N LEU H 114 12.97 -37.19 -19.69
CA LEU H 114 13.09 -37.48 -21.11
C LEU H 114 13.88 -38.76 -21.37
N MET H 115 14.94 -38.99 -20.61
CA MET H 115 15.77 -40.17 -20.82
C MET H 115 15.22 -41.42 -20.15
N ALA H 116 14.22 -41.30 -19.28
CA ALA H 116 13.47 -42.47 -18.85
C ALA H 116 12.55 -42.99 -19.96
N GLY H 117 12.38 -42.24 -21.05
CA GLY H 117 11.54 -42.63 -22.15
C GLY H 117 10.18 -41.96 -22.18
N PHE H 118 9.91 -41.02 -21.27
CA PHE H 118 8.62 -40.35 -21.21
C PHE H 118 8.75 -39.04 -21.98
N THR H 119 8.44 -39.12 -23.28
CA THR H 119 8.64 -38.00 -24.19
C THR H 119 7.56 -36.93 -24.05
N THR H 120 6.45 -37.24 -23.40
CA THR H 120 5.37 -36.27 -23.20
C THR H 120 4.87 -36.40 -21.78
N VAL H 121 4.65 -35.26 -21.11
CA VAL H 121 4.15 -35.25 -19.75
C VAL H 121 3.16 -34.09 -19.57
N ARG H 122 2.31 -34.25 -18.57
CA ARG H 122 1.33 -33.25 -18.17
C ARG H 122 1.68 -32.79 -16.76
N ASP H 123 2.21 -31.57 -16.66
CA ASP H 123 2.60 -31.00 -15.37
C ASP H 123 1.34 -30.46 -14.70
N LEU H 124 0.94 -31.10 -13.61
CA LEU H 124 -0.36 -30.84 -12.98
C LEU H 124 -0.22 -30.01 -11.71
N GLY H 125 0.23 -28.77 -11.88
CA GLY H 125 0.34 -27.95 -10.68
C GLY H 125 1.75 -27.45 -10.46
N GLY H 126 1.86 -26.15 -10.22
CA GLY H 126 3.15 -25.54 -10.01
C GLY H 126 3.02 -24.14 -9.46
N THR H 127 4.15 -23.46 -9.43
CA THR H 127 4.23 -22.06 -9.06
C THR H 127 4.24 -21.12 -10.27
N GLY H 128 4.19 -21.65 -11.47
CA GLY H 128 4.36 -20.88 -12.70
C GLY H 128 5.69 -21.11 -13.37
N VAL H 129 6.67 -21.65 -12.65
CA VAL H 129 7.94 -22.03 -13.27
C VAL H 129 7.73 -23.09 -14.34
N ASN H 130 6.74 -23.97 -14.14
CA ASN H 130 6.44 -25.00 -15.14
C ASN H 130 6.09 -24.40 -16.49
N ILE H 131 5.37 -23.28 -16.52
CA ILE H 131 5.07 -22.62 -17.79
C ILE H 131 6.35 -22.17 -18.48
N SER H 132 7.28 -21.60 -17.69
CA SER H 132 8.57 -21.20 -18.23
C SER H 132 9.37 -22.39 -18.72
N LEU H 133 9.29 -23.52 -18.01
CA LEU H 133 10.01 -24.72 -18.43
C LEU H 133 9.47 -25.23 -19.76
N ARG H 134 8.15 -25.23 -19.92
CA ARG H 134 7.56 -25.63 -21.18
C ARG H 134 8.04 -24.72 -22.31
N ASN H 135 8.02 -23.40 -22.08
CA ASN H 135 8.46 -22.47 -23.11
C ASN H 135 9.96 -22.63 -23.43
N ALA H 136 10.77 -22.96 -22.43
CA ALA H 136 12.20 -23.14 -22.66
C ALA H 136 12.48 -24.43 -23.42
N ILE H 137 11.74 -25.49 -23.12
CA ILE H 137 11.89 -26.74 -23.85
C ILE H 137 11.46 -26.56 -25.30
N ASN H 138 10.34 -25.87 -25.54
CA ASN H 138 9.87 -25.68 -26.90
C ASN H 138 10.80 -24.79 -27.72
N ALA H 139 11.49 -23.86 -27.07
CA ALA H 139 12.44 -23.01 -27.80
C ALA H 139 13.75 -23.72 -28.10
N GLY H 140 13.94 -24.95 -27.62
CA GLY H 140 15.17 -25.67 -27.83
C GLY H 140 16.28 -25.34 -26.86
N LEU H 141 15.98 -24.61 -25.78
CA LEU H 141 17.02 -24.21 -24.83
C LEU H 141 17.33 -25.33 -23.84
N ILE H 142 16.35 -26.16 -23.48
CA ILE H 142 16.51 -27.19 -22.48
C ILE H 142 16.02 -28.50 -23.06
N ASP H 143 16.80 -29.56 -22.89
CA ASP H 143 16.35 -30.89 -23.29
C ASP H 143 15.22 -31.32 -22.38
N GLY H 144 14.06 -31.64 -22.96
CA GLY H 144 12.97 -32.11 -22.15
C GLY H 144 11.81 -32.72 -22.92
N PRO H 145 10.84 -33.23 -22.17
CA PRO H 145 9.62 -33.75 -22.79
C PRO H 145 8.71 -32.62 -23.25
N ARG H 146 7.78 -33.01 -24.14
CA ARG H 146 6.62 -32.17 -24.40
C ARG H 146 5.87 -31.96 -23.11
N VAL H 147 5.73 -30.72 -22.67
CA VAL H 147 5.08 -30.42 -21.40
C VAL H 147 3.75 -29.75 -21.67
N PHE H 148 2.68 -30.27 -21.07
CA PHE H 148 1.40 -29.59 -21.03
C PHE H 148 1.13 -29.29 -19.56
N THR H 149 1.12 -28.01 -19.20
CA THR H 149 1.17 -27.63 -17.80
C THR H 149 -0.07 -26.89 -17.37
N ALA H 150 -0.51 -27.15 -16.14
CA ALA H 150 -1.63 -26.44 -15.56
C ALA H 150 -1.23 -25.11 -14.93
N GLY H 151 0.05 -24.78 -14.91
CA GLY H 151 0.47 -23.59 -14.20
C GLY H 151 0.21 -23.78 -12.72
N LYS H 152 -0.48 -22.81 -12.13
CA LYS H 152 -0.85 -22.86 -10.72
C LYS H 152 -2.15 -23.63 -10.56
N SER H 153 -2.17 -24.58 -9.61
CA SER H 153 -3.41 -25.26 -9.30
C SER H 153 -4.40 -24.27 -8.69
N ILE H 154 -5.68 -24.49 -8.96
CA ILE H 154 -6.74 -23.65 -8.42
C ILE H 154 -7.33 -24.36 -7.22
N ALA H 155 -7.51 -23.63 -6.12
CA ALA H 155 -8.11 -24.16 -4.91
C ALA H 155 -9.00 -23.10 -4.29
N THR H 156 -9.81 -23.54 -3.34
CA THR H 156 -10.59 -22.62 -2.53
C THR H 156 -9.78 -22.24 -1.30
N THR H 157 -10.26 -21.22 -0.58
CA THR H 157 -9.60 -20.80 0.65
C THR H 157 -9.48 -21.99 1.59
N GLY H 158 -8.27 -22.20 2.09
CA GLY H 158 -7.98 -23.39 2.87
C GLY H 158 -7.93 -24.68 2.09
N GLY H 159 -8.10 -24.64 0.77
CA GLY H 159 -8.01 -25.85 -0.02
C GLY H 159 -6.61 -26.44 -0.02
N HIS H 160 -6.51 -27.65 -0.58
CA HIS H 160 -5.24 -28.36 -0.59
C HIS H 160 -4.18 -27.59 -1.36
N ALA H 161 -4.58 -26.89 -2.42
CA ALA H 161 -3.65 -26.11 -3.24
C ALA H 161 -3.59 -24.65 -2.81
N ASP H 162 -4.06 -24.31 -1.62
CA ASP H 162 -3.92 -22.98 -1.07
C ASP H 162 -2.46 -22.75 -0.73
N PRO H 163 -1.79 -21.77 -1.33
CA PRO H 163 -0.32 -21.65 -1.13
C PRO H 163 0.08 -21.27 0.28
N THR H 164 -0.72 -20.45 0.98
CA THR H 164 -0.35 -19.97 2.31
C THR H 164 -1.00 -20.78 3.42
N ASN H 165 -1.28 -22.06 3.15
CA ASN H 165 -1.88 -22.93 4.15
C ASN H 165 -0.88 -23.30 5.23
N GLY H 166 -1.28 -23.15 6.49
CA GLY H 166 -0.43 -23.47 7.61
C GLY H 166 0.58 -22.40 7.96
N TYR H 167 0.57 -21.29 7.23
CA TYR H 167 1.50 -20.19 7.45
C TYR H 167 1.24 -19.49 8.77
N ARG H 168 2.30 -18.85 9.27
CA ARG H 168 2.15 -17.82 10.28
C ARG H 168 1.19 -16.76 9.79
N LYS H 169 0.42 -16.17 10.70
CA LYS H 169 -0.63 -15.25 10.31
C LYS H 169 -0.08 -14.03 9.60
N ASP H 170 1.10 -13.55 10.03
CA ASP H 170 1.73 -12.41 9.38
C ASP H 170 1.96 -12.67 7.89
N LEU H 171 2.42 -13.87 7.57
CA LEU H 171 2.76 -14.29 6.21
C LEU H 171 1.58 -14.92 5.47
N MET H 172 0.44 -15.07 6.12
CA MET H 172 -0.62 -15.88 5.51
C MET H 172 -1.40 -15.08 4.47
N GLY H 173 -1.66 -13.80 4.74
CA GLY H 173 -2.30 -13.01 3.73
C GLY H 173 -3.67 -13.53 3.35
N ASP H 174 -4.20 -12.93 2.29
CA ASP H 174 -5.51 -13.27 1.73
C ASP H 174 -5.31 -13.65 0.26
N PRO H 175 -4.97 -14.90 -0.04
CA PRO H 175 -4.77 -15.27 -1.45
C PRO H 175 -6.09 -15.17 -2.20
N GLY H 176 -5.99 -14.72 -3.45
CA GLY H 176 -7.17 -14.53 -4.26
C GLY H 176 -7.04 -15.17 -5.62
N PRO H 177 -7.99 -14.89 -6.52
CA PRO H 177 -7.98 -15.55 -7.83
C PRO H 177 -6.67 -15.39 -8.59
N TYR H 178 -6.03 -14.22 -8.48
CA TYR H 178 -4.72 -14.05 -9.12
C TYR H 178 -3.73 -15.07 -8.59
N GLU H 179 -3.78 -15.39 -7.30
CA GLU H 179 -2.85 -16.33 -6.68
C GLU H 179 -3.30 -17.78 -6.82
N GLY H 180 -4.43 -18.03 -7.46
CA GLY H 180 -4.92 -19.39 -7.59
C GLY H 180 -5.87 -19.86 -6.50
N VAL H 181 -6.36 -18.96 -5.65
CA VAL H 181 -7.35 -19.31 -4.64
C VAL H 181 -8.64 -18.57 -4.99
N ALA H 182 -9.70 -19.32 -5.21
CA ALA H 182 -10.97 -18.73 -5.59
C ALA H 182 -12.07 -19.25 -4.67
N ASN H 183 -13.04 -18.39 -4.41
CA ASN H 183 -14.22 -18.72 -3.61
C ASN H 183 -15.43 -18.15 -4.32
N GLY H 184 -16.36 -19.01 -4.71
CA GLY H 184 -17.53 -18.57 -5.42
C GLY H 184 -17.34 -18.66 -6.92
N PRO H 185 -18.44 -18.65 -7.65
CA PRO H 185 -18.36 -18.87 -9.11
C PRO H 185 -17.58 -17.79 -9.85
N ASP H 186 -17.78 -16.50 -9.53
CA ASP H 186 -17.11 -15.44 -10.28
C ASP H 186 -15.60 -15.47 -10.05
N GLU H 187 -15.18 -15.69 -8.80
CA GLU H 187 -13.75 -15.82 -8.52
C GLU H 187 -13.16 -17.05 -9.20
N CYS H 188 -13.91 -18.15 -9.26
CA CYS H 188 -13.45 -19.33 -9.98
C CYS H 188 -13.25 -19.03 -11.46
N ARG H 189 -14.22 -18.35 -12.05
CA ARG H 189 -14.12 -17.95 -13.45
C ARG H 189 -12.89 -17.09 -13.69
N LYS H 190 -12.64 -16.14 -12.79
CA LYS H 190 -11.46 -15.28 -12.93
C LYS H 190 -10.17 -16.07 -12.76
N ALA H 191 -10.16 -17.06 -11.84
CA ALA H 191 -8.95 -17.83 -11.64
C ALA H 191 -8.61 -18.66 -12.87
N VAL H 192 -9.63 -19.24 -13.50
CA VAL H 192 -9.42 -19.95 -14.76
C VAL H 192 -8.90 -18.99 -15.81
N ARG H 193 -9.50 -17.80 -15.90
CA ARG H 193 -9.05 -16.81 -16.86
C ARG H 193 -7.60 -16.38 -16.62
N GLN H 194 -7.20 -16.30 -15.35
CA GLN H 194 -5.84 -15.92 -15.03
C GLN H 194 -4.85 -17.01 -15.42
N ARG H 195 -5.18 -18.28 -15.14
CA ARG H 195 -4.31 -19.36 -15.60
C ARG H 195 -4.20 -19.34 -17.13
N TYR H 196 -5.28 -18.99 -17.81
CA TYR H 196 -5.20 -18.84 -19.25
C TYR H 196 -4.24 -17.70 -19.62
N LYS H 197 -4.36 -16.57 -18.92
CA LYS H 197 -3.47 -15.42 -19.15
C LYS H 197 -2.00 -15.78 -18.97
N ASN H 198 -1.69 -16.61 -17.96
CA ASN H 198 -0.32 -16.97 -17.66
C ASN H 198 0.27 -17.95 -18.66
N GLY H 199 -0.53 -18.50 -19.55
CA GLY H 199 -0.05 -19.41 -20.55
C GLY H 199 -0.23 -20.86 -20.20
N ALA H 200 -1.10 -21.18 -19.25
CA ALA H 200 -1.31 -22.56 -18.88
C ALA H 200 -2.00 -23.31 -20.02
N ASP H 201 -1.68 -24.60 -20.13
CA ASP H 201 -2.36 -25.42 -21.12
C ASP H 201 -3.71 -25.91 -20.60
N LEU H 202 -3.75 -26.37 -19.36
CA LEU H 202 -4.95 -26.95 -18.80
C LEU H 202 -5.15 -26.39 -17.39
N ILE H 203 -6.32 -26.70 -16.82
CA ILE H 203 -6.66 -26.28 -15.47
C ILE H 203 -6.63 -27.51 -14.56
N LYS H 204 -6.05 -27.33 -13.37
CA LYS H 204 -6.08 -28.34 -12.32
C LYS H 204 -6.67 -27.74 -11.06
N ILE H 205 -7.55 -28.48 -10.42
CA ILE H 205 -8.16 -28.05 -9.16
C ILE H 205 -8.01 -29.19 -8.15
N THR H 206 -8.08 -28.83 -6.88
CA THR H 206 -8.09 -29.80 -5.78
C THR H 206 -9.48 -29.78 -5.16
N ALA H 207 -10.28 -30.81 -5.47
CA ALA H 207 -11.67 -30.83 -5.06
C ALA H 207 -11.87 -31.38 -3.65
N THR H 208 -10.88 -32.08 -3.10
CA THR H 208 -10.95 -32.58 -1.74
C THR H 208 -9.69 -32.20 -0.98
N GLY H 209 -9.75 -32.40 0.33
CA GLY H 209 -8.58 -32.30 1.16
C GLY H 209 -7.64 -33.41 0.75
N GLY H 210 -6.37 -33.09 0.52
CA GLY H 210 -5.46 -34.15 0.11
C GLY H 210 -4.23 -34.28 0.99
N VAL H 211 -3.15 -34.81 0.41
CA VAL H 211 -1.93 -35.06 1.16
C VAL H 211 -0.76 -34.27 0.58
N LYS H 216 -5.81 -29.83 7.43
CA LYS H 216 -6.35 -30.35 8.67
C LYS H 216 -7.24 -31.59 8.44
N SER H 217 -7.45 -31.97 7.18
CA SER H 217 -8.29 -33.12 6.89
C SER H 217 -8.05 -33.54 5.45
N GLY H 218 -8.79 -34.55 5.00
CA GLY H 218 -8.53 -35.07 3.67
C GLY H 218 -9.58 -35.92 2.98
N THR H 219 -10.87 -35.63 3.17
CA THR H 219 -11.91 -36.21 2.32
C THR H 219 -13.11 -35.29 2.13
N ALA H 220 -13.34 -34.36 3.06
CA ALA H 220 -14.45 -33.42 2.90
C ALA H 220 -14.28 -32.65 1.58
N PRO H 221 -15.38 -32.41 0.85
CA PRO H 221 -15.26 -31.74 -0.45
C PRO H 221 -15.03 -30.25 -0.30
N GLN H 222 -14.02 -29.72 -1.01
CA GLN H 222 -13.69 -28.31 -0.89
C GLN H 222 -14.18 -27.47 -2.07
N PHE H 223 -15.15 -27.96 -2.83
CA PHE H 223 -15.68 -27.21 -3.97
C PHE H 223 -17.19 -27.39 -4.01
N THR H 224 -17.92 -26.30 -4.17
CA THR H 224 -19.36 -26.44 -4.34
C THR H 224 -19.67 -26.76 -5.80
N ASP H 225 -20.87 -27.31 -6.03
CA ASP H 225 -21.29 -27.62 -7.38
C ASP H 225 -21.26 -26.38 -8.27
N GLU H 226 -21.69 -25.24 -7.74
CA GLU H 226 -21.72 -24.01 -8.51
C GLU H 226 -20.32 -23.59 -8.95
N GLU H 227 -19.34 -23.72 -8.04
CA GLU H 227 -17.96 -23.41 -8.38
C GLU H 227 -17.41 -24.36 -9.43
N LEU H 228 -17.66 -25.67 -9.27
CA LEU H 228 -17.17 -26.64 -10.24
C LEU H 228 -17.76 -26.41 -11.62
N ARG H 229 -19.07 -26.11 -11.69
CA ARG H 229 -19.71 -25.79 -12.95
C ARG H 229 -19.08 -24.55 -13.59
N ALA H 230 -18.87 -23.49 -12.79
CA ALA H 230 -18.23 -22.29 -13.32
C ALA H 230 -16.87 -22.60 -13.92
N ILE H 231 -16.06 -23.39 -13.21
CA ILE H 231 -14.71 -23.71 -13.67
C ILE H 231 -14.76 -24.55 -14.94
N VAL H 232 -15.65 -25.54 -14.99
CA VAL H 232 -15.69 -26.41 -16.15
C VAL H 232 -16.13 -25.61 -17.39
N GLU H 233 -17.12 -24.73 -17.22
CA GLU H 233 -17.59 -23.94 -18.36
C GLU H 233 -16.53 -22.95 -18.82
N THR H 234 -15.84 -22.30 -17.88
CA THR H 234 -14.76 -21.40 -18.26
C THR H 234 -13.66 -22.14 -19.00
N ALA H 235 -13.22 -23.28 -18.47
CA ALA H 235 -12.19 -24.07 -19.13
C ALA H 235 -12.62 -24.48 -20.52
N ARG H 236 -13.92 -24.80 -20.70
CA ARG H 236 -14.40 -25.17 -22.02
C ARG H 236 -14.38 -23.96 -22.96
N ASP H 237 -14.61 -22.75 -22.43
CA ASP H 237 -14.53 -21.56 -23.27
C ASP H 237 -13.13 -21.35 -23.84
N TYR H 238 -12.09 -21.59 -23.06
CA TYR H 238 -10.73 -21.36 -23.51
C TYR H 238 -10.04 -22.63 -23.99
N GLY H 239 -10.80 -23.69 -24.26
CA GLY H 239 -10.21 -24.88 -24.84
C GLY H 239 -9.22 -25.60 -23.95
N MET H 240 -9.39 -25.48 -22.63
CA MET H 240 -8.52 -26.14 -21.67
C MET H 240 -9.33 -27.21 -20.95
N LYS H 241 -8.72 -28.39 -20.77
CA LYS H 241 -9.35 -29.46 -20.02
C LYS H 241 -9.18 -29.24 -18.52
N VAL H 242 -9.96 -29.98 -17.73
CA VAL H 242 -9.96 -29.85 -16.28
C VAL H 242 -9.52 -31.17 -15.66
N ALA H 243 -8.49 -31.11 -14.82
CA ALA H 243 -8.00 -32.24 -14.04
C ALA H 243 -8.25 -31.98 -12.56
N VAL H 244 -8.60 -33.04 -11.83
CA VAL H 244 -9.10 -32.92 -10.46
C VAL H 244 -8.27 -33.81 -9.54
N HIS H 245 -7.65 -33.19 -8.54
CA HIS H 245 -7.01 -33.88 -7.43
C HIS H 245 -8.10 -34.21 -6.43
N ALA H 246 -8.41 -35.48 -6.23
CA ALA H 246 -9.55 -35.85 -5.39
C ALA H 246 -9.27 -37.16 -4.66
N HIS H 247 -9.32 -37.10 -3.32
CA HIS H 247 -9.25 -38.27 -2.47
C HIS H 247 -10.60 -38.66 -1.87
N GLY H 248 -11.44 -37.68 -1.53
CA GLY H 248 -12.74 -37.98 -0.97
C GLY H 248 -13.78 -38.31 -2.02
N ALA H 249 -14.75 -39.13 -1.63
CA ALA H 249 -15.78 -39.58 -2.57
C ALA H 249 -16.72 -38.43 -2.96
N GLU H 250 -17.12 -37.60 -2.00
CA GLU H 250 -18.11 -36.57 -2.28
C GLU H 250 -17.57 -35.53 -3.26
N GLY H 251 -16.37 -35.03 -3.02
CA GLY H 251 -15.78 -34.07 -3.95
C GLY H 251 -15.52 -34.69 -5.31
N MET H 252 -15.06 -35.93 -5.34
CA MET H 252 -14.81 -36.61 -6.60
C MET H 252 -16.09 -36.73 -7.42
N LYS H 253 -17.21 -37.07 -6.77
CA LYS H 253 -18.45 -37.22 -7.51
C LYS H 253 -18.99 -35.86 -7.96
N ARG H 254 -18.81 -34.82 -7.13
CA ARG H 254 -19.17 -33.47 -7.56
C ARG H 254 -18.40 -33.08 -8.82
N ALA H 255 -17.09 -33.35 -8.83
CA ALA H 255 -16.27 -33.02 -9.99
C ALA H 255 -16.69 -33.83 -11.20
N LEU H 256 -16.99 -35.11 -11.00
CA LEU H 256 -17.37 -35.97 -12.12
C LEU H 256 -18.66 -35.48 -12.77
N ARG H 257 -19.66 -35.11 -11.97
CA ARG H 257 -20.88 -34.56 -12.53
C ARG H 257 -20.66 -33.18 -13.14
N ALA H 258 -19.69 -32.42 -12.62
CA ALA H 258 -19.43 -31.08 -13.15
C ALA H 258 -18.97 -31.14 -14.60
N GLY H 259 -18.37 -32.25 -15.00
CA GLY H 259 -17.90 -32.45 -16.35
C GLY H 259 -16.40 -32.40 -16.50
N VAL H 260 -15.64 -32.69 -15.45
CA VAL H 260 -14.20 -32.69 -15.57
C VAL H 260 -13.75 -33.88 -16.43
N HIS H 261 -12.54 -33.76 -16.95
CA HIS H 261 -11.99 -34.74 -17.88
C HIS H 261 -11.15 -35.81 -17.20
N SER H 262 -10.66 -35.55 -15.99
CA SER H 262 -9.75 -36.47 -15.34
C SER H 262 -9.90 -36.35 -13.83
N ILE H 263 -9.73 -37.49 -13.15
CA ILE H 263 -9.67 -37.56 -11.69
C ILE H 263 -8.37 -38.23 -11.30
N GLU H 264 -7.65 -37.63 -10.35
CA GLU H 264 -6.34 -38.12 -9.94
C GLU H 264 -6.41 -38.71 -8.53
N HIS H 265 -5.65 -39.79 -8.32
CA HIS H 265 -5.56 -40.52 -7.06
C HIS H 265 -6.84 -41.29 -6.72
N GLY H 266 -7.90 -40.57 -6.35
CA GLY H 266 -9.16 -41.23 -6.04
C GLY H 266 -9.04 -42.28 -4.96
N THR H 267 -8.32 -41.95 -3.87
CA THR H 267 -7.88 -42.97 -2.91
C THR H 267 -9.07 -43.72 -2.32
N TYR H 268 -10.16 -43.01 -2.06
CA TYR H 268 -11.39 -43.60 -1.54
C TYR H 268 -12.44 -43.41 -2.64
N MET H 269 -12.58 -44.43 -3.48
CA MET H 269 -13.49 -44.34 -4.61
C MET H 269 -14.72 -45.14 -4.28
N ASP H 270 -15.88 -44.50 -4.39
CA ASP H 270 -17.11 -45.16 -4.07
C ASP H 270 -17.58 -45.98 -5.26
N ASP H 271 -18.51 -46.88 -4.99
CA ASP H 271 -19.08 -47.66 -6.08
C ASP H 271 -19.91 -46.75 -6.98
N GLU H 272 -20.57 -45.77 -6.37
CA GLU H 272 -21.25 -44.73 -7.14
C GLU H 272 -20.24 -43.91 -7.94
N ALA H 273 -19.06 -43.70 -7.38
CA ALA H 273 -18.03 -42.97 -8.12
C ALA H 273 -17.58 -43.74 -9.34
N ILE H 274 -17.57 -45.07 -9.29
CA ILE H 274 -17.21 -45.85 -10.47
C ILE H 274 -18.33 -45.84 -11.50
N GLU H 275 -19.58 -45.87 -11.04
CA GLU H 275 -20.67 -45.77 -12.00
C GLU H 275 -20.67 -44.42 -12.70
N LEU H 276 -20.34 -43.36 -11.95
CA LEU H 276 -20.18 -42.05 -12.56
C LEU H 276 -19.00 -42.03 -13.53
N PHE H 277 -17.87 -42.64 -13.14
CA PHE H 277 -16.71 -42.71 -14.02
C PHE H 277 -17.09 -43.29 -15.38
N LYS H 278 -17.76 -44.44 -15.38
CA LYS H 278 -18.06 -45.07 -16.67
C LYS H 278 -19.13 -44.31 -17.45
N LYS H 279 -20.05 -43.65 -16.75
CA LYS H 279 -21.07 -42.93 -17.51
C LYS H 279 -20.53 -41.63 -18.10
N THR H 280 -19.65 -40.93 -17.39
CA THR H 280 -19.11 -39.66 -17.88
C THR H 280 -17.97 -39.86 -18.87
N GLY H 281 -17.23 -40.97 -18.77
CA GLY H 281 -16.07 -41.17 -19.62
C GLY H 281 -14.80 -40.48 -19.17
N ALA H 282 -14.80 -39.87 -17.99
CA ALA H 282 -13.58 -39.27 -17.47
C ALA H 282 -12.52 -40.33 -17.23
N TYR H 283 -11.26 -39.92 -17.27
CA TYR H 283 -10.16 -40.84 -17.01
C TYR H 283 -9.83 -40.86 -15.53
N TYR H 284 -9.39 -42.03 -15.07
CA TYR H 284 -8.89 -42.20 -13.71
C TYR H 284 -7.39 -42.41 -13.85
N VAL H 285 -6.61 -41.54 -13.21
CA VAL H 285 -5.16 -41.58 -13.27
C VAL H 285 -4.70 -42.18 -11.94
N PRO H 286 -4.19 -43.41 -11.93
CA PRO H 286 -4.15 -44.16 -10.67
C PRO H 286 -3.18 -43.58 -9.65
N THR H 287 -1.98 -43.23 -10.07
CA THR H 287 -0.98 -42.66 -9.16
C THR H 287 -0.72 -43.62 -7.99
N ILE H 288 -0.51 -44.90 -8.31
CA ILE H 288 -0.20 -45.86 -7.27
C ILE H 288 1.21 -45.61 -6.73
N LEU H 289 2.12 -45.20 -7.61
CA LEU H 289 3.52 -45.02 -7.22
C LEU H 289 3.65 -44.02 -6.08
N ALA H 290 2.89 -42.93 -6.11
CA ALA H 290 2.99 -41.98 -5.01
C ALA H 290 2.55 -42.62 -3.69
N GLY H 291 1.75 -43.67 -3.76
CA GLY H 291 1.34 -44.42 -2.58
C GLY H 291 2.45 -45.33 -2.08
N GLN H 318 -4.54 -49.26 0.05
CA GLN H 318 -5.85 -48.73 -0.40
C GLN H 318 -5.78 -48.42 -1.90
N ILE H 319 -4.76 -47.70 -2.34
CA ILE H 319 -4.68 -47.27 -3.78
C ILE H 319 -4.58 -48.52 -4.68
N GLN H 320 -3.80 -49.53 -4.27
CA GLN H 320 -3.63 -50.74 -5.12
C GLN H 320 -4.99 -51.44 -5.27
N LYS H 321 -5.77 -51.50 -4.17
CA LYS H 321 -7.10 -52.13 -4.22
C LYS H 321 -8.04 -51.25 -5.04
N THR H 322 -8.07 -49.96 -4.72
CA THR H 322 -8.92 -49.03 -5.46
C THR H 322 -8.64 -49.07 -6.96
N PHE H 323 -7.36 -49.03 -7.35
CA PHE H 323 -7.06 -49.09 -8.78
C PHE H 323 -7.48 -50.42 -9.39
N ALA H 324 -7.26 -51.52 -8.66
CA ALA H 324 -7.66 -52.84 -9.15
C ALA H 324 -9.16 -52.92 -9.36
N LYS H 325 -9.94 -52.49 -8.37
CA LYS H 325 -11.39 -52.53 -8.52
C LYS H 325 -11.85 -51.63 -9.65
N ALA H 326 -11.21 -50.46 -9.80
CA ALA H 326 -11.57 -49.54 -10.88
C ALA H 326 -11.28 -50.18 -12.24
N TYR H 327 -10.12 -50.82 -12.36
CA TYR H 327 -9.79 -51.46 -13.63
C TYR H 327 -10.77 -52.57 -13.95
N LYS H 328 -11.10 -53.38 -12.95
CA LYS H 328 -12.06 -54.47 -13.18
C LYS H 328 -13.41 -53.93 -13.61
N SER H 329 -13.82 -52.80 -13.02
CA SER H 329 -15.13 -52.22 -13.31
C SER H 329 -15.22 -51.56 -14.67
N GLY H 330 -14.11 -51.34 -15.37
CA GLY H 330 -14.14 -50.70 -16.66
C GLY H 330 -13.82 -49.22 -16.68
N VAL H 331 -13.26 -48.66 -15.61
CA VAL H 331 -12.88 -47.25 -15.63
C VAL H 331 -11.82 -47.01 -16.68
N LYS H 332 -11.98 -45.94 -17.46
CA LYS H 332 -10.94 -45.54 -18.39
C LYS H 332 -9.71 -45.13 -17.58
N ILE H 333 -8.55 -45.64 -17.97
CA ILE H 333 -7.32 -45.46 -17.20
C ILE H 333 -6.28 -44.76 -18.06
N ALA H 334 -5.66 -43.74 -17.48
CA ALA H 334 -4.53 -43.06 -18.10
C ALA H 334 -3.33 -43.15 -17.15
N PHE H 335 -2.15 -43.27 -17.74
CA PHE H 335 -0.94 -43.51 -16.96
C PHE H 335 -0.49 -42.24 -16.27
N GLY H 336 -0.29 -42.32 -14.95
CA GLY H 336 0.20 -41.21 -14.18
C GLY H 336 0.96 -41.65 -12.95
N THR H 337 2.10 -41.02 -12.70
CA THR H 337 2.98 -41.44 -11.60
C THR H 337 2.90 -40.51 -10.41
N ASP H 338 2.41 -39.29 -10.62
CA ASP H 338 2.72 -38.16 -9.75
C ASP H 338 4.21 -38.21 -9.44
N SER H 339 5.00 -38.01 -10.49
CA SER H 339 6.47 -37.95 -10.29
C SER H 339 6.83 -36.62 -9.60
N GLY H 340 7.89 -36.63 -8.79
CA GLY H 340 8.26 -35.45 -7.97
C GLY H 340 8.17 -35.95 -6.55
N LYS H 341 7.02 -36.48 -6.16
CA LYS H 341 6.92 -37.18 -4.86
C LYS H 341 7.84 -38.39 -5.04
N SER H 342 7.82 -38.95 -6.24
CA SER H 342 8.68 -40.11 -6.56
C SER H 342 9.84 -39.64 -7.46
N VAL H 343 11.08 -40.01 -7.12
CA VAL H 343 12.28 -39.56 -7.89
C VAL H 343 11.99 -39.58 -9.40
N HIS H 344 12.26 -38.46 -10.08
CA HIS H 344 12.07 -38.38 -11.52
C HIS H 344 13.03 -39.33 -12.23
N GLY H 345 12.52 -39.99 -13.27
CA GLY H 345 13.25 -41.01 -13.99
C GLY H 345 12.91 -42.43 -13.59
N LEU H 346 12.22 -42.62 -12.46
CA LEU H 346 11.72 -43.92 -12.06
C LEU H 346 10.23 -44.08 -12.37
N ASN H 347 9.73 -43.32 -13.35
CA ASN H 347 8.31 -43.34 -13.68
C ASN H 347 7.85 -44.74 -14.10
N ALA H 348 8.71 -45.45 -14.86
CA ALA H 348 8.33 -46.75 -15.41
C ALA H 348 7.93 -47.74 -14.32
N ILE H 349 8.40 -47.54 -13.09
CA ILE H 349 8.03 -48.43 -11.99
C ILE H 349 6.52 -48.56 -11.89
N GLU H 350 5.80 -47.44 -12.09
CA GLU H 350 4.34 -47.49 -11.96
C GLU H 350 3.77 -48.61 -12.81
N PHE H 351 4.31 -48.79 -14.03
CA PHE H 351 3.87 -49.85 -14.92
C PHE H 351 3.79 -51.19 -14.19
N GLU H 352 4.90 -51.59 -13.58
CA GLU H 352 4.94 -52.89 -12.90
C GLU H 352 3.81 -53.01 -11.89
N LEU H 353 3.64 -52.02 -11.02
CA LEU H 353 2.61 -52.20 -10.01
C LEU H 353 1.21 -52.20 -10.62
N MET H 354 0.99 -51.45 -11.71
CA MET H 354 -0.35 -51.55 -12.31
C MET H 354 -0.58 -52.94 -12.87
N VAL H 355 0.47 -53.59 -13.42
CA VAL H 355 0.25 -54.96 -13.85
C VAL H 355 0.14 -55.86 -12.63
N GLU H 356 0.77 -55.46 -11.51
CA GLU H 356 0.65 -56.25 -10.29
C GLU H 356 -0.76 -56.19 -9.71
N ALA H 357 -1.47 -55.10 -9.96
CA ALA H 357 -2.87 -54.98 -9.58
C ALA H 357 -3.81 -55.71 -10.53
N GLY H 358 -3.27 -56.39 -11.56
CA GLY H 358 -4.08 -57.13 -12.48
C GLY H 358 -4.24 -56.53 -13.85
N MET H 359 -3.50 -55.48 -14.18
CA MET H 359 -3.68 -54.88 -15.49
C MET H 359 -2.83 -55.60 -16.52
N PRO H 360 -3.40 -55.96 -17.67
CA PRO H 360 -2.62 -56.64 -18.70
C PRO H 360 -1.59 -55.68 -19.27
N PRO H 361 -0.41 -56.17 -19.62
CA PRO H 361 0.66 -55.27 -20.07
C PRO H 361 0.28 -54.38 -21.24
N LEU H 362 -0.39 -54.96 -22.25
CA LEU H 362 -0.75 -54.21 -23.44
C LEU H 362 -1.63 -53.01 -23.10
N GLU H 363 -2.63 -53.20 -22.25
CA GLU H 363 -3.49 -52.07 -21.92
C GLU H 363 -2.79 -51.08 -21.00
N ALA H 364 -1.83 -51.54 -20.19
CA ALA H 364 -1.03 -50.59 -19.41
C ALA H 364 -0.27 -49.66 -20.35
N ILE H 365 0.32 -50.22 -21.42
CA ILE H 365 1.01 -49.40 -22.40
C ILE H 365 0.02 -48.49 -23.12
N ARG H 366 -1.21 -48.96 -23.37
CA ARG H 366 -2.21 -48.09 -23.99
C ARG H 366 -2.60 -46.95 -23.06
N SER H 367 -2.59 -47.22 -21.75
CA SER H 367 -2.82 -46.17 -20.77
C SER H 367 -1.68 -45.17 -20.77
N ALA H 368 -0.47 -45.62 -21.11
CA ALA H 368 0.65 -44.69 -21.25
C ALA H 368 0.74 -44.04 -22.63
N THR H 369 0.00 -44.53 -23.62
CA THR H 369 0.16 -43.99 -24.98
C THR H 369 -1.14 -43.45 -25.58
N LEU H 370 -2.00 -44.36 -26.06
CA LEU H 370 -3.22 -43.94 -26.75
C LEU H 370 -4.16 -43.21 -25.79
N ASN H 371 -4.40 -43.80 -24.62
CA ASN H 371 -5.25 -43.15 -23.63
C ASN H 371 -4.66 -41.81 -23.20
N ALA H 372 -3.32 -41.74 -23.09
CA ALA H 372 -2.68 -40.48 -22.74
C ALA H 372 -2.97 -39.41 -23.78
N ALA H 373 -2.81 -39.74 -25.07
CA ALA H 373 -3.07 -38.78 -26.13
C ALA H 373 -4.55 -38.37 -26.16
N ASP H 374 -5.45 -39.30 -25.87
CA ASP H 374 -6.87 -38.93 -25.82
C ASP H 374 -7.14 -37.99 -24.65
N LEU H 375 -6.58 -38.29 -23.47
CA LEU H 375 -6.76 -37.42 -22.32
C LEU H 375 -6.17 -36.04 -22.57
N LEU H 376 -5.03 -35.98 -23.28
CA LEU H 376 -4.44 -34.68 -23.60
C LEU H 376 -5.30 -33.91 -24.58
N GLY H 377 -6.02 -34.61 -25.45
CA GLY H 377 -6.75 -33.96 -26.51
C GLY H 377 -5.90 -33.66 -27.73
N VAL H 378 -4.82 -34.41 -27.93
CA VAL H 378 -3.93 -34.24 -29.08
C VAL H 378 -4.04 -35.48 -29.95
N ASN H 379 -4.02 -35.27 -31.27
CA ASN H 379 -4.15 -36.38 -32.22
C ASN H 379 -2.86 -36.71 -32.96
N ASN H 380 -1.73 -36.10 -32.58
CA ASN H 380 -0.46 -36.34 -33.28
C ASN H 380 0.52 -37.14 -32.44
N LEU H 381 0.07 -37.71 -31.33
CA LEU H 381 0.95 -38.42 -30.41
C LEU H 381 0.27 -39.70 -29.95
N GLY H 382 1.10 -40.63 -29.46
CA GLY H 382 0.58 -41.83 -28.85
C GLY H 382 0.43 -43.02 -29.78
N SER H 383 0.89 -42.91 -31.03
CA SER H 383 0.83 -44.04 -31.93
C SER H 383 1.86 -43.84 -33.04
N ILE H 384 2.60 -44.89 -33.36
CA ILE H 384 3.58 -44.88 -34.44
C ILE H 384 2.80 -45.22 -35.70
N GLU H 385 2.50 -44.20 -36.51
CA GLU H 385 1.64 -44.39 -37.66
C GLU H 385 1.91 -43.26 -38.63
N ALA H 386 1.47 -43.45 -39.87
CA ALA H 386 1.66 -42.42 -40.87
C ALA H 386 1.00 -41.14 -40.41
N GLY H 387 1.70 -40.02 -40.54
CA GLY H 387 1.17 -38.72 -40.21
C GLY H 387 1.31 -38.27 -38.77
N MET H 388 1.89 -39.08 -37.89
CA MET H 388 2.03 -38.70 -36.48
C MET H 388 3.46 -38.30 -36.17
N LEU H 389 3.63 -37.68 -35.00
CA LEU H 389 4.89 -37.05 -34.63
C LEU H 389 5.90 -38.07 -34.14
N ALA H 390 7.17 -37.85 -34.50
CA ALA H 390 8.25 -38.84 -34.34
C ALA H 390 8.75 -38.87 -32.90
N ASP H 391 7.99 -39.55 -32.05
CA ASP H 391 8.38 -39.89 -30.69
C ASP H 391 8.54 -41.40 -30.59
N VAL H 392 9.77 -41.87 -30.40
CA VAL H 392 10.08 -43.30 -30.48
C VAL H 392 10.85 -43.72 -29.23
N ILE H 393 10.44 -44.85 -28.66
CA ILE H 393 11.09 -45.44 -27.50
C ILE H 393 11.55 -46.85 -27.89
N ALA H 394 12.61 -47.33 -27.25
CA ALA H 394 13.07 -48.69 -27.50
C ALA H 394 13.65 -49.28 -26.22
N VAL H 395 13.29 -50.54 -25.97
CA VAL H 395 13.72 -51.31 -24.81
C VAL H 395 14.37 -52.62 -25.27
N GLU H 396 14.97 -53.32 -24.30
CA GLU H 396 15.83 -54.47 -24.59
C GLU H 396 15.03 -55.75 -24.83
N ASP H 397 14.03 -56.02 -24.00
CA ASP H 397 13.27 -57.27 -24.07
C ASP H 397 11.80 -56.92 -24.28
N ASN H 398 10.98 -57.94 -24.49
CA ASN H 398 9.60 -57.71 -24.89
C ASN H 398 8.83 -57.10 -23.72
N PRO H 399 8.27 -55.90 -23.87
CA PRO H 399 7.56 -55.29 -22.73
C PRO H 399 6.31 -56.02 -22.32
N LEU H 400 5.64 -56.74 -23.22
CA LEU H 400 4.43 -57.47 -22.84
C LEU H 400 4.71 -58.77 -22.11
N GLU H 401 5.92 -59.32 -22.23
CA GLU H 401 6.22 -60.53 -21.49
C GLU H 401 6.78 -60.22 -20.12
N ASN H 402 7.51 -59.12 -20.01
CA ASN H 402 7.97 -58.58 -18.73
C ASN H 402 7.96 -57.07 -18.85
N ILE H 403 7.06 -56.41 -18.12
CA ILE H 403 6.93 -54.97 -18.22
C ILE H 403 8.15 -54.24 -17.63
N SER H 404 8.92 -54.92 -16.78
CA SER H 404 10.04 -54.25 -16.11
C SER H 404 11.15 -53.84 -17.06
N THR H 405 11.16 -54.37 -18.29
CA THR H 405 12.13 -53.89 -19.27
C THR H 405 11.94 -52.41 -19.57
N LEU H 406 10.72 -51.89 -19.36
CA LEU H 406 10.50 -50.47 -19.60
C LEU H 406 11.24 -49.60 -18.60
N ARG H 407 11.78 -50.18 -17.52
CA ARG H 407 12.54 -49.40 -16.55
C ARG H 407 13.95 -49.10 -17.01
N LYS H 408 14.35 -49.70 -18.13
CA LYS H 408 15.59 -49.46 -18.88
C LYS H 408 15.27 -49.28 -20.37
N VAL H 409 14.91 -48.05 -20.74
CA VAL H 409 14.62 -47.70 -22.12
C VAL H 409 15.94 -47.36 -22.77
N VAL H 410 16.27 -48.05 -23.86
CA VAL H 410 17.59 -47.93 -24.45
C VAL H 410 17.65 -46.89 -25.56
N PHE H 411 16.52 -46.55 -26.16
CA PHE H 411 16.57 -45.57 -27.23
C PHE H 411 15.41 -44.60 -27.05
N VAL H 412 15.71 -43.31 -27.08
CA VAL H 412 14.74 -42.25 -26.89
C VAL H 412 14.95 -41.23 -27.98
N MET H 413 13.89 -40.95 -28.74
CA MET H 413 13.85 -39.97 -29.82
C MET H 413 12.59 -39.13 -29.67
N LYS H 414 12.75 -37.81 -29.60
CA LYS H 414 11.62 -36.89 -29.54
C LYS H 414 11.67 -35.88 -30.67
N ASP H 415 10.55 -35.74 -31.37
CA ASP H 415 10.40 -34.82 -32.50
C ASP H 415 11.45 -35.11 -33.57
N GLY H 416 11.89 -36.36 -33.65
CA GLY H 416 12.83 -36.84 -34.65
C GLY H 416 14.29 -36.88 -34.22
N LYS H 417 14.67 -36.15 -33.18
CA LYS H 417 16.05 -36.10 -32.74
C LYS H 417 16.31 -37.22 -31.74
N VAL H 418 17.50 -37.82 -31.83
CA VAL H 418 17.86 -38.91 -30.93
C VAL H 418 18.51 -38.30 -29.70
N TYR H 419 17.88 -38.51 -28.54
CA TYR H 419 18.45 -38.05 -27.29
C TYR H 419 19.19 -39.16 -26.56
N LYS H 420 18.79 -40.42 -26.75
CA LYS H 420 19.49 -41.53 -26.12
C LYS H 420 19.56 -42.70 -27.08
N GLN H 421 20.74 -43.28 -27.26
CA GLN H 421 20.91 -44.41 -28.17
C GLN H 421 22.06 -45.27 -27.66
N GLU H 422 21.74 -46.38 -27.00
CA GLU H 422 22.77 -47.27 -26.48
C GLU H 422 22.89 -48.56 -27.28
#